data_2Y5L
#
_entry.id   2Y5L
#
_cell.length_a   66.791
_cell.length_b   285.084
_cell.length_c   83.687
_cell.angle_alpha   90.00
_cell.angle_beta   97.30
_cell.angle_gamma   90.00
#
_symmetry.space_group_name_H-M   'P 1 21 1'
#
loop_
_entity.id
_entity.type
_entity.pdbx_description
1 polymer 'FRUCTOSE-1,6-BISPHOSPHATASE 1'
2 non-polymer N-{[(2Z)-5-bromo-1,3-thiazol-2(3H)-ylidene]carbamoyl}-3-chlorobenzenesulfonamide
3 water water
#
_entity_poly.entity_id   1
_entity_poly.type   'polypeptide(L)'
_entity_poly.pdbx_seq_one_letter_code
;MADQAPFDTDVNTLTRFVMEEGRKARGTGELTQLLNSLCTAVKAISSAVRKAGIAHLYGIAGSTNVTGDQVKKLDVLSND
LVMNMLKSSFATCVLVSEEDKHAIIVEPEKRGKYVVCFDPLDGSSNIDCLVSVGTIFGIYRKKSTDEPSEKDALQPGRNL
VAAGYALYGSATMLVLAMDCGVNCFMLDPAIGEFILVDKDVKIKKKGKIYSLNEGYAKDFDPAVTEYIQRKKFPPDNSAP
YGARYVGSMVADVHRTLVYGGIFLYPANKKSPNGKLRLLYECNPMAYVMEKAGGMATTGKEAVLDVIPTDIHQRAPVILG
SPDDVLEFLKVYEKHSAQ
;
_entity_poly.pdbx_strand_id   A,B,C,D,E,F,G,H
#
loop_
_chem_comp.id
_chem_comp.type
_chem_comp.name
_chem_comp.formula
RO8 non-polymer N-{[(2Z)-5-bromo-1,3-thiazol-2(3H)-ylidene]carbamoyl}-3-chlorobenzenesulfonamide 'C10 H7 Br Cl N3 O3 S2'
#
# COMPACT_ATOMS: atom_id res chain seq x y z
N ASP A 10 2.11 -4.24 53.23
CA ASP A 10 2.82 -5.50 52.83
C ASP A 10 2.90 -5.61 51.32
N VAL A 11 3.91 -6.33 50.83
CA VAL A 11 4.09 -6.59 49.42
C VAL A 11 3.28 -7.82 49.00
N ASN A 12 2.50 -7.68 47.93
CA ASN A 12 1.66 -8.78 47.48
C ASN A 12 2.07 -9.26 46.09
N THR A 13 2.07 -10.57 45.94
CA THR A 13 2.39 -11.24 44.69
C THR A 13 1.19 -12.06 44.22
N LEU A 14 1.14 -12.36 42.93
CA LEU A 14 0.03 -13.10 42.37
C LEU A 14 -0.31 -14.34 43.18
N THR A 15 0.71 -15.11 43.51
CA THR A 15 0.57 -16.36 44.23
C THR A 15 0.13 -16.11 45.68
N ARG A 16 0.62 -15.02 46.27
CA ARG A 16 0.23 -14.69 47.64
C ARG A 16 -1.26 -14.34 47.65
N PHE A 17 -1.63 -13.42 46.77
CA PHE A 17 -3.00 -12.96 46.52
C PHE A 17 -3.98 -14.10 46.31
N VAL A 18 -3.64 -15.04 45.43
CA VAL A 18 -4.58 -16.11 45.09
C VAL A 18 -4.78 -17.14 46.22
N MET A 19 -3.71 -17.48 46.93
CA MET A 19 -3.76 -18.32 48.14
C MET A 19 -4.52 -17.60 49.25
N GLU A 20 -4.31 -16.29 49.36
CA GLU A 20 -5.03 -15.50 50.35
C GLU A 20 -6.54 -15.55 50.05
N GLU A 21 -6.91 -15.28 48.80
CA GLU A 21 -8.33 -15.27 48.41
C GLU A 21 -8.89 -16.68 48.52
N GLY A 22 -8.10 -17.64 48.10
CA GLY A 22 -8.46 -19.04 48.19
C GLY A 22 -8.79 -19.47 49.60
N ARG A 23 -8.08 -18.93 50.59
CA ARG A 23 -8.33 -19.32 51.98
C ARG A 23 -9.60 -18.67 52.58
N LYS A 24 -9.76 -17.36 52.41
CA LYS A 24 -11.01 -16.63 52.74
C LYS A 24 -12.29 -17.37 52.33
N ALA A 25 -12.26 -18.10 51.21
CA ALA A 25 -13.44 -18.73 50.64
C ALA A 25 -13.46 -20.25 50.85
N ARG A 26 -12.41 -20.75 51.48
CA ARG A 26 -12.27 -22.16 51.82
C ARG A 26 -12.54 -23.06 50.62
N GLY A 27 -11.86 -22.77 49.50
CA GLY A 27 -11.93 -23.62 48.31
C GLY A 27 -10.98 -24.80 48.42
N THR A 28 -11.11 -25.75 47.50
CA THR A 28 -10.19 -26.89 47.44
C THR A 28 -8.77 -26.50 47.05
N GLY A 29 -8.62 -25.39 46.33
CA GLY A 29 -7.31 -24.98 45.82
C GLY A 29 -7.12 -25.26 44.34
N GLU A 30 -8.17 -25.77 43.67
CA GLU A 30 -8.10 -26.07 42.24
C GLU A 30 -7.95 -24.81 41.43
N LEU A 31 -8.71 -23.77 41.75
CA LEU A 31 -8.58 -22.55 41.00
C LEU A 31 -7.20 -21.92 41.23
N THR A 32 -6.69 -22.08 42.44
CA THR A 32 -5.40 -21.52 42.76
C THR A 32 -4.30 -22.19 41.98
N GLN A 33 -4.34 -23.51 41.94
CA GLN A 33 -3.39 -24.29 41.17
C GLN A 33 -3.41 -23.94 39.67
N LEU A 34 -4.56 -23.50 39.18
CA LEU A 34 -4.74 -23.25 37.76
C LEU A 34 -4.17 -21.89 37.40
N LEU A 35 -4.48 -20.90 38.22
CA LEU A 35 -3.89 -19.61 38.08
C LEU A 35 -2.34 -19.67 38.21
N ASN A 36 -1.82 -20.27 39.27
CA ASN A 36 -0.36 -20.49 39.38
C ASN A 36 0.25 -21.01 38.08
N SER A 37 -0.40 -22.03 37.51
CA SER A 37 0.06 -22.58 36.24
C SER A 37 0.00 -21.58 35.08
N LEU A 38 -1.11 -20.86 34.98
CA LEU A 38 -1.26 -19.81 33.98
C LEU A 38 -0.15 -18.76 34.11
N CYS A 39 0.14 -18.39 35.35
CA CYS A 39 1.21 -17.44 35.67
C CYS A 39 2.61 -17.95 35.26
N THR A 40 2.88 -19.23 35.50
CA THR A 40 4.11 -19.84 35.05
C THR A 40 4.21 -19.79 33.53
N ALA A 41 3.12 -20.07 32.82
CA ALA A 41 3.17 -20.03 31.35
C ALA A 41 3.39 -18.58 30.83
N VAL A 42 2.78 -17.62 31.48
CA VAL A 42 2.87 -16.18 31.10
C VAL A 42 4.30 -15.63 31.28
N LYS A 43 4.98 -16.02 32.36
CA LYS A 43 6.40 -15.67 32.51
C LYS A 43 7.23 -16.29 31.42
N ALA A 44 6.93 -17.53 31.04
CA ALA A 44 7.64 -18.18 29.95
C ALA A 44 7.32 -17.58 28.60
N ILE A 45 6.09 -17.15 28.39
CA ILE A 45 5.78 -16.43 27.16
C ILE A 45 6.48 -15.07 27.15
N SER A 46 6.47 -14.38 28.29
CA SER A 46 7.14 -13.08 28.39
C SER A 46 8.61 -13.22 28.00
N SER A 47 9.31 -14.15 28.64
CA SER A 47 10.72 -14.40 28.37
C SER A 47 10.96 -14.55 26.87
N ALA A 48 10.15 -15.37 26.20
CA ALA A 48 10.33 -15.60 24.76
C ALA A 48 9.95 -14.40 23.89
N VAL A 49 8.86 -13.72 24.25
CA VAL A 49 8.44 -12.49 23.57
C VAL A 49 9.57 -11.46 23.63
N ARG A 50 10.20 -11.31 24.79
CA ARG A 50 11.35 -10.41 24.95
C ARG A 50 12.63 -10.88 24.25
N LYS A 51 12.59 -12.09 23.67
CA LYS A 51 13.66 -12.59 22.78
C LYS A 51 14.92 -13.03 23.54
N ALA A 52 14.75 -13.49 24.76
CA ALA A 52 15.84 -14.05 25.55
C ALA A 52 16.32 -15.35 24.93
N GLY A 53 17.61 -15.43 24.63
CA GLY A 53 18.17 -16.61 23.98
C GLY A 53 18.14 -16.55 22.46
N ILE A 54 17.73 -15.41 21.89
CA ILE A 54 17.70 -15.23 20.43
C ILE A 54 19.08 -15.33 19.77
N ALA A 55 20.12 -14.97 20.52
CA ALA A 55 21.48 -15.03 20.03
C ALA A 55 21.85 -16.41 19.49
N HIS A 56 21.24 -17.44 20.06
CA HIS A 56 21.47 -18.84 19.65
C HIS A 56 20.88 -19.16 18.29
N LEU A 57 19.69 -18.63 18.04
CA LEU A 57 19.02 -18.70 16.76
C LEU A 57 19.83 -17.96 15.69
N TYR A 58 20.66 -17.00 16.10
CA TYR A 58 21.47 -16.26 15.15
C TYR A 58 22.91 -16.80 15.06
N GLY A 59 23.12 -17.97 15.63
CA GLY A 59 24.37 -18.70 15.43
C GLY A 59 25.53 -18.31 16.34
N ILE A 60 25.24 -17.72 17.49
CA ILE A 60 26.28 -17.34 18.45
C ILE A 60 27.20 -18.50 18.87
N ALA A 61 26.67 -19.71 18.79
CA ALA A 61 27.41 -20.90 19.11
C ALA A 61 27.63 -21.75 17.83
N GLY A 62 27.23 -21.22 16.68
CA GLY A 62 26.66 -22.08 15.62
C GLY A 62 27.47 -22.45 14.41
N VAL A 71 13.84 -22.45 18.01
CA VAL A 71 13.35 -23.16 16.84
C VAL A 71 11.93 -22.69 16.46
N LYS A 72 11.01 -22.86 17.41
CA LYS A 72 9.55 -22.71 17.22
C LYS A 72 9.10 -21.24 17.04
N LYS A 73 8.04 -21.02 16.25
CA LYS A 73 7.37 -19.72 16.15
C LYS A 73 6.66 -19.37 17.46
N LEU A 74 6.62 -18.09 17.79
CA LEU A 74 6.14 -17.62 19.10
C LEU A 74 4.71 -17.99 19.41
N ASP A 75 3.83 -17.86 18.43
CA ASP A 75 2.43 -18.21 18.66
C ASP A 75 2.27 -19.67 19.00
N VAL A 76 3.02 -20.53 18.31
CA VAL A 76 3.00 -21.95 18.56
C VAL A 76 3.54 -22.25 19.97
N LEU A 77 4.66 -21.62 20.33
CA LEU A 77 5.31 -21.92 21.59
C LEU A 77 4.43 -21.48 22.72
N SER A 78 3.84 -20.29 22.60
CA SER A 78 2.89 -19.77 23.59
C SER A 78 1.71 -20.73 23.80
N ASN A 79 1.11 -21.16 22.69
CA ASN A 79 0.05 -22.15 22.77
C ASN A 79 0.46 -23.42 23.52
N ASP A 80 1.63 -23.94 23.19
CA ASP A 80 2.17 -25.15 23.85
C ASP A 80 2.48 -24.90 25.34
N LEU A 81 2.96 -23.72 25.66
CA LEU A 81 3.19 -23.37 27.06
C LEU A 81 1.89 -23.34 27.87
N VAL A 82 0.85 -22.71 27.34
CA VAL A 82 -0.39 -22.58 28.09
C VAL A 82 -1.09 -23.94 28.17
N MET A 83 -1.22 -24.60 27.02
CA MET A 83 -1.82 -25.94 26.99
C MET A 83 -1.16 -26.85 27.99
N ASN A 84 0.17 -26.89 27.97
CA ASN A 84 0.87 -27.84 28.79
C ASN A 84 0.83 -27.48 30.27
N MET A 85 0.92 -26.19 30.59
CA MET A 85 0.80 -25.79 31.99
C MET A 85 -0.60 -26.11 32.57
N LEU A 86 -1.65 -25.83 31.79
CA LEU A 86 -3.02 -26.04 32.27
C LEU A 86 -3.34 -27.52 32.38
N LYS A 87 -3.04 -28.29 31.35
CA LYS A 87 -3.14 -29.77 31.45
C LYS A 87 -2.53 -30.30 32.74
N SER A 88 -1.25 -29.99 32.95
CA SER A 88 -0.53 -30.54 34.08
C SER A 88 -0.90 -29.91 35.45
N SER A 89 -1.78 -28.91 35.43
CA SER A 89 -2.27 -28.30 36.66
C SER A 89 -3.20 -29.24 37.46
N PHE A 90 -3.75 -30.25 36.79
CA PHE A 90 -4.80 -31.13 37.36
C PHE A 90 -6.14 -30.41 37.66
N ALA A 91 -6.31 -29.22 37.10
CA ALA A 91 -7.43 -28.36 37.45
C ALA A 91 -8.40 -28.11 36.30
N THR A 92 -8.12 -28.65 35.13
CA THR A 92 -8.88 -28.34 33.94
C THR A 92 -9.46 -29.60 33.30
N CYS A 93 -10.49 -29.46 32.47
CA CYS A 93 -10.96 -30.62 31.69
C CYS A 93 -11.16 -30.32 30.21
N VAL A 94 -11.41 -29.06 29.90
CA VAL A 94 -11.67 -28.64 28.53
C VAL A 94 -10.90 -27.35 28.27
N LEU A 95 -10.12 -27.36 27.19
CA LEU A 95 -9.30 -26.21 26.83
C LEU A 95 -9.63 -25.82 25.42
N VAL A 96 -9.92 -24.54 25.23
CA VAL A 96 -10.16 -23.99 23.93
C VAL A 96 -9.12 -22.90 23.69
N SER A 97 -8.45 -23.02 22.55
CA SER A 97 -7.45 -22.07 22.14
C SER A 97 -7.78 -21.55 20.77
N GLU A 98 -7.47 -20.26 20.54
CA GLU A 98 -7.51 -19.62 19.22
C GLU A 98 -6.74 -20.43 18.20
N GLU A 99 -5.70 -21.12 18.67
CA GLU A 99 -4.79 -21.87 17.83
C GLU A 99 -5.29 -23.25 17.42
N ASP A 100 -6.23 -23.83 18.16
CA ASP A 100 -6.70 -25.19 17.86
C ASP A 100 -8.15 -25.22 17.42
N LYS A 101 -8.43 -25.93 16.32
CA LYS A 101 -9.80 -26.00 15.78
C LYS A 101 -10.83 -26.62 16.73
N HIS A 102 -10.46 -27.72 17.38
CA HIS A 102 -11.37 -28.35 18.32
C HIS A 102 -10.94 -28.08 19.75
N ALA A 103 -11.86 -28.27 20.68
CA ALA A 103 -11.54 -28.22 22.09
C ALA A 103 -10.63 -29.40 22.41
N ILE A 104 -9.64 -29.18 23.28
CA ILE A 104 -8.79 -30.28 23.75
C ILE A 104 -9.40 -30.84 25.01
N ILE A 105 -9.50 -32.16 25.08
CA ILE A 105 -10.14 -32.82 26.21
C ILE A 105 -9.05 -33.42 27.05
N VAL A 106 -8.79 -32.81 28.20
CA VAL A 106 -7.74 -33.27 29.11
C VAL A 106 -7.87 -34.77 29.39
N GLU A 107 -6.76 -35.49 29.32
CA GLU A 107 -6.80 -36.93 29.59
C GLU A 107 -7.21 -37.16 31.06
N PRO A 108 -7.97 -38.24 31.33
CA PRO A 108 -8.61 -38.52 32.61
C PRO A 108 -7.72 -38.45 33.85
N GLU A 109 -6.51 -38.97 33.78
CA GLU A 109 -5.61 -38.94 34.94
C GLU A 109 -5.31 -37.50 35.39
N LYS A 110 -5.44 -36.55 34.47
CA LYS A 110 -5.08 -35.15 34.70
C LYS A 110 -6.27 -34.22 34.92
N ARG A 111 -7.49 -34.77 34.98
CA ARG A 111 -8.74 -33.98 34.93
C ARG A 111 -9.14 -33.23 36.20
N GLY A 112 -9.53 -31.97 36.02
CA GLY A 112 -10.07 -31.13 37.08
C GLY A 112 -11.38 -30.52 36.59
N LYS A 113 -11.94 -29.59 37.35
CA LYS A 113 -13.31 -29.13 37.13
C LYS A 113 -13.47 -27.88 36.26
N TYR A 114 -12.37 -27.37 35.69
CA TYR A 114 -12.40 -26.09 34.97
C TYR A 114 -12.24 -26.14 33.46
N VAL A 115 -12.92 -25.21 32.80
CA VAL A 115 -12.89 -25.00 31.36
C VAL A 115 -12.17 -23.68 31.13
N VAL A 116 -11.10 -23.71 30.35
CA VAL A 116 -10.38 -22.47 30.07
C VAL A 116 -10.43 -22.15 28.59
N CYS A 117 -10.77 -20.90 28.25
CA CYS A 117 -10.68 -20.44 26.87
C CYS A 117 -9.60 -19.39 26.81
N PHE A 118 -8.69 -19.52 25.85
CA PHE A 118 -7.54 -18.60 25.82
C PHE A 118 -7.04 -18.31 24.44
N ASP A 119 -6.48 -17.11 24.30
CA ASP A 119 -5.69 -16.71 23.18
C ASP A 119 -4.25 -16.56 23.70
N PRO A 120 -3.39 -17.56 23.43
CA PRO A 120 -2.04 -17.66 24.04
C PRO A 120 -1.10 -16.52 23.67
N LEU A 121 -1.32 -15.91 22.50
CA LEU A 121 -0.54 -14.75 22.06
C LEU A 121 -1.31 -13.85 21.09
N ASP A 122 -2.22 -13.06 21.62
CA ASP A 122 -3.02 -12.17 20.79
C ASP A 122 -2.12 -11.07 20.19
N GLY A 123 -2.38 -10.75 18.93
CA GLY A 123 -1.76 -9.61 18.27
C GLY A 123 -0.45 -9.99 17.62
N SER A 124 -0.11 -11.27 17.72
CA SER A 124 1.16 -11.82 17.23
C SER A 124 1.34 -11.69 15.72
N SER A 125 0.25 -11.61 14.97
CA SER A 125 0.34 -11.43 13.52
C SER A 125 1.17 -10.18 13.15
N ASN A 126 1.38 -9.30 14.13
CA ASN A 126 2.20 -8.11 13.94
C ASN A 126 3.44 -8.01 14.85
N ILE A 127 3.86 -9.14 15.42
CA ILE A 127 5.02 -9.18 16.32
C ILE A 127 6.34 -8.77 15.62
N ASP A 128 6.27 -8.65 14.29
CA ASP A 128 7.40 -8.26 13.45
C ASP A 128 7.80 -6.79 13.63
N CYS A 129 6.88 -5.96 14.12
CA CYS A 129 7.20 -4.55 14.39
C CYS A 129 7.28 -4.22 15.89
N LEU A 130 7.38 -5.28 16.69
CA LEU A 130 7.54 -5.17 18.16
C LEU A 130 6.39 -4.53 18.90
N VAL A 131 5.23 -4.57 18.26
CA VAL A 131 3.93 -4.21 18.84
C VAL A 131 3.71 -5.00 20.12
N SER A 132 2.95 -4.40 21.04
CA SER A 132 2.52 -5.04 22.26
C SER A 132 1.65 -6.23 21.93
N VAL A 133 1.98 -7.40 22.49
CA VAL A 133 1.17 -8.57 22.34
C VAL A 133 0.64 -8.95 23.71
N GLY A 134 -0.21 -9.96 23.79
CA GLY A 134 -0.86 -10.31 25.05
C GLY A 134 -1.43 -11.71 25.07
N THR A 135 -1.67 -12.23 26.28
CA THR A 135 -2.40 -13.48 26.49
C THR A 135 -3.74 -13.15 27.14
N ILE A 136 -4.80 -13.77 26.63
CA ILE A 136 -6.15 -13.55 27.16
C ILE A 136 -6.73 -14.86 27.60
N PHE A 137 -7.44 -14.85 28.72
CA PHE A 137 -7.97 -16.10 29.20
C PHE A 137 -9.30 -15.90 29.90
N GLY A 138 -10.09 -16.97 29.89
CA GLY A 138 -11.38 -17.01 30.57
C GLY A 138 -11.57 -18.38 31.17
N ILE A 139 -12.02 -18.40 32.42
CA ILE A 139 -12.13 -19.63 33.15
C ILE A 139 -13.60 -19.89 33.53
N TYR A 140 -14.08 -21.11 33.27
CA TYR A 140 -15.42 -21.54 33.65
C TYR A 140 -15.40 -22.81 34.46
N ARG A 141 -16.39 -22.95 35.34
CA ARG A 141 -16.66 -24.20 36.05
C ARG A 141 -17.40 -25.08 35.06
N LYS A 142 -17.07 -26.37 35.01
CA LYS A 142 -17.82 -27.32 34.18
C LYS A 142 -19.22 -27.51 34.74
N LYS A 143 -20.25 -27.27 33.93
CA LYS A 143 -21.64 -27.32 34.41
C LYS A 143 -22.21 -28.73 34.55
N SER A 144 -22.32 -29.44 33.42
CA SER A 144 -22.96 -30.76 33.39
C SER A 144 -22.17 -31.87 34.10
N THR A 145 -22.79 -33.05 34.17
CA THR A 145 -22.20 -34.22 34.84
C THR A 145 -21.51 -35.16 33.86
N ASP A 146 -21.78 -34.97 32.57
CA ASP A 146 -21.29 -35.85 31.50
C ASP A 146 -19.78 -35.80 31.31
N GLU A 147 -19.25 -36.82 30.63
CA GLU A 147 -17.89 -36.80 30.12
C GLU A 147 -17.65 -35.41 29.48
N PRO A 148 -16.47 -34.81 29.77
CA PRO A 148 -16.22 -33.46 29.25
C PRO A 148 -16.13 -33.44 27.73
N SER A 149 -16.56 -32.34 27.14
CA SER A 149 -16.60 -32.18 25.69
C SER A 149 -16.65 -30.69 25.36
N GLU A 150 -16.55 -30.38 24.08
CA GLU A 150 -16.55 -29.00 23.58
C GLU A 150 -17.73 -28.17 24.09
N LYS A 151 -18.89 -28.80 24.22
CA LYS A 151 -20.12 -28.14 24.66
C LYS A 151 -19.94 -27.40 25.99
N ASP A 152 -19.14 -27.97 26.89
CA ASP A 152 -18.80 -27.33 28.15
C ASP A 152 -18.19 -25.93 28.00
N ALA A 153 -17.58 -25.65 26.85
CA ALA A 153 -17.02 -24.34 26.57
C ALA A 153 -18.05 -23.37 25.99
N LEU A 154 -19.26 -23.86 25.74
CA LEU A 154 -20.33 -23.03 25.18
C LEU A 154 -21.19 -22.51 26.31
N GLN A 155 -20.56 -21.70 27.16
CA GLN A 155 -21.21 -21.04 28.27
C GLN A 155 -21.19 -19.55 27.98
N PRO A 156 -22.27 -18.84 28.34
CA PRO A 156 -22.24 -17.40 28.15
C PRO A 156 -21.21 -16.75 29.08
N GLY A 157 -20.76 -15.56 28.71
CA GLY A 157 -19.78 -14.80 29.49
C GLY A 157 -20.10 -14.65 30.96
N ARG A 158 -21.39 -14.50 31.29
CA ARG A 158 -21.86 -14.33 32.68
C ARG A 158 -21.44 -15.45 33.62
N ASN A 159 -21.06 -16.60 33.07
CA ASN A 159 -20.71 -17.78 33.87
C ASN A 159 -19.24 -17.86 34.31
N LEU A 160 -18.43 -16.94 33.78
CA LEU A 160 -16.98 -16.85 34.06
C LEU A 160 -16.70 -16.70 35.54
N VAL A 161 -15.89 -17.63 36.05
CA VAL A 161 -15.37 -17.55 37.42
C VAL A 161 -14.26 -16.51 37.52
N ALA A 162 -13.43 -16.46 36.47
CA ALA A 162 -12.27 -15.57 36.42
C ALA A 162 -11.81 -15.37 34.99
N ALA A 163 -11.26 -14.19 34.73
CA ALA A 163 -10.73 -13.87 33.42
C ALA A 163 -9.67 -12.79 33.57
N GLY A 164 -8.82 -12.70 32.55
CA GLY A 164 -7.99 -11.52 32.39
C GLY A 164 -7.03 -11.62 31.22
N TYR A 165 -5.90 -10.95 31.37
CA TYR A 165 -4.93 -10.96 30.31
C TYR A 165 -3.55 -10.61 30.79
N ALA A 166 -2.56 -11.09 30.04
CA ALA A 166 -1.21 -10.58 30.20
C ALA A 166 -0.90 -9.67 29.05
N LEU A 167 -0.34 -8.51 29.35
CA LEU A 167 0.07 -7.60 28.30
C LEU A 167 1.56 -7.57 28.32
N TYR A 168 2.20 -7.92 27.19
CA TYR A 168 3.64 -7.85 27.07
C TYR A 168 4.02 -6.56 26.31
N GLY A 169 3.94 -5.45 27.03
CA GLY A 169 4.19 -4.11 26.49
C GLY A 169 5.58 -3.60 26.89
N SER A 170 5.67 -2.34 27.27
CA SER A 170 6.93 -1.78 27.72
C SER A 170 7.38 -2.56 28.95
N ALA A 171 6.40 -3.06 29.69
CA ALA A 171 6.63 -3.98 30.79
C ALA A 171 5.56 -5.05 30.64
N THR A 172 5.62 -6.06 31.52
CA THR A 172 4.64 -7.11 31.52
C THR A 172 3.72 -6.97 32.70
N MET A 173 2.43 -6.96 32.40
CA MET A 173 1.41 -6.91 33.43
C MET A 173 0.41 -8.02 33.25
N LEU A 174 0.03 -8.62 34.37
CA LEU A 174 -1.12 -9.49 34.42
C LEU A 174 -2.28 -8.75 35.10
N VAL A 175 -3.41 -8.72 34.39
CA VAL A 175 -4.66 -8.19 34.90
C VAL A 175 -5.56 -9.37 35.21
N LEU A 176 -5.93 -9.51 36.48
CA LEU A 176 -6.77 -10.62 36.92
C LEU A 176 -8.10 -10.11 37.49
N ALA A 177 -9.20 -10.54 36.89
CA ALA A 177 -10.55 -10.16 37.29
C ALA A 177 -11.28 -11.36 37.84
N MET A 178 -11.85 -11.18 39.02
CA MET A 178 -12.68 -12.19 39.66
C MET A 178 -13.88 -11.50 40.31
N ASP A 179 -14.72 -12.28 41.01
CA ASP A 179 -15.87 -11.67 41.70
C ASP A 179 -15.49 -10.46 42.58
N CYS A 180 -14.32 -10.53 43.22
CA CYS A 180 -13.86 -9.48 44.14
C CYS A 180 -13.21 -8.26 43.47
N GLY A 181 -13.26 -8.14 42.15
CA GLY A 181 -12.70 -6.98 41.44
C GLY A 181 -11.55 -7.26 40.47
N VAL A 182 -10.95 -6.17 39.98
CA VAL A 182 -9.83 -6.24 39.03
C VAL A 182 -8.48 -5.92 39.68
N ASN A 183 -7.50 -6.80 39.55
CA ASN A 183 -6.18 -6.56 40.13
C ASN A 183 -5.02 -6.64 39.11
N CYS A 184 -4.12 -5.66 39.17
CA CYS A 184 -3.04 -5.49 38.18
C CYS A 184 -1.67 -5.80 38.80
N PHE A 185 -1.01 -6.82 38.26
CA PHE A 185 0.25 -7.35 38.78
C PHE A 185 1.36 -7.10 37.76
N MET A 186 2.42 -6.44 38.20
CA MET A 186 3.56 -6.16 37.35
C MET A 186 4.59 -7.29 37.46
N LEU A 187 5.12 -7.76 36.34
CA LEU A 187 6.12 -8.79 36.43
C LEU A 187 7.46 -8.12 36.72
N ASP A 188 8.11 -8.53 37.81
CA ASP A 188 9.48 -8.15 38.06
C ASP A 188 10.31 -9.29 37.48
N PRO A 189 10.91 -9.04 36.30
CA PRO A 189 11.61 -10.13 35.62
C PRO A 189 12.92 -10.53 36.30
N ALA A 190 13.40 -9.71 37.23
CA ALA A 190 14.63 -9.97 38.01
C ALA A 190 14.43 -11.14 38.95
N ILE A 191 13.20 -11.31 39.41
CA ILE A 191 12.90 -12.40 40.32
C ILE A 191 11.79 -13.33 39.85
N GLY A 192 11.07 -12.93 38.80
CA GLY A 192 10.02 -13.78 38.24
C GLY A 192 8.81 -13.83 39.14
N GLU A 193 8.47 -12.66 39.68
CA GLU A 193 7.27 -12.52 40.51
C GLU A 193 6.36 -11.46 39.95
N PHE A 194 5.07 -11.74 40.00
CA PHE A 194 4.06 -10.75 39.67
C PHE A 194 3.69 -9.92 40.89
N ILE A 195 4.04 -8.65 40.85
CA ILE A 195 3.81 -7.80 41.99
C ILE A 195 2.52 -7.06 41.79
N LEU A 196 1.63 -7.17 42.80
CA LEU A 196 0.38 -6.41 42.84
C LEU A 196 0.65 -4.92 42.98
N VAL A 197 0.37 -4.15 41.92
CA VAL A 197 0.67 -2.71 41.87
C VAL A 197 -0.57 -1.81 41.80
N ASP A 198 -1.70 -2.37 41.40
CA ASP A 198 -2.97 -1.61 41.38
C ASP A 198 -4.11 -2.52 41.86
N LYS A 199 -4.73 -2.15 42.97
CA LYS A 199 -5.72 -2.99 43.62
C LYS A 199 -7.10 -2.51 43.18
N ASP A 200 -8.03 -3.46 43.01
CA ASP A 200 -9.45 -3.16 42.75
C ASP A 200 -9.58 -1.99 41.79
N VAL A 201 -9.19 -2.19 40.54
CA VAL A 201 -9.14 -1.09 39.58
C VAL A 201 -10.54 -0.77 39.02
N LYS A 202 -10.78 0.52 38.76
CA LYS A 202 -12.03 1.00 38.18
C LYS A 202 -11.71 1.95 37.03
N ILE A 203 -12.48 1.84 35.95
CA ILE A 203 -12.34 2.72 34.79
C ILE A 203 -13.06 4.08 35.02
N LYS A 204 -12.58 5.14 34.39
CA LYS A 204 -13.25 6.46 34.47
C LYS A 204 -14.66 6.32 33.91
N LYS A 205 -15.59 7.01 34.54
CA LYS A 205 -16.96 7.09 34.04
C LYS A 205 -16.96 7.55 32.58
N LYS A 206 -16.02 8.43 32.25
CA LYS A 206 -15.96 9.04 30.94
C LYS A 206 -14.52 9.41 30.55
N GLY A 207 -14.13 8.99 29.33
CA GLY A 207 -12.78 9.20 28.81
C GLY A 207 -12.71 10.21 27.68
N LYS A 208 -11.54 10.34 27.08
CA LYS A 208 -11.29 11.34 26.04
C LYS A 208 -10.56 10.73 24.85
N ILE A 209 -10.67 9.41 24.71
CA ILE A 209 -10.02 8.69 23.63
C ILE A 209 -10.99 7.72 22.98
N TYR A 210 -10.93 7.57 21.66
CA TYR A 210 -11.69 6.48 21.03
C TYR A 210 -10.73 5.58 20.26
N SER A 211 -11.04 4.30 20.22
CA SER A 211 -10.12 3.37 19.59
C SER A 211 -10.80 2.44 18.59
N LEU A 212 -10.50 2.63 17.31
CA LEU A 212 -10.90 1.67 16.27
C LEU A 212 -10.10 1.91 15.00
N ASN A 213 -10.20 0.98 14.05
CA ASN A 213 -9.53 1.17 12.76
C ASN A 213 -10.36 2.04 11.79
N GLU A 214 -10.09 3.34 11.79
CA GLU A 214 -10.76 4.29 10.91
C GLU A 214 -10.37 4.13 9.43
N GLY A 215 -9.31 3.37 9.17
CA GLY A 215 -8.89 3.15 7.81
C GLY A 215 -10.04 2.59 7.03
N TYR A 216 -10.87 1.79 7.71
CA TYR A 216 -11.98 1.11 7.07
C TYR A 216 -13.30 1.88 7.19
N ALA A 217 -13.19 3.21 7.15
CA ALA A 217 -14.36 4.07 7.35
C ALA A 217 -15.46 3.82 6.32
N LYS A 218 -15.05 3.57 5.08
CA LYS A 218 -15.96 3.29 3.97
C LYS A 218 -16.92 2.13 4.27
N ASP A 219 -16.50 1.21 5.14
CA ASP A 219 -17.34 0.06 5.51
C ASP A 219 -18.11 0.26 6.82
N PHE A 220 -17.96 1.43 7.45
CA PHE A 220 -18.63 1.64 8.74
C PHE A 220 -20.11 1.42 8.63
N ASP A 221 -20.67 0.92 9.72
CA ASP A 221 -22.10 0.97 9.98
C ASP A 221 -22.48 2.44 10.10
N PRO A 222 -23.60 2.84 9.49
CA PRO A 222 -24.04 4.24 9.60
C PRO A 222 -23.92 4.81 11.02
N ALA A 223 -24.39 4.06 12.01
CA ALA A 223 -24.20 4.40 13.43
C ALA A 223 -22.74 4.64 13.89
N VAL A 224 -21.81 3.79 13.45
CA VAL A 224 -20.39 3.98 13.77
C VAL A 224 -19.88 5.28 13.14
N THR A 225 -20.28 5.55 11.89
CA THR A 225 -19.85 6.75 11.17
C THR A 225 -20.25 8.01 11.95
N GLU A 226 -21.49 8.03 12.43
CA GLU A 226 -22.00 9.19 13.15
C GLU A 226 -21.33 9.33 14.51
N TYR A 227 -21.20 8.22 15.23
CA TYR A 227 -20.54 8.28 16.55
C TYR A 227 -19.14 8.87 16.45
N ILE A 228 -18.37 8.36 15.50
CA ILE A 228 -17.03 8.88 15.28
C ILE A 228 -17.03 10.36 14.87
N GLN A 229 -18.02 10.77 14.07
CA GLN A 229 -18.07 12.17 13.63
C GLN A 229 -18.30 13.10 14.83
N ARG A 230 -19.17 12.69 15.75
CA ARG A 230 -19.40 13.38 17.02
C ARG A 230 -18.14 13.50 17.90
N LYS A 231 -17.27 12.50 17.84
CA LYS A 231 -16.04 12.51 18.63
C LYS A 231 -15.07 13.54 18.09
N LYS A 232 -15.08 13.70 16.76
CA LYS A 232 -14.21 14.62 16.05
C LYS A 232 -14.78 16.04 15.95
N PHE A 233 -16.10 16.16 15.79
CA PHE A 233 -16.76 17.47 15.77
C PHE A 233 -17.99 17.39 16.70
N PRO A 234 -17.80 17.63 18.01
CA PRO A 234 -18.98 17.56 18.88
C PRO A 234 -20.01 18.65 18.56
N PRO A 235 -21.32 18.29 18.65
CA PRO A 235 -22.38 19.28 18.49
C PRO A 235 -22.48 20.21 19.70
N ASP A 236 -22.09 19.72 20.88
CA ASP A 236 -21.99 20.52 22.10
C ASP A 236 -20.68 21.30 22.21
N ASN A 237 -19.93 21.32 21.10
CA ASN A 237 -18.67 22.05 20.95
C ASN A 237 -17.57 21.88 22.00
N SER A 238 -17.69 20.86 22.86
CA SER A 238 -16.61 20.48 23.76
C SER A 238 -15.36 20.13 22.94
N ALA A 239 -14.21 20.02 23.60
CA ALA A 239 -12.99 19.59 22.92
C ALA A 239 -13.17 18.17 22.32
N PRO A 240 -12.72 17.96 21.07
CA PRO A 240 -12.77 16.63 20.43
C PRO A 240 -11.89 15.61 21.16
N TYR A 241 -12.29 14.34 21.14
CA TYR A 241 -11.51 13.22 21.70
C TYR A 241 -10.22 12.99 20.91
N GLY A 242 -9.21 12.45 21.59
CA GLY A 242 -8.03 11.95 20.89
C GLY A 242 -8.30 10.56 20.34
N ALA A 243 -7.59 10.16 19.29
CA ALA A 243 -7.69 8.82 18.72
C ALA A 243 -6.45 7.97 19.05
N ARG A 244 -6.66 6.67 19.33
CA ARG A 244 -5.55 5.69 19.41
C ARG A 244 -5.97 4.31 18.93
N TYR A 245 -5.07 3.63 18.23
CA TYR A 245 -5.34 2.27 17.80
C TYR A 245 -4.02 1.60 17.56
N VAL A 246 -3.61 0.79 18.53
CA VAL A 246 -2.38 0.01 18.45
C VAL A 246 -2.58 -1.03 17.35
N GLY A 247 -3.78 -1.63 17.34
CA GLY A 247 -4.11 -2.71 16.42
C GLY A 247 -3.93 -4.04 17.10
N SER A 248 -3.63 -3.97 18.39
CA SER A 248 -3.47 -5.13 19.22
C SER A 248 -4.47 -4.99 20.34
N MET A 249 -5.39 -5.94 20.43
CA MET A 249 -6.53 -5.79 21.33
C MET A 249 -6.15 -5.60 22.79
N VAL A 250 -5.35 -6.53 23.33
CA VAL A 250 -4.85 -6.42 24.70
C VAL A 250 -4.30 -5.03 24.99
N ALA A 251 -3.49 -4.48 24.10
CA ALA A 251 -2.91 -3.15 24.35
C ALA A 251 -3.97 -2.04 24.33
N ASP A 252 -4.87 -2.10 23.36
CA ASP A 252 -5.94 -1.13 23.22
C ASP A 252 -6.90 -1.21 24.40
N VAL A 253 -7.22 -2.43 24.83
CA VAL A 253 -8.16 -2.62 25.96
C VAL A 253 -7.52 -2.24 27.29
N HIS A 254 -6.22 -2.49 27.47
CA HIS A 254 -5.55 -2.07 28.70
C HIS A 254 -5.52 -0.53 28.83
N ARG A 255 -5.23 0.17 27.73
CA ARG A 255 -5.18 1.64 27.74
C ARG A 255 -6.58 2.18 28.08
N THR A 256 -7.60 1.60 27.45
CA THR A 256 -9.00 1.89 27.72
C THR A 256 -9.25 1.81 29.22
N LEU A 257 -8.82 0.73 29.83
CA LEU A 257 -8.99 0.50 31.26
C LEU A 257 -8.28 1.54 32.13
N VAL A 258 -7.12 2.02 31.66
CA VAL A 258 -6.24 2.93 32.40
C VAL A 258 -6.61 4.43 32.23
N TYR A 259 -6.87 4.85 30.99
CA TYR A 259 -7.19 6.24 30.72
C TYR A 259 -8.65 6.44 30.45
N GLY A 260 -9.42 5.36 30.52
CA GLY A 260 -10.82 5.38 30.14
C GLY A 260 -11.03 5.66 28.67
N GLY A 261 -12.28 5.59 28.24
CA GLY A 261 -12.61 5.97 26.89
C GLY A 261 -13.37 4.85 26.25
N ILE A 262 -13.15 4.67 24.96
CA ILE A 262 -13.88 3.62 24.26
C ILE A 262 -13.06 2.84 23.24
N PHE A 263 -13.23 1.53 23.24
CA PHE A 263 -12.65 0.69 22.21
C PHE A 263 -13.76 0.03 21.38
N LEU A 264 -13.67 0.13 20.05
CA LEU A 264 -14.68 -0.50 19.20
C LEU A 264 -14.13 -1.49 18.18
N TYR A 265 -14.76 -2.64 18.09
CA TYR A 265 -14.54 -3.46 16.94
C TYR A 265 -15.92 -3.99 16.52
N PRO A 266 -16.70 -3.12 15.86
CA PRO A 266 -18.13 -3.34 15.65
C PRO A 266 -18.45 -4.12 14.39
N ALA A 267 -19.66 -4.65 14.33
CA ALA A 267 -20.19 -5.26 13.11
C ALA A 267 -20.42 -4.23 12.00
N ASN A 268 -20.29 -4.68 10.76
CA ASN A 268 -20.78 -3.98 9.57
C ASN A 268 -21.51 -4.95 8.63
N LYS A 269 -21.83 -4.51 7.41
CA LYS A 269 -22.47 -5.38 6.39
C LYS A 269 -21.54 -6.55 6.05
N LYS A 270 -20.27 -6.23 5.82
CA LYS A 270 -19.25 -7.20 5.43
C LYS A 270 -18.94 -8.23 6.53
N SER A 271 -19.09 -7.82 7.79
CA SER A 271 -18.85 -8.70 8.93
C SER A 271 -19.93 -8.51 9.98
N PRO A 272 -21.11 -9.11 9.75
CA PRO A 272 -22.30 -8.85 10.56
C PRO A 272 -22.16 -9.28 12.01
N ASN A 273 -21.13 -10.07 12.29
CA ASN A 273 -20.85 -10.52 13.64
C ASN A 273 -19.51 -10.02 14.21
N GLY A 274 -18.92 -9.01 13.56
CA GLY A 274 -17.57 -8.55 13.92
C GLY A 274 -16.44 -9.49 13.53
N LYS A 275 -15.22 -9.17 13.95
CA LYS A 275 -14.05 -10.00 13.67
C LYS A 275 -13.49 -10.73 14.90
N LEU A 276 -13.46 -10.07 16.05
CA LEU A 276 -12.87 -10.65 17.26
C LEU A 276 -13.64 -11.88 17.78
N ARG A 277 -12.92 -12.84 18.34
CA ARG A 277 -13.53 -14.08 18.81
C ARG A 277 -14.25 -13.90 20.15
N LEU A 278 -15.33 -14.65 20.34
CA LEU A 278 -16.20 -14.43 21.50
C LEU A 278 -15.61 -15.03 22.74
N LEU A 279 -15.28 -16.31 22.66
CA LEU A 279 -14.85 -17.06 23.84
C LEU A 279 -13.53 -16.60 24.48
N TYR A 280 -12.55 -16.22 23.66
CA TYR A 280 -11.19 -16.02 24.16
C TYR A 280 -10.67 -14.61 23.98
N GLU A 281 -11.49 -13.71 23.44
CA GLU A 281 -11.10 -12.32 23.32
C GLU A 281 -12.17 -11.42 23.90
N CYS A 282 -13.39 -11.48 23.34
CA CYS A 282 -14.46 -10.55 23.73
C CYS A 282 -14.99 -10.81 25.15
N ASN A 283 -15.37 -12.05 25.42
CA ASN A 283 -15.88 -12.39 26.73
C ASN A 283 -14.92 -11.97 27.84
N PRO A 284 -13.66 -12.48 27.83
CA PRO A 284 -12.73 -12.16 28.92
C PRO A 284 -12.49 -10.67 29.10
N MET A 285 -12.47 -9.92 28.01
CA MET A 285 -12.25 -8.48 28.09
C MET A 285 -13.48 -7.76 28.55
N ALA A 286 -14.64 -8.33 28.24
CA ALA A 286 -15.91 -7.79 28.69
C ALA A 286 -16.09 -7.98 30.19
N TYR A 287 -15.75 -9.19 30.65
CA TYR A 287 -15.75 -9.52 32.07
C TYR A 287 -14.81 -8.59 32.85
N VAL A 288 -13.56 -8.48 32.40
CA VAL A 288 -12.62 -7.51 32.99
C VAL A 288 -13.31 -6.15 33.07
N MET A 289 -13.80 -5.66 31.94
CA MET A 289 -14.43 -4.32 31.89
C MET A 289 -15.57 -4.13 32.88
N GLU A 290 -16.37 -5.17 33.07
CA GLU A 290 -17.51 -5.06 33.97
C GLU A 290 -17.12 -5.13 35.44
N LYS A 291 -16.14 -5.97 35.75
CA LYS A 291 -15.63 -6.01 37.11
C LYS A 291 -14.91 -4.70 37.48
N ALA A 292 -14.47 -3.96 36.47
CA ALA A 292 -13.92 -2.62 36.66
C ALA A 292 -14.99 -1.53 36.53
N GLY A 293 -16.26 -1.96 36.56
CA GLY A 293 -17.41 -1.07 36.44
C GLY A 293 -17.50 -0.32 35.12
N GLY A 294 -17.14 -1.00 34.03
CA GLY A 294 -17.28 -0.43 32.70
C GLY A 294 -18.34 -1.19 31.93
N MET A 295 -18.44 -0.89 30.64
CA MET A 295 -19.48 -1.49 29.81
C MET A 295 -18.93 -2.15 28.55
N ALA A 296 -19.50 -3.29 28.21
CA ALA A 296 -19.17 -4.01 26.99
C ALA A 296 -20.44 -4.49 26.27
N THR A 297 -20.63 -4.06 25.03
CA THR A 297 -21.84 -4.42 24.28
C THR A 297 -21.54 -4.81 22.83
N THR A 298 -22.41 -5.63 22.24
CA THR A 298 -22.29 -5.92 20.81
C THR A 298 -23.02 -4.88 20.02
N GLY A 299 -23.81 -4.07 20.73
CA GLY A 299 -24.67 -3.07 20.11
C GLY A 299 -26.12 -3.45 20.33
N LYS A 300 -26.39 -4.75 20.29
CA LYS A 300 -27.74 -5.29 20.44
C LYS A 300 -27.92 -5.95 21.81
N GLU A 301 -26.83 -6.53 22.34
CA GLU A 301 -26.87 -7.16 23.64
C GLU A 301 -25.55 -7.05 24.39
N ALA A 302 -25.54 -7.56 25.62
CA ALA A 302 -24.33 -7.62 26.42
C ALA A 302 -23.47 -8.78 25.96
N VAL A 303 -22.24 -8.48 25.56
CA VAL A 303 -21.25 -9.50 25.21
C VAL A 303 -21.33 -10.70 26.16
N LEU A 304 -21.32 -10.42 27.47
CA LEU A 304 -21.39 -11.46 28.50
C LEU A 304 -22.67 -12.31 28.46
N ASP A 305 -23.72 -11.80 27.81
CA ASP A 305 -25.00 -12.52 27.73
C ASP A 305 -25.17 -13.44 26.52
N VAL A 306 -24.45 -13.15 25.44
CA VAL A 306 -24.48 -13.98 24.24
C VAL A 306 -24.22 -15.44 24.61
N ILE A 307 -25.12 -16.32 24.18
CA ILE A 307 -24.91 -17.77 24.34
C ILE A 307 -24.18 -18.27 23.11
N PRO A 308 -22.99 -18.86 23.30
CA PRO A 308 -22.26 -19.30 22.11
C PRO A 308 -22.81 -20.61 21.58
N THR A 309 -22.61 -20.85 20.29
CA THR A 309 -22.95 -22.13 19.66
C THR A 309 -21.74 -22.74 18.97
N ASP A 310 -20.68 -21.95 18.84
CA ASP A 310 -19.49 -22.36 18.14
C ASP A 310 -18.31 -21.77 18.92
N ILE A 311 -17.35 -22.63 19.32
CA ILE A 311 -16.23 -22.15 20.17
C ILE A 311 -15.40 -21.04 19.50
N HIS A 312 -15.33 -21.06 18.17
CA HIS A 312 -14.62 -20.01 17.42
C HIS A 312 -15.50 -18.92 16.82
N GLN A 313 -16.72 -18.75 17.34
CA GLN A 313 -17.59 -17.74 16.78
C GLN A 313 -17.15 -16.33 17.16
N ARG A 314 -17.45 -15.40 16.26
CA ARG A 314 -17.08 -14.00 16.42
C ARG A 314 -18.20 -13.19 17.08
N ALA A 315 -17.84 -12.02 17.59
CA ALA A 315 -18.80 -11.08 18.18
C ALA A 315 -18.36 -9.66 17.92
N PRO A 316 -19.33 -8.74 17.64
CA PRO A 316 -18.99 -7.32 17.65
C PRO A 316 -18.68 -6.90 19.08
N VAL A 317 -17.78 -5.94 19.27
CA VAL A 317 -17.47 -5.49 20.62
C VAL A 317 -17.29 -3.97 20.70
N ILE A 318 -18.00 -3.36 21.62
CA ILE A 318 -17.79 -1.98 21.95
C ILE A 318 -17.65 -2.02 23.45
N LEU A 319 -16.55 -1.49 23.99
CA LEU A 319 -16.31 -1.54 25.43
C LEU A 319 -15.58 -0.31 25.95
N GLY A 320 -15.70 -0.04 27.25
CA GLY A 320 -14.98 1.07 27.87
C GLY A 320 -15.74 1.79 28.97
N SER A 321 -15.47 3.08 29.09
CA SER A 321 -16.18 3.91 30.05
C SER A 321 -17.70 3.86 29.78
N PRO A 322 -18.50 3.74 30.85
CA PRO A 322 -19.95 3.56 30.63
C PRO A 322 -20.58 4.73 29.87
N ASP A 323 -20.14 5.96 30.15
CA ASP A 323 -20.67 7.16 29.50
C ASP A 323 -20.35 7.22 28.00
N ASP A 324 -19.21 6.65 27.58
CA ASP A 324 -18.91 6.60 26.15
C ASP A 324 -19.70 5.49 25.49
N VAL A 325 -19.87 4.37 26.20
CA VAL A 325 -20.56 3.25 25.60
C VAL A 325 -22.05 3.58 25.45
N LEU A 326 -22.65 4.13 26.51
CA LEU A 326 -24.03 4.65 26.43
C LEU A 326 -24.21 5.60 25.25
N GLU A 327 -23.30 6.56 25.11
CA GLU A 327 -23.37 7.54 24.02
C GLU A 327 -23.31 6.88 22.63
N PHE A 328 -22.58 5.77 22.52
CA PHE A 328 -22.53 5.01 21.28
C PHE A 328 -23.86 4.29 21.06
N LEU A 329 -24.43 3.76 22.14
CA LEU A 329 -25.71 3.11 22.06
C LEU A 329 -26.83 4.09 21.67
N LYS A 330 -26.80 5.31 22.22
CA LYS A 330 -27.72 6.38 21.80
C LYS A 330 -27.74 6.47 20.29
N VAL A 331 -26.55 6.67 19.71
CA VAL A 331 -26.38 6.84 18.27
C VAL A 331 -26.73 5.57 17.49
N TYR A 332 -26.47 4.41 18.09
CA TYR A 332 -26.79 3.11 17.49
C TYR A 332 -28.30 2.91 17.47
N GLU A 333 -28.98 3.37 18.52
CA GLU A 333 -30.44 3.31 18.61
C GLU A 333 -31.09 4.25 17.57
N LYS A 334 -30.56 5.47 17.47
CA LYS A 334 -31.01 6.45 16.48
C LYS A 334 -31.02 5.87 15.05
N HIS A 335 -30.15 4.90 14.79
CA HIS A 335 -30.09 4.22 13.49
C HIS A 335 -30.77 2.86 13.50
N SER A 336 -31.60 2.62 14.51
CA SER A 336 -32.27 1.32 14.76
C SER A 336 -31.29 0.26 15.26
N ALA A 337 -30.90 -0.67 14.56
N ASP B 10 27.82 -15.46 9.83
CA ASP B 10 28.39 -15.15 11.19
C ASP B 10 27.48 -14.24 12.03
N VAL B 11 27.35 -14.56 13.31
CA VAL B 11 26.60 -13.74 14.24
C VAL B 11 27.26 -12.37 14.34
N ASN B 12 26.45 -11.34 14.47
CA ASN B 12 27.00 -10.02 14.61
C ASN B 12 26.30 -9.34 15.76
N THR B 13 27.07 -8.54 16.49
CA THR B 13 26.56 -7.80 17.62
C THR B 13 26.75 -6.32 17.27
N LEU B 14 26.09 -5.43 18.01
CA LEU B 14 26.23 -4.01 17.77
C LEU B 14 27.66 -3.52 18.03
N THR B 15 28.25 -3.94 19.13
CA THR B 15 29.64 -3.57 19.42
C THR B 15 30.58 -4.01 18.29
N ARG B 16 30.43 -5.24 17.83
CA ARG B 16 31.28 -5.81 16.78
C ARG B 16 31.08 -5.11 15.43
N PHE B 17 29.84 -4.90 15.06
CA PHE B 17 29.52 -4.17 13.85
C PHE B 17 30.05 -2.71 13.85
N VAL B 18 30.01 -2.02 14.97
CA VAL B 18 30.53 -0.68 15.03
C VAL B 18 32.07 -0.67 14.93
N MET B 19 32.74 -1.62 15.60
CA MET B 19 34.20 -1.74 15.52
C MET B 19 34.70 -2.07 14.13
N GLU B 20 33.99 -2.92 13.40
CA GLU B 20 34.44 -3.24 12.05
C GLU B 20 34.16 -2.13 11.03
N GLU B 21 33.02 -1.46 11.18
CA GLU B 21 32.75 -0.25 10.37
C GLU B 21 33.80 0.81 10.67
N GLY B 22 34.17 0.93 11.94
CA GLY B 22 35.22 1.81 12.39
C GLY B 22 36.58 1.48 11.81
N ARG B 23 37.01 0.23 11.93
CA ARG B 23 38.28 -0.18 11.38
C ARG B 23 38.34 0.03 9.87
N LYS B 24 37.19 -0.17 9.20
CA LYS B 24 37.07 0.06 7.76
C LYS B 24 37.32 1.52 7.39
N ALA B 25 36.78 2.45 8.17
CA ALA B 25 36.88 3.87 7.88
C ALA B 25 38.14 4.47 8.50
N ARG B 26 38.92 3.64 9.18
CA ARG B 26 40.17 4.03 9.79
C ARG B 26 40.02 5.25 10.70
N GLY B 27 38.85 5.38 11.31
CA GLY B 27 38.59 6.47 12.25
C GLY B 27 39.37 6.26 13.53
N THR B 28 39.35 7.27 14.38
CA THR B 28 40.08 7.26 15.65
C THR B 28 39.48 6.36 16.73
N GLY B 29 38.21 5.99 16.56
CA GLY B 29 37.49 5.18 17.56
C GLY B 29 36.50 5.93 18.42
N GLU B 30 36.50 7.26 18.27
CA GLU B 30 35.62 8.15 19.04
C GLU B 30 34.14 7.89 18.81
N LEU B 31 33.76 7.56 17.58
CA LEU B 31 32.35 7.35 17.30
C LEU B 31 31.91 6.00 17.86
N THR B 32 32.85 5.05 17.90
CA THR B 32 32.64 3.74 18.47
C THR B 32 32.43 3.82 19.99
N GLN B 33 33.29 4.55 20.68
CA GLN B 33 33.13 4.79 22.13
C GLN B 33 31.79 5.43 22.46
N LEU B 34 31.35 6.37 21.62
CA LEU B 34 30.07 7.05 21.84
C LEU B 34 28.92 6.06 21.64
N LEU B 35 28.98 5.29 20.57
CA LEU B 35 27.88 4.39 20.27
C LEU B 35 27.77 3.26 21.32
N ASN B 36 28.93 2.75 21.74
CA ASN B 36 29.02 1.75 22.80
C ASN B 36 28.48 2.24 24.14
N SER B 37 28.93 3.41 24.58
CA SER B 37 28.31 4.11 25.71
C SER B 37 26.78 4.23 25.60
N LEU B 38 26.30 4.55 24.40
CA LEU B 38 24.85 4.70 24.20
C LEU B 38 24.15 3.34 24.25
N CYS B 39 24.80 2.33 23.68
CA CYS B 39 24.28 0.97 23.74
C CYS B 39 24.10 0.49 25.20
N THR B 40 25.06 0.82 26.06
CA THR B 40 25.00 0.48 27.49
C THR B 40 23.85 1.19 28.18
N ALA B 41 23.70 2.47 27.88
CA ALA B 41 22.58 3.31 28.38
C ALA B 41 21.23 2.71 28.02
N VAL B 42 21.11 2.26 26.77
CA VAL B 42 19.90 1.70 26.24
C VAL B 42 19.52 0.41 26.98
N LYS B 43 20.51 -0.45 27.27
CA LYS B 43 20.28 -1.67 28.05
C LYS B 43 19.88 -1.37 29.50
N ALA B 44 20.49 -0.35 30.07
CA ALA B 44 20.06 0.12 31.39
C ALA B 44 18.62 0.65 31.38
N ILE B 45 18.23 1.29 30.29
CA ILE B 45 16.89 1.90 30.23
C ILE B 45 15.88 0.78 30.03
N SER B 46 16.22 -0.17 29.17
CA SER B 46 15.39 -1.32 28.90
C SER B 46 15.10 -2.07 30.20
N SER B 47 16.14 -2.31 30.99
CA SER B 47 16.00 -3.01 32.25
C SER B 47 15.00 -2.30 33.19
N ALA B 48 15.13 -0.98 33.31
CA ALA B 48 14.22 -0.20 34.13
C ALA B 48 12.83 -0.19 33.54
N VAL B 49 12.73 0.06 32.24
CA VAL B 49 11.40 0.08 31.58
C VAL B 49 10.64 -1.24 31.76
N ARG B 50 11.34 -2.37 31.76
CA ARG B 50 10.71 -3.68 31.96
C ARG B 50 10.49 -3.95 33.46
N LYS B 51 10.80 -2.96 34.31
CA LYS B 51 10.50 -2.99 35.73
C LYS B 51 11.33 -4.01 36.55
N ALA B 52 12.48 -4.39 36.01
CA ALA B 52 13.47 -5.16 36.77
C ALA B 52 13.67 -4.47 38.12
N GLY B 53 13.61 -5.27 39.17
CA GLY B 53 13.75 -4.73 40.51
C GLY B 53 12.57 -3.95 41.08
N ILE B 54 11.40 -4.01 40.43
CA ILE B 54 10.22 -3.29 40.93
C ILE B 54 9.78 -3.77 42.32
N ALA B 55 9.97 -5.06 42.61
CA ALA B 55 9.56 -5.64 43.89
C ALA B 55 10.17 -4.93 45.11
N HIS B 56 11.38 -4.37 44.95
CA HIS B 56 12.05 -3.57 46.01
C HIS B 56 11.36 -2.25 46.28
N LEU B 57 10.96 -1.56 45.20
CA LEU B 57 10.08 -0.40 45.30
C LEU B 57 8.79 -0.76 46.06
N TYR B 58 8.24 -1.96 45.85
CA TYR B 58 6.98 -2.29 46.50
C TYR B 58 7.13 -2.88 47.91
N GLY B 59 8.33 -2.74 48.49
CA GLY B 59 8.57 -3.14 49.88
C GLY B 59 8.85 -4.62 50.15
N ILE B 60 9.47 -5.31 49.19
CA ILE B 60 9.77 -6.76 49.36
C ILE B 60 10.84 -7.03 50.44
N ALA B 61 11.71 -6.04 50.69
CA ALA B 61 12.68 -6.11 51.77
C ALA B 61 12.26 -5.26 52.98
N GLY B 62 11.03 -4.76 52.97
CA GLY B 62 10.45 -4.02 54.11
C GLY B 62 10.78 -2.53 54.19
N LYS B 73 9.82 9.68 37.19
CA LYS B 73 11.11 9.16 37.65
C LYS B 73 11.84 8.43 36.54
N LEU B 74 11.09 7.60 35.80
CA LEU B 74 11.66 6.81 34.72
C LEU B 74 12.28 7.66 33.61
N ASP B 75 11.58 8.71 33.21
CA ASP B 75 12.14 9.62 32.22
C ASP B 75 13.35 10.42 32.76
N VAL B 76 13.36 10.69 34.06
CA VAL B 76 14.53 11.30 34.70
C VAL B 76 15.72 10.33 34.74
N LEU B 77 15.48 9.08 35.13
CA LEU B 77 16.53 8.07 35.18
C LEU B 77 17.09 7.82 33.79
N SER B 78 16.21 7.80 32.80
CA SER B 78 16.62 7.57 31.43
C SER B 78 17.58 8.66 30.96
N ASN B 79 17.24 9.90 31.27
CA ASN B 79 18.03 11.04 30.91
C ASN B 79 19.39 10.97 31.61
N ASP B 80 19.35 10.79 32.93
CA ASP B 80 20.56 10.64 33.74
C ASP B 80 21.46 9.57 33.18
N LEU B 81 20.90 8.40 32.85
CA LEU B 81 21.68 7.32 32.24
C LEU B 81 22.34 7.75 30.93
N VAL B 82 21.55 8.30 30.00
CA VAL B 82 22.14 8.77 28.76
C VAL B 82 23.19 9.87 28.98
N MET B 83 22.88 10.82 29.86
CA MET B 83 23.78 11.94 30.16
C MET B 83 25.10 11.39 30.67
N ASN B 84 25.02 10.53 31.67
CA ASN B 84 26.22 10.00 32.27
C ASN B 84 27.02 9.15 31.32
N MET B 85 26.36 8.28 30.57
CA MET B 85 27.08 7.40 29.65
C MET B 85 27.83 8.15 28.58
N LEU B 86 27.23 9.23 28.06
CA LEU B 86 27.85 10.02 26.98
C LEU B 86 28.96 10.96 27.47
N LYS B 87 28.73 11.62 28.61
CA LYS B 87 29.73 12.47 29.23
C LYS B 87 30.99 11.64 29.44
N SER B 88 30.83 10.47 30.05
CA SER B 88 31.98 9.67 30.45
C SER B 88 32.57 8.93 29.27
N SER B 89 31.96 9.07 28.10
CA SER B 89 32.46 8.40 26.90
C SER B 89 33.69 9.08 26.36
N PHE B 90 33.91 10.32 26.80
CA PHE B 90 34.99 11.19 26.28
C PHE B 90 34.86 11.36 24.76
N ALA B 91 33.63 11.37 24.25
CA ALA B 91 33.39 11.50 22.79
C ALA B 91 32.45 12.64 22.42
N THR B 92 31.88 13.27 23.44
CA THR B 92 30.89 14.31 23.21
C THR B 92 31.37 15.62 23.81
N CYS B 93 30.78 16.73 23.38
CA CYS B 93 31.02 18.02 24.03
C CYS B 93 29.71 18.74 24.34
N VAL B 94 28.72 18.55 23.47
CA VAL B 94 27.45 19.23 23.60
C VAL B 94 26.30 18.23 23.59
N LEU B 95 25.46 18.29 24.61
CA LEU B 95 24.35 17.37 24.73
C LEU B 95 23.04 18.10 24.81
N VAL B 96 22.14 17.78 23.87
CA VAL B 96 20.80 18.31 23.90
C VAL B 96 19.77 17.22 24.17
N SER B 97 19.00 17.42 25.24
CA SER B 97 18.00 16.47 25.64
C SER B 97 16.64 17.11 25.79
N GLU B 98 15.61 16.33 25.48
CA GLU B 98 14.24 16.76 25.69
C GLU B 98 14.00 17.18 27.14
N GLU B 99 14.78 16.62 28.07
CA GLU B 99 14.55 16.83 29.51
C GLU B 99 15.29 18.05 30.08
N ASP B 100 15.93 18.83 29.21
CA ASP B 100 16.81 19.93 29.67
C ASP B 100 16.60 21.19 28.87
N LYS B 101 16.22 22.26 29.56
CA LYS B 101 15.94 23.57 28.95
C LYS B 101 17.09 24.09 28.10
N HIS B 102 18.32 23.94 28.57
CA HIS B 102 19.51 24.38 27.85
C HIS B 102 20.41 23.19 27.52
N ALA B 103 21.20 23.32 26.46
CA ALA B 103 22.21 22.32 26.12
C ALA B 103 23.12 22.08 27.33
N ILE B 104 23.65 20.87 27.45
CA ILE B 104 24.64 20.60 28.48
C ILE B 104 25.96 20.70 27.80
N ILE B 105 26.89 21.39 28.44
CA ILE B 105 28.23 21.46 27.92
C ILE B 105 29.07 20.49 28.74
N VAL B 106 29.72 19.56 28.06
CA VAL B 106 30.51 18.55 28.77
C VAL B 106 31.74 19.21 29.40
N GLU B 107 31.96 18.98 30.70
CA GLU B 107 33.14 19.52 31.40
C GLU B 107 34.45 19.30 30.63
N PRO B 108 35.31 20.34 30.57
CA PRO B 108 36.54 20.36 29.79
C PRO B 108 37.21 19.01 29.58
N GLU B 109 37.41 18.27 30.66
CA GLU B 109 38.22 17.05 30.64
C GLU B 109 37.60 15.87 29.90
N LYS B 110 36.27 15.83 29.86
CA LYS B 110 35.55 14.71 29.26
C LYS B 110 35.18 15.03 27.81
N ARG B 111 35.67 16.15 27.32
CA ARG B 111 35.28 16.69 26.01
C ARG B 111 35.72 15.82 24.84
N GLY B 112 34.81 15.67 23.88
CA GLY B 112 35.09 15.02 22.60
C GLY B 112 34.46 15.84 21.48
N LYS B 113 34.49 15.32 20.26
CA LYS B 113 34.14 16.15 19.12
C LYS B 113 32.69 16.07 18.66
N TYR B 114 31.83 15.41 19.44
CA TYR B 114 30.47 15.11 18.95
C TYR B 114 29.38 15.79 19.74
N VAL B 115 28.34 16.20 19.02
CA VAL B 115 27.16 16.78 19.61
C VAL B 115 26.09 15.69 19.44
N VAL B 116 25.39 15.38 20.52
CA VAL B 116 24.33 14.40 20.48
C VAL B 116 23.04 15.04 20.95
N CYS B 117 21.97 14.86 20.17
CA CYS B 117 20.64 15.28 20.59
C CYS B 117 19.73 14.09 20.79
N PHE B 118 19.16 13.96 21.98
CA PHE B 118 18.38 12.75 22.25
C PHE B 118 17.09 12.96 23.00
N ASP B 119 16.18 12.03 22.79
CA ASP B 119 14.99 11.93 23.61
C ASP B 119 15.14 10.59 24.38
N PRO B 120 15.36 10.67 25.70
CA PRO B 120 15.81 9.45 26.42
C PRO B 120 14.71 8.43 26.64
N LEU B 121 13.47 8.89 26.75
CA LEU B 121 12.32 8.02 26.87
C LEU B 121 11.06 8.67 26.26
N ASP B 122 11.07 8.80 24.94
CA ASP B 122 9.91 9.23 24.18
C ASP B 122 8.73 8.32 24.47
N GLY B 123 7.54 8.90 24.57
CA GLY B 123 6.30 8.16 24.84
C GLY B 123 5.95 7.99 26.30
N SER B 124 6.87 8.36 27.20
CA SER B 124 6.80 8.04 28.63
C SER B 124 5.62 8.60 29.41
N SER B 125 5.10 9.76 28.99
CA SER B 125 3.94 10.33 29.69
C SER B 125 2.73 9.40 29.58
N ASN B 126 2.77 8.49 28.60
CA ASN B 126 1.77 7.43 28.48
C ASN B 126 2.25 6.03 28.95
N ILE B 127 3.35 6.00 29.72
CA ILE B 127 3.87 4.73 30.26
C ILE B 127 2.92 4.01 31.23
N ASP B 128 1.97 4.76 31.81
CA ASP B 128 0.90 4.21 32.67
C ASP B 128 0.22 2.96 32.10
N CYS B 129 0.03 2.95 30.78
CA CYS B 129 -0.67 1.86 30.11
C CYS B 129 0.29 0.86 29.46
N LEU B 130 1.57 0.99 29.78
CA LEU B 130 2.61 0.08 29.28
C LEU B 130 2.72 0.18 27.77
N VAL B 131 2.41 1.36 27.22
CA VAL B 131 2.63 1.63 25.81
C VAL B 131 4.12 1.48 25.52
N SER B 132 4.45 0.99 24.33
CA SER B 132 5.81 1.04 23.83
C SER B 132 6.38 2.43 23.99
N VAL B 133 7.63 2.49 24.42
CA VAL B 133 8.38 3.74 24.56
C VAL B 133 9.70 3.54 23.86
N GLY B 134 10.53 4.56 23.82
CA GLY B 134 11.75 4.46 23.08
C GLY B 134 12.72 5.58 23.40
N THR B 135 13.92 5.47 22.85
CA THR B 135 14.96 6.44 23.03
C THR B 135 15.30 6.88 21.63
N ILE B 136 15.28 8.20 21.38
CA ILE B 136 15.68 8.76 20.08
C ILE B 136 16.99 9.53 20.15
N PHE B 137 17.87 9.33 19.17
CA PHE B 137 19.15 10.00 19.19
C PHE B 137 19.66 10.41 17.82
N GLY B 138 20.41 11.50 17.81
CA GLY B 138 21.13 11.93 16.62
C GLY B 138 22.49 12.47 16.99
N ILE B 139 23.48 12.18 16.16
CA ILE B 139 24.86 12.55 16.45
C ILE B 139 25.44 13.46 15.35
N TYR B 140 26.00 14.60 15.76
CA TYR B 140 26.65 15.58 14.84
C TYR B 140 28.13 15.77 15.14
N ARG B 141 28.92 16.11 14.12
CA ARG B 141 30.25 16.62 14.42
C ARG B 141 30.12 18.08 14.84
N LYS B 142 30.70 18.42 15.98
CA LYS B 142 30.82 19.81 16.46
C LYS B 142 31.35 20.74 15.34
N LYS B 143 30.89 21.99 15.34
CA LYS B 143 31.08 22.88 14.18
C LYS B 143 32.49 23.41 13.96
N SER B 144 33.13 23.96 15.00
CA SER B 144 34.54 24.34 14.91
C SER B 144 35.27 24.31 16.25
N THR B 145 36.50 24.82 16.26
CA THR B 145 37.38 24.81 17.44
C THR B 145 36.85 25.61 18.63
N ASP B 146 35.99 26.58 18.34
CA ASP B 146 35.38 27.42 19.37
C ASP B 146 34.92 26.56 20.54
N GLU B 147 35.27 26.99 21.76
CA GLU B 147 34.68 26.42 22.97
C GLU B 147 33.23 26.02 22.67
N PRO B 148 32.86 24.76 22.98
CA PRO B 148 31.54 24.28 22.58
C PRO B 148 30.45 25.10 23.24
N SER B 149 29.32 25.22 22.55
CA SER B 149 28.17 25.91 23.10
C SER B 149 26.90 25.38 22.44
N GLU B 150 25.75 25.83 22.94
CA GLU B 150 24.45 25.51 22.37
C GLU B 150 24.37 25.61 20.85
N LYS B 151 25.15 26.51 20.24
CA LYS B 151 25.11 26.73 18.77
C LYS B 151 25.51 25.50 17.96
N ASP B 152 26.32 24.62 18.58
CA ASP B 152 26.84 23.43 17.92
C ASP B 152 25.74 22.43 17.63
N ALA B 153 24.65 22.58 18.38
CA ALA B 153 23.46 21.76 18.23
C ALA B 153 22.52 22.30 17.15
N LEU B 154 22.61 23.61 16.86
CA LEU B 154 21.76 24.22 15.82
C LEU B 154 22.29 23.88 14.41
N GLN B 155 22.01 22.66 13.98
CA GLN B 155 22.50 22.12 12.71
C GLN B 155 21.38 21.38 11.99
N PRO B 156 21.31 21.49 10.64
CA PRO B 156 20.30 20.74 9.94
C PRO B 156 20.60 19.24 9.94
N GLY B 157 19.55 18.43 9.81
CA GLY B 157 19.64 16.99 9.74
C GLY B 157 20.69 16.49 8.79
N ARG B 158 20.82 17.15 7.64
CA ARG B 158 21.77 16.76 6.60
C ARG B 158 23.16 16.57 7.17
N ASN B 159 23.43 17.16 8.33
CA ASN B 159 24.78 17.09 8.95
C ASN B 159 25.01 15.86 9.83
N LEU B 160 23.93 15.11 10.10
CA LEU B 160 23.99 13.96 10.99
C LEU B 160 25.01 12.97 10.52
N VAL B 161 25.85 12.53 11.46
CA VAL B 161 26.83 11.50 11.20
C VAL B 161 26.18 10.13 11.40
N ALA B 162 25.33 10.01 12.42
CA ALA B 162 24.56 8.80 12.73
C ALA B 162 23.34 9.18 13.54
N ALA B 163 22.32 8.34 13.45
CA ALA B 163 21.07 8.55 14.15
C ALA B 163 20.38 7.24 14.35
N GLY B 164 19.43 7.22 15.29
CA GLY B 164 18.54 6.08 15.38
C GLY B 164 17.72 6.11 16.63
N TYR B 165 17.31 4.94 17.08
CA TYR B 165 16.46 4.82 18.24
C TYR B 165 16.51 3.42 18.80
N ALA B 166 16.13 3.34 20.07
CA ALA B 166 15.84 2.10 20.74
C ALA B 166 14.35 2.07 21.02
N LEU B 167 13.66 1.06 20.51
CA LEU B 167 12.24 0.88 20.84
C LEU B 167 12.14 -0.18 21.91
N TYR B 168 11.50 0.14 23.03
CA TYR B 168 11.17 -0.81 24.09
C TYR B 168 9.72 -1.29 23.92
N GLY B 169 9.48 -2.10 22.90
CA GLY B 169 8.17 -2.69 22.67
C GLY B 169 8.06 -4.07 23.29
N SER B 170 7.46 -5.02 22.56
CA SER B 170 7.37 -6.41 23.04
C SER B 170 8.76 -7.01 23.27
N ALA B 171 9.71 -6.62 22.43
CA ALA B 171 11.13 -6.82 22.67
C ALA B 171 11.80 -5.49 22.50
N THR B 172 13.06 -5.41 22.91
CA THR B 172 13.87 -4.20 22.78
C THR B 172 14.75 -4.29 21.53
N MET B 173 14.60 -3.28 20.68
CA MET B 173 15.33 -3.20 19.44
C MET B 173 16.02 -1.84 19.25
N LEU B 174 17.25 -1.88 18.76
CA LEU B 174 18.01 -0.68 18.44
C LEU B 174 18.10 -0.55 16.93
N VAL B 175 17.67 0.60 16.41
CA VAL B 175 17.85 0.87 14.98
C VAL B 175 18.93 1.93 14.85
N LEU B 176 19.91 1.66 14.02
CA LEU B 176 21.01 2.57 13.87
C LEU B 176 21.20 2.87 12.40
N ALA B 177 21.07 4.15 12.05
CA ALA B 177 21.36 4.60 10.69
C ALA B 177 22.65 5.41 10.65
N MET B 178 23.42 5.19 9.59
CA MET B 178 24.69 5.86 9.32
C MET B 178 24.80 5.86 7.80
N ASP B 179 25.86 6.46 7.28
CA ASP B 179 26.21 6.38 5.85
C ASP B 179 26.04 5.02 5.19
N CYS B 180 26.46 3.96 5.88
CA CYS B 180 26.44 2.60 5.31
C CYS B 180 25.02 2.04 5.18
N GLY B 181 24.07 2.72 5.83
CA GLY B 181 22.68 2.32 5.79
C GLY B 181 22.03 2.14 7.15
N VAL B 182 20.99 1.33 7.18
CA VAL B 182 20.22 1.16 8.38
C VAL B 182 20.31 -0.30 8.80
N ASN B 183 20.60 -0.54 10.07
CA ASN B 183 20.70 -1.88 10.63
C ASN B 183 19.96 -1.99 11.97
N CYS B 184 19.28 -3.13 12.15
CA CYS B 184 18.42 -3.36 13.31
C CYS B 184 18.98 -4.46 14.18
N PHE B 185 19.20 -4.13 15.44
CA PHE B 185 19.73 -5.07 16.43
C PHE B 185 18.73 -5.36 17.51
N MET B 186 18.47 -6.64 17.75
CA MET B 186 17.58 -7.06 18.84
C MET B 186 18.39 -7.29 20.12
N LEU B 187 17.96 -6.71 21.23
CA LEU B 187 18.58 -6.99 22.51
C LEU B 187 18.20 -8.38 23.01
N ASP B 188 19.21 -9.23 23.20
CA ASP B 188 19.03 -10.54 23.81
C ASP B 188 19.31 -10.32 25.29
N PRO B 189 18.25 -10.22 26.11
CA PRO B 189 18.46 -9.90 27.54
C PRO B 189 19.09 -11.06 28.32
N ALA B 190 19.13 -12.25 27.74
CA ALA B 190 19.78 -13.34 28.45
C ALA B 190 21.27 -13.05 28.58
N ILE B 191 21.84 -12.38 27.56
CA ILE B 191 23.25 -12.09 27.57
C ILE B 191 23.61 -10.60 27.51
N GLY B 192 22.61 -9.74 27.36
CA GLY B 192 22.87 -8.28 27.33
C GLY B 192 23.66 -7.88 26.11
N GLU B 193 23.10 -8.17 24.94
CA GLU B 193 23.82 -8.02 23.70
C GLU B 193 22.85 -7.75 22.56
N PHE B 194 23.17 -6.76 21.73
CA PHE B 194 22.37 -6.42 20.57
C PHE B 194 22.77 -7.29 19.37
N ILE B 195 21.86 -8.15 18.94
CA ILE B 195 22.13 -9.09 17.85
C ILE B 195 21.61 -8.51 16.54
N LEU B 196 22.47 -8.44 15.53
CA LEU B 196 22.04 -7.93 14.25
C LEU B 196 21.06 -8.92 13.59
N VAL B 197 19.84 -8.47 13.35
CA VAL B 197 18.79 -9.34 12.81
C VAL B 197 18.29 -8.89 11.44
N ASP B 198 18.38 -7.58 11.18
CA ASP B 198 18.01 -7.00 9.89
C ASP B 198 19.12 -6.13 9.32
N LYS B 199 19.68 -6.54 8.19
CA LYS B 199 20.83 -5.88 7.58
C LYS B 199 20.43 -4.96 6.45
N ASP B 200 20.96 -3.73 6.47
CA ASP B 200 20.86 -2.78 5.35
C ASP B 200 19.42 -2.74 4.88
N VAL B 201 18.56 -2.41 5.83
CA VAL B 201 17.12 -2.47 5.68
C VAL B 201 16.69 -1.35 4.75
N LYS B 202 15.69 -1.65 3.91
CA LYS B 202 15.10 -0.65 3.06
C LYS B 202 13.59 -0.68 3.25
N ILE B 203 12.98 0.50 3.41
CA ILE B 203 11.51 0.61 3.49
C ILE B 203 10.80 0.18 2.19
N LYS B 204 9.57 -0.33 2.32
CA LYS B 204 8.71 -0.56 1.15
C LYS B 204 8.50 0.75 0.39
N LYS B 205 8.57 0.64 -0.93
CA LYS B 205 8.28 1.73 -1.86
C LYS B 205 6.93 2.38 -1.54
N LYS B 206 5.91 1.54 -1.31
CA LYS B 206 4.56 1.97 -1.01
C LYS B 206 3.96 1.03 0.03
N GLY B 207 3.32 1.60 1.06
CA GLY B 207 2.66 0.82 2.11
C GLY B 207 1.14 0.79 2.06
N LYS B 208 0.53 0.24 3.11
CA LYS B 208 -0.93 0.08 3.22
C LYS B 208 -1.47 0.55 4.57
N ILE B 209 -0.70 1.38 5.27
CA ILE B 209 -1.10 1.86 6.59
C ILE B 209 -0.76 3.33 6.71
N TYR B 210 -1.69 4.13 7.22
CA TYR B 210 -1.38 5.52 7.56
C TYR B 210 -1.54 5.73 9.04
N SER B 211 -0.73 6.64 9.59
CA SER B 211 -0.63 6.78 11.02
C SER B 211 -0.65 8.22 11.45
N LEU B 212 -1.76 8.63 12.05
CA LEU B 212 -1.85 9.96 12.66
C LEU B 212 -3.01 9.99 13.61
N ASN B 213 -3.06 11.03 14.42
CA ASN B 213 -4.13 11.19 15.40
C ASN B 213 -5.33 11.84 14.73
N GLU B 214 -6.25 11.01 14.26
CA GLU B 214 -7.42 11.47 13.52
C GLU B 214 -8.43 12.20 14.40
N GLY B 215 -8.32 11.98 15.71
CA GLY B 215 -9.11 12.70 16.69
C GLY B 215 -9.13 14.21 16.53
N TYR B 216 -8.06 14.78 15.98
CA TYR B 216 -7.98 16.22 15.78
C TYR B 216 -8.31 16.62 14.32
N ALA B 217 -9.23 15.87 13.71
CA ALA B 217 -9.69 16.11 12.35
C ALA B 217 -10.12 17.56 12.11
N LYS B 218 -10.87 18.13 13.06
CA LYS B 218 -11.31 19.53 13.05
C LYS B 218 -10.22 20.54 12.64
N ASP B 219 -9.01 20.35 13.15
CA ASP B 219 -7.94 21.33 12.94
C ASP B 219 -7.04 21.04 11.74
N PHE B 220 -7.31 19.94 11.02
CA PHE B 220 -6.45 19.58 9.89
C PHE B 220 -6.32 20.68 8.86
N ASP B 221 -5.10 20.81 8.33
CA ASP B 221 -4.86 21.52 7.09
C ASP B 221 -5.66 20.81 5.97
N PRO B 222 -6.39 21.58 5.14
CA PRO B 222 -7.19 21.03 4.03
C PRO B 222 -6.51 19.89 3.23
N ALA B 223 -5.19 19.98 3.08
CA ALA B 223 -4.40 18.97 2.38
C ALA B 223 -4.28 17.64 3.16
N VAL B 224 -4.14 17.72 4.48
CA VAL B 224 -4.16 16.52 5.32
C VAL B 224 -5.52 15.85 5.20
N THR B 225 -6.58 16.67 5.27
CA THR B 225 -7.96 16.19 5.11
C THR B 225 -8.15 15.44 3.79
N GLU B 226 -7.73 16.03 2.69
CA GLU B 226 -7.83 15.38 1.41
C GLU B 226 -6.92 14.15 1.27
N TYR B 227 -5.70 14.22 1.81
CA TYR B 227 -4.83 13.04 1.80
C TYR B 227 -5.47 11.87 2.55
N ILE B 228 -5.98 12.12 3.76
CA ILE B 228 -6.62 11.06 4.54
C ILE B 228 -7.84 10.51 3.80
N GLN B 229 -8.69 11.42 3.29
CA GLN B 229 -9.84 11.01 2.49
C GLN B 229 -9.46 10.06 1.35
N ARG B 230 -8.38 10.37 0.63
CA ARG B 230 -7.83 9.49 -0.38
C ARG B 230 -7.42 8.09 0.15
N LYS B 231 -7.01 8.03 1.42
CA LYS B 231 -6.63 6.75 2.04
C LYS B 231 -7.85 5.90 2.37
N LYS B 232 -8.93 6.54 2.84
CA LYS B 232 -10.13 5.79 3.22
C LYS B 232 -11.06 5.52 2.02
N PHE B 233 -11.05 6.40 1.04
CA PHE B 233 -11.88 6.23 -0.16
C PHE B 233 -11.04 6.48 -1.40
N PRO B 234 -10.26 5.47 -1.83
CA PRO B 234 -9.47 5.74 -3.02
C PRO B 234 -10.41 5.86 -4.24
N PRO B 235 -10.20 6.88 -5.09
CA PRO B 235 -11.04 7.02 -6.30
C PRO B 235 -10.55 6.11 -7.44
N ASP B 236 -9.67 5.16 -7.13
CA ASP B 236 -9.14 4.24 -8.12
C ASP B 236 -9.42 2.76 -7.81
N ASN B 237 -10.44 2.50 -6.99
CA ASN B 237 -10.94 1.12 -6.75
C ASN B 237 -10.02 0.20 -5.91
N SER B 238 -8.78 0.61 -5.68
CA SER B 238 -7.84 -0.14 -4.81
C SER B 238 -8.31 -0.17 -3.34
N ALA B 239 -7.68 -1.02 -2.54
CA ALA B 239 -8.07 -1.20 -1.14
C ALA B 239 -7.73 0.01 -0.27
N PRO B 240 -8.68 0.44 0.60
CA PRO B 240 -8.41 1.41 1.64
C PRO B 240 -7.19 1.00 2.45
N TYR B 241 -6.44 1.99 2.92
CA TYR B 241 -5.33 1.75 3.83
C TYR B 241 -5.89 1.44 5.22
N GLY B 242 -5.16 0.65 6.00
CA GLY B 242 -5.50 0.47 7.42
C GLY B 242 -4.97 1.66 8.19
N ALA B 243 -5.46 1.88 9.39
CA ALA B 243 -4.90 2.91 10.21
C ALA B 243 -4.28 2.31 11.45
N ARG B 244 -3.08 2.79 11.79
CA ARG B 244 -2.52 2.46 13.08
C ARG B 244 -2.01 3.75 13.69
N TYR B 245 -2.31 3.95 14.98
CA TYR B 245 -1.72 5.06 15.71
C TYR B 245 -1.56 4.74 17.18
N VAL B 246 -0.34 4.40 17.57
CA VAL B 246 -0.03 4.07 18.95
C VAL B 246 0.01 5.32 19.83
N GLY B 247 0.58 6.40 19.31
CA GLY B 247 0.68 7.66 20.07
C GLY B 247 2.06 7.80 20.70
N SER B 248 2.90 6.81 20.43
CA SER B 248 4.31 6.83 20.80
C SER B 248 5.10 6.85 19.50
N MET B 249 5.84 7.92 19.28
CA MET B 249 6.47 8.14 18.00
C MET B 249 7.42 7.01 17.56
N VAL B 250 8.28 6.54 18.47
CA VAL B 250 9.20 5.46 18.14
C VAL B 250 8.43 4.23 17.68
N ALA B 251 7.33 3.91 18.35
CA ALA B 251 6.49 2.77 17.95
C ALA B 251 5.90 2.88 16.54
N ASP B 252 5.38 4.07 16.22
CA ASP B 252 4.72 4.33 14.93
C ASP B 252 5.71 4.42 13.78
N VAL B 253 6.83 5.08 14.02
CA VAL B 253 7.88 5.16 13.05
C VAL B 253 8.47 3.76 12.82
N HIS B 254 8.70 2.99 13.87
CA HIS B 254 9.21 1.62 13.65
C HIS B 254 8.28 0.76 12.81
N ARG B 255 7.00 0.73 13.13
CA ARG B 255 6.04 0.01 12.29
C ARG B 255 6.08 0.51 10.86
N THR B 256 6.24 1.84 10.67
CA THR B 256 6.32 2.41 9.32
C THR B 256 7.55 1.88 8.55
N LEU B 257 8.69 1.80 9.23
CA LEU B 257 9.91 1.23 8.64
C LEU B 257 9.72 -0.24 8.28
N VAL B 258 9.12 -1.02 9.18
CA VAL B 258 8.99 -2.46 9.00
C VAL B 258 7.87 -2.85 8.00
N TYR B 259 6.73 -2.20 8.08
CA TYR B 259 5.59 -2.53 7.22
C TYR B 259 5.35 -1.62 6.02
N GLY B 260 5.98 -0.44 6.02
CA GLY B 260 5.76 0.55 4.98
C GLY B 260 4.55 1.38 5.32
N GLY B 261 4.33 2.44 4.55
CA GLY B 261 3.18 3.28 4.80
C GLY B 261 3.60 4.68 5.16
N ILE B 262 2.71 5.38 5.85
CA ILE B 262 2.94 6.79 6.10
C ILE B 262 2.63 7.16 7.55
N PHE B 263 3.48 8.01 8.10
CA PHE B 263 3.28 8.55 9.44
C PHE B 263 3.29 10.08 9.37
N LEU B 264 2.30 10.71 9.98
CA LEU B 264 2.17 12.18 9.91
C LEU B 264 1.98 12.81 11.28
N TYR B 265 2.70 13.90 11.54
CA TYR B 265 2.34 14.83 12.62
C TYR B 265 2.36 16.23 12.01
N PRO B 266 1.24 16.61 11.37
CA PRO B 266 1.27 17.73 10.45
C PRO B 266 1.05 19.05 11.14
N ALA B 267 1.52 20.12 10.50
CA ALA B 267 1.21 21.50 10.90
C ALA B 267 -0.27 21.85 10.69
N ASN B 268 -0.98 22.09 11.79
CA ASN B 268 -2.35 22.63 11.75
C ASN B 268 -2.35 24.11 12.12
N LYS B 269 -3.38 24.86 11.74
CA LYS B 269 -3.33 26.34 11.80
C LYS B 269 -3.00 26.92 13.19
N LYS B 270 -3.33 26.19 14.25
CA LYS B 270 -3.01 26.57 15.63
C LYS B 270 -1.57 26.20 16.03
N SER B 271 -1.06 25.09 15.49
CA SER B 271 0.34 24.69 15.64
C SER B 271 1.02 24.77 14.27
N PRO B 272 1.45 25.98 13.84
CA PRO B 272 2.01 26.10 12.48
C PRO B 272 3.33 25.34 12.30
N ASN B 273 3.96 24.93 13.39
CA ASN B 273 5.22 24.20 13.35
C ASN B 273 5.17 22.77 13.93
N GLY B 274 3.98 22.17 14.01
CA GLY B 274 3.81 20.81 14.53
C GLY B 274 3.92 20.72 16.04
N LYS B 275 3.95 19.51 16.57
CA LYS B 275 4.19 19.29 18.01
C LYS B 275 5.59 18.73 18.25
N LEU B 276 6.01 17.81 17.40
CA LEU B 276 7.22 17.07 17.63
C LEU B 276 8.44 17.98 17.55
N ARG B 277 9.53 17.54 18.16
CA ARG B 277 10.72 18.34 18.24
C ARG B 277 11.67 18.00 17.12
N LEU B 278 12.30 19.03 16.56
CA LEU B 278 13.15 18.88 15.38
C LEU B 278 14.45 18.13 15.70
N LEU B 279 15.18 18.65 16.68
CA LEU B 279 16.52 18.18 17.02
C LEU B 279 16.62 16.70 17.39
N TYR B 280 15.67 16.22 18.17
CA TYR B 280 15.77 14.88 18.77
C TYR B 280 14.54 13.99 18.64
N GLU B 281 13.62 14.34 17.74
CA GLU B 281 12.57 13.41 17.32
C GLU B 281 12.50 13.39 15.79
N CYS B 282 12.25 14.55 15.20
CA CYS B 282 12.09 14.68 13.75
C CYS B 282 13.35 14.35 12.94
N ASN B 283 14.45 15.06 13.22
CA ASN B 283 15.70 14.83 12.48
C ASN B 283 16.22 13.38 12.52
N PRO B 284 16.31 12.78 13.73
CA PRO B 284 16.80 11.40 13.77
C PRO B 284 15.92 10.42 12.98
N MET B 285 14.61 10.49 13.18
CA MET B 285 13.67 9.71 12.39
C MET B 285 13.73 9.94 10.86
N ALA B 286 13.97 11.19 10.45
CA ALA B 286 14.07 11.51 9.03
C ALA B 286 15.35 10.94 8.46
N TYR B 287 16.42 10.99 9.25
CA TYR B 287 17.69 10.43 8.84
C TYR B 287 17.57 8.90 8.63
N VAL B 288 17.02 8.18 9.61
CA VAL B 288 16.68 6.75 9.46
C VAL B 288 15.87 6.52 8.19
N MET B 289 14.75 7.22 8.06
CA MET B 289 13.90 7.08 6.88
C MET B 289 14.69 7.23 5.57
N GLU B 290 15.45 8.30 5.43
CA GLU B 290 16.14 8.50 4.14
C GLU B 290 17.23 7.47 3.92
N LYS B 291 17.95 7.13 5.00
CA LYS B 291 18.97 6.10 4.90
C LYS B 291 18.36 4.77 4.47
N ALA B 292 17.10 4.57 4.85
CA ALA B 292 16.32 3.41 4.45
C ALA B 292 15.61 3.53 3.09
N GLY B 293 15.83 4.64 2.38
CA GLY B 293 15.20 4.87 1.06
C GLY B 293 13.75 5.34 1.07
N GLY B 294 13.26 5.73 2.25
CA GLY B 294 11.97 6.40 2.36
C GLY B 294 12.17 7.90 2.33
N MET B 295 11.14 8.66 2.71
CA MET B 295 11.19 10.13 2.71
C MET B 295 10.70 10.72 4.02
N ALA B 296 11.04 12.00 4.23
CA ALA B 296 10.55 12.76 5.36
C ALA B 296 10.52 14.24 5.03
N THR B 297 9.32 14.80 5.01
CA THR B 297 9.08 16.21 4.65
C THR B 297 8.29 16.92 5.72
N THR B 298 8.39 18.24 5.76
CA THR B 298 7.50 19.07 6.60
C THR B 298 6.29 19.49 5.81
N GLY B 299 6.32 19.21 4.51
CA GLY B 299 5.31 19.69 3.56
C GLY B 299 5.87 20.71 2.59
N LYS B 300 6.66 21.64 3.14
CA LYS B 300 7.30 22.69 2.39
C LYS B 300 8.74 22.32 2.00
N GLU B 301 9.40 21.51 2.84
CA GLU B 301 10.79 21.09 2.60
C GLU B 301 11.15 19.77 3.31
N ALA B 302 12.27 19.17 2.88
CA ALA B 302 12.85 18.03 3.59
C ALA B 302 13.22 18.42 5.02
N VAL B 303 12.73 17.62 5.97
CA VAL B 303 13.00 17.79 7.40
C VAL B 303 14.49 17.99 7.68
N LEU B 304 15.32 17.29 6.92
CA LEU B 304 16.75 17.38 7.14
C LEU B 304 17.35 18.67 6.62
N ASP B 305 16.55 19.44 5.89
CA ASP B 305 17.03 20.74 5.43
C ASP B 305 16.62 21.94 6.31
N VAL B 306 15.69 21.75 7.24
CA VAL B 306 15.31 22.83 8.17
C VAL B 306 16.53 23.27 9.00
N ILE B 307 16.82 24.58 9.00
CA ILE B 307 17.90 25.12 9.84
C ILE B 307 17.29 25.66 11.13
N PRO B 308 17.79 25.18 12.27
CA PRO B 308 17.16 25.52 13.54
C PRO B 308 17.75 26.76 14.18
N THR B 309 16.95 27.43 15.01
CA THR B 309 17.40 28.61 15.77
C THR B 309 17.14 28.41 17.26
N ASP B 310 16.46 27.33 17.61
CA ASP B 310 16.19 26.95 18.99
C ASP B 310 16.27 25.41 19.19
N ILE B 311 17.06 24.97 20.17
CA ILE B 311 17.22 23.52 20.45
C ILE B 311 15.91 22.76 20.62
N HIS B 312 14.86 23.46 21.08
CA HIS B 312 13.59 22.84 21.42
C HIS B 312 12.48 23.19 20.44
N GLN B 313 12.86 23.58 19.23
CA GLN B 313 11.86 24.04 18.29
C GLN B 313 11.15 22.85 17.67
N ARG B 314 9.90 23.07 17.30
CA ARG B 314 9.08 22.05 16.73
C ARG B 314 9.18 22.03 15.21
N ALA B 315 8.72 20.91 14.63
CA ALA B 315 8.64 20.77 13.20
C ALA B 315 7.44 19.92 12.87
N PRO B 316 6.71 20.27 11.80
CA PRO B 316 5.72 19.32 11.32
C PRO B 316 6.49 18.22 10.58
N VAL B 317 5.95 17.02 10.51
CA VAL B 317 6.69 15.93 9.89
C VAL B 317 5.77 14.92 9.25
N ILE B 318 6.09 14.50 8.04
CA ILE B 318 5.37 13.43 7.36
C ILE B 318 6.45 12.53 6.81
N LEU B 319 6.46 11.26 7.21
CA LEU B 319 7.54 10.37 6.76
C LEU B 319 7.00 9.03 6.33
N GLY B 320 7.84 8.26 5.67
CA GLY B 320 7.42 6.92 5.33
C GLY B 320 7.88 6.51 3.96
N SER B 321 7.14 5.56 3.40
CA SER B 321 7.39 5.04 2.08
C SER B 321 7.39 6.16 1.03
N PRO B 322 8.38 6.17 0.12
CA PRO B 322 8.49 7.29 -0.84
C PRO B 322 7.19 7.50 -1.62
N ASP B 323 6.63 6.44 -2.21
CA ASP B 323 5.36 6.56 -2.94
C ASP B 323 4.23 7.22 -2.15
N ASP B 324 4.18 6.96 -0.84
CA ASP B 324 3.13 7.53 -0.02
C ASP B 324 3.42 9.00 0.32
N VAL B 325 4.68 9.32 0.61
CA VAL B 325 5.05 10.71 0.90
C VAL B 325 5.03 11.60 -0.35
N LEU B 326 5.37 11.04 -1.50
CA LEU B 326 5.22 11.77 -2.76
C LEU B 326 3.74 12.05 -3.09
N GLU B 327 2.89 11.05 -2.85
CA GLU B 327 1.44 11.23 -2.92
C GLU B 327 0.89 12.32 -1.97
N PHE B 328 1.33 12.32 -0.72
CA PHE B 328 0.98 13.43 0.16
C PHE B 328 1.49 14.77 -0.40
N LEU B 329 2.75 14.83 -0.81
CA LEU B 329 3.29 16.09 -1.31
C LEU B 329 2.52 16.63 -2.51
N LYS B 330 2.24 15.75 -3.47
CA LYS B 330 1.44 16.10 -4.64
C LYS B 330 0.11 16.77 -4.23
N VAL B 331 -0.57 16.24 -3.22
CA VAL B 331 -1.78 16.86 -2.71
C VAL B 331 -1.48 18.21 -2.06
N TYR B 332 -0.38 18.26 -1.30
CA TYR B 332 0.04 19.48 -0.62
C TYR B 332 0.37 20.59 -1.61
N GLU B 333 0.96 20.23 -2.75
CA GLU B 333 1.30 21.19 -3.81
C GLU B 333 0.04 21.82 -4.40
N LYS B 334 -0.96 20.98 -4.70
CA LYS B 334 -2.27 21.38 -5.21
C LYS B 334 -2.89 22.47 -4.34
N HIS B 335 -2.95 22.23 -3.03
CA HIS B 335 -3.51 23.19 -2.08
C HIS B 335 -2.59 24.39 -1.85
N SER B 336 -1.40 24.33 -2.47
CA SER B 336 -0.45 25.45 -2.60
C SER B 336 0.32 25.75 -1.32
N ALA B 337 -0.15 25.60 -0.19
N ASP C 10 6.08 -34.99 33.18
CA ASP C 10 5.38 -33.76 33.65
C ASP C 10 6.28 -32.84 34.48
N VAL C 11 6.55 -31.66 33.91
CA VAL C 11 7.32 -30.62 34.58
C VAL C 11 6.64 -30.24 35.91
N ASN C 12 7.46 -30.03 36.93
CA ASN C 12 6.98 -29.67 38.25
C ASN C 12 7.80 -28.51 38.78
N THR C 13 7.17 -27.63 39.53
CA THR C 13 7.80 -26.42 40.04
C THR C 13 7.64 -26.44 41.53
N LEU C 14 8.44 -25.65 42.23
CA LEU C 14 8.32 -25.60 43.66
C LEU C 14 6.91 -25.28 44.12
N THR C 15 6.27 -24.28 43.53
CA THR C 15 4.98 -23.86 44.00
C THR C 15 3.94 -24.94 43.74
N ARG C 16 4.05 -25.62 42.60
CA ARG C 16 3.08 -26.62 42.23
C ARG C 16 3.24 -27.87 43.11
N PHE C 17 4.49 -28.28 43.34
CA PHE C 17 4.81 -29.45 44.15
C PHE C 17 4.27 -29.31 45.58
N VAL C 18 4.43 -28.11 46.13
CA VAL C 18 4.01 -27.83 47.49
C VAL C 18 2.46 -27.80 47.59
N MET C 19 1.80 -27.21 46.62
CA MET C 19 0.34 -27.23 46.54
C MET C 19 -0.18 -28.66 46.40
N GLU C 20 0.37 -29.41 45.46
CA GLU C 20 0.00 -30.81 45.33
C GLU C 20 0.15 -31.51 46.68
N GLU C 21 1.31 -31.34 47.33
CA GLU C 21 1.57 -31.95 48.63
C GLU C 21 0.63 -31.41 49.70
N GLY C 22 0.35 -30.12 49.65
CA GLY C 22 -0.55 -29.47 50.57
C GLY C 22 -1.98 -29.97 50.48
N ARG C 23 -2.39 -30.37 49.28
CA ARG C 23 -3.76 -30.84 49.04
C ARG C 23 -3.92 -32.31 49.44
N LYS C 24 -2.95 -33.15 49.09
CA LYS C 24 -2.94 -34.54 49.56
C LYS C 24 -3.17 -34.65 51.08
N ALA C 25 -2.29 -34.05 51.86
CA ALA C 25 -2.36 -34.09 53.33
C ALA C 25 -3.51 -33.26 53.90
N ARG C 26 -4.23 -32.57 53.01
CA ARG C 26 -5.45 -31.81 53.37
C ARG C 26 -5.21 -30.70 54.42
N GLY C 27 -3.98 -30.18 54.44
CA GLY C 27 -3.59 -29.13 55.39
C GLY C 27 -4.32 -27.86 55.08
N THR C 28 -4.22 -26.89 55.99
CA THR C 28 -4.89 -25.59 55.85
C THR C 28 -4.27 -24.66 54.81
N GLY C 29 -3.06 -24.98 54.34
CA GLY C 29 -2.34 -24.15 53.39
C GLY C 29 -1.33 -23.16 53.97
N GLU C 30 -1.22 -23.09 55.29
CA GLU C 30 -0.34 -22.14 55.97
C GLU C 30 1.16 -22.37 55.69
N LEU C 31 1.57 -23.64 55.66
CA LEU C 31 2.94 -24.01 55.41
C LEU C 31 3.28 -23.72 53.94
N THR C 32 2.29 -23.94 53.06
CA THR C 32 2.44 -23.63 51.64
C THR C 32 2.68 -22.15 51.46
N GLN C 33 1.98 -21.33 52.24
CA GLN C 33 2.19 -19.88 52.19
C GLN C 33 3.53 -19.49 52.79
N LEU C 34 3.99 -20.24 53.79
CA LEU C 34 5.31 -19.99 54.35
C LEU C 34 6.38 -20.30 53.31
N LEU C 35 6.28 -21.49 52.71
CA LEU C 35 7.27 -21.95 51.78
C LEU C 35 7.33 -21.06 50.53
N ASN C 36 6.16 -20.72 49.99
CA ASN C 36 6.09 -19.83 48.80
C ASN C 36 6.76 -18.51 49.06
N SER C 37 6.64 -18.03 50.30
CA SER C 37 7.21 -16.77 50.70
C SER C 37 8.73 -16.88 50.80
N LEU C 38 9.20 -18.06 51.20
CA LEU C 38 10.63 -18.31 51.34
C LEU C 38 11.24 -18.47 49.96
N CYS C 39 10.47 -19.10 49.06
CA CYS C 39 10.86 -19.28 47.67
C CYS C 39 11.05 -17.92 46.99
N THR C 40 10.12 -17.01 47.25
CA THR C 40 10.22 -15.65 46.72
C THR C 40 11.44 -14.95 47.27
N ALA C 41 11.66 -15.06 48.58
CA ALA C 41 12.83 -14.45 49.22
C ALA C 41 14.16 -14.91 48.59
N VAL C 42 14.24 -16.21 48.30
CA VAL C 42 15.42 -16.81 47.76
C VAL C 42 15.73 -16.28 46.35
N LYS C 43 14.71 -16.15 45.52
CA LYS C 43 14.88 -15.60 44.18
C LYS C 43 15.44 -14.19 44.24
N ALA C 44 14.94 -13.41 45.19
CA ALA C 44 15.41 -12.04 45.40
C ALA C 44 16.84 -12.05 45.88
N ILE C 45 17.19 -13.02 46.72
CA ILE C 45 18.57 -13.10 47.21
C ILE C 45 19.48 -13.56 46.08
N SER C 46 19.00 -14.53 45.31
CA SER C 46 19.78 -15.05 44.20
C SER C 46 20.11 -13.91 43.28
N SER C 47 19.12 -13.07 42.98
CA SER C 47 19.34 -11.96 42.08
C SER C 47 20.35 -10.93 42.61
N ALA C 48 20.31 -10.65 43.90
CA ALA C 48 21.29 -9.76 44.52
C ALA C 48 22.68 -10.37 44.55
N VAL C 49 22.77 -11.68 44.79
CA VAL C 49 24.03 -12.38 44.88
C VAL C 49 24.74 -12.44 43.52
N ARG C 50 23.95 -12.62 42.46
CA ARG C 50 24.47 -12.55 41.10
C ARG C 50 24.73 -11.09 40.68
N LYS C 51 24.48 -10.16 41.59
CA LYS C 51 24.85 -8.75 41.40
C LYS C 51 24.10 -8.06 40.28
N ALA C 52 22.82 -8.40 40.12
CA ALA C 52 21.97 -7.70 39.16
C ALA C 52 21.78 -6.24 39.63
N GLY C 53 21.97 -5.29 38.72
CA GLY C 53 21.86 -3.87 39.10
C GLY C 53 23.10 -3.32 39.81
N ILE C 54 24.24 -4.01 39.72
CA ILE C 54 25.49 -3.53 40.34
C ILE C 54 26.02 -2.29 39.63
N ALA C 55 25.70 -2.16 38.33
CA ALA C 55 26.08 -0.99 37.56
C ALA C 55 25.57 0.34 38.17
N HIS C 56 24.42 0.30 38.82
CA HIS C 56 23.88 1.50 39.50
C HIS C 56 24.68 1.89 40.74
N LEU C 57 25.26 0.91 41.42
CA LEU C 57 26.10 1.17 42.58
C LEU C 57 27.42 1.81 42.14
N TYR C 58 27.85 1.51 40.93
CA TYR C 58 29.16 1.94 40.40
C TYR C 58 29.06 3.17 39.49
N GLY C 59 27.94 3.88 39.58
CA GLY C 59 27.75 5.16 38.93
C GLY C 59 27.34 5.20 37.46
N ILE C 60 26.49 4.27 37.02
CA ILE C 60 26.10 4.23 35.60
C ILE C 60 25.15 5.36 35.23
N ALA C 61 24.36 5.80 36.20
CA ALA C 61 23.45 6.93 36.03
C ALA C 61 23.97 8.14 36.80
N GLY C 62 25.30 8.21 36.99
CA GLY C 62 25.92 9.20 37.86
C GLY C 62 25.55 8.99 39.32
N LYS C 73 24.40 -3.66 51.94
CA LYS C 73 25.11 -4.81 52.46
C LYS C 73 24.28 -6.08 52.25
N LEU C 74 24.90 -7.09 51.67
CA LEU C 74 24.16 -8.25 51.14
C LEU C 74 23.61 -9.21 52.19
N ASP C 75 24.38 -9.52 53.22
CA ASP C 75 23.81 -10.31 54.29
C ASP C 75 22.65 -9.57 54.99
N VAL C 76 22.77 -8.26 55.14
CA VAL C 76 21.72 -7.42 55.69
C VAL C 76 20.45 -7.42 54.82
N LEU C 77 20.63 -7.30 53.50
CA LEU C 77 19.52 -7.40 52.56
C LEU C 77 18.91 -8.82 52.53
N SER C 78 19.77 -9.84 52.55
CA SER C 78 19.27 -11.23 52.57
C SER C 78 18.40 -11.47 53.82
N ASN C 79 18.86 -11.00 54.97
CA ASN C 79 18.09 -11.05 56.20
C ASN C 79 16.75 -10.30 56.11
N ASP C 80 16.76 -9.06 55.63
CA ASP C 80 15.52 -8.30 55.47
C ASP C 80 14.52 -8.95 54.54
N LEU C 81 15.01 -9.54 53.46
CA LEU C 81 14.14 -10.22 52.52
C LEU C 81 13.45 -11.40 53.19
N VAL C 82 14.23 -12.26 53.85
CA VAL C 82 13.68 -13.46 54.49
C VAL C 82 12.74 -13.07 55.62
N MET C 83 13.15 -12.15 56.48
CA MET C 83 12.30 -11.67 57.58
C MET C 83 10.98 -11.11 57.08
N ASN C 84 11.04 -10.17 56.14
CA ASN C 84 9.83 -9.49 55.66
C ASN C 84 8.89 -10.47 54.92
N MET C 85 9.45 -11.33 54.08
CA MET C 85 8.65 -12.34 53.44
C MET C 85 7.98 -13.27 54.46
N LEU C 86 8.73 -13.71 55.49
CA LEU C 86 8.19 -14.61 56.50
C LEU C 86 7.12 -13.93 57.36
N LYS C 87 7.44 -12.74 57.86
CA LYS C 87 6.46 -11.94 58.57
C LYS C 87 5.16 -11.79 57.78
N SER C 88 5.28 -11.55 56.48
CA SER C 88 4.13 -11.13 55.69
C SER C 88 3.38 -12.34 55.15
N SER C 89 3.87 -13.53 55.47
CA SER C 89 3.25 -14.72 54.96
C SER C 89 2.04 -15.09 55.80
N PHE C 90 1.96 -14.49 56.99
CA PHE C 90 1.01 -14.84 58.05
C PHE C 90 1.18 -16.25 58.61
N ALA C 91 2.28 -16.92 58.28
CA ALA C 91 2.45 -18.33 58.66
C ALA C 91 3.38 -18.56 59.85
N THR C 92 3.93 -17.48 60.40
CA THR C 92 4.99 -17.58 61.43
C THR C 92 4.73 -16.75 62.69
N CYS C 93 5.34 -17.17 63.79
CA CYS C 93 5.19 -16.44 65.06
C CYS C 93 6.55 -16.05 65.64
N VAL C 94 7.50 -16.96 65.57
CA VAL C 94 8.85 -16.69 66.06
C VAL C 94 9.90 -16.90 64.95
N LEU C 95 10.80 -15.92 64.80
CA LEU C 95 11.90 -15.96 63.79
C LEU C 95 13.29 -15.79 64.40
N VAL C 96 14.15 -16.78 64.12
CA VAL C 96 15.54 -16.71 64.52
C VAL C 96 16.47 -16.69 63.32
N SER C 97 17.38 -15.73 63.36
CA SER C 97 18.26 -15.46 62.27
C SER C 97 19.68 -15.33 62.79
N GLU C 98 20.60 -15.96 62.09
CA GLU C 98 22.01 -15.73 62.27
C GLU C 98 22.27 -14.24 62.54
N GLU C 99 21.57 -13.36 61.82
CA GLU C 99 21.84 -11.93 61.85
C GLU C 99 21.38 -11.17 63.08
N ASP C 100 20.44 -11.75 63.85
CA ASP C 100 19.82 -11.04 64.96
C ASP C 100 20.10 -11.65 66.31
N LYS C 101 20.45 -10.79 67.27
CA LYS C 101 20.82 -11.23 68.61
C LYS C 101 19.73 -12.10 69.25
N HIS C 102 18.50 -11.61 69.18
CA HIS C 102 17.36 -12.28 69.80
C HIS C 102 16.34 -12.76 68.74
N ALA C 103 15.54 -13.74 69.13
CA ALA C 103 14.44 -14.20 68.30
C ALA C 103 13.54 -13.03 68.02
N ILE C 104 13.06 -12.96 66.79
CA ILE C 104 12.08 -11.94 66.43
C ILE C 104 10.68 -12.52 66.64
N ILE C 105 9.85 -11.78 67.36
CA ILE C 105 8.47 -12.14 67.68
C ILE C 105 7.57 -11.42 66.71
N VAL C 106 6.90 -12.19 65.87
CA VAL C 106 6.05 -11.61 64.82
C VAL C 106 4.91 -10.80 65.47
N GLU C 107 4.64 -9.60 64.94
CA GLU C 107 3.58 -8.77 65.51
C GLU C 107 2.24 -9.52 65.47
N PRO C 108 1.34 -9.27 66.45
CA PRO C 108 0.20 -10.17 66.66
C PRO C 108 -0.71 -10.34 65.45
N GLU C 109 -0.98 -9.26 64.72
CA GLU C 109 -1.85 -9.31 63.55
C GLU C 109 -1.36 -10.22 62.40
N LYS C 110 -0.05 -10.51 62.38
CA LYS C 110 0.56 -11.36 61.34
C LYS C 110 0.91 -12.78 61.83
N ARG C 111 0.69 -13.04 63.12
CA ARG C 111 1.10 -14.31 63.72
C ARG C 111 0.49 -15.55 63.09
N GLY C 112 1.34 -16.58 62.95
CA GLY C 112 0.94 -17.87 62.45
C GLY C 112 1.47 -18.94 63.37
N LYS C 113 1.53 -20.17 62.89
CA LYS C 113 1.82 -21.31 63.75
C LYS C 113 3.24 -21.88 63.68
N TYR C 114 4.04 -21.38 62.75
CA TYR C 114 5.36 -21.95 62.50
C TYR C 114 6.48 -21.09 63.10
N VAL C 115 7.50 -21.77 63.56
CA VAL C 115 8.73 -21.17 64.04
C VAL C 115 9.75 -21.44 62.94
N VAL C 116 10.48 -20.38 62.55
CA VAL C 116 11.49 -20.50 61.48
C VAL C 116 12.88 -20.00 61.91
N CYS C 117 13.85 -20.89 61.77
CA CYS C 117 15.25 -20.60 62.08
C CYS C 117 15.99 -20.56 60.78
N PHE C 118 16.71 -19.49 60.53
CA PHE C 118 17.42 -19.39 59.27
C PHE C 118 18.74 -18.67 59.30
N ASP C 119 19.58 -18.99 58.32
CA ASP C 119 20.77 -18.19 58.07
C ASP C 119 20.58 -17.65 56.65
N PRO C 120 20.30 -16.35 56.55
CA PRO C 120 19.85 -15.79 55.29
C PRO C 120 20.94 -15.81 54.23
N LEU C 121 22.20 -15.67 54.62
CA LEU C 121 23.32 -15.81 53.66
C LEU C 121 24.58 -16.41 54.27
N ASP C 122 24.59 -17.74 54.37
CA ASP C 122 25.72 -18.50 54.91
C ASP C 122 26.93 -18.49 53.97
N GLY C 123 28.12 -18.30 54.56
CA GLY C 123 29.35 -18.29 53.79
C GLY C 123 29.66 -16.90 53.25
N SER C 124 28.79 -15.94 53.58
CA SER C 124 28.90 -14.56 53.08
C SER C 124 30.16 -13.80 53.52
N SER C 125 30.85 -14.31 54.54
CA SER C 125 32.05 -13.63 55.02
C SER C 125 33.20 -13.77 54.00
N ASN C 126 33.20 -14.88 53.26
CA ASN C 126 34.15 -15.13 52.16
C ASN C 126 33.64 -14.72 50.77
N ILE C 127 32.49 -14.09 50.68
CA ILE C 127 31.87 -13.79 49.38
C ILE C 127 32.71 -12.82 48.49
N ASP C 128 33.68 -12.14 49.12
CA ASP C 128 34.68 -11.29 48.43
C ASP C 128 35.41 -12.05 47.35
N CYS C 129 35.49 -13.37 47.48
CA CYS C 129 36.12 -14.21 46.48
C CYS C 129 35.11 -14.98 45.61
N LEU C 130 33.84 -14.56 45.67
CA LEU C 130 32.76 -15.18 44.89
C LEU C 130 32.60 -16.68 45.15
N VAL C 131 32.88 -17.07 46.37
CA VAL C 131 32.64 -18.43 46.82
C VAL C 131 31.12 -18.62 46.84
N SER C 132 30.68 -19.82 46.49
CA SER C 132 29.29 -20.22 46.65
C SER C 132 28.77 -19.72 47.99
N VAL C 133 27.55 -19.21 47.99
CA VAL C 133 26.84 -18.92 49.24
C VAL C 133 25.46 -19.60 49.22
N GLY C 134 24.75 -19.52 50.34
CA GLY C 134 23.50 -20.25 50.51
C GLY C 134 22.61 -19.67 51.58
N THR C 135 21.37 -20.13 51.58
CA THR C 135 20.40 -19.73 52.56
C THR C 135 19.90 -21.02 53.22
N ILE C 136 19.91 -21.08 54.54
CA ILE C 136 19.56 -22.36 55.22
C ILE C 136 18.37 -22.08 56.09
N PHE C 137 17.42 -22.98 56.12
CA PHE C 137 16.23 -22.80 56.96
C PHE C 137 15.77 -24.09 57.60
N GLY C 138 15.21 -23.97 58.81
CA GLY C 138 14.48 -25.04 59.45
C GLY C 138 13.16 -24.51 59.97
N ILE C 139 12.10 -25.29 59.78
CA ILE C 139 10.72 -24.89 60.12
C ILE C 139 10.12 -25.85 61.14
N TYR C 140 9.67 -25.30 62.26
CA TYR C 140 8.96 -26.05 63.30
C TYR C 140 7.54 -25.57 63.47
N ARG C 141 6.66 -26.47 63.90
CA ARG C 141 5.36 -26.06 64.42
C ARG C 141 5.62 -25.64 65.85
N LYS C 142 5.08 -24.49 66.24
CA LYS C 142 5.10 -24.02 67.62
C LYS C 142 4.39 -25.02 68.50
N LYS C 143 5.06 -25.42 69.57
CA LYS C 143 4.66 -26.59 70.35
C LYS C 143 3.93 -26.19 71.62
N SER C 144 4.42 -25.13 72.28
CA SER C 144 3.85 -24.60 73.49
C SER C 144 2.62 -23.76 73.19
N THR C 145 1.75 -23.59 74.19
CA THR C 145 0.58 -22.71 74.08
C THR C 145 0.83 -21.35 74.74
N ASP C 146 2.04 -21.12 75.24
CA ASP C 146 2.43 -19.83 75.83
C ASP C 146 2.42 -18.72 74.79
N GLU C 147 2.42 -17.46 75.22
CA GLU C 147 2.64 -16.36 74.30
C GLU C 147 3.97 -16.63 73.54
N PRO C 148 4.05 -16.25 72.25
CA PRO C 148 5.26 -16.64 71.51
C PRO C 148 6.52 -15.94 72.00
N SER C 149 7.56 -16.72 72.16
CA SER C 149 8.85 -16.21 72.61
C SER C 149 10.01 -17.08 72.09
N GLU C 150 11.21 -16.66 72.46
CA GLU C 150 12.47 -17.30 72.06
C GLU C 150 12.49 -18.79 72.34
N LYS C 151 11.98 -19.18 73.51
CA LYS C 151 11.81 -20.57 73.91
C LYS C 151 11.21 -21.41 72.79
N ASP C 152 10.30 -20.81 72.01
CA ASP C 152 9.64 -21.53 70.93
C ASP C 152 10.59 -22.07 69.87
N ALA C 153 11.74 -21.41 69.72
CA ALA C 153 12.73 -21.83 68.73
C ALA C 153 13.73 -22.88 69.25
N LEU C 154 13.54 -23.32 70.50
CA LEU C 154 14.52 -24.15 71.20
C LEU C 154 14.21 -25.64 71.16
N GLN C 155 13.58 -26.10 70.08
CA GLN C 155 13.19 -27.50 70.00
C GLN C 155 14.29 -28.33 69.38
N PRO C 156 14.37 -29.63 69.73
CA PRO C 156 15.38 -30.43 69.04
C PRO C 156 15.00 -30.60 67.57
N GLY C 157 16.01 -30.82 66.71
CA GLY C 157 15.78 -30.94 65.28
C GLY C 157 14.82 -32.06 64.89
N ARG C 158 14.67 -33.08 65.76
CA ARG C 158 13.69 -34.15 65.57
C ARG C 158 12.29 -33.59 65.29
N ASN C 159 12.02 -32.40 65.84
CA ASN C 159 10.70 -31.77 65.73
C ASN C 159 10.46 -31.09 64.38
N LEU C 160 11.51 -30.86 63.60
CA LEU C 160 11.37 -30.16 62.32
C LEU C 160 10.21 -30.65 61.48
N VAL C 161 9.49 -29.74 60.88
CA VAL C 161 8.48 -30.14 59.90
C VAL C 161 9.06 -30.13 58.46
N ALA C 162 9.86 -29.11 58.15
CA ALA C 162 10.54 -29.01 56.87
C ALA C 162 11.86 -28.25 57.08
N ALA C 163 12.84 -28.56 56.25
CA ALA C 163 14.10 -27.84 56.26
C ALA C 163 14.76 -27.92 54.90
N GLY C 164 15.80 -27.12 54.73
CA GLY C 164 16.60 -27.20 53.51
C GLY C 164 17.38 -25.94 53.26
N TYR C 165 17.76 -25.73 52.00
CA TYR C 165 18.68 -24.67 51.69
C TYR C 165 18.55 -24.27 50.22
N ALA C 166 18.95 -23.03 49.94
CA ALA C 166 19.24 -22.62 48.58
C ALA C 166 20.74 -22.44 48.46
N LEU C 167 21.28 -22.91 47.34
CA LEU C 167 22.68 -22.84 47.08
C LEU C 167 22.80 -21.93 45.89
N TYR C 168 23.50 -20.82 46.08
CA TYR C 168 23.81 -19.88 45.01
C TYR C 168 25.17 -20.23 44.53
N GLY C 169 25.25 -21.33 43.79
CA GLY C 169 26.49 -21.77 43.17
C GLY C 169 26.62 -21.28 41.74
N SER C 170 27.16 -22.15 40.88
CA SER C 170 27.19 -21.85 39.44
C SER C 170 25.76 -21.72 38.91
N ALA C 171 24.83 -22.45 39.49
CA ALA C 171 23.40 -22.13 39.38
C ALA C 171 22.81 -22.15 40.77
N THR C 172 21.55 -21.79 40.86
CA THR C 172 20.88 -21.65 42.12
C THR C 172 19.95 -22.85 42.28
N MET C 173 20.18 -23.65 43.31
CA MET C 173 19.29 -24.74 43.56
C MET C 173 18.68 -24.65 44.92
N LEU C 174 17.40 -24.96 44.99
CA LEU C 174 16.71 -25.09 46.25
C LEU C 174 16.54 -26.58 46.58
N VAL C 175 16.98 -26.95 47.78
CA VAL C 175 16.81 -28.30 48.23
C VAL C 175 15.77 -28.29 49.37
N LEU C 176 14.67 -29.03 49.20
CA LEU C 176 13.61 -29.06 50.20
C LEU C 176 13.44 -30.46 50.78
N ALA C 177 13.49 -30.55 52.10
CA ALA C 177 13.27 -31.83 52.78
C ALA C 177 12.03 -31.77 53.68
N MET C 178 11.14 -32.74 53.53
CA MET C 178 9.98 -32.88 54.40
C MET C 178 9.76 -34.36 54.68
N ASP C 179 8.67 -34.72 55.36
CA ASP C 179 8.29 -36.14 55.58
C ASP C 179 8.47 -37.03 54.35
N CYS C 180 7.98 -36.54 53.20
CA CYS C 180 8.01 -37.26 51.93
C CYS C 180 9.41 -37.47 51.33
N GLY C 181 10.45 -36.94 51.99
CA GLY C 181 11.83 -37.05 51.51
C GLY C 181 12.41 -35.75 50.95
N VAL C 182 13.53 -35.87 50.23
CA VAL C 182 14.31 -34.71 49.77
C VAL C 182 14.11 -34.53 48.27
N ASN C 183 13.82 -33.29 47.87
CA ASN C 183 13.63 -32.92 46.46
C ASN C 183 14.44 -31.67 46.08
N CYS C 184 15.00 -31.68 44.87
CA CYS C 184 15.88 -30.63 44.39
C CYS C 184 15.30 -29.81 43.25
N PHE C 185 15.27 -28.49 43.43
CA PHE C 185 14.65 -27.59 42.46
C PHE C 185 15.73 -26.64 41.95
N MET C 186 15.87 -26.55 40.63
CA MET C 186 16.82 -25.62 39.99
C MET C 186 16.10 -24.34 39.63
N LEU C 187 16.67 -23.18 39.97
CA LEU C 187 16.07 -21.93 39.59
C LEU C 187 16.36 -21.65 38.13
N ASP C 188 15.29 -21.58 37.33
CA ASP C 188 15.40 -21.09 35.98
C ASP C 188 15.19 -19.58 36.07
N PRO C 189 16.28 -18.79 35.98
CA PRO C 189 16.17 -17.33 36.15
C PRO C 189 15.62 -16.60 34.94
N ALA C 190 15.42 -17.30 33.84
CA ALA C 190 14.73 -16.69 32.70
C ALA C 190 13.27 -16.44 33.08
N ILE C 191 12.70 -17.30 33.92
CA ILE C 191 11.27 -17.22 34.31
C ILE C 191 11.01 -17.18 35.81
N GLY C 192 12.06 -17.28 36.61
CA GLY C 192 11.91 -17.15 38.06
C GLY C 192 11.03 -18.25 38.61
N GLU C 193 11.38 -19.47 38.24
CA GLU C 193 10.64 -20.63 38.72
C GLU C 193 11.65 -21.72 39.07
N PHE C 194 11.44 -22.34 40.23
CA PHE C 194 12.27 -23.43 40.63
C PHE C 194 11.65 -24.64 40.02
N ILE C 195 12.45 -25.33 39.22
CA ILE C 195 12.01 -26.50 38.47
C ILE C 195 12.50 -27.74 39.20
N LEU C 196 11.60 -28.68 39.50
CA LEU C 196 12.03 -29.91 40.15
C LEU C 196 12.91 -30.73 39.22
N VAL C 197 14.16 -30.99 39.63
CA VAL C 197 15.11 -31.70 38.78
C VAL C 197 15.61 -33.03 39.35
N ASP C 198 15.54 -33.20 40.66
CA ASP C 198 15.87 -34.51 41.25
C ASP C 198 14.86 -34.87 42.32
N LYS C 199 14.14 -35.97 42.10
CA LYS C 199 13.03 -36.37 42.97
C LYS C 199 13.47 -37.42 43.98
N ASP C 200 13.00 -37.27 45.22
CA ASP C 200 13.18 -38.29 46.24
C ASP C 200 14.66 -38.72 46.33
N VAL C 201 15.51 -37.74 46.63
CA VAL C 201 16.94 -37.89 46.58
C VAL C 201 17.47 -38.78 47.72
N LYS C 202 18.36 -39.70 47.35
CA LYS C 202 19.06 -40.54 48.31
C LYS C 202 20.57 -40.39 48.13
N ILE C 203 21.26 -40.23 49.25
CA ILE C 203 22.72 -40.15 49.29
C ILE C 203 23.30 -41.56 49.07
N LYS C 204 24.49 -41.64 48.48
CA LYS C 204 25.22 -42.93 48.33
C LYS C 204 25.46 -43.56 49.69
N LYS C 205 25.47 -44.89 49.73
CA LYS C 205 25.71 -45.62 50.97
C LYS C 205 27.12 -45.34 51.51
N LYS C 206 28.07 -45.21 50.59
CA LYS C 206 29.45 -44.91 50.94
C LYS C 206 30.01 -43.97 49.88
N GLY C 207 30.72 -42.93 50.31
CA GLY C 207 31.35 -42.01 49.37
C GLY C 207 32.85 -42.17 49.20
N LYS C 208 33.46 -41.23 48.48
CA LYS C 208 34.89 -41.27 48.21
C LYS C 208 35.57 -39.92 48.43
N ILE C 209 34.91 -39.03 49.16
CA ILE C 209 35.45 -37.69 49.42
C ILE C 209 35.26 -37.33 50.87
N TYR C 210 36.26 -36.66 51.47
CA TYR C 210 36.04 -36.13 52.79
C TYR C 210 36.24 -34.62 52.85
N SER C 211 35.49 -33.99 53.72
CA SER C 211 35.47 -32.57 53.74
C SER C 211 35.68 -32.03 55.12
N LEU C 212 36.83 -31.40 55.36
CA LEU C 212 37.03 -30.61 56.56
C LEU C 212 38.20 -29.65 56.36
N ASN C 213 38.29 -28.63 57.22
CA ASN C 213 39.42 -27.73 57.24
C ASN C 213 40.58 -28.39 57.99
N GLU C 214 41.51 -28.99 57.25
CA GLU C 214 42.65 -29.69 57.87
C GLU C 214 43.68 -28.75 58.51
N GLY C 215 43.47 -27.43 58.37
CA GLY C 215 44.41 -26.44 58.90
C GLY C 215 44.35 -26.42 60.41
N TYR C 216 43.38 -27.17 60.94
CA TYR C 216 43.19 -27.26 62.37
C TYR C 216 43.71 -28.60 62.88
N ALA C 217 44.50 -29.27 62.05
CA ALA C 217 45.09 -30.56 62.42
C ALA C 217 45.76 -30.54 63.81
N LYS C 218 46.34 -29.41 64.20
CA LYS C 218 46.99 -29.29 65.52
C LYS C 218 45.99 -29.42 66.69
N ASP C 219 44.73 -29.00 66.46
CA ASP C 219 43.68 -29.04 67.49
C ASP C 219 42.76 -30.26 67.46
N PHE C 220 42.85 -31.09 66.43
CA PHE C 220 41.96 -32.26 66.31
C PHE C 220 42.12 -33.20 67.48
N ASP C 221 41.01 -33.71 67.99
CA ASP C 221 41.08 -34.79 68.98
C ASP C 221 41.48 -36.09 68.27
N PRO C 222 41.98 -37.08 69.04
CA PRO C 222 42.61 -38.25 68.41
C PRO C 222 41.70 -39.06 67.46
N ALA C 223 40.41 -39.05 67.72
CA ALA C 223 39.47 -39.79 66.88
C ALA C 223 39.42 -39.22 65.46
N VAL C 224 39.20 -37.90 65.35
CA VAL C 224 39.26 -37.21 64.07
C VAL C 224 40.58 -37.43 63.33
N THR C 225 41.69 -37.20 64.04
CA THR C 225 43.02 -37.40 63.50
C THR C 225 43.13 -38.80 62.91
N GLU C 226 42.68 -39.81 63.63
CA GLU C 226 42.80 -41.20 63.15
C GLU C 226 41.91 -41.41 61.94
N TYR C 227 40.69 -40.89 61.99
CA TYR C 227 39.75 -41.09 60.90
C TYR C 227 40.33 -40.58 59.60
N ILE C 228 40.87 -39.36 59.65
CA ILE C 228 41.41 -38.72 58.47
C ILE C 228 42.61 -39.50 57.92
N GLN C 229 43.48 -39.97 58.81
CA GLN C 229 44.60 -40.82 58.43
C GLN C 229 44.12 -41.99 57.57
N ARG C 230 43.08 -42.69 58.04
CA ARG C 230 42.48 -43.78 57.30
C ARG C 230 42.02 -43.37 55.92
N LYS C 231 41.51 -42.15 55.78
CA LYS C 231 41.03 -41.71 54.48
C LYS C 231 42.19 -41.57 53.52
N LYS C 232 43.33 -41.10 54.04
CA LYS C 232 44.53 -40.94 53.23
C LYS C 232 45.33 -42.23 53.04
N PHE C 233 45.37 -43.06 54.09
CA PHE C 233 46.20 -44.28 54.10
C PHE C 233 45.35 -45.47 54.50
N PRO C 234 44.44 -45.90 53.62
CA PRO C 234 43.48 -46.89 54.05
C PRO C 234 44.20 -48.18 54.46
N PRO C 235 43.72 -48.83 55.55
CA PRO C 235 44.38 -50.01 56.07
C PRO C 235 43.98 -51.28 55.33
N ASP C 236 43.24 -51.14 54.23
CA ASP C 236 42.79 -52.29 53.44
C ASP C 236 43.24 -52.21 51.98
N ASN C 237 44.11 -51.25 51.68
CA ASN C 237 44.45 -50.89 50.31
C ASN C 237 43.26 -50.73 49.33
N SER C 238 42.24 -50.00 49.78
CA SER C 238 41.28 -49.37 48.86
C SER C 238 41.86 -48.00 48.48
N ALA C 239 41.27 -47.36 47.47
CA ALA C 239 41.74 -46.04 47.02
C ALA C 239 41.54 -45.00 48.13
N PRO C 240 42.55 -44.16 48.36
CA PRO C 240 42.42 -43.08 49.33
C PRO C 240 41.33 -42.11 48.85
N TYR C 241 40.61 -41.50 49.80
CA TYR C 241 39.55 -40.55 49.49
C TYR C 241 40.16 -39.28 48.92
N GLY C 242 39.41 -38.59 48.06
CA GLY C 242 39.75 -37.23 47.66
C GLY C 242 39.30 -36.24 48.71
N ALA C 243 39.97 -35.11 48.82
CA ALA C 243 39.56 -34.12 49.78
C ALA C 243 38.99 -32.85 49.09
N ARG C 244 37.86 -32.34 49.59
CA ARG C 244 37.33 -31.06 49.11
C ARG C 244 36.83 -30.26 50.29
N TYR C 245 37.06 -28.95 50.27
CA TYR C 245 36.56 -28.07 51.31
C TYR C 245 36.47 -26.64 50.79
N VAL C 246 35.26 -26.27 50.37
CA VAL C 246 35.02 -24.96 49.79
C VAL C 246 35.12 -23.96 50.91
N GLY C 247 34.76 -24.40 52.12
CA GLY C 247 34.74 -23.51 53.27
C GLY C 247 33.42 -22.80 53.41
N SER C 248 32.45 -23.18 52.59
CA SER C 248 31.09 -22.63 52.72
C SER C 248 30.14 -23.81 52.88
N MET C 249 29.43 -23.86 54.02
CA MET C 249 28.74 -25.10 54.44
C MET C 249 27.75 -25.63 53.42
N VAL C 250 26.93 -24.75 52.88
CA VAL C 250 25.93 -25.18 51.91
C VAL C 250 26.56 -25.91 50.73
N ALA C 251 27.65 -25.35 50.20
CA ALA C 251 28.36 -25.96 49.08
C ALA C 251 28.96 -27.32 49.49
N ASP C 252 29.62 -27.37 50.65
CA ASP C 252 30.21 -28.61 51.12
C ASP C 252 29.16 -29.67 51.36
N VAL C 253 28.08 -29.30 52.05
CA VAL C 253 26.96 -30.22 52.25
C VAL C 253 26.24 -30.62 50.94
N HIS C 254 25.89 -29.65 50.11
CA HIS C 254 25.32 -30.06 48.82
C HIS C 254 26.17 -31.09 48.03
N ARG C 255 27.48 -30.88 47.95
CA ARG C 255 28.36 -31.82 47.26
C ARG C 255 28.29 -33.17 47.96
N THR C 256 28.30 -33.13 49.30
CA THR C 256 28.20 -34.34 50.09
C THR C 256 26.89 -35.03 49.71
N LEU C 257 25.81 -34.28 49.58
CA LEU C 257 24.51 -34.85 49.18
C LEU C 257 24.55 -35.50 47.80
N VAL C 258 25.03 -34.73 46.83
CA VAL C 258 25.09 -35.11 45.42
C VAL C 258 26.10 -36.21 45.14
N TYR C 259 27.25 -36.18 45.81
CA TYR C 259 28.31 -37.14 45.48
C TYR C 259 28.58 -38.22 46.52
N GLY C 260 28.03 -38.04 47.73
CA GLY C 260 28.39 -38.86 48.88
C GLY C 260 29.71 -38.48 49.53
N GLY C 261 30.01 -39.15 50.64
CA GLY C 261 31.24 -38.93 51.40
C GLY C 261 30.85 -38.37 52.74
N ILE C 262 31.69 -37.49 53.27
CA ILE C 262 31.56 -37.04 54.65
C ILE C 262 32.01 -35.60 54.80
N PHE C 263 31.30 -34.83 55.62
CA PHE C 263 31.67 -33.43 55.92
C PHE C 263 31.87 -33.27 57.42
N LEU C 264 33.03 -32.79 57.83
CA LEU C 264 33.30 -32.62 59.24
C LEU C 264 33.57 -31.19 59.63
N TYR C 265 32.97 -30.77 60.74
CA TYR C 265 33.40 -29.57 61.43
C TYR C 265 33.45 -29.80 62.93
N PRO C 266 34.52 -30.52 63.38
CA PRO C 266 34.70 -30.85 64.81
C PRO C 266 35.02 -29.62 65.64
N ALA C 267 34.98 -29.77 66.96
CA ALA C 267 35.40 -28.69 67.83
C ALA C 267 36.92 -28.51 67.77
N ASN C 268 37.37 -27.30 68.11
CA ASN C 268 38.80 -26.96 68.23
C ASN C 268 39.04 -25.88 69.30
N LYS C 269 40.31 -25.51 69.52
CA LYS C 269 40.68 -24.59 70.60
C LYS C 269 39.97 -23.25 70.51
N LYS C 270 39.65 -22.80 69.29
CA LYS C 270 38.89 -21.56 69.13
C LYS C 270 37.40 -21.79 69.35
N SER C 271 36.97 -23.03 69.18
CA SER C 271 35.56 -23.41 69.20
C SER C 271 35.32 -24.67 70.02
N PRO C 272 35.45 -24.58 71.36
CA PRO C 272 35.35 -25.81 72.20
C PRO C 272 33.97 -26.48 72.10
N ASN C 273 32.94 -25.67 71.86
CA ASN C 273 31.57 -26.19 71.62
C ASN C 273 31.26 -26.45 70.15
N GLY C 274 32.28 -26.34 69.29
CA GLY C 274 32.09 -26.48 67.85
C GLY C 274 31.93 -25.12 67.23
N LYS C 275 31.86 -25.09 65.91
CA LYS C 275 31.82 -23.82 65.19
C LYS C 275 30.45 -23.56 64.58
N LEU C 276 29.86 -24.58 63.95
CA LEU C 276 28.61 -24.37 63.25
C LEU C 276 27.41 -24.21 64.21
N ARG C 277 26.49 -23.31 63.87
CA ARG C 277 25.31 -23.04 64.72
C ARG C 277 24.32 -24.17 64.64
N LEU C 278 23.83 -24.63 65.79
CA LEU C 278 22.92 -25.78 65.83
C LEU C 278 21.57 -25.48 65.19
N LEU C 279 21.03 -24.29 65.46
CA LEU C 279 19.61 -24.01 65.16
C LEU C 279 19.28 -23.90 63.68
N TYR C 280 20.17 -23.23 62.95
CA TYR C 280 19.91 -22.86 61.58
C TYR C 280 21.06 -23.24 60.63
N GLU C 281 22.06 -23.96 61.14
CA GLU C 281 23.08 -24.53 60.28
C GLU C 281 23.07 -26.04 60.43
N CYS C 282 23.32 -26.53 61.65
CA CYS C 282 23.41 -27.98 61.86
C CYS C 282 22.06 -28.71 61.79
N ASN C 283 20.99 -28.16 62.41
CA ASN C 283 19.71 -28.92 62.37
C ASN C 283 19.17 -29.09 60.92
N PRO C 284 18.97 -27.97 60.19
CA PRO C 284 18.46 -28.11 58.82
C PRO C 284 19.27 -29.11 57.97
N MET C 285 20.59 -29.04 58.05
CA MET C 285 21.41 -29.93 57.24
C MET C 285 21.29 -31.37 57.67
N ALA C 286 21.19 -31.59 58.98
CA ALA C 286 21.02 -32.93 59.58
C ALA C 286 19.72 -33.56 59.13
N TYR C 287 18.69 -32.74 59.12
CA TYR C 287 17.37 -33.14 58.68
C TYR C 287 17.39 -33.58 57.23
N VAL C 288 17.85 -32.67 56.33
CA VAL C 288 18.07 -33.06 54.93
C VAL C 288 18.87 -34.38 54.86
N MET C 289 20.00 -34.45 55.56
CA MET C 289 20.84 -35.67 55.50
C MET C 289 20.04 -36.89 55.88
N GLU C 290 19.31 -36.81 56.99
CA GLU C 290 18.55 -37.97 57.47
C GLU C 290 17.44 -38.36 56.52
N LYS C 291 16.71 -37.38 56.00
CA LYS C 291 15.66 -37.67 55.03
C LYS C 291 16.20 -38.27 53.75
N ALA C 292 17.43 -37.91 53.38
CA ALA C 292 18.03 -38.51 52.18
C ALA C 292 18.76 -39.83 52.47
N GLY C 293 18.63 -40.34 53.68
CA GLY C 293 19.23 -41.65 54.03
C GLY C 293 20.67 -41.57 54.51
N GLY C 294 21.06 -40.40 55.01
CA GLY C 294 22.39 -40.22 55.56
C GLY C 294 22.34 -39.97 57.05
N MET C 295 23.47 -39.57 57.60
CA MET C 295 23.57 -39.40 59.04
C MET C 295 24.21 -38.05 59.37
N ALA C 296 23.90 -37.54 60.56
CA ALA C 296 24.55 -36.39 61.07
C ALA C 296 24.73 -36.59 62.58
N THR C 297 25.97 -36.58 63.03
CA THR C 297 26.28 -36.70 64.45
C THR C 297 27.19 -35.59 64.98
N THR C 298 27.17 -35.43 66.30
CA THR C 298 28.11 -34.57 67.01
C THR C 298 29.27 -35.41 67.52
N GLY C 299 29.24 -36.71 67.26
CA GLY C 299 30.17 -37.65 67.89
C GLY C 299 29.51 -38.34 69.08
N LYS C 300 28.85 -37.55 69.93
CA LYS C 300 28.15 -38.05 71.13
C LYS C 300 26.76 -38.60 70.83
N GLU C 301 26.05 -37.95 69.92
CA GLU C 301 24.61 -38.19 69.67
C GLU C 301 24.21 -37.66 68.30
N ALA C 302 23.02 -37.99 67.82
CA ALA C 302 22.52 -37.42 66.59
C ALA C 302 22.34 -35.92 66.82
N VAL C 303 22.70 -35.12 65.80
CA VAL C 303 22.53 -33.67 65.85
C VAL C 303 21.08 -33.32 66.15
N LEU C 304 20.18 -34.06 65.52
CA LEU C 304 18.74 -33.79 65.64
C LEU C 304 18.19 -33.99 67.06
N ASP C 305 18.86 -34.84 67.86
CA ASP C 305 18.40 -35.16 69.23
C ASP C 305 18.95 -34.19 70.27
N VAL C 306 19.87 -33.32 69.86
CA VAL C 306 20.42 -32.35 70.81
C VAL C 306 19.32 -31.38 71.17
N ILE C 307 19.17 -31.10 72.47
CA ILE C 307 18.12 -30.21 72.92
C ILE C 307 18.72 -28.82 73.20
N PRO C 308 18.44 -27.84 72.32
CA PRO C 308 19.04 -26.52 72.48
C PRO C 308 18.66 -25.76 73.76
N THR C 309 19.59 -24.93 74.26
CA THR C 309 19.31 -24.04 75.38
C THR C 309 19.48 -22.58 74.99
N ASP C 310 20.25 -22.33 73.92
CA ASP C 310 20.47 -20.97 73.40
C ASP C 310 20.34 -20.92 71.87
N ILE C 311 19.78 -19.83 71.35
CA ILE C 311 19.42 -19.81 69.93
C ILE C 311 20.66 -19.74 69.04
N HIS C 312 21.77 -19.24 69.59
CA HIS C 312 23.01 -19.13 68.82
C HIS C 312 24.06 -20.14 69.21
N GLN C 313 23.66 -21.18 69.93
CA GLN C 313 24.63 -22.14 70.41
C GLN C 313 25.21 -22.94 69.25
N ARG C 314 26.41 -23.45 69.45
CA ARG C 314 27.14 -24.13 68.40
C ARG C 314 27.21 -25.61 68.69
N ALA C 315 27.51 -26.40 67.67
CA ALA C 315 27.65 -27.84 67.81
C ALA C 315 28.73 -28.38 66.88
N PRO C 316 29.44 -29.45 67.31
CA PRO C 316 30.29 -30.11 66.34
C PRO C 316 29.41 -30.94 65.44
N VAL C 317 29.82 -31.15 64.20
CA VAL C 317 28.99 -31.88 63.29
C VAL C 317 29.83 -32.71 62.36
N ILE C 318 29.42 -33.95 62.17
CA ILE C 318 30.03 -34.84 61.23
C ILE C 318 28.81 -35.39 60.51
N LEU C 319 28.74 -35.26 59.18
CA LEU C 319 27.56 -35.71 58.44
C LEU C 319 27.88 -36.24 57.07
N GLY C 320 26.94 -36.94 56.47
CA GLY C 320 27.15 -37.52 55.14
C GLY C 320 26.64 -38.95 54.92
N SER C 321 27.32 -39.65 54.03
CA SER C 321 26.98 -41.03 53.76
C SER C 321 26.95 -41.86 55.05
N PRO C 322 26.02 -42.83 55.14
CA PRO C 322 25.87 -43.61 56.37
C PRO C 322 27.11 -44.44 56.71
N ASP C 323 27.61 -45.22 55.74
CA ASP C 323 28.85 -45.98 55.92
C ASP C 323 30.09 -45.14 56.27
N ASP C 324 30.07 -43.86 55.91
CA ASP C 324 31.16 -42.93 56.27
C ASP C 324 31.03 -42.43 57.69
N VAL C 325 29.83 -42.02 58.07
CA VAL C 325 29.59 -41.56 59.43
C VAL C 325 29.69 -42.73 60.41
N LEU C 326 29.16 -43.90 60.03
CA LEU C 326 29.39 -45.12 60.81
C LEU C 326 30.87 -45.43 61.06
N GLU C 327 31.68 -45.43 60.01
CA GLU C 327 33.13 -45.58 60.16
C GLU C 327 33.73 -44.53 61.07
N PHE C 328 33.23 -43.29 61.00
CA PHE C 328 33.76 -42.28 61.89
C PHE C 328 33.38 -42.54 63.35
N LEU C 329 32.12 -42.96 63.55
CA LEU C 329 31.61 -43.22 64.88
C LEU C 329 32.32 -44.40 65.56
N LYS C 330 32.66 -45.43 64.78
CA LYS C 330 33.51 -46.51 65.27
C LYS C 330 34.80 -45.96 65.88
N VAL C 331 35.51 -45.14 65.12
CA VAL C 331 36.75 -44.54 65.61
C VAL C 331 36.56 -43.66 66.86
N TYR C 332 35.41 -42.98 66.95
CA TYR C 332 35.05 -42.18 68.13
C TYR C 332 34.87 -43.08 69.36
N GLU C 333 34.31 -44.27 69.12
CA GLU C 333 34.09 -45.27 70.15
C GLU C 333 35.43 -45.76 70.70
N LYS C 334 36.36 -46.03 69.80
CA LYS C 334 37.66 -46.60 70.11
C LYS C 334 38.50 -45.67 71.00
N HIS C 335 38.17 -44.38 70.98
CA HIS C 335 38.84 -43.39 71.83
C HIS C 335 37.91 -42.92 72.95
N SER C 336 37.03 -43.84 73.39
CA SER C 336 36.02 -43.58 74.43
C SER C 336 34.91 -42.70 73.89
N ALA C 337 34.97 -41.46 73.97
N ASP D 10 34.27 7.72 37.67
CA ASP D 10 33.63 7.35 36.37
C ASP D 10 33.37 5.85 36.26
N VAL D 11 32.13 5.48 35.93
CA VAL D 11 31.76 4.08 35.69
C VAL D 11 32.55 3.54 34.51
N ASN D 12 33.10 2.34 34.68
CA ASN D 12 33.88 1.73 33.62
C ASN D 12 33.46 0.30 33.34
N THR D 13 33.44 -0.07 32.06
CA THR D 13 33.05 -1.39 31.63
C THR D 13 34.23 -2.05 30.95
N LEU D 14 34.11 -3.35 30.67
CA LEU D 14 35.19 -4.00 29.95
C LEU D 14 35.39 -3.42 28.54
N THR D 15 34.30 -3.17 27.83
CA THR D 15 34.39 -2.67 26.48
C THR D 15 35.03 -1.28 26.45
N ARG D 16 34.65 -0.45 27.41
CA ARG D 16 35.10 0.94 27.39
C ARG D 16 36.56 0.94 27.85
N PHE D 17 36.88 0.09 28.82
CA PHE D 17 38.25 -0.11 29.29
C PHE D 17 39.21 -0.49 28.16
N VAL D 18 38.80 -1.49 27.41
CA VAL D 18 39.63 -2.05 26.38
C VAL D 18 39.80 -1.04 25.22
N MET D 19 38.73 -0.35 24.84
CA MET D 19 38.83 0.66 23.79
C MET D 19 39.72 1.82 24.24
N GLU D 20 39.70 2.11 25.54
CA GLU D 20 40.55 3.13 26.14
C GLU D 20 42.02 2.69 26.10
N GLU D 21 42.32 1.50 26.60
CA GLU D 21 43.69 1.03 26.57
C GLU D 21 44.19 0.88 25.13
N GLY D 22 43.27 0.60 24.22
CA GLY D 22 43.59 0.41 22.82
C GLY D 22 43.90 1.69 22.06
N ARG D 23 43.22 2.78 22.40
CA ARG D 23 43.47 4.06 21.75
C ARG D 23 44.73 4.68 22.30
N LYS D 24 44.98 4.54 23.60
CA LYS D 24 46.27 4.90 24.20
C LYS D 24 47.45 4.29 23.45
N ALA D 25 47.37 2.99 23.17
CA ALA D 25 48.48 2.26 22.56
C ALA D 25 48.52 2.45 21.04
N ARG D 26 47.46 3.06 20.51
CA ARG D 26 47.31 3.28 19.08
C ARG D 26 47.42 1.98 18.26
N GLY D 27 46.85 0.89 18.77
CA GLY D 27 46.87 -0.39 18.04
C GLY D 27 45.77 -0.41 16.98
N THR D 28 45.73 -1.47 16.17
CA THR D 28 44.78 -1.53 15.07
C THR D 28 43.35 -1.75 15.53
N GLY D 29 43.20 -2.38 16.68
CA GLY D 29 41.90 -2.81 17.18
C GLY D 29 41.69 -4.31 17.30
N GLU D 30 42.56 -5.09 16.65
CA GLU D 30 42.40 -6.54 16.65
C GLU D 30 42.26 -7.13 18.07
N LEU D 31 43.15 -6.78 18.99
CA LEU D 31 43.09 -7.27 20.36
C LEU D 31 41.73 -7.02 20.99
N THR D 32 41.21 -5.82 20.74
CA THR D 32 39.97 -5.34 21.26
C THR D 32 38.79 -6.06 20.66
N GLN D 33 38.86 -6.41 19.39
CA GLN D 33 37.79 -7.19 18.78
C GLN D 33 37.79 -8.59 19.41
N LEU D 34 38.97 -9.11 19.73
CA LEU D 34 39.09 -10.45 20.29
C LEU D 34 38.55 -10.46 21.72
N LEU D 35 38.93 -9.48 22.52
CA LEU D 35 38.46 -9.40 23.91
C LEU D 35 36.95 -9.17 24.00
N ASN D 36 36.40 -8.30 23.14
CA ASN D 36 34.96 -8.12 23.00
C ASN D 36 34.21 -9.41 22.60
N SER D 37 34.74 -10.15 21.64
CA SER D 37 34.18 -11.45 21.27
C SER D 37 34.18 -12.45 22.44
N LEU D 38 35.33 -12.55 23.10
CA LEU D 38 35.50 -13.41 24.25
C LEU D 38 34.50 -13.07 25.34
N CYS D 39 34.33 -11.78 25.57
CA CYS D 39 33.46 -11.28 26.60
C CYS D 39 32.00 -11.60 26.29
N THR D 40 31.60 -11.48 25.04
CA THR D 40 30.29 -11.94 24.59
C THR D 40 30.10 -13.46 24.80
N ALA D 41 31.12 -14.26 24.50
CA ALA D 41 31.08 -15.71 24.78
C ALA D 41 30.88 -16.03 26.27
N VAL D 42 31.60 -15.29 27.11
CA VAL D 42 31.56 -15.52 28.55
C VAL D 42 30.16 -15.19 29.06
N LYS D 43 29.51 -14.17 28.49
CA LYS D 43 28.15 -13.86 28.91
C LYS D 43 27.20 -14.99 28.54
N ALA D 44 27.38 -15.54 27.36
CA ALA D 44 26.56 -16.68 26.96
C ALA D 44 26.83 -17.92 27.80
N ILE D 45 28.08 -18.15 28.17
CA ILE D 45 28.41 -19.33 28.99
C ILE D 45 27.78 -19.14 30.36
N SER D 46 27.84 -17.92 30.86
CA SER D 46 27.34 -17.61 32.18
C SER D 46 25.85 -17.94 32.25
N SER D 47 25.09 -17.40 31.30
CA SER D 47 23.64 -17.57 31.21
C SER D 47 23.25 -19.06 31.22
N ALA D 48 23.99 -19.86 30.49
CA ALA D 48 23.76 -21.30 30.43
C ALA D 48 24.18 -22.05 31.68
N VAL D 49 25.29 -21.63 32.29
CA VAL D 49 25.80 -22.24 33.51
C VAL D 49 24.77 -22.01 34.61
N ARG D 50 24.16 -20.83 34.62
CA ARG D 50 23.16 -20.43 35.61
C ARG D 50 21.79 -21.00 35.27
N LYS D 51 21.72 -21.75 34.17
CA LYS D 51 20.59 -22.60 33.82
C LYS D 51 19.36 -21.84 33.31
N ALA D 52 19.60 -20.67 32.71
CA ALA D 52 18.51 -19.88 32.16
C ALA D 52 17.88 -20.68 31.04
N GLY D 53 16.58 -20.92 31.14
CA GLY D 53 15.90 -21.67 30.11
C GLY D 53 15.85 -23.16 30.36
N ILE D 54 16.32 -23.58 31.53
CA ILE D 54 16.25 -25.01 31.91
C ILE D 54 14.82 -25.59 31.92
N ALA D 55 13.81 -24.77 32.15
CA ALA D 55 12.42 -25.25 32.20
C ALA D 55 12.01 -25.91 30.91
N HIS D 56 12.60 -25.46 29.80
CA HIS D 56 12.26 -26.01 28.50
C HIS D 56 12.76 -27.42 28.36
N LEU D 57 13.93 -27.69 28.92
CA LEU D 57 14.50 -29.01 28.86
C LEU D 57 13.76 -30.00 29.74
N TYR D 58 13.08 -29.50 30.77
CA TYR D 58 12.24 -30.31 31.67
C TYR D 58 10.75 -30.37 31.32
N GLY D 59 10.39 -29.80 30.17
CA GLY D 59 9.09 -30.03 29.56
C GLY D 59 8.01 -29.01 29.84
N ILE D 60 8.40 -27.77 30.13
CA ILE D 60 7.39 -26.74 30.37
C ILE D 60 6.48 -26.57 29.14
N ALA D 61 6.97 -26.91 27.95
CA ALA D 61 6.21 -26.72 26.72
C ALA D 61 5.68 -28.00 26.08
N GLY D 62 5.63 -29.08 26.84
CA GLY D 62 5.06 -30.33 26.33
C GLY D 62 5.92 -31.58 26.46
N LYS D 73 26.92 -31.77 27.50
CA LYS D 73 26.48 -30.68 26.64
C LYS D 73 26.98 -29.30 27.07
N LEU D 74 27.05 -29.03 28.36
CA LEU D 74 27.52 -27.71 28.84
C LEU D 74 28.98 -27.42 28.49
N ASP D 75 29.84 -28.43 28.61
CA ASP D 75 31.21 -28.29 28.18
C ASP D 75 31.30 -28.14 26.66
N VAL D 76 30.42 -28.82 25.93
CA VAL D 76 30.42 -28.79 24.47
C VAL D 76 29.96 -27.42 23.97
N LEU D 77 28.85 -26.95 24.52
CA LEU D 77 28.32 -25.62 24.23
C LEU D 77 29.30 -24.48 24.54
N SER D 78 29.89 -24.50 25.75
CA SER D 78 30.91 -23.52 26.13
C SER D 78 32.04 -23.49 25.10
N ASN D 79 32.46 -24.68 24.67
CA ASN D 79 33.46 -24.74 23.64
C ASN D 79 33.02 -24.07 22.33
N ASP D 80 31.77 -24.30 21.93
CA ASP D 80 31.26 -23.78 20.65
C ASP D 80 31.12 -22.27 20.69
N LEU D 81 30.72 -21.75 21.85
CA LEU D 81 30.55 -20.33 22.02
C LEU D 81 31.89 -19.62 21.84
N VAL D 82 32.95 -20.11 22.50
CA VAL D 82 34.26 -19.47 22.44
C VAL D 82 34.84 -19.62 21.03
N MET D 83 34.88 -20.85 20.52
CA MET D 83 35.38 -21.15 19.19
C MET D 83 34.76 -20.24 18.15
N ASN D 84 33.43 -20.23 18.11
CA ASN D 84 32.72 -19.45 17.10
C ASN D 84 32.89 -17.94 17.30
N MET D 85 32.94 -17.47 18.54
CA MET D 85 33.09 -16.02 18.71
C MET D 85 34.48 -15.58 18.32
N LEU D 86 35.46 -16.43 18.62
CA LEU D 86 36.84 -16.13 18.31
C LEU D 86 37.10 -16.17 16.80
N LYS D 87 36.59 -17.21 16.15
CA LYS D 87 36.69 -17.35 14.71
C LYS D 87 36.12 -16.13 14.01
N SER D 88 34.93 -15.71 14.44
CA SER D 88 34.24 -14.62 13.78
C SER D 88 34.72 -13.24 14.27
N SER D 89 35.73 -13.22 15.13
CA SER D 89 36.27 -11.95 15.64
C SER D 89 37.18 -11.27 14.60
N PHE D 90 37.72 -12.06 13.68
CA PHE D 90 38.71 -11.63 12.69
C PHE D 90 40.08 -11.31 13.30
N ALA D 91 40.25 -11.68 14.56
CA ALA D 91 41.43 -11.33 15.33
C ALA D 91 42.33 -12.54 15.59
N THR D 92 41.91 -13.74 15.16
CA THR D 92 42.63 -14.97 15.55
C THR D 92 43.03 -15.85 14.38
N CYS D 93 43.99 -16.73 14.58
CA CYS D 93 44.36 -17.59 13.51
C CYS D 93 44.53 -19.02 14.02
N VAL D 94 44.86 -19.19 15.30
CA VAL D 94 45.01 -20.56 15.83
C VAL D 94 44.35 -20.66 17.20
N LEU D 95 43.53 -21.69 17.38
CA LEU D 95 42.78 -21.88 18.60
C LEU D 95 43.09 -23.24 19.21
N VAL D 96 43.55 -23.23 20.46
CA VAL D 96 43.78 -24.44 21.21
C VAL D 96 42.76 -24.48 22.33
N SER D 97 41.99 -25.57 22.37
CA SER D 97 40.96 -25.77 23.39
C SER D 97 41.20 -27.06 24.16
N GLU D 98 40.89 -27.03 25.46
CA GLU D 98 40.86 -28.23 26.30
C GLU D 98 40.07 -29.32 25.61
N GLU D 99 39.04 -28.91 24.89
CA GLU D 99 38.07 -29.81 24.31
C GLU D 99 38.43 -30.41 22.95
N ASP D 100 39.50 -29.91 22.33
CA ASP D 100 39.89 -30.40 21.00
C ASP D 100 41.28 -31.04 20.95
N LYS D 101 41.37 -32.13 20.19
CA LYS D 101 42.60 -32.92 20.08
C LYS D 101 43.69 -32.09 19.44
N HIS D 102 43.35 -31.46 18.32
CA HIS D 102 44.31 -30.68 17.57
C HIS D 102 43.92 -29.23 17.61
N ALA D 103 44.85 -28.35 17.24
CA ALA D 103 44.60 -26.92 17.22
C ALA D 103 43.63 -26.67 16.09
N ILE D 104 42.78 -25.66 16.25
CA ILE D 104 41.86 -25.22 15.20
C ILE D 104 42.52 -24.09 14.45
N ILE D 105 42.51 -24.18 13.13
CA ILE D 105 43.14 -23.20 12.26
C ILE D 105 41.98 -22.45 11.66
N VAL D 106 41.93 -21.15 11.93
CA VAL D 106 40.88 -20.32 11.37
C VAL D 106 41.02 -20.27 9.85
N GLU D 107 39.92 -20.48 9.15
CA GLU D 107 39.89 -20.33 7.69
C GLU D 107 40.39 -18.94 7.26
N PRO D 108 41.04 -18.84 6.08
CA PRO D 108 41.74 -17.63 5.63
C PRO D 108 40.96 -16.31 5.66
N GLU D 109 39.70 -16.32 5.21
CA GLU D 109 38.92 -15.08 5.18
C GLU D 109 38.78 -14.49 6.58
N LYS D 110 38.89 -15.34 7.58
CA LYS D 110 38.67 -14.97 8.95
C LYS D 110 39.96 -14.72 9.75
N ARG D 111 41.12 -14.98 9.15
CA ARG D 111 42.39 -14.95 9.90
C ARG D 111 42.81 -13.58 10.41
N GLY D 112 43.17 -13.55 11.70
CA GLY D 112 43.81 -12.38 12.31
C GLY D 112 45.11 -12.80 12.96
N LYS D 113 45.67 -11.92 13.79
CA LYS D 113 47.03 -12.12 14.29
C LYS D 113 47.22 -12.92 15.61
N TYR D 114 46.15 -13.25 16.32
CA TYR D 114 46.36 -13.88 17.61
C TYR D 114 46.12 -15.39 17.67
N VAL D 115 46.86 -16.04 18.54
CA VAL D 115 46.71 -17.47 18.82
C VAL D 115 46.06 -17.46 20.19
N VAL D 116 44.99 -18.22 20.34
CA VAL D 116 44.27 -18.25 21.61
C VAL D 116 44.18 -19.68 22.13
N CYS D 117 44.50 -19.83 23.40
CA CYS D 117 44.52 -21.12 24.11
C CYS D 117 43.53 -21.02 25.24
N PHE D 118 42.53 -21.89 25.26
CA PHE D 118 41.53 -21.73 26.30
C PHE D 118 40.97 -23.01 26.82
N ASP D 119 40.45 -22.90 28.05
CA ASP D 119 39.61 -23.93 28.66
C ASP D 119 38.21 -23.33 28.81
N PRO D 120 37.27 -23.74 27.97
CA PRO D 120 35.97 -23.09 27.89
C PRO D 120 35.14 -23.31 29.15
N LEU D 121 35.29 -24.48 29.79
CA LEU D 121 34.61 -24.66 31.06
C LEU D 121 35.40 -25.50 32.07
N ASP D 122 36.41 -24.87 32.67
CA ASP D 122 37.18 -25.50 33.72
C ASP D 122 36.31 -25.85 34.93
N GLY D 123 36.46 -27.06 35.45
CA GLY D 123 35.72 -27.48 36.64
C GLY D 123 34.40 -28.15 36.33
N SER D 124 34.02 -28.19 35.05
CA SER D 124 32.72 -28.74 34.62
C SER D 124 32.55 -30.20 35.00
N SER D 125 33.68 -30.87 35.19
CA SER D 125 33.78 -32.20 35.78
C SER D 125 32.78 -32.41 36.94
N ASN D 126 32.78 -31.49 37.90
CA ASN D 126 31.88 -31.59 39.04
C ASN D 126 30.73 -30.59 39.05
N ILE D 127 30.26 -30.20 37.86
CA ILE D 127 29.18 -29.21 37.74
C ILE D 127 27.84 -29.74 38.29
N ASP D 128 27.74 -31.06 38.46
CA ASP D 128 26.59 -31.72 39.10
C ASP D 128 26.29 -31.21 40.50
N CYS D 129 27.32 -30.81 41.24
CA CYS D 129 27.14 -30.28 42.60
C CYS D 129 27.14 -28.76 42.64
N LEU D 130 27.04 -28.13 41.46
CA LEU D 130 27.00 -26.67 41.31
C LEU D 130 28.20 -25.93 41.88
N VAL D 131 29.35 -26.60 41.85
CA VAL D 131 30.63 -25.99 42.22
C VAL D 131 30.97 -24.89 41.20
N SER D 132 31.66 -23.84 41.64
CA SER D 132 32.11 -22.81 40.69
C SER D 132 32.82 -23.46 39.53
N VAL D 133 32.51 -23.00 38.34
CA VAL D 133 33.25 -23.32 37.13
C VAL D 133 33.79 -22.04 36.48
N GLY D 134 34.61 -22.18 35.47
CA GLY D 134 35.25 -21.00 34.90
C GLY D 134 35.74 -21.22 33.49
N THR D 135 36.11 -20.11 32.85
CA THR D 135 36.70 -20.10 31.55
C THR D 135 38.11 -19.47 31.71
N ILE D 136 39.11 -20.16 31.21
CA ILE D 136 40.47 -19.63 31.26
C ILE D 136 40.96 -19.42 29.84
N PHE D 137 41.66 -18.31 29.60
CA PHE D 137 42.21 -18.01 28.27
C PHE D 137 43.59 -17.37 28.37
N GLY D 138 44.37 -17.56 27.31
CA GLY D 138 45.65 -16.89 27.14
C GLY D 138 45.86 -16.50 25.69
N ILE D 139 46.36 -15.31 25.46
CA ILE D 139 46.41 -14.77 24.10
C ILE D 139 47.85 -14.46 23.72
N TYR D 140 48.27 -15.04 22.60
CA TYR D 140 49.57 -14.79 22.00
C TYR D 140 49.43 -14.17 20.61
N ARG D 141 50.48 -13.48 20.21
CA ARG D 141 50.70 -13.02 18.85
C ARG D 141 51.35 -14.16 18.07
N LYS D 142 50.85 -14.43 16.86
CA LYS D 142 51.56 -15.34 15.94
C LYS D 142 52.95 -14.78 15.65
N LYS D 143 53.98 -15.62 15.69
CA LYS D 143 55.36 -15.13 15.62
C LYS D 143 55.97 -15.08 14.22
N SER D 144 55.57 -16.01 13.36
CA SER D 144 56.11 -16.10 12.01
C SER D 144 55.02 -15.87 11.00
N THR D 145 55.42 -15.67 9.76
CA THR D 145 54.54 -15.48 8.61
C THR D 145 54.30 -16.83 7.89
N ASP D 146 54.78 -17.92 8.50
CA ASP D 146 54.41 -19.27 8.08
C ASP D 146 52.90 -19.44 8.01
N GLU D 147 52.45 -20.43 7.24
CA GLU D 147 51.07 -20.82 7.26
C GLU D 147 50.70 -21.27 8.69
N PRO D 148 49.55 -20.83 9.22
CA PRO D 148 49.20 -21.12 10.62
C PRO D 148 49.08 -22.62 10.91
N SER D 149 49.72 -23.06 11.98
CA SER D 149 49.65 -24.45 12.44
C SER D 149 49.68 -24.53 13.97
N GLU D 150 49.50 -25.74 14.51
CA GLU D 150 49.61 -26.01 15.95
C GLU D 150 50.82 -25.34 16.58
N LYS D 151 51.93 -25.33 15.83
CA LYS D 151 53.24 -24.89 16.33
C LYS D 151 53.21 -23.47 16.86
N ASP D 152 52.33 -22.66 16.29
CA ASP D 152 52.16 -21.29 16.72
C ASP D 152 51.60 -21.17 18.15
N ALA D 153 51.03 -22.24 18.66
CA ALA D 153 50.56 -22.28 20.06
C ALA D 153 51.64 -22.73 21.03
N LEU D 154 52.78 -23.17 20.50
CA LEU D 154 53.86 -23.68 21.36
C LEU D 154 54.82 -22.53 21.80
N GLN D 155 54.27 -21.57 22.52
CA GLN D 155 55.02 -20.44 22.96
C GLN D 155 55.12 -20.50 24.48
N PRO D 156 56.26 -20.07 25.07
CA PRO D 156 56.27 -20.03 26.54
C PRO D 156 55.35 -18.91 27.03
N GLY D 157 54.83 -19.07 28.23
CA GLY D 157 53.90 -18.10 28.74
C GLY D 157 54.44 -16.69 28.84
N ARG D 158 55.77 -16.54 28.84
CA ARG D 158 56.40 -15.20 28.79
C ARG D 158 55.92 -14.48 27.56
N ASN D 159 55.55 -15.23 26.51
CA ASN D 159 55.17 -14.57 25.24
C ASN D 159 53.74 -13.98 25.22
N LEU D 160 53.00 -14.11 26.33
CA LEU D 160 51.56 -13.78 26.37
C LEU D 160 51.36 -12.29 26.20
N VAL D 161 50.28 -11.95 25.52
CA VAL D 161 49.87 -10.58 25.35
C VAL D 161 48.74 -10.25 26.32
N ALA D 162 47.88 -11.22 26.60
CA ALA D 162 46.80 -11.05 27.57
C ALA D 162 46.43 -12.42 28.02
N ALA D 163 46.00 -12.52 29.27
CA ALA D 163 45.43 -13.71 29.82
C ALA D 163 44.41 -13.38 30.91
N GLY D 164 43.58 -14.36 31.25
CA GLY D 164 42.70 -14.25 32.38
C GLY D 164 41.67 -15.36 32.43
N TYR D 165 40.60 -15.09 33.15
CA TYR D 165 39.58 -16.10 33.37
C TYR D 165 38.27 -15.42 33.69
N ALA D 166 37.18 -16.12 33.38
CA ALA D 166 35.87 -15.79 33.93
C ALA D 166 35.57 -16.80 34.98
N LEU D 167 35.19 -16.31 36.16
CA LEU D 167 34.71 -17.18 37.24
C LEU D 167 33.18 -17.15 37.31
N TYR D 168 32.55 -18.32 37.11
CA TYR D 168 31.10 -18.43 37.29
C TYR D 168 30.79 -18.94 38.67
N GLY D 169 30.80 -18.04 39.63
CA GLY D 169 30.64 -18.40 41.06
C GLY D 169 29.33 -17.83 41.61
N SER D 170 29.36 -17.27 42.82
CA SER D 170 28.16 -16.59 43.36
C SER D 170 27.76 -15.42 42.45
N ALA D 171 28.77 -14.82 41.84
CA ALA D 171 28.56 -13.89 40.73
C ALA D 171 29.51 -14.30 39.61
N THR D 172 29.35 -13.71 38.43
CA THR D 172 30.29 -13.88 37.33
C THR D 172 31.30 -12.76 37.29
N MET D 173 32.56 -13.17 37.33
CA MET D 173 33.61 -12.17 37.24
C MET D 173 34.60 -12.51 36.18
N LEU D 174 35.02 -11.47 35.48
CA LEU D 174 36.05 -11.58 34.47
C LEU D 174 37.31 -10.91 35.00
N VAL D 175 38.38 -11.71 35.07
CA VAL D 175 39.67 -11.17 35.51
C VAL D 175 40.61 -11.14 34.31
N LEU D 176 41.05 -9.94 33.95
CA LEU D 176 41.91 -9.73 32.78
C LEU D 176 43.29 -9.16 33.11
N ALA D 177 44.33 -9.90 32.76
CA ALA D 177 45.70 -9.44 32.97
C ALA D 177 46.35 -9.06 31.63
N MET D 178 46.98 -7.89 31.63
CA MET D 178 47.79 -7.41 30.50
C MET D 178 49.03 -6.74 31.13
N ASP D 179 49.89 -6.14 30.31
CA ASP D 179 51.12 -5.50 30.80
C ASP D 179 50.78 -4.39 31.78
N CYS D 180 49.68 -3.68 31.50
CA CYS D 180 49.15 -2.66 32.40
C CYS D 180 48.68 -3.18 33.77
N GLY D 181 48.63 -4.50 33.94
CA GLY D 181 48.17 -5.07 35.22
C GLY D 181 46.92 -5.94 35.16
N VAL D 182 46.42 -6.30 36.33
CA VAL D 182 45.27 -7.17 36.44
C VAL D 182 44.06 -6.36 36.89
N ASN D 183 42.96 -6.50 36.16
CA ASN D 183 41.70 -5.81 36.47
C ASN D 183 40.55 -6.80 36.52
N CYS D 184 39.66 -6.64 37.50
CA CYS D 184 38.48 -7.49 37.68
C CYS D 184 37.20 -6.75 37.35
N PHE D 185 36.37 -7.40 36.56
CA PHE D 185 35.11 -6.84 36.09
C PHE D 185 33.98 -7.75 36.52
N MET D 186 32.94 -7.17 37.10
CA MET D 186 31.78 -7.93 37.56
C MET D 186 30.67 -7.84 36.55
N LEU D 187 30.16 -8.99 36.10
CA LEU D 187 29.06 -8.99 35.17
C LEU D 187 27.79 -8.56 35.91
N ASP D 188 27.16 -7.49 35.43
CA ASP D 188 25.83 -7.12 35.86
C ASP D 188 24.81 -7.78 34.89
N PRO D 189 24.15 -8.84 35.36
CA PRO D 189 23.28 -9.60 34.47
C PRO D 189 22.04 -8.83 34.08
N ALA D 190 21.65 -7.83 34.86
CA ALA D 190 20.51 -6.98 34.49
C ALA D 190 20.71 -6.41 33.08
N ILE D 191 21.95 -6.05 32.75
CA ILE D 191 22.27 -5.35 31.52
C ILE D 191 23.38 -5.99 30.68
N GLY D 192 23.99 -7.07 31.16
CA GLY D 192 25.06 -7.73 30.40
C GLY D 192 26.26 -6.84 30.10
N GLU D 193 26.76 -6.18 31.14
CA GLU D 193 27.97 -5.40 31.06
C GLU D 193 28.85 -5.85 32.20
N PHE D 194 30.14 -6.02 31.92
CA PHE D 194 31.10 -6.31 32.96
C PHE D 194 31.55 -4.96 33.52
N ILE D 195 31.31 -4.74 34.79
CA ILE D 195 31.65 -3.46 35.43
C ILE D 195 32.98 -3.58 36.12
N LEU D 196 33.88 -2.63 35.89
CA LEU D 196 35.18 -2.61 36.53
C LEU D 196 35.02 -2.38 38.02
N VAL D 197 35.43 -3.33 38.85
CA VAL D 197 35.20 -3.22 40.30
C VAL D 197 36.48 -3.26 41.12
N ASP D 198 37.57 -3.75 40.53
CA ASP D 198 38.88 -3.76 41.20
C ASP D 198 39.97 -3.41 40.20
N LYS D 199 40.58 -2.25 40.39
CA LYS D 199 41.61 -1.73 39.49
C LYS D 199 43.01 -2.13 39.94
N ASP D 200 43.80 -2.72 39.03
CA ASP D 200 45.23 -2.90 39.24
C ASP D 200 45.50 -3.73 40.50
N VAL D 201 44.93 -4.94 40.56
CA VAL D 201 44.99 -5.74 41.80
C VAL D 201 46.35 -6.39 41.99
N LYS D 202 46.78 -6.40 43.24
CA LYS D 202 47.99 -7.06 43.63
C LYS D 202 47.66 -8.05 44.72
N ILE D 203 48.30 -9.21 44.65
CA ILE D 203 48.18 -10.21 45.69
C ILE D 203 48.99 -9.77 46.94
N LYS D 204 48.55 -10.24 48.11
CA LYS D 204 49.25 -10.01 49.37
C LYS D 204 50.63 -10.68 49.27
N LYS D 205 51.62 -10.09 49.93
CA LYS D 205 52.97 -10.66 49.93
C LYS D 205 52.99 -12.05 50.60
N LYS D 206 52.22 -12.18 51.67
CA LYS D 206 52.13 -13.43 52.39
C LYS D 206 50.68 -13.67 52.73
N GLY D 207 50.20 -14.89 52.46
CA GLY D 207 48.84 -15.28 52.81
C GLY D 207 48.75 -16.18 54.04
N LYS D 208 47.57 -16.76 54.26
CA LYS D 208 47.29 -17.55 55.46
C LYS D 208 46.46 -18.77 55.12
N ILE D 209 46.52 -19.20 53.87
CA ILE D 209 45.66 -20.23 53.35
C ILE D 209 46.46 -21.08 52.40
N TYR D 210 46.32 -22.39 52.52
CA TYR D 210 46.99 -23.29 51.61
C TYR D 210 45.93 -24.13 50.96
N SER D 211 46.14 -24.45 49.69
CA SER D 211 45.09 -25.03 48.91
C SER D 211 45.59 -26.16 48.02
N LEU D 212 45.28 -27.40 48.38
CA LEU D 212 45.57 -28.51 47.50
C LEU D 212 44.74 -29.70 47.92
N ASN D 213 44.79 -30.77 47.12
CA ASN D 213 44.06 -31.97 47.47
C ASN D 213 44.89 -32.84 48.41
N GLU D 214 44.61 -32.72 49.70
CA GLU D 214 45.35 -33.45 50.74
C GLU D 214 44.95 -34.91 50.82
N GLY D 215 43.84 -35.27 50.20
CA GLY D 215 43.39 -36.64 50.20
C GLY D 215 44.41 -37.59 49.59
N TYR D 216 45.22 -37.07 48.66
CA TYR D 216 46.23 -37.87 47.96
C TYR D 216 47.64 -37.81 48.61
N ALA D 217 47.69 -37.52 49.90
CA ALA D 217 48.93 -37.40 50.68
C ALA D 217 49.92 -38.57 50.55
N LYS D 218 49.44 -39.80 50.55
CA LYS D 218 50.33 -40.96 50.38
C LYS D 218 51.19 -40.87 49.09
N ASP D 219 50.68 -40.17 48.08
CA ASP D 219 51.41 -39.97 46.83
C ASP D 219 52.25 -38.70 46.80
N PHE D 220 52.16 -37.85 47.83
CA PHE D 220 52.89 -36.58 47.84
C PHE D 220 54.39 -36.77 47.64
N ASP D 221 55.01 -35.79 47.00
CA ASP D 221 56.45 -35.65 47.02
C ASP D 221 56.84 -35.36 48.47
N PRO D 222 58.00 -35.88 48.93
CA PRO D 222 58.36 -35.61 50.32
C PRO D 222 58.49 -34.11 50.64
N ALA D 223 58.90 -33.30 49.67
CA ALA D 223 58.89 -31.82 49.84
C ALA D 223 57.50 -31.22 50.08
N VAL D 224 56.51 -31.69 49.33
CA VAL D 224 55.14 -31.20 49.53
C VAL D 224 54.65 -31.61 50.92
N THR D 225 54.89 -32.88 51.27
CA THR D 225 54.54 -33.40 52.58
C THR D 225 55.08 -32.48 53.67
N GLU D 226 56.36 -32.11 53.58
CA GLU D 226 56.96 -31.30 54.63
C GLU D 226 56.44 -29.88 54.60
N TYR D 227 56.28 -29.34 53.41
CA TYR D 227 55.76 -27.97 53.32
C TYR D 227 54.36 -27.88 53.92
N ILE D 228 53.49 -28.83 53.58
CA ILE D 228 52.11 -28.82 54.11
C ILE D 228 52.12 -29.07 55.63
N GLN D 229 53.00 -29.96 56.07
CA GLN D 229 53.19 -30.20 57.50
C GLN D 229 53.58 -28.94 58.28
N ARG D 230 54.33 -28.03 57.66
CA ARG D 230 54.75 -26.76 58.30
C ARG D 230 53.68 -25.67 58.27
N LYS D 231 52.72 -25.83 57.37
CA LYS D 231 51.57 -24.94 57.32
C LYS D 231 50.65 -25.26 58.48
N LYS D 232 50.51 -26.56 58.74
CA LYS D 232 49.65 -27.06 59.80
C LYS D 232 50.35 -27.06 61.16
N PHE D 233 51.68 -27.15 61.16
CA PHE D 233 52.45 -27.24 62.41
C PHE D 233 53.63 -26.27 62.39
N PRO D 234 53.35 -24.97 62.58
CA PRO D 234 54.43 -24.00 62.52
C PRO D 234 55.51 -24.28 63.60
N PRO D 235 56.79 -24.06 63.26
CA PRO D 235 57.86 -24.29 64.26
C PRO D 235 57.86 -23.23 65.39
N ASP D 236 57.53 -21.99 65.02
CA ASP D 236 57.41 -20.88 65.97
C ASP D 236 56.02 -20.89 66.62
N ASN D 237 55.57 -19.72 67.07
CA ASN D 237 54.26 -19.59 67.70
C ASN D 237 53.21 -18.89 66.83
N SER D 238 53.48 -18.82 65.53
CA SER D 238 52.54 -18.25 64.55
C SER D 238 51.28 -19.11 64.33
N ALA D 239 50.20 -18.48 63.88
CA ALA D 239 48.97 -19.22 63.58
C ALA D 239 49.12 -20.21 62.41
N PRO D 240 48.71 -21.46 62.60
CA PRO D 240 48.67 -22.35 61.44
C PRO D 240 47.80 -21.74 60.30
N TYR D 241 48.01 -22.22 59.08
CA TYR D 241 47.26 -21.71 57.95
C TYR D 241 45.90 -22.41 57.92
N GLY D 242 44.87 -21.71 57.46
CA GLY D 242 43.60 -22.40 57.15
C GLY D 242 43.72 -23.09 55.79
N ALA D 243 42.80 -24.03 55.53
CA ALA D 243 42.83 -24.83 54.31
C ALA D 243 41.51 -24.69 53.55
N ARG D 244 41.62 -24.55 52.23
CA ARG D 244 40.47 -24.44 51.31
C ARG D 244 40.86 -25.10 50.01
N TYR D 245 39.97 -25.94 49.49
CA TYR D 245 40.22 -26.55 48.21
C TYR D 245 38.86 -26.87 47.61
N VAL D 246 38.40 -26.00 46.73
CA VAL D 246 37.19 -26.21 45.96
C VAL D 246 37.33 -27.42 45.02
N GLY D 247 38.52 -27.61 44.45
CA GLY D 247 38.73 -28.65 43.45
C GLY D 247 38.42 -28.11 42.05
N SER D 248 38.07 -26.82 42.01
CA SER D 248 37.90 -26.14 40.74
C SER D 248 38.94 -25.04 40.60
N MET D 249 39.82 -25.22 39.61
CA MET D 249 41.03 -24.43 39.52
C MET D 249 40.76 -22.91 39.49
N VAL D 250 39.77 -22.45 38.73
CA VAL D 250 39.49 -21.00 38.63
C VAL D 250 39.07 -20.45 39.99
N ALA D 251 38.24 -21.20 40.70
CA ALA D 251 37.79 -20.78 42.03
C ALA D 251 38.95 -20.70 43.03
N ASP D 252 39.81 -21.72 43.04
CA ASP D 252 40.94 -21.73 43.99
C ASP D 252 41.97 -20.67 43.67
N VAL D 253 42.30 -20.53 42.39
CA VAL D 253 43.17 -19.45 41.99
C VAL D 253 42.57 -18.07 42.29
N HIS D 254 41.29 -17.85 42.00
CA HIS D 254 40.69 -16.52 42.29
C HIS D 254 40.70 -16.19 43.79
N ARG D 255 40.45 -17.20 44.61
CA ARG D 255 40.55 -17.03 46.07
C ARG D 255 42.00 -16.71 46.48
N THR D 256 42.95 -17.41 45.87
CA THR D 256 44.37 -17.17 46.13
C THR D 256 44.71 -15.73 45.75
N LEU D 257 44.19 -15.28 44.62
CA LEU D 257 44.36 -13.89 44.19
C LEU D 257 43.82 -12.86 45.19
N VAL D 258 42.57 -13.00 45.61
CA VAL D 258 41.93 -12.01 46.48
C VAL D 258 42.40 -12.08 47.95
N TYR D 259 42.62 -13.27 48.49
CA TYR D 259 42.97 -13.42 49.91
C TYR D 259 44.47 -13.66 50.19
N GLY D 260 45.21 -14.04 49.15
CA GLY D 260 46.59 -14.45 49.29
C GLY D 260 46.69 -15.92 49.67
N GLY D 261 47.93 -16.38 49.85
CA GLY D 261 48.14 -17.78 50.14
C GLY D 261 48.71 -18.49 48.94
N ILE D 262 48.58 -19.81 48.95
CA ILE D 262 49.27 -20.64 48.00
C ILE D 262 48.29 -21.72 47.50
N PHE D 263 48.34 -22.02 46.21
CA PHE D 263 47.61 -23.13 45.65
C PHE D 263 48.58 -24.09 45.01
N LEU D 264 48.36 -25.39 45.16
CA LEU D 264 49.33 -26.35 44.67
C LEU D 264 48.67 -27.49 43.93
N TYR D 265 49.19 -27.77 42.75
CA TYR D 265 48.91 -29.02 42.04
C TYR D 265 50.25 -29.50 41.53
N PRO D 266 51.05 -30.05 42.45
CA PRO D 266 52.47 -30.25 42.27
C PRO D 266 52.77 -31.56 41.57
N ALA D 267 54.01 -31.74 41.12
CA ALA D 267 54.47 -33.02 40.60
C ALA D 267 54.61 -34.06 41.73
N ASN D 268 54.61 -35.33 41.34
CA ASN D 268 54.98 -36.46 42.21
C ASN D 268 55.49 -37.65 41.36
N LYS D 269 55.85 -38.77 41.99
CA LYS D 269 56.37 -39.93 41.24
C LYS D 269 55.37 -40.50 40.23
N LYS D 270 54.09 -40.56 40.61
CA LYS D 270 53.05 -41.04 39.70
C LYS D 270 52.72 -40.05 38.58
N SER D 271 52.87 -38.76 38.86
CA SER D 271 52.62 -37.71 37.86
C SER D 271 53.76 -36.68 37.87
N PRO D 272 54.88 -36.99 37.19
CA PRO D 272 56.11 -36.15 37.20
C PRO D 272 55.95 -34.77 36.55
N ASN D 273 54.88 -34.62 35.78
CA ASN D 273 54.58 -33.36 35.14
C ASN D 273 53.25 -32.77 35.63
N GLY D 274 52.78 -33.22 36.78
CA GLY D 274 51.55 -32.70 37.37
C GLY D 274 50.35 -33.21 36.58
N LYS D 275 49.18 -32.60 36.79
CA LYS D 275 47.98 -33.00 36.04
C LYS D 275 47.34 -31.86 35.27
N LEU D 276 47.51 -30.62 35.74
CA LEU D 276 46.96 -29.46 35.03
C LEU D 276 47.70 -29.22 33.72
N ARG D 277 46.96 -28.74 32.73
CA ARG D 277 47.49 -28.48 31.39
C ARG D 277 48.17 -27.13 31.28
N LEU D 278 49.34 -27.11 30.65
CA LEU D 278 50.19 -25.94 30.60
C LEU D 278 49.61 -24.78 29.79
N LEU D 279 49.00 -25.07 28.64
CA LEU D 279 48.69 -24.01 27.69
C LEU D 279 47.53 -23.13 28.11
N TYR D 280 46.49 -23.78 28.61
CA TYR D 280 45.24 -23.08 28.86
C TYR D 280 44.80 -23.14 30.35
N GLU D 281 45.63 -23.74 31.20
CA GLU D 281 45.39 -23.68 32.65
C GLU D 281 46.54 -23.00 33.39
N CYS D 282 47.70 -23.63 33.42
CA CYS D 282 48.84 -23.08 34.19
C CYS D 282 49.36 -21.74 33.67
N ASN D 283 49.64 -21.66 32.38
CA ASN D 283 50.16 -20.42 31.80
C ASN D 283 49.31 -19.18 32.10
N PRO D 284 47.99 -19.22 31.81
CA PRO D 284 47.24 -17.97 32.06
C PRO D 284 47.10 -17.64 33.53
N MET D 285 47.06 -18.65 34.40
CA MET D 285 47.06 -18.38 35.84
C MET D 285 48.43 -17.86 36.32
N ALA D 286 49.51 -18.43 35.79
CA ALA D 286 50.85 -17.93 36.09
C ALA D 286 50.96 -16.48 35.67
N TYR D 287 50.51 -16.20 34.46
CA TYR D 287 50.52 -14.83 33.96
C TYR D 287 49.77 -13.88 34.87
N VAL D 288 48.53 -14.23 35.23
CA VAL D 288 47.72 -13.38 36.10
C VAL D 288 48.44 -13.15 37.43
N MET D 289 48.98 -14.23 37.98
CA MET D 289 49.71 -14.15 39.25
C MET D 289 50.93 -13.25 39.13
N GLU D 290 51.70 -13.40 38.07
CA GLU D 290 52.88 -12.55 37.92
C GLU D 290 52.50 -11.07 37.67
N LYS D 291 51.43 -10.83 36.94
CA LYS D 291 50.98 -9.43 36.79
C LYS D 291 50.41 -8.86 38.11
N ALA D 292 49.93 -9.72 39.00
CA ALA D 292 49.48 -9.27 40.30
C ALA D 292 50.60 -9.14 41.32
N GLY D 293 51.84 -9.42 40.91
CA GLY D 293 52.98 -9.38 41.81
C GLY D 293 53.08 -10.66 42.63
N GLY D 294 52.70 -11.77 42.00
CA GLY D 294 52.75 -13.07 42.64
C GLY D 294 53.70 -13.98 41.88
N MET D 295 53.80 -15.23 42.29
CA MET D 295 54.74 -16.16 41.67
C MET D 295 54.00 -17.40 41.23
N ALA D 296 54.56 -18.11 40.25
CA ALA D 296 54.07 -19.42 39.83
C ALA D 296 55.22 -20.27 39.34
N THR D 297 55.45 -21.40 40.00
CA THR D 297 56.58 -22.28 39.66
C THR D 297 56.15 -23.72 39.43
N THR D 298 56.94 -24.48 38.66
CA THR D 298 56.77 -25.94 38.57
C THR D 298 57.48 -26.61 39.74
N GLY D 299 58.25 -25.84 40.48
CA GLY D 299 59.19 -26.43 41.43
C GLY D 299 60.62 -26.32 40.91
N LYS D 300 60.79 -26.52 39.61
CA LYS D 300 62.10 -26.46 38.95
C LYS D 300 62.34 -25.13 38.26
N GLU D 301 61.27 -24.46 37.83
CA GLU D 301 61.39 -23.19 37.10
C GLU D 301 60.06 -22.44 37.08
N ALA D 302 60.08 -21.15 36.73
CA ALA D 302 58.83 -20.40 36.57
C ALA D 302 57.94 -21.08 35.54
N VAL D 303 56.64 -21.14 35.83
CA VAL D 303 55.67 -21.72 34.88
C VAL D 303 55.79 -21.02 33.52
N LEU D 304 55.91 -19.69 33.56
CA LEU D 304 55.95 -18.89 32.36
C LEU D 304 57.19 -19.10 31.46
N ASP D 305 58.24 -19.70 32.01
CA ASP D 305 59.42 -20.02 31.20
C ASP D 305 59.41 -21.41 30.57
N VAL D 306 58.45 -22.26 30.91
CA VAL D 306 58.39 -23.57 30.23
C VAL D 306 58.18 -23.43 28.72
N ILE D 307 59.03 -24.08 27.90
CA ILE D 307 58.79 -24.15 26.44
C ILE D 307 57.99 -25.41 26.15
N PRO D 308 56.74 -25.27 25.67
CA PRO D 308 56.00 -26.52 25.43
C PRO D 308 56.32 -27.20 24.09
N THR D 309 56.06 -28.49 24.02
CA THR D 309 56.30 -29.27 22.83
C THR D 309 55.02 -29.99 22.41
N ASP D 310 54.04 -30.02 23.31
CA ASP D 310 52.72 -30.59 23.01
C ASP D 310 51.63 -29.64 23.54
N ILE D 311 50.65 -29.32 22.70
CA ILE D 311 49.54 -28.44 23.10
C ILE D 311 48.77 -28.87 24.38
N HIS D 312 48.74 -30.16 24.68
CA HIS D 312 48.04 -30.68 25.84
C HIS D 312 48.99 -31.19 26.90
N GLN D 313 50.25 -30.75 26.85
CA GLN D 313 51.18 -31.20 27.86
C GLN D 313 50.83 -30.67 29.26
N ARG D 314 51.17 -31.47 30.27
CA ARG D 314 50.88 -31.12 31.65
C ARG D 314 52.02 -30.32 32.25
N ALA D 315 51.72 -29.57 33.30
CA ALA D 315 52.74 -28.93 34.11
C ALA D 315 52.35 -29.00 35.57
N PRO D 316 53.35 -29.14 36.47
CA PRO D 316 53.06 -28.91 37.88
C PRO D 316 52.95 -27.41 38.08
N VAL D 317 52.14 -26.99 39.05
CA VAL D 317 52.03 -25.56 39.36
C VAL D 317 51.90 -25.40 40.86
N ILE D 318 52.60 -24.38 41.37
CA ILE D 318 52.49 -23.93 42.74
C ILE D 318 52.50 -22.45 42.61
N LEU D 319 51.46 -21.78 43.10
CA LEU D 319 51.34 -20.33 42.78
C LEU D 319 50.71 -19.57 43.91
N GLY D 320 50.86 -18.25 43.88
CA GLY D 320 50.18 -17.41 44.84
C GLY D 320 51.08 -16.33 45.40
N SER D 321 50.92 -16.06 46.69
CA SER D 321 51.76 -15.08 47.36
C SER D 321 53.27 -15.39 47.24
N PRO D 322 54.08 -14.38 46.94
CA PRO D 322 55.51 -14.61 46.69
C PRO D 322 56.24 -15.22 47.89
N ASP D 323 55.99 -14.70 49.10
CA ASP D 323 56.55 -15.28 50.34
C ASP D 323 56.25 -16.76 50.54
N ASP D 324 55.03 -17.18 50.19
CA ASP D 324 54.66 -18.59 50.36
C ASP D 324 55.26 -19.48 49.30
N VAL D 325 55.29 -19.00 48.06
CA VAL D 325 55.92 -19.77 46.98
C VAL D 325 57.43 -19.87 47.22
N LEU D 326 58.05 -18.79 47.67
CA LEU D 326 59.50 -18.79 47.95
C LEU D 326 59.79 -19.80 49.04
N GLU D 327 58.92 -19.81 50.06
CA GLU D 327 59.00 -20.78 51.12
C GLU D 327 58.85 -22.20 50.58
N PHE D 328 57.83 -22.44 49.77
CA PHE D 328 57.68 -23.76 49.17
C PHE D 328 58.95 -24.15 48.42
N LEU D 329 59.53 -23.21 47.68
CA LEU D 329 60.73 -23.46 46.90
C LEU D 329 61.93 -23.80 47.80
N LYS D 330 62.10 -23.05 48.89
CA LYS D 330 63.03 -23.43 49.95
C LYS D 330 62.92 -24.90 50.36
N VAL D 331 61.72 -25.36 50.72
CA VAL D 331 61.50 -26.77 51.08
C VAL D 331 61.72 -27.74 49.93
N TYR D 332 61.24 -27.37 48.75
CA TYR D 332 61.42 -28.19 47.56
C TYR D 332 62.91 -28.46 47.32
N GLU D 333 63.70 -27.41 47.38
CA GLU D 333 65.14 -27.48 47.11
C GLU D 333 65.87 -28.34 48.15
N LYS D 334 65.42 -28.28 49.40
CA LYS D 334 65.93 -29.12 50.49
C LYS D 334 65.80 -30.62 50.15
N HIS D 335 64.75 -30.98 49.43
CA HIS D 335 64.60 -32.35 48.94
C HIS D 335 65.15 -32.57 47.53
N SER D 336 65.88 -31.59 46.99
CA SER D 336 66.49 -31.75 45.65
C SER D 336 67.91 -32.32 45.69
N ALA D 337 68.20 -33.21 44.90
N ASP E 10 -6.71 24.89 -53.26
CA ASP E 10 -6.89 23.46 -52.92
C ASP E 10 -6.73 23.16 -51.42
N VAL E 11 -7.64 22.33 -50.90
CA VAL E 11 -7.56 21.81 -49.54
C VAL E 11 -6.23 21.09 -49.30
N ASN E 12 -5.68 21.26 -48.11
CA ASN E 12 -4.43 20.61 -47.75
C ASN E 12 -4.60 20.12 -46.31
N THR E 13 -4.19 18.87 -46.08
CA THR E 13 -4.19 18.28 -44.74
C THR E 13 -2.77 18.31 -44.15
N LEU E 14 -2.56 17.71 -42.98
CA LEU E 14 -1.23 17.75 -42.38
C LEU E 14 -0.35 16.81 -43.13
N THR E 15 -0.87 15.59 -43.29
CA THR E 15 -0.18 14.52 -43.98
C THR E 15 0.20 14.95 -45.40
N ARG E 16 -0.68 15.69 -46.06
CA ARG E 16 -0.45 16.04 -47.44
C ARG E 16 0.59 17.15 -47.50
N PHE E 17 0.55 18.04 -46.52
CA PHE E 17 1.50 19.14 -46.42
C PHE E 17 2.92 18.59 -46.25
N VAL E 18 3.06 17.75 -45.25
CA VAL E 18 4.34 17.18 -44.87
C VAL E 18 4.93 16.34 -46.02
N MET E 19 4.08 15.63 -46.74
CA MET E 19 4.50 14.83 -47.88
C MET E 19 4.94 15.68 -49.05
N GLU E 20 4.21 16.77 -49.28
CA GLU E 20 4.60 17.74 -50.30
C GLU E 20 6.00 18.29 -49.98
N GLU E 21 6.16 18.85 -48.78
CA GLU E 21 7.46 19.36 -48.29
C GLU E 21 8.60 18.31 -48.34
N GLY E 22 8.30 17.07 -47.94
CA GLY E 22 9.26 15.99 -48.03
C GLY E 22 9.74 15.72 -49.45
N ARG E 23 8.83 15.81 -50.41
CA ARG E 23 9.16 15.49 -51.80
C ARG E 23 9.88 16.62 -52.51
N LYS E 24 9.64 17.86 -52.08
CA LYS E 24 10.39 19.02 -52.55
C LYS E 24 11.86 18.87 -52.15
N ALA E 25 12.08 18.59 -50.87
CA ALA E 25 13.42 18.48 -50.28
C ALA E 25 14.12 17.17 -50.61
N ARG E 26 13.39 16.24 -51.24
CA ARG E 26 13.94 14.92 -51.62
C ARG E 26 14.51 14.14 -50.42
N GLY E 27 13.94 14.35 -49.24
CA GLY E 27 14.39 13.67 -48.03
C GLY E 27 14.01 12.21 -48.07
N THR E 28 14.45 11.42 -47.09
CA THR E 28 14.20 9.97 -47.11
C THR E 28 12.78 9.56 -46.70
N GLY E 29 12.08 10.40 -45.93
CA GLY E 29 10.75 10.05 -45.41
C GLY E 29 10.64 10.01 -43.88
N GLU E 30 11.79 9.89 -43.22
CA GLU E 30 11.87 9.78 -41.77
C GLU E 30 11.13 10.90 -41.01
N LEU E 31 11.40 12.16 -41.37
CA LEU E 31 10.73 13.27 -40.70
C LEU E 31 9.20 13.25 -40.90
N THR E 32 8.77 12.95 -42.14
CA THR E 32 7.35 12.78 -42.51
C THR E 32 6.70 11.70 -41.66
N GLN E 33 7.37 10.54 -41.60
CA GLN E 33 6.92 9.41 -40.79
C GLN E 33 6.80 9.79 -39.30
N LEU E 34 7.74 10.61 -38.82
CA LEU E 34 7.73 11.05 -37.43
C LEU E 34 6.59 12.03 -37.14
N LEU E 35 6.36 12.95 -38.07
CA LEU E 35 5.31 13.93 -37.87
C LEU E 35 3.90 13.30 -37.95
N ASN E 36 3.75 12.31 -38.84
CA ASN E 36 2.50 11.60 -39.00
C ASN E 36 2.15 10.86 -37.72
N SER E 37 3.14 10.20 -37.13
CA SER E 37 2.95 9.56 -35.83
C SER E 37 2.57 10.57 -34.75
N LEU E 38 3.25 11.72 -34.76
CA LEU E 38 2.92 12.78 -33.82
C LEU E 38 1.46 13.24 -34.05
N CYS E 39 1.08 13.45 -35.31
CA CYS E 39 -0.30 13.81 -35.67
C CYS E 39 -1.35 12.85 -35.08
N THR E 40 -1.12 11.55 -35.24
CA THR E 40 -2.00 10.49 -34.71
C THR E 40 -2.12 10.55 -33.19
N ALA E 41 -1.00 10.82 -32.52
CA ALA E 41 -0.95 10.94 -31.06
C ALA E 41 -1.80 12.11 -30.59
N VAL E 42 -1.65 13.23 -31.29
CA VAL E 42 -2.40 14.43 -31.02
C VAL E 42 -3.90 14.15 -31.15
N LYS E 43 -4.30 13.38 -32.16
CA LYS E 43 -5.70 13.03 -32.36
C LYS E 43 -6.24 12.13 -31.26
N ALA E 44 -5.45 11.16 -30.79
CA ALA E 44 -5.89 10.33 -29.68
C ALA E 44 -5.97 11.12 -28.37
N ILE E 45 -5.01 12.00 -28.14
CA ILE E 45 -5.04 12.90 -26.98
C ILE E 45 -6.26 13.84 -27.02
N SER E 46 -6.52 14.43 -28.18
CA SER E 46 -7.66 15.35 -28.31
C SER E 46 -8.96 14.64 -27.93
N SER E 47 -9.08 13.40 -28.35
CA SER E 47 -10.27 12.60 -28.11
C SER E 47 -10.45 12.30 -26.63
N ALA E 48 -9.36 11.88 -25.99
CA ALA E 48 -9.45 11.52 -24.56
C ALA E 48 -9.69 12.79 -23.71
N VAL E 49 -9.01 13.86 -24.09
CA VAL E 49 -9.21 15.18 -23.47
C VAL E 49 -10.67 15.67 -23.56
N ARG E 50 -11.26 15.55 -24.75
CA ARG E 50 -12.69 15.87 -24.95
C ARG E 50 -13.62 14.90 -24.19
N LYS E 51 -13.04 13.88 -23.57
CA LYS E 51 -13.80 12.98 -22.71
C LYS E 51 -14.72 12.02 -23.48
N ALA E 52 -14.38 11.70 -24.73
CA ALA E 52 -15.08 10.61 -25.43
C ALA E 52 -14.82 9.30 -24.68
N GLY E 53 -15.86 8.49 -24.47
CA GLY E 53 -15.75 7.26 -23.67
C GLY E 53 -16.00 7.42 -22.18
N ILE E 54 -16.14 8.66 -21.70
CA ILE E 54 -16.26 8.91 -20.25
C ILE E 54 -17.47 8.22 -19.59
N ALA E 55 -18.57 8.10 -20.33
CA ALA E 55 -19.74 7.38 -19.84
C ALA E 55 -19.34 6.04 -19.25
N HIS E 56 -18.37 5.37 -19.90
CA HIS E 56 -17.86 4.05 -19.46
C HIS E 56 -17.14 4.06 -18.09
N LEU E 57 -16.38 5.10 -17.81
CA LEU E 57 -15.78 5.28 -16.49
C LEU E 57 -16.82 5.54 -15.40
N TYR E 58 -18.02 5.96 -15.82
CA TYR E 58 -19.10 6.27 -14.89
C TYR E 58 -20.16 5.18 -14.75
N GLY E 59 -19.91 4.01 -15.34
CA GLY E 59 -20.80 2.87 -15.16
C GLY E 59 -21.98 2.77 -16.10
N ILE E 60 -21.86 3.29 -17.31
CA ILE E 60 -22.91 3.13 -18.32
C ILE E 60 -23.23 1.66 -18.61
N ALA E 61 -22.19 0.82 -18.64
CA ALA E 61 -22.34 -0.63 -18.74
C ALA E 61 -22.08 -1.32 -17.41
N GLY E 62 -21.61 -0.53 -16.43
CA GLY E 62 -20.97 -1.06 -15.23
C GLY E 62 -21.90 -1.64 -14.17
N VAL E 71 -9.15 3.65 -15.75
CA VAL E 71 -8.53 3.92 -14.44
C VAL E 71 -7.12 4.52 -14.60
N LYS E 72 -6.90 5.21 -15.73
CA LYS E 72 -5.59 5.80 -16.06
C LYS E 72 -5.69 7.32 -16.26
N LYS E 73 -4.78 8.07 -15.60
CA LYS E 73 -4.72 9.53 -15.69
C LYS E 73 -4.43 10.00 -17.11
N LEU E 74 -5.03 11.15 -17.45
CA LEU E 74 -4.89 11.69 -18.80
C LEU E 74 -3.43 11.95 -19.13
N ASP E 75 -2.74 12.63 -18.23
CA ASP E 75 -1.36 13.04 -18.48
C ASP E 75 -0.40 11.84 -18.63
N VAL E 76 -0.76 10.70 -18.04
CA VAL E 76 -0.03 9.44 -18.24
C VAL E 76 -0.38 8.79 -19.60
N LEU E 77 -1.66 8.89 -20.00
CA LEU E 77 -2.10 8.36 -21.30
C LEU E 77 -1.53 9.16 -22.47
N SER E 78 -1.45 10.48 -22.31
CA SER E 78 -0.88 11.34 -23.32
C SER E 78 0.58 11.00 -23.50
N ASN E 79 1.30 10.91 -22.40
CA ASN E 79 2.72 10.54 -22.46
C ASN E 79 2.92 9.19 -23.17
N ASP E 80 2.10 8.20 -22.84
CA ASP E 80 2.18 6.88 -23.46
C ASP E 80 1.87 6.91 -24.94
N LEU E 81 0.94 7.77 -25.35
CA LEU E 81 0.56 7.89 -26.76
C LEU E 81 1.70 8.49 -27.59
N VAL E 82 2.28 9.59 -27.13
CA VAL E 82 3.43 10.17 -27.80
C VAL E 82 4.61 9.16 -27.74
N MET E 83 4.96 8.68 -26.54
CA MET E 83 6.04 7.69 -26.40
C MET E 83 5.90 6.57 -27.44
N ASN E 84 4.77 5.88 -27.39
CA ASN E 84 4.53 4.74 -28.24
C ASN E 84 4.50 5.05 -29.74
N MET E 85 3.92 6.20 -30.10
CA MET E 85 3.80 6.60 -31.49
C MET E 85 5.13 7.02 -32.08
N LEU E 86 5.93 7.75 -31.29
CA LEU E 86 7.27 8.11 -31.71
C LEU E 86 8.16 6.87 -31.83
N LYS E 87 8.19 6.03 -30.80
CA LYS E 87 8.99 4.80 -30.85
C LYS E 87 8.73 4.02 -32.12
N SER E 88 7.48 3.63 -32.34
CA SER E 88 7.12 2.79 -33.48
C SER E 88 7.14 3.54 -34.83
N SER E 89 7.50 4.82 -34.80
CA SER E 89 7.70 5.56 -36.04
C SER E 89 9.00 5.15 -36.74
N PHE E 90 9.91 4.52 -36.00
CA PHE E 90 11.26 4.20 -36.49
C PHE E 90 12.05 5.43 -36.95
N ALA E 91 11.65 6.60 -36.49
CA ALA E 91 12.29 7.83 -36.90
C ALA E 91 13.05 8.52 -35.75
N THR E 92 12.93 7.97 -34.55
CA THR E 92 13.54 8.57 -33.37
C THR E 92 14.57 7.64 -32.70
N CYS E 93 15.49 8.23 -31.93
CA CYS E 93 16.46 7.45 -31.12
C CYS E 93 16.50 7.90 -29.67
N VAL E 94 16.24 9.19 -29.40
CA VAL E 94 16.15 9.71 -28.02
C VAL E 94 14.89 10.55 -27.78
N LEU E 95 14.20 10.25 -26.68
CA LEU E 95 12.93 10.88 -26.31
C LEU E 95 12.98 11.49 -24.91
N VAL E 96 12.76 12.80 -24.84
CA VAL E 96 12.70 13.53 -23.57
C VAL E 96 11.27 14.05 -23.31
N SER E 97 10.68 13.56 -22.23
CA SER E 97 9.33 13.93 -21.82
C SER E 97 9.30 14.53 -20.42
N GLU E 98 8.45 15.54 -20.24
CA GLU E 98 8.22 16.16 -18.96
C GLU E 98 7.89 15.09 -17.90
N GLU E 99 7.22 14.03 -18.34
CA GLU E 99 6.73 12.98 -17.46
C GLU E 99 7.81 11.99 -17.02
N ASP E 100 8.90 11.92 -17.79
CA ASP E 100 9.95 10.95 -17.50
C ASP E 100 11.18 11.57 -16.83
N LYS E 101 11.72 10.86 -15.84
CA LYS E 101 12.87 11.32 -15.08
C LYS E 101 14.12 11.34 -15.97
N HIS E 102 14.38 10.22 -16.64
CA HIS E 102 15.50 10.17 -17.57
C HIS E 102 15.02 10.09 -18.99
N ALA E 103 15.89 10.44 -19.92
CA ALA E 103 15.60 10.36 -21.33
C ALA E 103 15.36 8.90 -21.67
N ILE E 104 14.44 8.64 -22.59
CA ILE E 104 14.24 7.27 -23.08
C ILE E 104 15.08 7.03 -24.33
N ILE E 105 15.79 5.90 -24.32
CA ILE E 105 16.60 5.49 -25.46
C ILE E 105 15.88 4.39 -26.21
N VAL E 106 15.46 4.72 -27.42
CA VAL E 106 14.67 3.84 -28.27
C VAL E 106 15.46 2.57 -28.56
N GLU E 107 14.85 1.40 -28.33
CA GLU E 107 15.48 0.11 -28.65
C GLU E 107 16.03 0.11 -30.11
N PRO E 108 17.15 -0.61 -30.34
CA PRO E 108 17.93 -0.46 -31.58
C PRO E 108 17.23 -0.91 -32.87
N GLU E 109 16.36 -1.91 -32.78
CA GLU E 109 15.57 -2.37 -33.93
C GLU E 109 14.55 -1.32 -34.38
N LYS E 110 14.44 -0.25 -33.60
CA LYS E 110 13.41 0.77 -33.75
C LYS E 110 13.98 2.20 -33.89
N ARG E 111 15.30 2.32 -34.08
CA ARG E 111 15.97 3.61 -34.08
C ARG E 111 15.97 4.33 -35.42
N GLY E 112 15.77 5.64 -35.37
CA GLY E 112 16.00 6.51 -36.53
C GLY E 112 16.87 7.67 -36.09
N LYS E 113 16.95 8.69 -36.92
CA LYS E 113 17.97 9.75 -36.78
C LYS E 113 17.54 10.96 -35.96
N TYR E 114 16.34 10.88 -35.36
CA TYR E 114 15.76 12.06 -34.72
C TYR E 114 15.63 11.97 -33.22
N VAL E 115 15.71 13.14 -32.59
CA VAL E 115 15.58 13.28 -31.15
C VAL E 115 14.39 14.20 -30.93
N VAL E 116 13.53 13.87 -29.98
CA VAL E 116 12.32 14.68 -29.76
C VAL E 116 12.12 14.95 -28.28
N CYS E 117 11.92 16.23 -27.96
CA CYS E 117 11.56 16.62 -26.62
C CYS E 117 10.11 17.06 -26.64
N PHE E 118 9.32 16.58 -25.68
CA PHE E 118 7.87 16.86 -25.67
C PHE E 118 7.26 17.02 -24.29
N ASP E 119 6.25 17.88 -24.19
CA ASP E 119 5.36 17.91 -23.04
C ASP E 119 3.99 17.49 -23.56
N PRO E 120 3.62 16.23 -23.30
CA PRO E 120 2.45 15.54 -23.84
C PRO E 120 1.12 16.18 -23.45
N LEU E 121 1.00 16.65 -22.21
CA LEU E 121 -0.20 17.38 -21.79
C LEU E 121 0.15 18.56 -20.90
N ASP E 122 0.69 19.58 -21.52
CA ASP E 122 1.02 20.83 -20.83
C ASP E 122 -0.23 21.56 -20.34
N GLY E 123 -0.24 21.84 -19.04
CA GLY E 123 -1.32 22.59 -18.39
C GLY E 123 -2.33 21.70 -17.70
N SER E 124 -2.06 20.40 -17.67
CA SER E 124 -2.99 19.40 -17.11
C SER E 124 -3.20 19.49 -15.60
N SER E 125 -2.26 20.11 -14.89
CA SER E 125 -2.42 20.31 -13.44
C SER E 125 -3.80 20.96 -13.15
N ASN E 126 -4.26 21.77 -14.10
CA ASN E 126 -5.54 22.47 -13.99
C ASN E 126 -6.68 21.93 -14.88
N ILE E 127 -6.52 20.71 -15.40
CA ILE E 127 -7.53 20.14 -16.29
C ILE E 127 -8.90 20.02 -15.62
N ASP E 128 -8.89 19.98 -14.28
CA ASP E 128 -10.09 19.92 -13.43
C ASP E 128 -11.10 21.03 -13.71
N CYS E 129 -10.63 22.20 -14.15
CA CYS E 129 -11.50 23.34 -14.46
C CYS E 129 -11.74 23.56 -15.96
N LEU E 130 -11.36 22.56 -16.77
CA LEU E 130 -11.64 22.56 -18.22
C LEU E 130 -10.90 23.62 -19.03
N VAL E 131 -9.87 24.20 -18.42
CA VAL E 131 -8.96 25.10 -19.10
C VAL E 131 -8.36 24.38 -20.34
N SER E 132 -7.96 25.18 -21.33
CA SER E 132 -7.20 24.69 -22.47
C SER E 132 -5.91 23.96 -22.06
N VAL E 133 -5.65 22.83 -22.69
CA VAL E 133 -4.40 22.12 -22.50
C VAL E 133 -3.73 21.95 -23.86
N GLY E 134 -2.44 21.62 -23.86
CA GLY E 134 -1.70 21.42 -25.10
C GLY E 134 -0.64 20.34 -25.02
N THR E 135 -0.07 20.04 -26.18
CA THR E 135 1.05 19.14 -26.34
C THR E 135 2.14 19.93 -27.04
N ILE E 136 3.33 20.02 -26.43
CA ILE E 136 4.46 20.73 -27.05
C ILE E 136 5.52 19.75 -27.53
N PHE E 137 6.18 20.06 -28.65
CA PHE E 137 7.22 19.15 -29.15
C PHE E 137 8.33 19.90 -29.85
N GLY E 138 9.53 19.31 -29.80
CA GLY E 138 10.70 19.82 -30.51
C GLY E 138 11.50 18.65 -31.08
N ILE E 139 11.93 18.79 -32.33
CA ILE E 139 12.58 17.72 -33.08
C ILE E 139 14.02 18.11 -33.43
N TYR E 140 14.96 17.25 -33.05
CA TYR E 140 16.39 17.47 -33.32
C TYR E 140 16.97 16.31 -34.10
N ARG E 141 17.92 16.61 -34.99
CA ARG E 141 18.72 15.56 -35.61
C ARG E 141 19.85 15.25 -34.64
N LYS E 142 20.07 13.95 -34.39
CA LYS E 142 21.24 13.50 -33.63
C LYS E 142 22.52 13.96 -34.34
N LYS E 143 23.53 14.29 -33.55
CA LYS E 143 24.69 14.98 -34.10
C LYS E 143 25.87 14.10 -34.49
N SER E 144 26.05 13.00 -33.75
CA SER E 144 27.16 12.09 -33.94
C SER E 144 26.66 10.71 -34.39
N THR E 145 27.60 9.80 -34.64
CA THR E 145 27.28 8.41 -34.94
C THR E 145 27.50 7.55 -33.70
N ASP E 146 27.81 8.21 -32.57
CA ASP E 146 27.98 7.53 -31.28
C ASP E 146 26.68 6.89 -30.80
N GLU E 147 26.79 5.95 -29.86
CA GLU E 147 25.62 5.37 -29.21
C GLU E 147 24.73 6.50 -28.67
N PRO E 148 23.42 6.45 -28.98
CA PRO E 148 22.49 7.48 -28.53
C PRO E 148 22.32 7.47 -27.01
N SER E 149 22.21 8.67 -26.43
CA SER E 149 22.07 8.84 -24.99
C SER E 149 21.43 10.17 -24.67
N GLU E 150 21.20 10.40 -23.38
CA GLU E 150 20.57 11.61 -22.87
C GLU E 150 21.26 12.88 -23.38
N LYS E 151 22.59 12.81 -23.59
CA LYS E 151 23.39 13.91 -24.13
C LYS E 151 22.83 14.48 -25.42
N ASP E 152 22.33 13.62 -26.31
CA ASP E 152 21.86 14.03 -27.64
C ASP E 152 20.67 15.00 -27.56
N ALA E 153 19.98 15.00 -26.43
CA ALA E 153 18.86 15.90 -26.19
C ALA E 153 19.28 17.32 -25.80
N LEU E 154 20.53 17.46 -25.34
CA LEU E 154 21.05 18.75 -24.85
C LEU E 154 21.67 19.60 -25.97
N GLN E 155 20.85 19.92 -26.97
CA GLN E 155 21.26 20.82 -28.05
C GLN E 155 20.55 22.16 -27.86
N PRO E 156 21.14 23.27 -28.35
CA PRO E 156 20.46 24.56 -28.31
C PRO E 156 19.26 24.60 -29.26
N GLY E 157 18.28 25.43 -28.92
CA GLY E 157 17.07 25.60 -29.73
C GLY E 157 17.37 25.81 -31.20
N ARG E 158 18.37 26.66 -31.48
CA ARG E 158 18.89 26.93 -32.83
C ARG E 158 19.01 25.70 -33.74
N ASN E 159 19.21 24.53 -33.13
CA ASN E 159 19.36 23.29 -33.88
C ASN E 159 18.02 22.58 -34.21
N LEU E 160 16.90 23.15 -33.78
CA LEU E 160 15.58 22.52 -34.01
C LEU E 160 15.34 22.32 -35.49
N VAL E 161 14.98 21.09 -35.84
CA VAL E 161 14.60 20.74 -37.21
C VAL E 161 13.13 21.17 -37.44
N ALA E 162 12.26 20.86 -36.48
CA ALA E 162 10.87 21.27 -36.49
C ALA E 162 10.32 21.33 -35.06
N ALA E 163 9.22 22.07 -34.88
CA ALA E 163 8.59 22.23 -33.57
C ALA E 163 7.16 22.76 -33.68
N GLY E 164 6.43 22.68 -32.58
CA GLY E 164 5.14 23.32 -32.54
C GLY E 164 4.34 22.77 -31.40
N TYR E 165 3.04 22.74 -31.59
CA TYR E 165 2.18 22.31 -30.52
C TYR E 165 0.80 22.04 -31.01
N ALA E 166 0.11 21.24 -30.23
CA ALA E 166 -1.29 21.02 -30.37
C ALA E 166 -1.92 21.76 -29.23
N LEU E 167 -2.96 22.51 -29.53
CA LEU E 167 -3.75 23.16 -28.53
C LEU E 167 -5.08 22.44 -28.51
N TYR E 168 -5.51 22.01 -27.33
CA TYR E 168 -6.86 21.46 -27.16
C TYR E 168 -7.71 22.51 -26.43
N GLY E 169 -8.19 23.48 -27.21
CA GLY E 169 -9.05 24.54 -26.69
C GLY E 169 -10.51 24.35 -27.09
N SER E 170 -11.15 25.42 -27.53
CA SER E 170 -12.54 25.34 -28.02
C SER E 170 -12.60 24.49 -29.31
N ALA E 171 -11.55 24.53 -30.11
CA ALA E 171 -11.30 23.46 -31.10
C ALA E 171 -9.87 22.96 -30.94
N THR E 172 -9.52 21.91 -31.66
CA THR E 172 -8.15 21.44 -31.66
C THR E 172 -7.34 21.96 -32.84
N MET E 173 -6.21 22.57 -32.52
CA MET E 173 -5.32 23.08 -33.56
C MET E 173 -3.90 22.55 -33.42
N LEU E 174 -3.29 22.26 -34.56
CA LEU E 174 -1.90 21.89 -34.56
C LEU E 174 -1.11 22.96 -35.27
N VAL E 175 -0.13 23.52 -34.57
CA VAL E 175 0.72 24.54 -35.14
C VAL E 175 2.10 23.94 -35.43
N LEU E 176 2.53 23.96 -36.68
CA LEU E 176 3.80 23.37 -37.07
C LEU E 176 4.73 24.42 -37.62
N ALA E 177 5.91 24.52 -37.00
CA ALA E 177 6.96 25.41 -37.48
C ALA E 177 8.13 24.59 -38.07
N MET E 178 8.51 24.93 -39.29
CA MET E 178 9.75 24.41 -39.86
C MET E 178 10.46 25.61 -40.49
N ASP E 179 11.60 25.36 -41.14
CA ASP E 179 12.33 26.39 -41.88
C ASP E 179 11.41 27.15 -42.82
N CYS E 180 10.57 26.42 -43.56
CA CYS E 180 9.67 27.03 -44.53
C CYS E 180 8.60 27.93 -43.87
N GLY E 181 8.55 27.94 -42.54
CA GLY E 181 7.63 28.80 -41.81
C GLY E 181 6.68 28.08 -40.87
N VAL E 182 5.65 28.80 -40.43
CA VAL E 182 4.67 28.29 -39.50
C VAL E 182 3.31 28.15 -40.18
N ASN E 183 2.65 27.04 -39.91
CA ASN E 183 1.38 26.71 -40.52
C ASN E 183 0.47 26.07 -39.48
N CYS E 184 -0.79 26.52 -39.46
CA CYS E 184 -1.77 26.10 -38.47
C CYS E 184 -2.81 25.18 -39.09
N PHE E 185 -3.07 24.05 -38.41
CA PHE E 185 -4.02 23.04 -38.87
C PHE E 185 -5.16 22.75 -37.86
N MET E 186 -6.39 22.89 -38.32
CA MET E 186 -7.54 22.62 -37.47
C MET E 186 -7.91 21.14 -37.56
N LEU E 187 -8.13 20.53 -36.42
CA LEU E 187 -8.61 19.18 -36.40
C LEU E 187 -10.11 19.20 -36.69
N ASP E 188 -10.52 18.56 -37.77
CA ASP E 188 -11.94 18.33 -38.02
C ASP E 188 -12.19 16.94 -37.44
N PRO E 189 -12.77 16.88 -36.23
CA PRO E 189 -13.01 15.60 -35.59
C PRO E 189 -14.09 14.75 -36.31
N ALA E 190 -14.91 15.35 -37.17
CA ALA E 190 -15.82 14.57 -38.03
C ALA E 190 -15.05 13.55 -38.86
N ILE E 191 -13.86 13.91 -39.33
CA ILE E 191 -13.11 13.01 -40.20
C ILE E 191 -11.71 12.68 -39.73
N GLY E 192 -11.27 13.29 -38.63
CA GLY E 192 -9.95 13.00 -38.10
C GLY E 192 -8.82 13.37 -39.03
N GLU E 193 -8.94 14.58 -39.61
CA GLU E 193 -7.92 15.17 -40.44
C GLU E 193 -7.64 16.58 -39.96
N PHE E 194 -6.37 16.91 -39.94
CA PHE E 194 -5.93 18.28 -39.67
C PHE E 194 -5.98 19.05 -40.99
N ILE E 195 -6.64 20.20 -40.97
CA ILE E 195 -6.87 20.99 -42.18
C ILE E 195 -6.15 22.31 -42.09
N LEU E 196 -5.38 22.61 -43.13
CA LEU E 196 -4.59 23.80 -43.19
C LEU E 196 -5.47 25.03 -43.38
N VAL E 197 -5.54 25.85 -42.34
CA VAL E 197 -6.47 26.95 -42.32
C VAL E 197 -5.71 28.26 -42.33
N ASP E 198 -4.44 28.21 -41.93
CA ASP E 198 -3.58 29.39 -41.86
C ASP E 198 -2.18 29.09 -42.35
N LYS E 199 -1.82 29.69 -43.49
CA LYS E 199 -0.56 29.42 -44.18
C LYS E 199 0.50 30.46 -43.83
N ASP E 200 1.71 29.99 -43.55
CA ASP E 200 2.90 30.85 -43.44
C ASP E 200 2.58 32.02 -42.53
N VAL E 201 2.26 31.68 -41.29
CA VAL E 201 1.72 32.64 -40.34
C VAL E 201 2.79 33.62 -39.83
N LYS E 202 2.44 34.89 -39.78
CA LYS E 202 3.32 35.92 -39.22
C LYS E 202 2.67 36.66 -38.06
N ILE E 203 3.44 36.84 -36.99
CA ILE E 203 2.98 37.55 -35.79
C ILE E 203 2.93 39.05 -36.07
N LYS E 204 1.99 39.76 -35.44
CA LYS E 204 1.91 41.22 -35.53
C LYS E 204 3.17 41.88 -35.00
N LYS E 205 3.61 42.95 -35.65
CA LYS E 205 4.77 43.73 -35.21
C LYS E 205 4.62 44.22 -33.76
N LYS E 206 3.41 44.63 -33.39
CA LYS E 206 3.13 45.12 -32.05
C LYS E 206 1.70 44.77 -31.66
N GLY E 207 1.55 44.23 -30.46
CA GLY E 207 0.24 43.79 -29.97
C GLY E 207 -0.34 44.75 -28.95
N LYS E 208 -1.39 44.31 -28.27
CA LYS E 208 -2.11 45.18 -27.31
C LYS E 208 -2.54 44.37 -26.10
N ILE E 209 -1.90 43.21 -25.94
CA ILE E 209 -2.19 42.32 -24.83
C ILE E 209 -0.86 41.88 -24.22
N TYR E 210 -0.78 41.87 -22.89
CA TYR E 210 0.37 41.30 -22.18
C TYR E 210 -0.11 40.20 -21.26
N SER E 211 0.72 39.20 -21.07
CA SER E 211 0.25 38.00 -20.41
C SER E 211 1.32 37.51 -19.45
N LEU E 212 1.02 37.57 -18.16
CA LEU E 212 1.89 37.04 -17.10
C LEU E 212 1.07 36.84 -15.84
N ASN E 213 1.57 36.04 -14.91
CA ASN E 213 0.92 35.87 -13.61
C ASN E 213 1.31 37.01 -12.65
N GLU E 214 0.46 38.03 -12.60
CA GLU E 214 0.72 39.20 -11.78
C GLU E 214 0.62 38.92 -10.29
N GLY E 215 -0.05 37.83 -9.93
CA GLY E 215 -0.21 37.47 -8.54
C GLY E 215 1.11 37.48 -7.80
N TYR E 216 2.21 37.37 -8.53
CA TYR E 216 3.53 37.33 -7.91
C TYR E 216 4.32 38.62 -8.13
N ALA E 217 3.62 39.74 -8.26
CA ALA E 217 4.29 41.05 -8.45
C ALA E 217 5.30 41.43 -7.38
N LYS E 218 5.13 40.91 -6.16
CA LYS E 218 6.01 41.26 -5.04
C LYS E 218 7.38 40.60 -5.17
N ASP E 219 7.46 39.60 -6.05
CA ASP E 219 8.70 38.87 -6.29
C ASP E 219 9.37 39.22 -7.61
N PHE E 220 8.74 40.06 -8.42
CA PHE E 220 9.27 40.42 -9.74
C PHE E 220 10.67 41.04 -9.64
N ASP E 221 11.42 40.98 -10.74
CA ASP E 221 12.61 41.81 -10.93
C ASP E 221 12.10 43.22 -11.32
N PRO E 222 12.71 44.28 -10.74
CA PRO E 222 12.28 45.67 -10.95
C PRO E 222 11.94 46.06 -12.40
N ALA E 223 12.56 45.40 -13.38
CA ALA E 223 12.31 45.65 -14.82
C ALA E 223 11.00 45.02 -15.33
N VAL E 224 10.69 43.82 -14.84
CA VAL E 224 9.38 43.22 -15.06
C VAL E 224 8.32 44.14 -14.43
N THR E 225 8.52 44.52 -13.17
CA THR E 225 7.64 45.49 -12.48
C THR E 225 7.48 46.80 -13.28
N GLU E 226 8.57 47.25 -13.92
CA GLU E 226 8.54 48.49 -14.69
C GLU E 226 7.80 48.37 -16.00
N TYR E 227 8.11 47.32 -16.76
CA TYR E 227 7.45 47.06 -18.04
C TYR E 227 5.92 47.04 -17.88
N ILE E 228 5.45 46.27 -16.91
CA ILE E 228 4.01 46.11 -16.65
C ILE E 228 3.37 47.45 -16.36
N GLN E 229 4.07 48.29 -15.60
CA GLN E 229 3.62 49.64 -15.30
C GLN E 229 3.49 50.48 -16.56
N ARG E 230 4.43 50.31 -17.48
CA ARG E 230 4.37 50.99 -18.77
C ARG E 230 3.13 50.54 -19.56
N LYS E 231 2.80 49.26 -19.48
CA LYS E 231 1.66 48.71 -20.23
C LYS E 231 0.31 49.16 -19.65
N LYS E 232 0.30 49.42 -18.35
CA LYS E 232 -0.89 49.87 -17.62
C LYS E 232 -1.04 51.40 -17.68
N PHE E 233 0.08 52.09 -17.48
CA PHE E 233 0.15 53.56 -17.51
C PHE E 233 1.20 54.00 -18.53
N PRO E 234 0.79 54.15 -19.82
CA PRO E 234 1.76 54.60 -20.82
C PRO E 234 2.13 56.08 -20.64
N PRO E 235 3.45 56.37 -20.51
CA PRO E 235 3.90 57.75 -20.32
C PRO E 235 3.69 58.63 -21.56
N ASP E 236 3.79 58.02 -22.75
CA ASP E 236 3.55 58.73 -24.02
C ASP E 236 2.05 58.87 -24.33
N ASN E 237 1.22 58.30 -23.45
CA ASN E 237 -0.23 58.47 -23.48
C ASN E 237 -0.95 57.94 -24.74
N SER E 238 -0.80 56.64 -24.97
CA SER E 238 -1.65 55.87 -25.89
C SER E 238 -2.53 54.93 -25.07
N ALA E 239 -3.39 54.15 -25.73
CA ALA E 239 -4.28 53.20 -25.04
C ALA E 239 -3.47 52.22 -24.15
N PRO E 240 -3.95 51.96 -22.93
CA PRO E 240 -3.30 50.92 -22.12
C PRO E 240 -3.55 49.53 -22.72
N TYR E 241 -2.55 48.65 -22.63
CA TYR E 241 -2.67 47.27 -23.12
C TYR E 241 -3.75 46.51 -22.38
N GLY E 242 -4.28 45.48 -23.04
CA GLY E 242 -5.15 44.51 -22.38
C GLY E 242 -4.29 43.45 -21.72
N ALA E 243 -4.84 42.80 -20.70
CA ALA E 243 -4.13 41.74 -20.00
C ALA E 243 -4.90 40.42 -20.15
N ARG E 244 -4.18 39.32 -20.39
CA ARG E 244 -4.80 37.99 -20.48
C ARG E 244 -3.85 36.95 -19.91
N TYR E 245 -4.32 36.14 -18.98
CA TYR E 245 -3.50 35.07 -18.47
C TYR E 245 -4.30 33.81 -18.20
N VAL E 246 -4.17 32.85 -19.11
CA VAL E 246 -4.90 31.60 -18.99
C VAL E 246 -4.25 30.71 -17.91
N GLY E 247 -2.92 30.65 -17.92
CA GLY E 247 -2.18 29.81 -16.96
C GLY E 247 -1.78 28.50 -17.59
N SER E 248 -2.10 28.40 -18.88
CA SER E 248 -1.78 27.24 -19.70
C SER E 248 -1.00 27.82 -20.84
N MET E 249 0.29 27.52 -20.88
CA MET E 249 1.22 28.18 -21.77
C MET E 249 0.89 28.01 -23.25
N VAL E 250 0.35 26.87 -23.65
CA VAL E 250 -0.01 26.72 -25.06
C VAL E 250 -1.08 27.75 -25.43
N ALA E 251 -2.08 27.91 -24.57
CA ALA E 251 -3.18 28.83 -24.83
C ALA E 251 -2.71 30.26 -24.96
N ASP E 252 -1.87 30.68 -24.02
CA ASP E 252 -1.36 32.06 -23.99
C ASP E 252 -0.41 32.33 -25.14
N VAL E 253 0.41 31.34 -25.50
CA VAL E 253 1.34 31.47 -26.61
C VAL E 253 0.57 31.51 -27.91
N HIS E 254 -0.40 30.61 -28.06
CA HIS E 254 -1.19 30.62 -29.28
C HIS E 254 -1.95 31.94 -29.47
N ARG E 255 -2.55 32.43 -28.40
CA ARG E 255 -3.20 33.75 -28.41
C ARG E 255 -2.22 34.82 -28.82
N THR E 256 -0.99 34.76 -28.27
CA THR E 256 0.03 35.76 -28.57
C THR E 256 0.32 35.74 -30.06
N LEU E 257 0.39 34.53 -30.59
CA LEU E 257 0.69 34.30 -32.00
C LEU E 257 -0.42 34.79 -32.90
N VAL E 258 -1.66 34.53 -32.51
CA VAL E 258 -2.83 34.95 -33.30
C VAL E 258 -3.15 36.45 -33.18
N TYR E 259 -3.02 36.98 -31.98
CA TYR E 259 -3.48 38.35 -31.68
C TYR E 259 -2.36 39.37 -31.57
N GLY E 260 -1.15 38.89 -31.32
CA GLY E 260 -0.02 39.77 -31.11
C GLY E 260 0.13 40.08 -29.64
N GLY E 261 1.22 40.73 -29.29
CA GLY E 261 1.47 41.12 -27.92
C GLY E 261 2.63 40.35 -27.34
N ILE E 262 2.61 40.17 -26.01
CA ILE E 262 3.79 39.73 -25.29
C ILE E 262 3.41 38.76 -24.17
N PHE E 263 4.23 37.73 -23.99
CA PHE E 263 3.99 36.77 -22.94
C PHE E 263 5.22 36.66 -22.05
N LEU E 264 5.00 36.61 -20.74
CA LEU E 264 6.12 36.62 -19.80
C LEU E 264 6.01 35.58 -18.70
N TYR E 265 7.05 34.77 -18.58
CA TYR E 265 7.26 33.98 -17.37
C TYR E 265 8.72 34.11 -16.91
N PRO E 266 9.08 35.31 -16.39
CA PRO E 266 10.46 35.78 -16.24
C PRO E 266 11.18 35.34 -14.97
N ALA E 267 12.38 35.89 -14.77
CA ALA E 267 13.22 35.62 -13.59
C ALA E 267 12.80 36.39 -12.34
N ASN E 268 12.90 35.72 -11.19
CA ASN E 268 12.84 36.37 -9.87
C ASN E 268 14.04 36.04 -8.96
N LYS E 269 13.95 36.37 -7.67
CA LYS E 269 15.02 36.04 -6.70
C LYS E 269 14.91 34.60 -6.21
N LYS E 270 13.67 34.10 -6.11
CA LYS E 270 13.39 32.72 -5.72
C LYS E 270 13.79 31.72 -6.82
N SER E 271 13.16 31.86 -7.99
CA SER E 271 13.47 31.06 -9.17
C SER E 271 14.20 31.94 -10.19
N PRO E 272 15.54 31.97 -10.14
CA PRO E 272 16.30 32.81 -11.08
C PRO E 272 16.41 32.17 -12.48
N ASN E 273 16.12 30.87 -12.57
CA ASN E 273 16.08 30.17 -13.85
C ASN E 273 14.65 30.03 -14.41
N GLY E 274 13.73 30.83 -13.88
CA GLY E 274 12.33 30.79 -14.32
C GLY E 274 11.57 29.60 -13.77
N LYS E 275 10.50 29.21 -14.46
CA LYS E 275 9.70 28.06 -14.04
C LYS E 275 9.53 27.06 -15.17
N LEU E 276 9.37 27.59 -16.38
CA LEU E 276 9.08 26.77 -17.55
C LEU E 276 10.32 25.99 -18.02
N ARG E 277 10.09 24.75 -18.45
CA ARG E 277 11.18 23.88 -18.88
C ARG E 277 11.68 24.30 -20.26
N LEU E 278 12.99 24.46 -20.37
CA LEU E 278 13.62 25.04 -21.57
C LEU E 278 13.45 24.17 -22.81
N LEU E 279 13.71 22.87 -22.64
CA LEU E 279 13.74 21.91 -23.74
C LEU E 279 12.38 21.62 -24.39
N TYR E 280 11.40 21.21 -23.60
CA TYR E 280 10.11 20.78 -24.16
C TYR E 280 8.96 21.79 -23.91
N GLU E 281 9.32 23.05 -23.68
CA GLU E 281 8.35 24.10 -23.45
C GLU E 281 8.81 25.41 -24.07
N CYS E 282 9.98 25.91 -23.65
CA CYS E 282 10.46 27.23 -24.08
C CYS E 282 11.07 27.23 -25.47
N ASN E 283 11.92 26.26 -25.73
CA ASN E 283 12.55 26.14 -27.03
C ASN E 283 11.56 25.98 -28.19
N PRO E 284 10.60 25.04 -28.09
CA PRO E 284 9.69 24.87 -29.22
C PRO E 284 8.87 26.13 -29.46
N MET E 285 8.47 26.77 -28.37
CA MET E 285 7.67 27.99 -28.44
C MET E 285 8.48 29.16 -29.01
N ALA E 286 9.73 29.30 -28.57
CA ALA E 286 10.66 30.28 -29.17
C ALA E 286 10.92 30.00 -30.66
N TYR E 287 11.08 28.72 -31.00
CA TYR E 287 11.24 28.31 -32.39
C TYR E 287 10.01 28.69 -33.22
N VAL E 288 8.83 28.39 -32.68
CA VAL E 288 7.57 28.79 -33.33
C VAL E 288 7.52 30.31 -33.44
N MET E 289 7.79 31.01 -32.34
CA MET E 289 7.81 32.48 -32.36
C MET E 289 8.80 33.10 -33.36
N GLU E 290 10.03 32.61 -33.40
CA GLU E 290 11.03 33.12 -34.33
C GLU E 290 10.69 32.83 -35.80
N LYS E 291 10.09 31.67 -36.08
CA LYS E 291 9.73 31.36 -37.46
C LYS E 291 8.58 32.22 -37.96
N ALA E 292 7.80 32.77 -37.03
CA ALA E 292 6.67 33.65 -37.35
C ALA E 292 7.03 35.14 -37.29
N GLY E 293 8.32 35.43 -37.22
CA GLY E 293 8.79 36.81 -37.18
C GLY E 293 8.59 37.49 -35.83
N GLY E 294 8.62 36.70 -34.76
CA GLY E 294 8.53 37.19 -33.39
C GLY E 294 9.87 37.07 -32.70
N MET E 295 9.87 37.14 -31.37
CA MET E 295 11.09 36.98 -30.57
C MET E 295 10.81 36.24 -29.27
N ALA E 296 11.86 35.64 -28.70
CA ALA E 296 11.74 34.99 -27.40
C ALA E 296 13.06 35.06 -26.62
N THR E 297 13.05 35.86 -25.56
CA THR E 297 14.25 36.12 -24.77
C THR E 297 14.14 35.52 -23.38
N THR E 298 15.30 35.21 -22.78
CA THR E 298 15.38 34.82 -21.37
C THR E 298 15.57 36.08 -20.52
N GLY E 299 15.99 37.16 -21.17
CA GLY E 299 16.43 38.37 -20.50
C GLY E 299 17.85 38.72 -20.96
N LYS E 300 18.78 37.80 -20.75
CA LYS E 300 20.15 37.92 -21.24
C LYS E 300 20.21 37.58 -22.72
N GLU E 301 19.61 36.44 -23.08
CA GLU E 301 19.87 35.81 -24.37
C GLU E 301 18.63 35.20 -25.00
N ALA E 302 18.58 35.23 -26.32
CA ALA E 302 17.54 34.55 -27.08
C ALA E 302 17.47 33.09 -26.65
N VAL E 303 16.28 32.68 -26.20
CA VAL E 303 15.99 31.32 -25.70
C VAL E 303 16.67 30.19 -26.51
N LEU E 304 16.60 30.28 -27.84
CA LEU E 304 17.18 29.25 -28.72
C LEU E 304 18.71 29.17 -28.66
N ASP E 305 19.36 30.22 -28.16
CA ASP E 305 20.83 30.23 -27.99
C ASP E 305 21.35 29.61 -26.69
N VAL E 306 20.47 29.39 -25.71
CA VAL E 306 20.85 28.76 -24.45
C VAL E 306 21.42 27.35 -24.67
N ILE E 307 22.48 26.99 -23.94
CA ILE E 307 23.09 25.66 -24.03
C ILE E 307 22.77 24.80 -22.79
N PRO E 308 21.80 23.88 -22.92
CA PRO E 308 21.31 23.03 -21.83
C PRO E 308 22.39 22.15 -21.22
N THR E 309 22.36 22.03 -19.89
CA THR E 309 23.25 21.10 -19.19
C THR E 309 22.47 19.92 -18.62
N ASP E 310 21.19 20.15 -18.31
CA ASP E 310 20.27 19.12 -17.84
C ASP E 310 19.03 19.10 -18.75
N ILE E 311 18.36 17.94 -18.84
CA ILE E 311 17.17 17.83 -19.72
C ILE E 311 15.93 18.53 -19.15
N HIS E 312 15.82 18.58 -17.82
CA HIS E 312 14.69 19.23 -17.15
C HIS E 312 14.98 20.66 -16.64
N GLN E 313 16.04 21.27 -17.16
CA GLN E 313 16.42 22.61 -16.69
C GLN E 313 15.37 23.67 -17.04
N ARG E 314 15.21 24.63 -16.15
CA ARG E 314 14.25 25.71 -16.36
C ARG E 314 14.89 26.85 -17.13
N ALA E 315 14.04 27.79 -17.57
CA ALA E 315 14.48 28.99 -18.27
C ALA E 315 13.41 30.07 -18.11
N PRO E 316 13.82 31.33 -17.89
CA PRO E 316 12.90 32.46 -17.94
C PRO E 316 12.51 32.71 -19.38
N VAL E 317 11.28 33.16 -19.63
CA VAL E 317 10.89 33.43 -21.00
C VAL E 317 10.07 34.70 -21.17
N ILE E 318 10.40 35.44 -22.23
CA ILE E 318 9.60 36.57 -22.65
C ILE E 318 9.51 36.47 -24.16
N LEU E 319 8.30 36.36 -24.68
CA LEU E 319 8.15 36.15 -26.11
C LEU E 319 6.96 36.87 -26.68
N GLY E 320 6.94 36.98 -28.01
CA GLY E 320 5.79 37.51 -28.71
C GLY E 320 6.22 38.44 -29.82
N SER E 321 5.41 39.46 -30.06
CA SER E 321 5.69 40.49 -31.05
C SER E 321 7.12 41.05 -30.92
N PRO E 322 7.75 41.38 -32.05
CA PRO E 322 9.11 41.91 -32.06
C PRO E 322 9.25 43.24 -31.30
N ASP E 323 8.35 44.19 -31.55
CA ASP E 323 8.43 45.50 -30.93
C ASP E 323 8.18 45.44 -29.43
N ASP E 324 7.21 44.63 -29.04
CA ASP E 324 6.84 44.50 -27.64
C ASP E 324 7.99 43.93 -26.82
N VAL E 325 8.66 42.91 -27.36
CA VAL E 325 9.80 42.29 -26.68
C VAL E 325 11.01 43.22 -26.62
N LEU E 326 11.32 43.89 -27.73
CA LEU E 326 12.38 44.91 -27.76
C LEU E 326 12.10 45.97 -26.70
N GLU E 327 10.84 46.41 -26.62
CA GLU E 327 10.40 47.34 -25.60
C GLU E 327 10.68 46.82 -24.20
N PHE E 328 10.55 45.50 -24.00
CA PHE E 328 10.92 44.91 -22.71
C PHE E 328 12.43 44.83 -22.55
N LEU E 329 13.13 44.51 -23.63
CA LEU E 329 14.59 44.38 -23.58
C LEU E 329 15.28 45.70 -23.26
N LYS E 330 14.70 46.80 -23.73
CA LYS E 330 15.18 48.15 -23.41
C LYS E 330 15.09 48.40 -21.91
N VAL E 331 13.89 48.24 -21.35
CA VAL E 331 13.68 48.33 -19.91
C VAL E 331 14.62 47.42 -19.13
N TYR E 332 14.88 46.23 -19.68
CA TYR E 332 15.80 45.29 -19.03
C TYR E 332 17.21 45.86 -18.91
N GLU E 333 17.67 46.50 -19.99
CA GLU E 333 19.01 47.12 -20.04
C GLU E 333 19.11 48.28 -19.06
N LYS E 334 18.08 49.12 -19.02
CA LYS E 334 17.99 50.27 -18.12
C LYS E 334 18.33 49.93 -16.68
N HIS E 335 17.87 48.77 -16.22
CA HIS E 335 18.19 48.25 -14.90
C HIS E 335 19.46 47.40 -14.96
N SER E 336 20.47 47.94 -15.66
CA SER E 336 21.78 47.31 -15.90
C SER E 336 21.71 45.86 -16.41
N ALA E 337 21.85 44.88 -15.67
N ASP F 10 -25.17 4.16 -9.78
CA ASP F 10 -25.84 4.33 -11.11
C ASP F 10 -25.35 5.58 -11.82
N VAL F 11 -24.99 5.43 -13.10
CA VAL F 11 -24.70 6.58 -13.97
C VAL F 11 -25.95 7.43 -14.13
N ASN F 12 -25.76 8.73 -14.11
CA ASN F 12 -26.86 9.64 -14.31
C ASN F 12 -26.54 10.51 -15.50
N THR F 13 -27.54 10.70 -16.36
CA THR F 13 -27.39 11.64 -17.47
C THR F 13 -28.14 12.89 -17.11
N LEU F 14 -28.02 13.92 -17.93
CA LEU F 14 -28.80 15.13 -17.72
C LEU F 14 -30.28 14.83 -17.81
N THR F 15 -30.68 14.15 -18.89
CA THR F 15 -32.09 13.93 -19.16
C THR F 15 -32.75 13.07 -18.07
N ARG F 16 -32.09 11.97 -17.71
CA ARG F 16 -32.52 11.12 -16.62
C ARG F 16 -32.64 11.93 -15.30
N PHE F 17 -31.59 12.66 -14.96
CA PHE F 17 -31.57 13.46 -13.73
C PHE F 17 -32.76 14.43 -13.64
N VAL F 18 -33.03 15.12 -14.74
CA VAL F 18 -34.05 16.15 -14.80
C VAL F 18 -35.47 15.54 -14.71
N MET F 19 -35.65 14.39 -15.35
CA MET F 19 -36.92 13.67 -15.29
C MET F 19 -37.17 13.17 -13.88
N GLU F 20 -36.08 12.78 -13.21
CA GLU F 20 -36.13 12.25 -11.86
C GLU F 20 -36.57 13.35 -10.90
N GLU F 21 -35.94 14.52 -11.03
CA GLU F 21 -36.29 15.69 -10.22
C GLU F 21 -37.74 16.14 -10.47
N GLY F 22 -38.16 16.08 -11.73
CA GLY F 22 -39.50 16.49 -12.12
C GLY F 22 -40.56 15.52 -11.64
N ARG F 23 -40.20 14.24 -11.55
CA ARG F 23 -41.13 13.24 -11.02
C ARG F 23 -41.29 13.38 -9.51
N LYS F 24 -40.19 13.69 -8.81
CA LYS F 24 -40.25 14.03 -7.40
C LYS F 24 -41.23 15.17 -7.17
N ALA F 25 -41.05 16.26 -7.91
CA ALA F 25 -41.85 17.47 -7.74
C ALA F 25 -43.24 17.41 -8.40
N ARG F 26 -43.51 16.31 -9.11
CA ARG F 26 -44.70 16.18 -9.97
C ARG F 26 -45.11 17.46 -10.73
N GLY F 27 -44.16 18.09 -11.42
CA GLY F 27 -44.47 19.25 -12.28
C GLY F 27 -45.09 18.73 -13.56
N THR F 28 -45.50 19.64 -14.45
CA THR F 28 -46.14 19.24 -15.71
C THR F 28 -45.20 18.55 -16.71
N GLY F 29 -43.90 18.84 -16.59
CA GLY F 29 -42.92 18.31 -17.54
C GLY F 29 -42.33 19.36 -18.46
N GLU F 30 -42.92 20.55 -18.43
CA GLU F 30 -42.54 21.64 -19.30
C GLU F 30 -41.05 22.03 -19.14
N LEU F 31 -40.63 22.32 -17.91
CA LEU F 31 -39.24 22.68 -17.63
C LEU F 31 -38.25 21.59 -18.10
N THR F 32 -38.62 20.34 -17.85
CA THR F 32 -37.90 19.19 -18.34
C THR F 32 -37.80 19.21 -19.87
N GLN F 33 -38.92 19.40 -20.56
CA GLN F 33 -38.92 19.58 -22.00
C GLN F 33 -37.97 20.68 -22.40
N LEU F 34 -37.97 21.75 -21.61
CA LEU F 34 -37.22 22.96 -21.93
C LEU F 34 -35.72 22.75 -21.77
N LEU F 35 -35.32 22.18 -20.64
CA LEU F 35 -33.92 21.85 -20.42
C LEU F 35 -33.41 20.80 -21.42
N ASN F 36 -34.26 19.88 -21.84
CA ASN F 36 -33.88 18.92 -22.87
C ASN F 36 -33.59 19.62 -24.21
N SER F 37 -34.41 20.62 -24.55
CA SER F 37 -34.18 21.37 -25.78
C SER F 37 -32.85 22.10 -25.73
N LEU F 38 -32.58 22.75 -24.61
CA LEU F 38 -31.29 23.38 -24.37
C LEU F 38 -30.12 22.38 -24.48
N CYS F 39 -30.23 21.25 -23.83
CA CYS F 39 -29.18 20.23 -23.89
C CYS F 39 -28.83 19.91 -25.35
N THR F 40 -29.88 19.67 -26.13
CA THR F 40 -29.77 19.42 -27.57
C THR F 40 -29.05 20.54 -28.33
N ALA F 41 -29.49 21.78 -28.13
CA ALA F 41 -28.84 22.95 -28.71
C ALA F 41 -27.37 23.07 -28.30
N VAL F 42 -27.07 22.79 -27.02
CA VAL F 42 -25.69 22.86 -26.49
C VAL F 42 -24.76 21.89 -27.19
N LYS F 43 -25.21 20.63 -27.35
CA LYS F 43 -24.43 19.61 -28.09
C LYS F 43 -24.16 20.02 -29.53
N ALA F 44 -25.15 20.63 -30.18
CA ALA F 44 -24.98 21.11 -31.54
C ALA F 44 -24.00 22.27 -31.58
N ILE F 45 -24.08 23.17 -30.60
CA ILE F 45 -23.13 24.29 -30.50
C ILE F 45 -21.71 23.79 -30.30
N SER F 46 -21.60 22.79 -29.43
CA SER F 46 -20.36 22.13 -29.10
C SER F 46 -19.72 21.58 -30.35
N SER F 47 -20.41 20.63 -30.99
CA SER F 47 -20.00 20.11 -32.28
C SER F 47 -19.50 21.21 -33.23
N ALA F 48 -20.29 22.25 -33.44
CA ALA F 48 -19.80 23.35 -34.29
C ALA F 48 -18.55 24.04 -33.72
N VAL F 49 -18.47 24.15 -32.41
CA VAL F 49 -17.34 24.85 -31.79
C VAL F 49 -16.04 24.09 -32.02
N ARG F 50 -16.11 22.77 -31.84
CA ARG F 50 -14.97 21.89 -32.08
C ARG F 50 -14.70 21.70 -33.59
N LYS F 51 -15.46 22.43 -34.41
CA LYS F 51 -15.19 22.58 -35.84
C LYS F 51 -15.43 21.32 -36.69
N ALA F 52 -16.26 20.40 -36.23
CA ALA F 52 -16.75 19.30 -37.07
C ALA F 52 -17.30 19.83 -38.40
N GLY F 53 -16.92 19.18 -39.50
CA GLY F 53 -17.35 19.63 -40.82
C GLY F 53 -16.58 20.78 -41.45
N ILE F 54 -15.59 21.34 -40.73
CA ILE F 54 -14.72 22.44 -41.22
C ILE F 54 -14.05 22.15 -42.58
N ALA F 55 -13.62 20.90 -42.77
CA ALA F 55 -13.01 20.47 -44.02
C ALA F 55 -13.87 20.89 -45.22
N HIS F 56 -15.18 20.77 -45.08
CA HIS F 56 -16.07 21.18 -46.15
C HIS F 56 -15.98 22.64 -46.50
N LEU F 57 -15.74 23.48 -45.49
CA LEU F 57 -15.59 24.92 -45.72
C LEU F 57 -14.27 25.22 -46.45
N TYR F 58 -13.29 24.34 -46.29
CA TYR F 58 -11.97 24.48 -46.91
C TYR F 58 -11.81 23.63 -48.16
N GLY F 59 -12.95 23.20 -48.73
CA GLY F 59 -13.02 22.70 -50.10
C GLY F 59 -12.66 21.25 -50.35
N ILE F 60 -12.92 20.40 -49.36
CA ILE F 60 -12.66 18.97 -49.48
C ILE F 60 -13.52 18.34 -50.61
N ALA F 61 -14.75 18.82 -50.79
CA ALA F 61 -15.60 18.43 -51.93
C ALA F 61 -15.46 19.36 -53.15
N GLY F 62 -14.41 20.17 -53.20
CA GLY F 62 -14.21 21.10 -54.31
C GLY F 62 -15.06 22.35 -54.19
N LYS F 73 -20.33 34.15 -37.88
CA LYS F 73 -21.27 33.09 -38.30
C LYS F 73 -21.58 32.09 -37.18
N LEU F 74 -20.60 31.85 -36.30
CA LEU F 74 -20.77 30.88 -35.22
C LEU F 74 -21.73 31.35 -34.13
N ASP F 75 -21.56 32.58 -33.64
CA ASP F 75 -22.47 33.09 -32.63
C ASP F 75 -23.90 33.15 -33.19
N VAL F 76 -24.02 33.52 -34.47
CA VAL F 76 -25.30 33.54 -35.17
C VAL F 76 -25.92 32.15 -35.25
N LEU F 77 -25.10 31.17 -35.60
CA LEU F 77 -25.54 29.79 -35.61
C LEU F 77 -25.97 29.33 -34.21
N SER F 78 -25.18 29.71 -33.21
CA SER F 78 -25.43 29.28 -31.83
C SER F 78 -26.79 29.82 -31.41
N ASN F 79 -26.98 31.12 -31.67
CA ASN F 79 -28.23 31.84 -31.42
C ASN F 79 -29.42 31.15 -32.03
N ASP F 80 -29.34 30.86 -33.32
CA ASP F 80 -30.40 30.15 -34.05
C ASP F 80 -30.67 28.79 -33.43
N LEU F 81 -29.61 28.13 -33.00
CA LEU F 81 -29.77 26.83 -32.34
C LEU F 81 -30.60 26.94 -31.06
N VAL F 82 -30.22 27.85 -30.15
CA VAL F 82 -30.98 27.96 -28.90
C VAL F 82 -32.41 28.38 -29.22
N MET F 83 -32.55 29.48 -29.97
CA MET F 83 -33.85 30.03 -30.35
C MET F 83 -34.80 28.97 -30.86
N ASN F 84 -34.36 28.28 -31.91
CA ASN F 84 -35.17 27.26 -32.51
C ASN F 84 -35.56 26.16 -31.54
N MET F 85 -34.60 25.70 -30.75
CA MET F 85 -34.86 24.55 -29.85
C MET F 85 -35.79 24.97 -28.71
N LEU F 86 -35.56 26.15 -28.15
CA LEU F 86 -36.43 26.65 -27.09
C LEU F 86 -37.85 26.94 -27.61
N LYS F 87 -37.94 27.55 -28.80
CA LYS F 87 -39.22 27.85 -29.43
C LYS F 87 -40.08 26.60 -29.59
N SER F 88 -39.46 25.52 -30.05
CA SER F 88 -40.18 24.30 -30.37
C SER F 88 -40.34 23.36 -29.18
N SER F 89 -39.87 23.77 -27.99
CA SER F 89 -40.04 22.90 -26.83
C SER F 89 -41.49 22.83 -26.34
N PHE F 90 -42.27 23.88 -26.63
CA PHE F 90 -43.64 24.03 -26.12
C PHE F 90 -43.59 24.45 -24.65
N ALA F 91 -42.47 25.07 -24.26
CA ALA F 91 -42.22 25.39 -22.85
C ALA F 91 -41.89 26.86 -22.62
N THR F 92 -41.72 27.62 -23.70
CA THR F 92 -41.43 29.05 -23.51
C THR F 92 -42.47 30.00 -24.10
N CYS F 93 -42.34 31.27 -23.72
CA CYS F 93 -43.22 32.33 -24.22
C CYS F 93 -42.42 33.57 -24.63
N VAL F 94 -41.44 33.94 -23.80
CA VAL F 94 -40.52 35.08 -24.06
C VAL F 94 -39.06 34.59 -24.11
N LEU F 95 -38.30 35.12 -25.06
CA LEU F 95 -36.91 34.72 -25.24
C LEU F 95 -36.07 35.95 -25.43
N VAL F 96 -35.10 36.13 -24.53
CA VAL F 96 -34.16 37.24 -24.58
C VAL F 96 -32.78 36.69 -24.90
N SER F 97 -32.20 37.17 -26.00
CA SER F 97 -30.85 36.76 -26.37
C SER F 97 -29.92 37.93 -26.54
N GLU F 98 -28.64 37.71 -26.22
CA GLU F 98 -27.56 38.66 -26.44
C GLU F 98 -27.52 39.21 -27.87
N GLU F 99 -27.87 38.38 -28.83
CA GLU F 99 -27.83 38.74 -30.25
C GLU F 99 -29.05 39.53 -30.76
N ASP F 100 -30.13 39.56 -29.99
CA ASP F 100 -31.41 40.13 -30.45
C ASP F 100 -31.79 41.40 -29.72
N LYS F 101 -31.99 42.47 -30.47
CA LYS F 101 -32.26 43.81 -29.90
C LYS F 101 -33.47 43.84 -28.96
N HIS F 102 -34.56 43.19 -29.38
CA HIS F 102 -35.75 43.07 -28.54
C HIS F 102 -36.04 41.61 -28.26
N ALA F 103 -36.76 41.37 -27.17
CA ALA F 103 -37.18 40.01 -26.80
C ALA F 103 -38.05 39.39 -27.89
N ILE F 104 -37.80 38.12 -28.16
CA ILE F 104 -38.65 37.35 -29.03
C ILE F 104 -39.92 37.00 -28.26
N ILE F 105 -41.05 37.01 -28.96
CA ILE F 105 -42.31 36.52 -28.43
C ILE F 105 -42.65 35.23 -29.17
N VAL F 106 -42.77 34.13 -28.43
CA VAL F 106 -43.10 32.81 -29.00
C VAL F 106 -44.55 32.77 -29.49
N GLU F 107 -44.75 32.30 -30.73
CA GLU F 107 -46.09 32.22 -31.34
C GLU F 107 -47.01 31.21 -30.63
N PRO F 108 -48.34 31.48 -30.66
CA PRO F 108 -49.34 30.84 -29.79
C PRO F 108 -49.26 29.31 -29.65
N GLU F 109 -49.27 28.60 -30.77
CA GLU F 109 -49.34 27.14 -30.74
C GLU F 109 -48.17 26.53 -29.94
N LYS F 110 -47.04 27.26 -29.92
CA LYS F 110 -45.80 26.80 -29.27
C LYS F 110 -45.65 27.34 -27.84
N ARG F 111 -46.52 28.27 -27.46
CA ARG F 111 -46.35 29.07 -26.26
C ARG F 111 -46.39 28.27 -24.96
N GLY F 112 -45.40 28.50 -24.11
CA GLY F 112 -45.29 27.86 -22.81
C GLY F 112 -45.05 28.91 -21.75
N LYS F 113 -44.90 28.49 -20.50
CA LYS F 113 -44.91 29.43 -19.39
C LYS F 113 -43.55 29.97 -18.91
N TYR F 114 -42.46 29.59 -19.57
CA TYR F 114 -41.16 30.05 -19.12
C TYR F 114 -40.56 31.11 -20.01
N VAL F 115 -39.66 31.88 -19.41
CA VAL F 115 -38.92 32.94 -20.07
C VAL F 115 -37.45 32.58 -19.92
N VAL F 116 -36.70 32.67 -21.03
CA VAL F 116 -35.29 32.33 -21.01
C VAL F 116 -34.44 33.50 -21.51
N CYS F 117 -33.46 33.89 -20.70
CA CYS F 117 -32.49 34.88 -21.11
C CYS F 117 -31.18 34.12 -21.28
N PHE F 118 -30.56 34.24 -22.45
CA PHE F 118 -29.35 33.48 -22.74
C PHE F 118 -28.33 34.26 -23.55
N ASP F 119 -27.07 33.87 -23.43
CA ASP F 119 -26.03 34.31 -24.33
C ASP F 119 -25.61 33.03 -25.06
N PRO F 120 -25.95 32.91 -26.36
CA PRO F 120 -25.75 31.61 -27.05
C PRO F 120 -24.28 31.25 -27.14
N LEU F 121 -23.42 32.25 -27.29
CA LEU F 121 -21.99 32.00 -27.40
C LEU F 121 -21.11 33.12 -26.82
N ASP F 122 -21.07 33.18 -25.49
CA ASP F 122 -20.22 34.12 -24.79
C ASP F 122 -18.75 33.86 -25.06
N GLY F 123 -18.02 34.92 -25.37
CA GLY F 123 -16.58 34.84 -25.58
C GLY F 123 -16.17 34.69 -27.03
N SER F 124 -17.15 34.53 -27.91
CA SER F 124 -16.92 34.25 -29.34
C SER F 124 -16.01 35.23 -30.08
N SER F 125 -16.06 36.51 -29.71
CA SER F 125 -15.23 37.55 -30.35
C SER F 125 -13.73 37.21 -30.34
N ASN F 126 -13.31 36.49 -29.31
CA ASN F 126 -11.93 36.01 -29.21
C ASN F 126 -11.77 34.52 -29.56
N ILE F 127 -12.76 33.94 -30.24
CA ILE F 127 -12.67 32.52 -30.68
C ILE F 127 -11.60 32.28 -31.77
N ASP F 128 -11.08 33.38 -32.34
CA ASP F 128 -9.96 33.35 -33.28
C ASP F 128 -8.75 32.62 -32.65
N CYS F 129 -8.59 32.77 -31.33
CA CYS F 129 -7.49 32.13 -30.60
C CYS F 129 -7.89 30.84 -29.89
N LEU F 130 -9.04 30.29 -30.26
CA LEU F 130 -9.51 29.02 -29.71
C LEU F 130 -9.65 29.02 -28.19
N VAL F 131 -9.73 30.23 -27.62
CA VAL F 131 -10.13 30.45 -26.24
C VAL F 131 -11.44 29.75 -25.93
N SER F 132 -11.51 29.19 -24.73
CA SER F 132 -12.76 28.67 -24.18
C SER F 132 -13.91 29.62 -24.45
N VAL F 133 -15.07 29.05 -24.78
CA VAL F 133 -16.31 29.80 -24.96
C VAL F 133 -17.43 29.05 -24.26
N GLY F 134 -18.58 29.68 -24.11
CA GLY F 134 -19.69 29.02 -23.47
C GLY F 134 -21.01 29.62 -23.82
N THR F 135 -22.06 28.95 -23.37
CA THR F 135 -23.43 29.42 -23.46
C THR F 135 -23.97 29.62 -22.04
N ILE F 136 -24.59 30.78 -21.79
CA ILE F 136 -25.23 31.05 -20.51
C ILE F 136 -26.74 31.19 -20.67
N PHE F 137 -27.48 30.65 -19.71
CA PHE F 137 -28.93 30.73 -19.72
C PHE F 137 -29.52 31.00 -18.31
N GLY F 138 -30.62 31.73 -18.30
CA GLY F 138 -31.41 31.95 -17.10
C GLY F 138 -32.88 31.71 -17.42
N ILE F 139 -33.53 30.91 -16.59
CA ILE F 139 -34.91 30.54 -16.83
C ILE F 139 -35.83 31.14 -15.77
N TYR F 140 -36.90 31.81 -16.22
CA TYR F 140 -37.93 32.41 -15.36
C TYR F 140 -39.30 31.82 -15.65
N ARG F 141 -40.12 31.66 -14.61
CA ARG F 141 -41.55 31.35 -14.79
C ARG F 141 -42.25 32.66 -15.15
N LYS F 142 -43.27 32.58 -16.02
CA LYS F 142 -44.11 33.74 -16.30
C LYS F 142 -44.87 34.14 -15.03
N LYS F 143 -44.86 35.44 -14.73
CA LYS F 143 -45.38 35.94 -13.46
C LYS F 143 -46.75 36.65 -13.57
N SER F 144 -47.06 37.20 -14.75
CA SER F 144 -48.37 37.81 -14.99
C SER F 144 -49.29 36.94 -15.85
N THR F 145 -50.48 37.48 -16.15
CA THR F 145 -51.50 36.76 -16.94
C THR F 145 -51.96 37.53 -18.18
N ASP F 146 -51.14 38.51 -18.61
CA ASP F 146 -51.42 39.28 -19.82
C ASP F 146 -50.98 38.51 -21.05
N GLU F 147 -51.17 39.13 -22.22
CA GLU F 147 -50.45 38.74 -23.44
C GLU F 147 -48.96 38.91 -23.10
N PRO F 148 -48.14 37.87 -23.34
CA PRO F 148 -46.70 37.93 -23.09
C PRO F 148 -46.02 39.11 -23.77
N SER F 149 -45.08 39.71 -23.07
CA SER F 149 -44.30 40.83 -23.59
C SER F 149 -42.89 40.74 -23.01
N GLU F 150 -42.04 41.67 -23.45
CA GLU F 150 -40.66 41.74 -23.00
C GLU F 150 -40.61 41.93 -21.49
N LYS F 151 -41.65 42.55 -20.96
CA LYS F 151 -41.79 42.88 -19.53
C LYS F 151 -41.52 41.66 -18.62
N ASP F 152 -41.88 40.49 -19.12
CA ASP F 152 -41.77 39.27 -18.36
C ASP F 152 -40.32 38.83 -18.15
N ALA F 153 -39.43 39.33 -18.99
CA ALA F 153 -38.01 39.11 -18.84
C ALA F 153 -37.40 40.04 -17.82
N LEU F 154 -38.17 41.02 -17.35
CA LEU F 154 -37.60 41.97 -16.40
C LEU F 154 -37.97 41.61 -14.96
N GLN F 155 -37.52 40.43 -14.55
CA GLN F 155 -37.57 40.00 -13.15
C GLN F 155 -36.15 40.04 -12.58
N PRO F 156 -36.01 40.33 -11.27
CA PRO F 156 -34.69 40.21 -10.63
C PRO F 156 -34.22 38.74 -10.63
N GLY F 157 -32.92 38.49 -10.43
CA GLY F 157 -32.39 37.12 -10.41
C GLY F 157 -32.99 36.21 -9.35
N ARG F 158 -33.36 36.81 -8.21
CA ARG F 158 -34.10 36.11 -7.16
C ARG F 158 -35.21 35.25 -7.72
N ASN F 159 -35.71 35.64 -8.88
CA ASN F 159 -36.91 35.03 -9.42
C ASN F 159 -36.62 33.78 -10.25
N LEU F 160 -35.33 33.45 -10.37
CA LEU F 160 -34.88 32.36 -11.22
C LEU F 160 -35.35 31.00 -10.74
N VAL F 161 -35.82 30.20 -11.68
CA VAL F 161 -36.23 28.81 -11.45
C VAL F 161 -35.04 27.90 -11.72
N ALA F 162 -34.17 28.32 -12.64
CA ALA F 162 -33.00 27.54 -13.05
C ALA F 162 -32.07 28.41 -13.84
N ALA F 163 -30.77 28.19 -13.63
CA ALA F 163 -29.77 28.88 -14.43
C ALA F 163 -28.56 27.96 -14.60
N GLY F 164 -27.68 28.33 -15.54
CA GLY F 164 -26.45 27.63 -15.68
C GLY F 164 -25.70 28.03 -16.91
N TYR F 165 -24.82 27.14 -17.31
CA TYR F 165 -24.01 27.35 -18.49
C TYR F 165 -23.42 26.08 -19.06
N ALA F 166 -22.98 26.21 -20.30
CA ALA F 166 -22.23 25.19 -20.98
C ALA F 166 -20.87 25.82 -21.19
N LEU F 167 -19.81 25.11 -20.81
CA LEU F 167 -18.46 25.55 -21.16
C LEU F 167 -17.86 24.66 -22.24
N TYR F 168 -17.42 25.31 -23.33
CA TYR F 168 -16.73 24.65 -24.41
C TYR F 168 -15.24 24.86 -24.25
N GLY F 169 -14.68 24.16 -23.26
CA GLY F 169 -13.27 24.30 -22.92
C GLY F 169 -12.54 23.12 -23.50
N SER F 170 -11.61 22.55 -22.74
CA SER F 170 -10.91 21.34 -23.20
C SER F 170 -11.89 20.19 -23.39
N ALA F 171 -12.92 20.14 -22.54
CA ALA F 171 -14.06 19.25 -22.72
C ALA F 171 -15.30 20.13 -22.62
N THR F 172 -16.48 19.57 -22.85
CA THR F 172 -17.72 20.37 -22.76
C THR F 172 -18.50 19.99 -21.53
N MET F 173 -18.68 20.96 -20.65
CA MET F 173 -19.46 20.72 -19.45
C MET F 173 -20.67 21.64 -19.38
N LEU F 174 -21.80 21.05 -19.03
CA LEU F 174 -23.02 21.77 -18.67
C LEU F 174 -23.15 21.86 -17.16
N VAL F 175 -23.17 23.08 -16.63
CA VAL F 175 -23.43 23.28 -15.20
C VAL F 175 -24.88 23.75 -14.99
N LEU F 176 -25.64 22.96 -14.24
CA LEU F 176 -27.05 23.29 -13.99
C LEU F 176 -27.35 23.58 -12.51
N ALA F 177 -27.82 24.79 -12.24
CA ALA F 177 -28.27 25.18 -10.88
C ALA F 177 -29.78 25.31 -10.79
N MET F 178 -30.35 24.74 -9.72
CA MET F 178 -31.77 24.83 -9.40
C MET F 178 -31.92 24.85 -7.88
N ASP F 179 -33.14 24.81 -7.36
CA ASP F 179 -33.37 24.83 -5.92
C ASP F 179 -32.48 23.82 -5.24
N CYS F 180 -32.49 22.60 -5.79
CA CYS F 180 -31.81 21.46 -5.22
C CYS F 180 -30.29 21.61 -5.15
N GLY F 181 -29.73 22.58 -5.88
CA GLY F 181 -28.29 22.80 -5.88
C GLY F 181 -27.70 22.88 -7.27
N VAL F 182 -26.37 22.91 -7.34
CA VAL F 182 -25.64 22.94 -8.60
C VAL F 182 -25.12 21.53 -8.95
N ASN F 183 -25.39 21.09 -10.18
CA ASN F 183 -24.87 19.82 -10.65
C ASN F 183 -24.09 20.03 -11.94
N CYS F 184 -23.02 19.25 -12.10
CA CYS F 184 -22.06 19.38 -13.22
C CYS F 184 -22.13 18.15 -14.10
N PHE F 185 -22.29 18.38 -15.42
CA PHE F 185 -22.46 17.28 -16.38
C PHE F 185 -21.42 17.40 -17.49
N MET F 186 -20.75 16.29 -17.80
CA MET F 186 -19.67 16.28 -18.79
C MET F 186 -20.22 15.70 -20.08
N LEU F 187 -20.04 16.38 -21.21
CA LEU F 187 -20.50 15.79 -22.47
C LEU F 187 -19.53 14.68 -22.89
N ASP F 188 -20.08 13.50 -23.13
CA ASP F 188 -19.36 12.41 -23.75
C ASP F 188 -19.66 12.39 -25.23
N PRO F 189 -18.75 12.95 -26.06
CA PRO F 189 -19.05 13.15 -27.49
C PRO F 189 -19.21 11.86 -28.29
N ALA F 190 -18.79 10.75 -27.70
CA ALA F 190 -18.91 9.47 -28.36
C ALA F 190 -20.37 9.06 -28.47
N ILE F 191 -21.17 9.52 -27.52
CA ILE F 191 -22.58 9.10 -27.46
C ILE F 191 -23.55 10.27 -27.36
N GLY F 192 -23.03 11.49 -27.39
CA GLY F 192 -23.87 12.68 -27.25
C GLY F 192 -24.72 12.67 -25.99
N GLU F 193 -24.12 12.31 -24.86
CA GLU F 193 -24.85 12.21 -23.61
C GLU F 193 -24.15 13.02 -22.50
N PHE F 194 -24.93 13.81 -21.75
CA PHE F 194 -24.38 14.65 -20.68
C PHE F 194 -24.28 13.88 -19.38
N ILE F 195 -23.06 13.59 -18.96
CA ILE F 195 -22.85 12.71 -17.82
C ILE F 195 -22.56 13.46 -16.53
N LEU F 196 -23.40 13.21 -15.52
CA LEU F 196 -23.23 13.76 -14.17
C LEU F 196 -21.91 13.31 -13.54
N VAL F 197 -21.01 14.26 -13.34
CA VAL F 197 -19.67 13.96 -12.84
C VAL F 197 -19.38 14.56 -11.46
N ASP F 198 -20.05 15.67 -11.14
CA ASP F 198 -19.98 16.30 -9.82
C ASP F 198 -21.38 16.62 -9.29
N LYS F 199 -21.74 15.98 -8.18
CA LYS F 199 -23.05 16.19 -7.55
C LYS F 199 -23.00 17.30 -6.53
N ASP F 200 -24.00 18.19 -6.57
CA ASP F 200 -24.30 19.15 -5.48
C ASP F 200 -23.10 20.04 -5.14
N VAL F 201 -22.45 20.56 -6.18
CA VAL F 201 -21.17 21.25 -6.05
C VAL F 201 -21.31 22.43 -5.09
N LYS F 202 -20.36 22.58 -4.18
CA LYS F 202 -20.27 23.77 -3.33
C LYS F 202 -18.94 24.44 -3.57
N ILE F 203 -18.90 25.75 -3.46
CA ILE F 203 -17.65 26.47 -3.60
C ILE F 203 -16.89 26.57 -2.26
N LYS F 204 -15.57 26.42 -2.34
CA LYS F 204 -14.65 26.79 -1.28
C LYS F 204 -15.07 28.10 -0.62
N LYS F 205 -15.17 28.06 0.71
CA LYS F 205 -15.41 29.24 1.52
C LYS F 205 -14.36 30.31 1.20
N LYS F 206 -13.13 29.88 0.96
CA LYS F 206 -12.06 30.80 0.56
C LYS F 206 -11.04 30.19 -0.40
N GLY F 207 -10.54 31.00 -1.34
CA GLY F 207 -9.61 30.57 -2.40
C GLY F 207 -8.34 31.42 -2.48
N LYS F 208 -7.60 31.24 -3.57
CA LYS F 208 -6.25 31.79 -3.70
C LYS F 208 -6.01 32.42 -5.06
N ILE F 209 -7.08 32.64 -5.81
CA ILE F 209 -6.99 33.17 -7.17
C ILE F 209 -7.91 34.38 -7.35
N TYR F 210 -7.39 35.43 -7.95
CA TYR F 210 -8.26 36.57 -8.25
C TYR F 210 -8.32 36.79 -9.77
N SER F 211 -9.51 37.09 -10.28
CA SER F 211 -9.71 37.18 -11.72
C SER F 211 -10.33 38.51 -12.18
N LEU F 212 -9.52 39.31 -12.84
CA LEU F 212 -9.97 40.55 -13.49
C LEU F 212 -8.92 40.98 -14.51
N ASN F 213 -9.33 41.83 -15.44
CA ASN F 213 -8.42 42.45 -16.42
C ASN F 213 -7.62 43.61 -15.82
N GLU F 214 -6.44 43.30 -15.28
CA GLU F 214 -5.60 44.33 -14.66
C GLU F 214 -5.04 45.35 -15.65
N GLY F 215 -5.29 45.11 -16.94
CA GLY F 215 -4.88 46.05 -17.98
C GLY F 215 -5.58 47.39 -17.82
N TYR F 216 -6.82 47.37 -17.33
CA TYR F 216 -7.63 48.58 -17.16
C TYR F 216 -7.33 49.29 -15.83
N ALA F 217 -6.16 49.01 -15.25
CA ALA F 217 -5.80 49.51 -13.91
C ALA F 217 -5.94 51.02 -13.74
N LYS F 218 -5.56 51.78 -14.76
CA LYS F 218 -5.66 53.25 -14.75
C LYS F 218 -7.06 53.77 -14.38
N ASP F 219 -8.10 53.12 -14.87
CA ASP F 219 -9.47 53.57 -14.58
C ASP F 219 -10.11 52.84 -13.38
N PHE F 220 -9.33 52.05 -12.65
CA PHE F 220 -9.90 51.36 -11.50
C PHE F 220 -10.57 52.29 -10.49
N ASP F 221 -11.68 51.81 -9.94
CA ASP F 221 -12.24 52.33 -8.71
C ASP F 221 -11.18 52.11 -7.62
N PRO F 222 -10.77 53.19 -6.93
CA PRO F 222 -9.68 53.10 -5.94
C PRO F 222 -9.87 52.00 -4.88
N ALA F 223 -11.10 51.52 -4.71
CA ALA F 223 -11.38 50.37 -3.84
C ALA F 223 -10.96 49.03 -4.48
N VAL F 224 -11.06 48.94 -5.81
CA VAL F 224 -10.51 47.79 -6.53
C VAL F 224 -8.97 47.88 -6.55
N THR F 225 -8.44 49.07 -6.82
CA THR F 225 -6.99 49.27 -6.77
C THR F 225 -6.45 48.70 -5.46
N GLU F 226 -7.15 48.98 -4.35
CA GLU F 226 -6.69 48.55 -3.03
C GLU F 226 -6.94 47.07 -2.75
N TYR F 227 -8.09 46.56 -3.18
CA TYR F 227 -8.38 45.12 -3.05
C TYR F 227 -7.32 44.28 -3.77
N ILE F 228 -7.00 44.65 -5.01
CA ILE F 228 -6.03 43.89 -5.79
C ILE F 228 -4.62 43.97 -5.20
N GLN F 229 -4.21 45.18 -4.77
CA GLN F 229 -2.91 45.35 -4.08
C GLN F 229 -2.76 44.42 -2.86
N ARG F 230 -3.86 44.15 -2.18
CA ARG F 230 -3.90 43.24 -1.03
C ARG F 230 -3.74 41.74 -1.38
N LYS F 231 -3.99 41.38 -2.64
CA LYS F 231 -3.81 40.00 -3.09
C LYS F 231 -2.35 39.77 -3.36
N LYS F 232 -1.68 40.80 -3.88
CA LYS F 232 -0.27 40.70 -4.26
C LYS F 232 0.68 40.99 -3.09
N PHE F 233 0.24 41.86 -2.18
CA PHE F 233 1.01 42.30 -1.01
C PHE F 233 0.12 42.23 0.23
N PRO F 234 -0.20 41.02 0.72
CA PRO F 234 -1.16 40.88 1.82
C PRO F 234 -0.62 41.46 3.13
N PRO F 235 -1.53 41.84 4.04
CA PRO F 235 -1.07 42.32 5.35
C PRO F 235 -0.38 41.20 6.14
N ASP F 236 -1.10 40.08 6.31
CA ASP F 236 -0.84 39.09 7.36
C ASP F 236 0.29 38.06 7.14
N ASN F 237 1.27 38.38 6.31
CA ASN F 237 2.39 37.48 6.02
C ASN F 237 1.95 36.12 5.43
N SER F 238 0.76 36.10 4.86
CA SER F 238 0.25 34.92 4.15
C SER F 238 0.71 34.94 2.69
N ALA F 239 0.24 33.95 1.92
CA ALA F 239 0.62 33.80 0.53
C ALA F 239 -0.06 34.84 -0.38
N PRO F 240 0.73 35.50 -1.25
CA PRO F 240 0.07 36.29 -2.30
C PRO F 240 -0.75 35.36 -3.20
N TYR F 241 -1.93 35.82 -3.61
CA TYR F 241 -2.81 35.05 -4.48
C TYR F 241 -2.22 34.88 -5.86
N GLY F 242 -2.66 33.84 -6.58
CA GLY F 242 -2.40 33.72 -8.02
C GLY F 242 -3.34 34.63 -8.83
N ALA F 243 -2.93 34.97 -10.04
CA ALA F 243 -3.81 35.67 -10.98
C ALA F 243 -4.17 34.80 -12.21
N ARG F 244 -5.47 34.73 -12.53
CA ARG F 244 -5.93 34.04 -13.73
C ARG F 244 -7.02 34.88 -14.38
N TYR F 245 -6.81 35.26 -15.64
CA TYR F 245 -7.84 35.91 -16.41
C TYR F 245 -7.84 35.38 -17.84
N VAL F 246 -8.85 34.59 -18.14
CA VAL F 246 -8.97 34.05 -19.48
C VAL F 246 -9.60 35.12 -20.36
N GLY F 247 -10.57 35.85 -19.83
CA GLY F 247 -11.21 36.89 -20.62
C GLY F 247 -12.43 36.33 -21.33
N SER F 248 -12.75 35.07 -21.02
CA SER F 248 -14.04 34.49 -21.36
C SER F 248 -14.74 34.20 -20.04
N MET F 249 -15.88 34.84 -19.82
CA MET F 249 -16.56 34.79 -18.54
C MET F 249 -16.94 33.39 -18.11
N VAL F 250 -17.45 32.59 -19.02
CA VAL F 250 -17.87 31.22 -18.65
C VAL F 250 -16.70 30.42 -18.10
N ALA F 251 -15.51 30.64 -18.66
CA ALA F 251 -14.30 29.94 -18.20
C ALA F 251 -13.76 30.49 -16.88
N ASP F 252 -13.80 31.81 -16.73
CA ASP F 252 -13.31 32.44 -15.50
C ASP F 252 -14.24 32.12 -14.33
N VAL F 253 -15.54 32.14 -14.60
CA VAL F 253 -16.51 31.82 -13.56
C VAL F 253 -16.47 30.33 -13.18
N HIS F 254 -16.19 29.46 -14.16
CA HIS F 254 -16.10 28.01 -13.88
C HIS F 254 -14.88 27.64 -13.03
N ARG F 255 -13.74 28.21 -13.35
CA ARG F 255 -12.56 28.06 -12.54
C ARG F 255 -12.80 28.63 -11.14
N THR F 256 -13.55 29.73 -11.06
CA THR F 256 -13.89 30.32 -9.78
C THR F 256 -14.66 29.28 -8.98
N LEU F 257 -15.64 28.64 -9.61
CA LEU F 257 -16.45 27.59 -8.98
C LEU F 257 -15.65 26.39 -8.48
N VAL F 258 -14.75 25.90 -9.30
CA VAL F 258 -14.07 24.64 -9.05
C VAL F 258 -12.87 24.81 -8.11
N TYR F 259 -12.16 25.92 -8.26
CA TYR F 259 -10.94 26.18 -7.49
C TYR F 259 -11.13 27.20 -6.37
N GLY F 260 -12.21 27.99 -6.44
CA GLY F 260 -12.46 29.05 -5.49
C GLY F 260 -11.73 30.31 -5.87
N GLY F 261 -11.99 31.38 -5.12
CA GLY F 261 -11.32 32.64 -5.34
C GLY F 261 -12.33 33.68 -5.79
N ILE F 262 -11.88 34.69 -6.52
CA ILE F 262 -12.78 35.79 -6.84
C ILE F 262 -12.70 36.18 -8.31
N PHE F 263 -13.87 36.43 -8.89
CA PHE F 263 -13.96 37.00 -10.22
C PHE F 263 -14.54 38.41 -10.13
N LEU F 264 -13.82 39.36 -10.74
CA LEU F 264 -14.25 40.77 -10.77
C LEU F 264 -14.34 41.34 -12.20
N TYR F 265 -15.53 41.81 -12.55
CA TYR F 265 -15.68 42.74 -13.66
C TYR F 265 -16.46 43.95 -13.13
N PRO F 266 -15.75 44.85 -12.43
CA PRO F 266 -16.41 45.87 -11.63
C PRO F 266 -16.67 47.17 -12.39
N ALA F 267 -17.27 48.12 -11.70
CA ALA F 267 -17.53 49.45 -12.25
C ALA F 267 -16.39 50.42 -11.97
N ASN F 268 -16.25 51.42 -12.82
CA ASN F 268 -15.31 52.53 -12.61
C ASN F 268 -15.97 53.88 -12.90
N LYS F 269 -15.17 54.86 -13.32
CA LYS F 269 -15.71 56.16 -13.75
C LYS F 269 -16.34 56.06 -15.14
N LYS F 270 -15.57 55.52 -16.09
CA LYS F 270 -16.00 55.36 -17.49
C LYS F 270 -17.29 54.52 -17.63
N SER F 271 -17.29 53.31 -17.07
CA SER F 271 -18.46 52.43 -17.08
C SER F 271 -18.98 52.27 -15.65
N PRO F 272 -19.97 53.11 -15.27
CA PRO F 272 -20.48 53.09 -13.90
C PRO F 272 -21.38 51.88 -13.62
N ASN F 273 -21.79 51.19 -14.67
CA ASN F 273 -22.61 50.00 -14.54
C ASN F 273 -21.92 48.73 -15.00
N GLY F 274 -20.59 48.81 -15.15
CA GLY F 274 -19.80 47.68 -15.64
C GLY F 274 -20.02 47.42 -17.12
N LYS F 275 -19.58 46.25 -17.58
CA LYS F 275 -19.69 45.90 -18.99
C LYS F 275 -20.60 44.68 -19.17
N LEU F 276 -20.50 43.71 -18.27
CA LEU F 276 -21.30 42.49 -18.39
C LEU F 276 -22.79 42.76 -18.25
N ARG F 277 -23.57 41.98 -19.00
CA ARG F 277 -25.01 42.19 -19.11
C ARG F 277 -25.76 41.41 -18.04
N LEU F 278 -26.79 42.05 -17.49
CA LEU F 278 -27.45 41.54 -16.30
C LEU F 278 -28.21 40.26 -16.53
N LEU F 279 -29.15 40.27 -17.47
CA LEU F 279 -30.11 39.16 -17.64
C LEU F 279 -29.50 37.84 -18.09
N TYR F 280 -28.43 37.90 -18.88
CA TYR F 280 -27.92 36.70 -19.56
C TYR F 280 -26.43 36.44 -19.35
N GLU F 281 -25.78 37.25 -18.52
CA GLU F 281 -24.44 36.93 -18.06
C GLU F 281 -24.39 36.93 -16.52
N CYS F 282 -24.74 38.06 -15.92
CA CYS F 282 -24.57 38.29 -14.47
C CYS F 282 -25.53 37.51 -13.59
N ASN F 283 -26.82 37.54 -13.90
CA ASN F 283 -27.79 36.85 -13.05
C ASN F 283 -27.60 35.36 -12.99
N PRO F 284 -27.34 34.72 -14.14
CA PRO F 284 -27.24 33.27 -14.08
C PRO F 284 -25.96 32.83 -13.34
N MET F 285 -24.84 33.47 -13.61
CA MET F 285 -23.64 33.21 -12.82
C MET F 285 -23.81 33.57 -11.33
N ALA F 286 -24.66 34.55 -11.04
CA ALA F 286 -24.90 34.93 -9.65
C ALA F 286 -25.72 33.85 -9.03
N TYR F 287 -26.69 33.36 -9.80
CA TYR F 287 -27.54 32.30 -9.35
C TYR F 287 -26.76 31.02 -9.10
N VAL F 288 -25.90 30.64 -10.05
CA VAL F 288 -25.09 29.43 -9.87
C VAL F 288 -24.22 29.63 -8.63
N MET F 289 -23.56 30.78 -8.53
CA MET F 289 -22.71 31.07 -7.38
C MET F 289 -23.42 31.01 -6.04
N GLU F 290 -24.68 31.41 -5.98
CA GLU F 290 -25.39 31.41 -4.69
C GLU F 290 -25.84 30.01 -4.31
N LYS F 291 -26.16 29.21 -5.32
CA LYS F 291 -26.59 27.83 -5.11
C LYS F 291 -25.40 26.94 -4.75
N ALA F 292 -24.19 27.41 -5.05
CA ALA F 292 -22.97 26.72 -4.63
C ALA F 292 -22.40 27.26 -3.31
N GLY F 293 -23.16 28.09 -2.60
CA GLY F 293 -22.69 28.67 -1.33
C GLY F 293 -21.71 29.82 -1.47
N GLY F 294 -21.72 30.48 -2.62
CA GLY F 294 -20.81 31.62 -2.86
C GLY F 294 -21.60 32.90 -3.02
N MET F 295 -20.91 33.98 -3.33
CA MET F 295 -21.55 35.30 -3.39
C MET F 295 -21.31 35.99 -4.72
N ALA F 296 -22.23 36.88 -5.08
CA ALA F 296 -22.10 37.70 -6.28
C ALA F 296 -22.71 39.06 -6.02
N THR F 297 -21.85 40.07 -6.00
CA THR F 297 -22.29 41.44 -5.69
C THR F 297 -22.02 42.39 -6.84
N THR F 298 -22.74 43.51 -6.85
CA THR F 298 -22.42 44.63 -7.74
C THR F 298 -21.46 45.54 -7.01
N GLY F 299 -21.20 45.22 -5.74
CA GLY F 299 -20.52 46.13 -4.82
C GLY F 299 -21.55 46.85 -3.96
N LYS F 300 -22.55 47.41 -4.61
CA LYS F 300 -23.57 48.16 -3.91
C LYS F 300 -24.74 47.29 -3.44
N GLU F 301 -24.95 46.15 -4.12
CA GLU F 301 -25.93 45.13 -3.68
C GLU F 301 -25.74 43.80 -4.41
N ALA F 302 -26.52 42.80 -3.97
CA ALA F 302 -26.51 41.47 -4.54
C ALA F 302 -27.07 41.48 -5.97
N VAL F 303 -26.28 40.99 -6.92
CA VAL F 303 -26.69 40.90 -8.33
C VAL F 303 -28.17 40.48 -8.46
N LEU F 304 -28.53 39.38 -7.78
CA LEU F 304 -29.86 38.78 -7.90
C LEU F 304 -30.98 39.68 -7.39
N ASP F 305 -30.57 40.74 -6.70
CA ASP F 305 -31.53 41.73 -6.19
C ASP F 305 -31.78 42.88 -7.17
N VAL F 306 -30.83 43.15 -8.06
CA VAL F 306 -31.00 44.24 -9.04
C VAL F 306 -32.31 44.13 -9.83
N ILE F 307 -33.13 45.18 -9.82
CA ILE F 307 -34.37 45.17 -10.59
C ILE F 307 -34.12 45.74 -12.00
N PRO F 308 -34.25 44.87 -13.03
CA PRO F 308 -33.92 45.24 -14.40
C PRO F 308 -34.95 46.15 -15.07
N THR F 309 -34.48 47.16 -15.81
CA THR F 309 -35.37 48.03 -16.58
C THR F 309 -35.16 47.86 -18.08
N ASP F 310 -33.92 47.65 -18.50
CA ASP F 310 -33.60 47.29 -19.90
C ASP F 310 -33.02 45.88 -19.97
N ILE F 311 -33.48 45.11 -20.97
CA ILE F 311 -33.07 43.70 -21.12
C ILE F 311 -31.59 43.48 -21.47
N HIS F 312 -30.94 44.54 -21.95
CA HIS F 312 -29.51 44.51 -22.25
C HIS F 312 -28.75 45.46 -21.32
N GLN F 313 -29.33 45.79 -20.18
CA GLN F 313 -28.62 46.62 -19.22
C GLN F 313 -27.35 45.95 -18.66
N ARG F 314 -26.38 46.79 -18.32
CA ARG F 314 -25.13 46.36 -17.74
C ARG F 314 -25.19 46.35 -16.20
N ALA F 315 -24.35 45.53 -15.59
CA ALA F 315 -24.28 45.39 -14.13
C ALA F 315 -22.84 45.09 -13.75
N PRO F 316 -22.33 45.71 -12.66
CA PRO F 316 -21.02 45.27 -12.18
C PRO F 316 -21.17 43.88 -11.54
N VAL F 317 -20.08 43.13 -11.49
CA VAL F 317 -20.11 41.79 -10.93
C VAL F 317 -18.78 41.43 -10.27
N ILE F 318 -18.85 41.19 -8.97
CA ILE F 318 -17.71 40.66 -8.24
C ILE F 318 -18.27 39.42 -7.57
N LEU F 319 -17.75 38.25 -7.97
CA LEU F 319 -18.34 36.98 -7.50
C LEU F 319 -17.27 35.98 -7.11
N GLY F 320 -17.70 34.88 -6.50
CA GLY F 320 -16.74 33.93 -6.00
C GLY F 320 -16.99 33.44 -4.59
N SER F 321 -15.92 33.01 -3.94
CA SER F 321 -15.98 32.43 -2.61
C SER F 321 -16.46 33.47 -1.60
N PRO F 322 -17.29 33.05 -0.63
CA PRO F 322 -17.88 33.95 0.38
C PRO F 322 -16.88 34.93 0.98
N ASP F 323 -15.80 34.40 1.57
CA ASP F 323 -14.84 35.24 2.30
C ASP F 323 -14.17 36.24 1.39
N ASP F 324 -13.96 35.85 0.13
CA ASP F 324 -13.24 36.69 -0.83
C ASP F 324 -14.09 37.87 -1.27
N VAL F 325 -15.38 37.61 -1.52
CA VAL F 325 -16.34 38.67 -1.84
C VAL F 325 -16.53 39.63 -0.64
N LEU F 326 -16.86 39.07 0.53
CA LEU F 326 -16.98 39.86 1.76
C LEU F 326 -15.78 40.75 2.01
N GLU F 327 -14.60 40.23 1.76
CA GLU F 327 -13.39 41.04 1.89
C GLU F 327 -13.37 42.17 0.88
N PHE F 328 -13.92 41.92 -0.31
CA PHE F 328 -13.99 42.99 -1.29
C PHE F 328 -14.96 44.07 -0.85
N LEU F 329 -16.11 43.63 -0.34
CA LEU F 329 -17.20 44.51 0.03
C LEU F 329 -16.80 45.39 1.21
N LYS F 330 -15.84 44.93 2.01
CA LYS F 330 -15.38 45.70 3.17
C LYS F 330 -14.44 46.80 2.70
N VAL F 331 -13.55 46.46 1.77
CA VAL F 331 -12.70 47.44 1.10
C VAL F 331 -13.56 48.47 0.33
N TYR F 332 -14.63 48.00 -0.31
CA TYR F 332 -15.58 48.86 -1.04
C TYR F 332 -16.47 49.74 -0.13
N GLU F 333 -17.04 49.15 0.92
CA GLU F 333 -17.90 49.89 1.85
C GLU F 333 -17.11 50.81 2.78
N LYS F 334 -15.79 50.72 2.71
CA LYS F 334 -14.90 51.58 3.48
C LYS F 334 -14.71 52.88 2.70
N HIS F 335 -14.28 52.74 1.45
CA HIS F 335 -14.24 53.85 0.51
C HIS F 335 -15.66 54.39 0.28
N SER F 336 -16.61 53.79 1.00
CA SER F 336 -18.01 54.22 1.06
C SER F 336 -18.83 53.63 -0.08
N ALA F 337 -18.32 53.50 -1.20
N ASP G 10 3.75 -3.81 -33.01
CA ASP G 10 3.36 -2.37 -33.10
C ASP G 10 2.00 -2.19 -33.75
N VAL G 11 1.24 -1.20 -33.27
CA VAL G 11 0.05 -0.74 -33.93
C VAL G 11 0.43 -0.18 -35.30
N ASN G 12 -0.31 -0.55 -36.33
CA ASN G 12 -0.10 0.03 -37.65
C ASN G 12 -1.35 0.74 -38.18
N THR G 13 -1.12 1.77 -38.96
CA THR G 13 -2.19 2.53 -39.56
C THR G 13 -2.01 2.48 -41.08
N LEU G 14 -3.03 2.86 -41.83
CA LEU G 14 -2.91 2.88 -43.30
C LEU G 14 -1.81 3.85 -43.77
N THR G 15 -1.76 5.05 -43.18
CA THR G 15 -0.69 5.98 -43.50
C THR G 15 0.71 5.39 -43.22
N ARG G 16 0.90 4.83 -42.04
CA ARG G 16 2.19 4.23 -41.71
C ARG G 16 2.54 3.06 -42.66
N PHE G 17 1.54 2.23 -42.95
CA PHE G 17 1.72 1.03 -43.82
C PHE G 17 2.20 1.41 -45.20
N VAL G 18 1.63 2.48 -45.73
CA VAL G 18 1.86 2.91 -47.08
C VAL G 18 3.21 3.65 -47.17
N MET G 19 3.57 4.40 -46.14
CA MET G 19 4.91 5.03 -46.09
C MET G 19 6.01 3.97 -45.95
N GLU G 20 5.73 2.92 -45.20
CA GLU G 20 6.66 1.81 -45.00
C GLU G 20 6.89 1.03 -46.28
N GLU G 21 5.81 0.69 -46.97
CA GLU G 21 5.87 -0.01 -48.26
C GLU G 21 6.54 0.83 -49.35
N GLY G 22 6.25 2.13 -49.34
CA GLY G 22 6.80 3.08 -50.30
C GLY G 22 8.30 3.25 -50.14
N ARG G 23 8.79 3.23 -48.91
CA ARG G 23 10.21 3.38 -48.63
C ARG G 23 10.98 2.09 -48.90
N LYS G 24 10.36 0.94 -48.61
CA LYS G 24 10.95 -0.35 -48.98
C LYS G 24 11.26 -0.38 -50.48
N ALA G 25 10.23 -0.22 -51.31
CA ALA G 25 10.38 -0.21 -52.78
C ALA G 25 11.10 1.04 -53.34
N ARG G 26 11.32 2.03 -52.48
CA ARG G 26 12.11 3.23 -52.84
C ARG G 26 11.51 4.09 -53.95
N GLY G 27 10.18 4.07 -54.07
CA GLY G 27 9.45 4.89 -55.07
C GLY G 27 9.45 6.37 -54.76
N THR G 28 8.81 7.17 -55.61
CA THR G 28 8.87 8.64 -55.49
C THR G 28 7.92 9.21 -54.45
N GLY G 29 6.93 8.42 -54.03
CA GLY G 29 5.93 8.87 -53.06
C GLY G 29 4.57 9.15 -53.67
N GLU G 30 4.50 9.12 -54.99
CA GLU G 30 3.30 9.53 -55.73
C GLU G 30 2.07 8.63 -55.47
N LEU G 31 2.28 7.33 -55.39
CA LEU G 31 1.22 6.40 -55.06
C LEU G 31 0.80 6.51 -53.57
N THR G 32 1.79 6.80 -52.73
CA THR G 32 1.54 7.01 -51.31
C THR G 32 0.64 8.24 -51.13
N GLN G 33 0.91 9.31 -51.85
CA GLN G 33 0.05 10.50 -51.79
C GLN G 33 -1.34 10.25 -52.36
N LEU G 34 -1.44 9.38 -53.36
CA LEU G 34 -2.71 9.11 -54.00
C LEU G 34 -3.57 8.39 -52.98
N LEU G 35 -2.96 7.43 -52.31
CA LEU G 35 -3.63 6.54 -51.41
C LEU G 35 -4.01 7.24 -50.14
N ASN G 36 -3.10 8.04 -49.60
CA ASN G 36 -3.43 8.93 -48.50
C ASN G 36 -4.64 9.82 -48.83
N SER G 37 -4.67 10.39 -50.03
CA SER G 37 -5.80 11.25 -50.44
C SER G 37 -7.11 10.49 -50.57
N LEU G 38 -7.02 9.24 -51.01
CA LEU G 38 -8.19 8.39 -51.13
C LEU G 38 -8.76 8.09 -49.73
N CYS G 39 -7.84 7.84 -48.79
CA CYS G 39 -8.11 7.59 -47.39
C CYS G 39 -8.86 8.78 -46.77
N THR G 40 -8.43 10.00 -47.09
CA THR G 40 -9.13 11.19 -46.60
C THR G 40 -10.56 11.26 -47.16
N ALA G 41 -10.73 10.91 -48.43
CA ALA G 41 -12.04 10.89 -49.06
C ALA G 41 -12.96 9.86 -48.42
N VAL G 42 -12.43 8.66 -48.15
CA VAL G 42 -13.16 7.57 -47.53
C VAL G 42 -13.69 7.91 -46.13
N LYS G 43 -12.88 8.65 -45.37
CA LYS G 43 -13.28 9.14 -44.04
C LYS G 43 -14.39 10.15 -44.22
N ALA G 44 -14.24 11.01 -45.20
CA ALA G 44 -15.27 11.99 -45.43
C ALA G 44 -16.55 11.35 -45.95
N ILE G 45 -16.43 10.26 -46.72
CA ILE G 45 -17.65 9.63 -47.20
C ILE G 45 -18.35 8.94 -46.03
N SER G 46 -17.55 8.33 -45.16
CA SER G 46 -18.06 7.56 -44.02
C SER G 46 -18.86 8.44 -43.08
N SER G 47 -18.32 9.62 -42.81
CA SER G 47 -18.98 10.57 -41.92
C SER G 47 -20.35 10.98 -42.48
N ALA G 48 -20.41 11.20 -43.79
CA ALA G 48 -21.66 11.61 -44.43
C ALA G 48 -22.68 10.47 -44.51
N VAL G 49 -22.20 9.26 -44.78
CA VAL G 49 -23.02 8.06 -44.85
C VAL G 49 -23.63 7.66 -43.49
N ARG G 50 -22.89 7.92 -42.42
CA ARG G 50 -23.32 7.62 -41.07
C ARG G 50 -24.24 8.72 -40.60
N LYS G 51 -24.34 9.79 -41.40
CA LYS G 51 -25.32 10.88 -41.24
C LYS G 51 -24.98 11.98 -40.23
N ALA G 52 -23.68 12.23 -40.06
CA ALA G 52 -23.22 13.28 -39.20
C ALA G 52 -23.64 14.68 -39.72
N GLY G 53 -24.40 15.39 -38.91
CA GLY G 53 -24.92 16.71 -39.30
C GLY G 53 -26.33 16.69 -39.83
N ILE G 54 -26.93 15.51 -39.91
CA ILE G 54 -28.29 15.36 -40.44
C ILE G 54 -29.34 16.25 -39.74
N ALA G 55 -29.15 16.49 -38.44
CA ALA G 55 -30.00 17.39 -37.68
C ALA G 55 -30.17 18.73 -38.35
N HIS G 56 -29.15 19.18 -39.08
CA HIS G 56 -29.20 20.49 -39.77
C HIS G 56 -30.09 20.47 -41.00
N LEU G 57 -30.16 19.34 -41.68
CA LEU G 57 -31.11 19.14 -42.75
C LEU G 57 -32.54 19.26 -42.25
N TYR G 58 -32.80 18.70 -41.07
CA TYR G 58 -34.16 18.60 -40.55
C TYR G 58 -34.56 19.82 -39.71
N GLY G 59 -33.77 20.87 -39.82
CA GLY G 59 -34.08 22.14 -39.19
C GLY G 59 -33.84 22.29 -37.69
N ILE G 60 -32.67 21.87 -37.21
CA ILE G 60 -32.31 22.06 -35.78
C ILE G 60 -32.07 23.55 -35.44
N ALA G 61 -31.59 24.30 -36.43
CA ALA G 61 -31.27 25.72 -36.26
C ALA G 61 -32.25 26.61 -37.02
N GLY G 62 -33.41 26.05 -37.39
CA GLY G 62 -34.42 26.75 -38.17
C GLY G 62 -34.58 26.22 -39.58
N LYS G 73 -27.07 15.43 -52.46
CA LYS G 73 -27.29 13.98 -52.56
C LYS G 73 -26.00 13.19 -52.25
N LEU G 74 -26.14 11.99 -51.70
CA LEU G 74 -25.00 11.26 -51.14
C LEU G 74 -24.01 10.71 -52.18
N ASP G 75 -24.51 10.12 -53.26
CA ASP G 75 -23.64 9.67 -54.35
C ASP G 75 -22.90 10.82 -55.07
N VAL G 76 -23.59 11.95 -55.23
CA VAL G 76 -22.99 13.17 -55.78
C VAL G 76 -21.85 13.66 -54.91
N LEU G 77 -22.13 13.93 -53.63
CA LEU G 77 -21.11 14.38 -52.68
C LEU G 77 -19.95 13.39 -52.59
N SER G 78 -20.23 12.11 -52.54
CA SER G 78 -19.14 11.14 -52.49
C SER G 78 -18.23 11.28 -53.71
N ASN G 79 -18.82 11.41 -54.90
CA ASN G 79 -18.08 11.56 -56.13
C ASN G 79 -17.19 12.80 -56.07
N ASP G 80 -17.79 13.94 -55.73
CA ASP G 80 -17.08 15.21 -55.54
C ASP G 80 -15.88 15.07 -54.60
N LEU G 81 -16.03 14.22 -53.58
CA LEU G 81 -14.99 14.06 -52.58
C LEU G 81 -13.82 13.30 -53.17
N VAL G 82 -14.11 12.15 -53.78
CA VAL G 82 -13.10 11.31 -54.36
C VAL G 82 -12.41 12.06 -55.51
N MET G 83 -13.20 12.68 -56.40
CA MET G 83 -12.64 13.51 -57.49
C MET G 83 -11.70 14.58 -56.95
N ASN G 84 -12.20 15.38 -56.01
CA ASN G 84 -11.43 16.52 -55.54
C ASN G 84 -10.15 16.12 -54.84
N MET G 85 -10.22 15.15 -53.94
CA MET G 85 -9.02 14.62 -53.29
C MET G 85 -8.01 14.01 -54.27
N LEU G 86 -8.49 13.31 -55.30
CA LEU G 86 -7.60 12.69 -56.29
C LEU G 86 -6.93 13.73 -57.19
N LYS G 87 -7.69 14.73 -57.65
CA LYS G 87 -7.14 15.78 -58.50
C LYS G 87 -6.05 16.54 -57.77
N SER G 88 -6.32 16.92 -56.53
CA SER G 88 -5.38 17.69 -55.75
C SER G 88 -4.24 16.82 -55.14
N SER G 89 -4.26 15.52 -55.39
CA SER G 89 -3.18 14.68 -54.90
C SER G 89 -1.92 14.88 -55.77
N PHE G 90 -2.10 15.52 -56.93
CA PHE G 90 -1.07 15.66 -57.96
C PHE G 90 -0.56 14.31 -58.46
N ALA G 91 -1.31 13.23 -58.17
CA ALA G 91 -0.87 11.88 -58.49
C ALA G 91 -1.60 11.24 -59.69
N THR G 92 -2.58 11.96 -60.23
CA THR G 92 -3.50 11.40 -61.25
C THR G 92 -3.60 12.21 -62.56
N CYS G 93 -3.88 11.50 -63.66
CA CYS G 93 -4.04 12.18 -64.96
C CYS G 93 -5.44 12.01 -65.56
N VAL G 94 -6.02 10.84 -65.33
CA VAL G 94 -7.30 10.48 -65.91
C VAL G 94 -8.09 9.78 -64.81
N LEU G 95 -9.32 10.24 -64.60
CA LEU G 95 -10.20 9.65 -63.60
C LEU G 95 -11.47 9.13 -64.23
N VAL G 96 -11.84 7.91 -63.87
CA VAL G 96 -13.14 7.38 -64.27
C VAL G 96 -14.02 7.09 -63.06
N SER G 97 -15.24 7.64 -63.11
CA SER G 97 -16.21 7.41 -62.09
C SER G 97 -17.54 6.89 -62.64
N GLU G 98 -18.14 6.00 -61.86
CA GLU G 98 -19.48 5.48 -62.07
C GLU G 98 -20.45 6.62 -62.33
N GLU G 99 -20.13 7.79 -61.79
CA GLU G 99 -21.00 8.95 -61.80
C GLU G 99 -20.86 9.90 -62.99
N ASP G 100 -19.82 9.68 -63.81
CA ASP G 100 -19.51 10.61 -64.88
C ASP G 100 -19.52 9.87 -66.22
N LYS G 101 -20.32 10.37 -67.15
CA LYS G 101 -20.47 9.74 -68.45
C LYS G 101 -19.14 9.56 -69.20
N HIS G 102 -18.29 10.58 -69.21
CA HIS G 102 -16.96 10.50 -69.83
C HIS G 102 -15.80 10.47 -68.81
N ALA G 103 -14.62 10.02 -69.23
CA ALA G 103 -13.44 10.10 -68.38
C ALA G 103 -13.18 11.55 -68.01
N ILE G 104 -12.69 11.77 -66.80
CA ILE G 104 -12.26 13.09 -66.41
C ILE G 104 -10.76 13.18 -66.60
N ILE G 105 -10.33 14.16 -67.37
CA ILE G 105 -8.91 14.39 -67.61
C ILE G 105 -8.44 15.47 -66.63
N VAL G 106 -7.41 15.14 -65.86
CA VAL G 106 -6.91 16.07 -64.83
C VAL G 106 -6.15 17.23 -65.47
N GLU G 107 -6.41 18.44 -64.99
CA GLU G 107 -5.74 19.65 -65.52
C GLU G 107 -4.22 19.50 -65.40
N PRO G 108 -3.47 19.95 -66.44
CA PRO G 108 -2.02 19.66 -66.61
C PRO G 108 -1.17 20.08 -65.43
N GLU G 109 -1.52 21.21 -64.81
CA GLU G 109 -0.80 21.72 -63.64
C GLU G 109 -0.88 20.78 -62.45
N LYS G 110 -1.83 19.83 -62.48
CA LYS G 110 -2.08 18.89 -61.37
C LYS G 110 -1.83 17.41 -61.74
N ARG G 111 -1.38 17.17 -62.97
CA ARG G 111 -1.27 15.81 -63.52
C ARG G 111 -0.17 14.99 -62.89
N GLY G 112 -0.47 13.71 -62.64
CA GLY G 112 0.50 12.74 -62.12
C GLY G 112 0.43 11.50 -62.98
N LYS G 113 1.12 10.44 -62.58
CA LYS G 113 1.28 9.25 -63.42
C LYS G 113 0.16 8.20 -63.36
N TYR G 114 -0.84 8.43 -62.49
CA TYR G 114 -1.86 7.40 -62.25
C TYR G 114 -3.21 7.66 -62.87
N VAL G 115 -3.84 6.55 -63.23
CA VAL G 115 -5.21 6.49 -63.67
C VAL G 115 -6.05 5.78 -62.59
N VAL G 116 -7.16 6.41 -62.20
CA VAL G 116 -8.02 5.80 -61.19
C VAL G 116 -9.44 5.58 -61.66
N CYS G 117 -9.88 4.34 -61.50
CA CYS G 117 -11.25 3.93 -61.80
C CYS G 117 -11.98 3.69 -60.49
N PHE G 118 -13.06 4.41 -60.26
CA PHE G 118 -13.76 4.27 -58.98
C PHE G 118 -15.28 4.34 -59.05
N ASP G 119 -15.92 3.72 -58.05
CA ASP G 119 -17.35 3.88 -57.79
C ASP G 119 -17.42 4.54 -56.43
N PRO G 120 -17.76 5.83 -56.40
CA PRO G 120 -17.72 6.61 -55.16
C PRO G 120 -18.62 6.05 -54.06
N LEU G 121 -19.77 5.49 -54.45
CA LEU G 121 -20.70 4.91 -53.48
C LEU G 121 -21.48 3.75 -54.10
N ASP G 122 -20.87 2.57 -54.15
CA ASP G 122 -21.58 1.41 -54.67
C ASP G 122 -22.74 1.02 -53.76
N GLY G 123 -23.88 0.76 -54.40
CA GLY G 123 -25.03 0.17 -53.71
C GLY G 123 -25.98 1.21 -53.16
N SER G 124 -25.72 2.48 -53.50
CA SER G 124 -26.46 3.61 -52.93
C SER G 124 -27.92 3.78 -53.40
N SER G 125 -28.34 2.97 -54.37
CA SER G 125 -29.76 2.98 -54.79
C SER G 125 -30.68 2.50 -53.66
N ASN G 126 -30.20 1.54 -52.86
CA ASN G 126 -30.93 1.02 -51.69
C ASN G 126 -30.51 1.63 -50.35
N ILE G 127 -29.78 2.75 -50.36
CA ILE G 127 -29.30 3.38 -49.12
C ILE G 127 -30.47 3.86 -48.21
N ASP G 128 -31.66 3.94 -48.80
CA ASP G 128 -32.87 4.23 -48.07
C ASP G 128 -33.23 3.15 -47.03
N CYS G 129 -32.84 1.91 -47.28
CA CYS G 129 -33.01 0.88 -46.27
C CYS G 129 -31.80 0.76 -45.34
N LEU G 130 -30.85 1.69 -45.44
CA LEU G 130 -29.59 1.67 -44.68
C LEU G 130 -28.77 0.39 -44.88
N VAL G 131 -28.87 -0.15 -46.07
CA VAL G 131 -28.00 -1.23 -46.50
C VAL G 131 -26.56 -0.69 -46.46
N SER G 132 -25.62 -1.58 -46.13
CA SER G 132 -24.19 -1.35 -46.35
C SER G 132 -23.96 -0.74 -47.73
N VAL G 133 -23.12 0.29 -47.80
CA VAL G 133 -22.66 0.85 -49.08
C VAL G 133 -21.13 0.92 -49.08
N GLY G 134 -20.52 1.26 -50.20
CA GLY G 134 -19.07 1.22 -50.22
C GLY G 134 -18.48 2.01 -51.33
N THR G 135 -17.16 2.15 -51.29
CA THR G 135 -16.42 2.85 -52.31
C THR G 135 -15.50 1.84 -52.94
N ILE G 136 -15.47 1.76 -54.27
CA ILE G 136 -14.58 0.76 -54.93
C ILE G 136 -13.55 1.52 -55.77
N PHE G 137 -12.33 1.03 -55.81
CA PHE G 137 -11.31 1.75 -56.58
C PHE G 137 -10.30 0.81 -57.17
N GLY G 138 -9.85 1.12 -58.38
CA GLY G 138 -8.69 0.46 -59.00
C GLY G 138 -7.70 1.50 -59.50
N ILE G 139 -6.41 1.22 -59.31
CA ILE G 139 -5.34 2.17 -59.69
C ILE G 139 -4.37 1.60 -60.70
N TYR G 140 -4.16 2.34 -61.80
CA TYR G 140 -3.21 1.97 -62.86
C TYR G 140 -2.20 3.07 -63.11
N ARG G 141 -1.00 2.66 -63.53
CA ARG G 141 -0.02 3.60 -64.10
C ARG G 141 -0.44 3.89 -65.54
N LYS G 142 -0.58 5.18 -65.89
CA LYS G 142 -0.75 5.56 -67.29
C LYS G 142 0.34 4.84 -68.12
N LYS G 143 -0.08 4.07 -69.13
CA LYS G 143 0.83 3.24 -69.94
C LYS G 143 1.32 3.95 -71.23
N SER G 144 0.38 4.52 -71.97
CA SER G 144 0.66 5.20 -73.23
C SER G 144 1.43 6.51 -72.97
N THR G 145 2.21 6.97 -73.96
CA THR G 145 2.89 8.28 -73.83
C THR G 145 2.06 9.37 -74.49
N ASP G 146 0.88 9.00 -74.99
CA ASP G 146 -0.04 9.97 -75.57
C ASP G 146 -0.47 11.05 -74.57
N GLU G 147 -1.20 12.05 -75.05
CA GLU G 147 -1.83 13.00 -74.18
C GLU G 147 -2.86 12.21 -73.34
N PRO G 148 -3.03 12.54 -72.06
CA PRO G 148 -4.01 11.76 -71.26
C PRO G 148 -5.41 11.78 -71.85
N SER G 149 -6.01 10.61 -71.96
CA SER G 149 -7.36 10.50 -72.52
C SER G 149 -8.07 9.32 -71.91
N GLU G 150 -9.32 9.15 -72.30
CA GLU G 150 -10.18 8.07 -71.86
C GLU G 150 -9.52 6.73 -72.11
N LYS G 151 -8.82 6.63 -73.24
CA LYS G 151 -8.09 5.42 -73.63
C LYS G 151 -7.19 4.87 -72.53
N ASP G 152 -6.64 5.77 -71.70
CA ASP G 152 -5.70 5.41 -70.61
C ASP G 152 -6.33 4.56 -69.51
N ALA G 153 -7.65 4.66 -69.39
CA ALA G 153 -8.44 3.91 -68.44
C ALA G 153 -8.88 2.54 -68.95
N LEU G 154 -8.53 2.23 -70.21
CA LEU G 154 -9.04 1.03 -70.85
C LEU G 154 -8.04 -0.13 -70.83
N GLN G 155 -7.35 -0.28 -69.71
CA GLN G 155 -6.38 -1.35 -69.51
C GLN G 155 -7.06 -2.55 -68.88
N PRO G 156 -6.58 -3.77 -69.19
CA PRO G 156 -7.14 -4.88 -68.47
C PRO G 156 -6.71 -4.82 -66.99
N GLY G 157 -7.42 -5.58 -66.15
CA GLY G 157 -7.19 -5.58 -64.71
C GLY G 157 -5.88 -6.21 -64.30
N ARG G 158 -5.25 -6.94 -65.22
CA ARG G 158 -3.89 -7.44 -64.99
C ARG G 158 -2.89 -6.33 -64.70
N ASN G 159 -3.17 -5.13 -65.23
CA ASN G 159 -2.26 -4.01 -65.16
C ASN G 159 -2.38 -3.17 -63.86
N LEU G 160 -3.45 -3.41 -63.08
CA LEU G 160 -3.62 -2.71 -61.79
C LEU G 160 -2.36 -2.67 -60.91
N VAL G 161 -2.11 -1.52 -60.31
CA VAL G 161 -1.02 -1.34 -59.37
C VAL G 161 -1.55 -1.55 -57.95
N ALA G 162 -2.74 -1.00 -57.67
CA ALA G 162 -3.44 -1.17 -56.39
C ALA G 162 -4.95 -1.15 -56.62
N ALA G 163 -5.68 -1.74 -55.69
CA ALA G 163 -7.14 -1.81 -55.76
C ALA G 163 -7.71 -2.12 -54.39
N GLY G 164 -9.00 -1.86 -54.24
CA GLY G 164 -9.69 -2.20 -53.01
C GLY G 164 -10.97 -1.44 -52.83
N TYR G 165 -11.45 -1.44 -51.60
CA TYR G 165 -12.75 -0.85 -51.35
C TYR G 165 -12.82 -0.36 -49.93
N ALA G 166 -13.70 0.62 -49.71
CA ALA G 166 -14.19 0.93 -48.38
C ALA G 166 -15.62 0.39 -48.22
N LEU G 167 -15.87 -0.28 -47.09
CA LEU G 167 -17.18 -0.84 -46.78
C LEU G 167 -17.69 -0.06 -45.62
N TYR G 168 -18.73 0.75 -45.84
CA TYR G 168 -19.43 1.49 -44.78
C TYR G 168 -20.54 0.58 -44.27
N GLY G 169 -20.13 -0.39 -43.49
CA GLY G 169 -21.06 -1.30 -42.89
C GLY G 169 -21.34 -0.96 -41.44
N SER G 170 -21.41 -2.00 -40.62
CA SER G 170 -21.59 -1.83 -39.18
C SER G 170 -20.42 -1.03 -38.62
N ALA G 171 -19.22 -1.31 -39.15
CA ALA G 171 -18.11 -0.37 -39.05
C ALA G 171 -17.60 -0.13 -40.48
N THR G 172 -16.74 0.88 -40.63
CA THR G 172 -16.09 1.18 -41.89
C THR G 172 -14.73 0.50 -41.98
N MET G 173 -14.57 -0.38 -42.98
CA MET G 173 -13.29 -1.01 -43.24
C MET G 173 -12.75 -0.63 -44.61
N LEU G 174 -11.46 -0.36 -44.69
CA LEU G 174 -10.77 -0.18 -45.97
C LEU G 174 -9.98 -1.45 -46.26
N VAL G 175 -10.29 -2.10 -47.39
CA VAL G 175 -9.50 -3.25 -47.82
C VAL G 175 -8.60 -2.80 -48.99
N LEU G 176 -7.28 -2.87 -48.78
CA LEU G 176 -6.29 -2.46 -49.77
C LEU G 176 -5.52 -3.68 -50.27
N ALA G 177 -5.51 -3.87 -51.59
CA ALA G 177 -4.72 -4.94 -52.20
C ALA G 177 -3.67 -4.34 -53.14
N MET G 178 -2.43 -4.81 -53.01
CA MET G 178 -1.31 -4.47 -53.89
C MET G 178 -0.53 -5.75 -54.15
N ASP G 179 0.62 -5.64 -54.81
CA ASP G 179 1.50 -6.78 -55.06
C ASP G 179 1.92 -7.53 -53.79
N CYS G 180 2.11 -6.78 -52.70
CA CYS G 180 2.42 -7.36 -51.37
C CYS G 180 1.26 -8.11 -50.66
N GLY G 181 0.12 -8.26 -51.33
CA GLY G 181 -1.06 -8.87 -50.72
C GLY G 181 -2.17 -7.91 -50.31
N VAL G 182 -3.13 -8.46 -49.56
CA VAL G 182 -4.35 -7.75 -49.12
C VAL G 182 -4.30 -7.53 -47.61
N ASN G 183 -4.57 -6.30 -47.22
CA ASN G 183 -4.52 -5.89 -45.82
C ASN G 183 -5.78 -5.09 -45.49
N CYS G 184 -6.34 -5.39 -44.31
CA CYS G 184 -7.61 -4.80 -43.87
C CYS G 184 -7.46 -3.79 -42.73
N PHE G 185 -7.98 -2.59 -42.98
CA PHE G 185 -7.87 -1.49 -42.03
C PHE G 185 -9.26 -1.10 -41.55
N MET G 186 -9.42 -1.05 -40.23
CA MET G 186 -10.68 -0.63 -39.62
C MET G 186 -10.60 0.85 -39.27
N LEU G 187 -11.57 1.65 -39.74
CA LEU G 187 -11.60 3.06 -39.35
C LEU G 187 -12.01 3.21 -37.88
N ASP G 188 -11.15 3.82 -37.08
CA ASP G 188 -11.49 4.21 -35.72
C ASP G 188 -12.04 5.62 -35.81
N PRO G 189 -13.36 5.78 -35.66
CA PRO G 189 -13.89 7.11 -35.91
C PRO G 189 -13.63 8.09 -34.80
N ALA G 190 -13.14 7.61 -33.65
CA ALA G 190 -12.79 8.51 -32.56
C ALA G 190 -11.56 9.37 -32.96
N ILE G 191 -10.66 8.80 -33.75
CA ILE G 191 -9.44 9.50 -34.15
C ILE G 191 -9.22 9.64 -35.65
N GLY G 192 -10.14 9.11 -36.45
CA GLY G 192 -10.06 9.24 -37.89
C GLY G 192 -8.77 8.64 -38.40
N GLU G 193 -8.55 7.37 -38.06
CA GLU G 193 -7.36 6.69 -38.45
C GLU G 193 -7.82 5.29 -38.86
N PHE G 194 -7.30 4.78 -39.98
CA PHE G 194 -7.51 3.38 -40.36
C PHE G 194 -6.47 2.51 -39.71
N ILE G 195 -6.91 1.51 -38.94
CA ILE G 195 -6.04 0.69 -38.11
C ILE G 195 -5.88 -0.66 -38.77
N LEU G 196 -4.64 -1.07 -39.05
CA LEU G 196 -4.43 -2.39 -39.62
C LEU G 196 -4.90 -3.43 -38.64
N VAL G 197 -5.90 -4.21 -39.03
CA VAL G 197 -6.42 -5.24 -38.13
C VAL G 197 -6.30 -6.64 -38.71
N ASP G 198 -6.10 -6.76 -40.03
CA ASP G 198 -5.92 -8.06 -40.65
C ASP G 198 -4.87 -8.10 -41.76
N LYS G 199 -3.74 -8.75 -41.48
CA LYS G 199 -2.55 -8.70 -42.34
C LYS G 199 -2.57 -9.82 -43.34
N ASP G 200 -2.14 -9.50 -44.55
CA ASP G 200 -1.89 -10.51 -45.59
C ASP G 200 -3.02 -11.55 -45.59
N VAL G 201 -4.22 -11.09 -45.90
CA VAL G 201 -5.44 -11.87 -45.82
C VAL G 201 -5.54 -12.91 -46.94
N LYS G 202 -6.01 -14.10 -46.59
CA LYS G 202 -6.11 -15.22 -47.53
C LYS G 202 -7.47 -15.84 -47.36
N ILE G 203 -8.13 -16.10 -48.49
CA ILE G 203 -9.50 -16.61 -48.52
C ILE G 203 -9.47 -18.14 -48.38
N LYS G 204 -10.51 -18.72 -47.78
CA LYS G 204 -10.55 -20.17 -47.58
C LYS G 204 -10.51 -20.90 -48.92
N LYS G 205 -9.75 -22.00 -48.96
CA LYS G 205 -9.71 -22.88 -50.12
C LYS G 205 -11.12 -23.21 -50.63
N LYS G 206 -12.06 -23.40 -49.71
CA LYS G 206 -13.46 -23.69 -50.04
C LYS G 206 -14.44 -23.10 -49.03
N GLY G 207 -15.53 -22.54 -49.53
CA GLY G 207 -16.52 -21.86 -48.69
C GLY G 207 -17.84 -22.59 -48.52
N LYS G 208 -18.72 -22.05 -47.69
CA LYS G 208 -20.00 -22.68 -47.37
C LYS G 208 -21.20 -21.79 -47.70
N ILE G 209 -20.96 -20.68 -48.39
CA ILE G 209 -22.02 -19.71 -48.74
C ILE G 209 -22.00 -19.39 -50.21
N TYR G 210 -23.17 -19.36 -50.86
CA TYR G 210 -23.25 -18.88 -52.23
C TYR G 210 -24.04 -17.57 -52.29
N SER G 211 -23.70 -16.70 -53.22
CA SER G 211 -24.32 -15.39 -53.19
C SER G 211 -24.69 -14.86 -54.57
N LEU G 212 -25.98 -14.80 -54.85
CA LEU G 212 -26.46 -14.19 -56.09
C LEU G 212 -27.93 -13.94 -55.95
N ASN G 213 -28.47 -13.11 -56.83
CA ASN G 213 -29.90 -12.81 -56.81
C ASN G 213 -30.71 -13.87 -57.56
N GLU G 214 -31.35 -14.76 -56.79
CA GLU G 214 -32.11 -15.88 -57.32
C GLU G 214 -33.44 -15.48 -57.95
N GLY G 215 -33.81 -14.22 -57.82
CA GLY G 215 -35.01 -13.74 -58.43
C GLY G 215 -34.93 -13.72 -59.93
N TYR G 216 -33.75 -14.05 -60.45
CA TYR G 216 -33.50 -14.04 -61.88
C TYR G 216 -33.36 -15.47 -62.37
N ALA G 217 -33.75 -16.41 -61.51
CA ALA G 217 -33.71 -17.84 -61.86
C ALA G 217 -34.25 -18.17 -63.26
N LYS G 218 -35.35 -17.53 -63.67
CA LYS G 218 -35.99 -17.79 -64.96
C LYS G 218 -35.03 -17.48 -66.15
N ASP G 219 -34.13 -16.51 -65.98
CA ASP G 219 -33.17 -16.10 -67.02
C ASP G 219 -31.83 -16.84 -66.97
N PHE G 220 -31.54 -17.54 -65.89
CA PHE G 220 -30.25 -18.23 -65.76
C PHE G 220 -29.97 -19.16 -66.93
N ASP G 221 -28.72 -19.21 -67.37
CA ASP G 221 -28.32 -20.26 -68.31
C ASP G 221 -28.20 -21.57 -67.55
N PRO G 222 -28.19 -22.72 -68.27
CA PRO G 222 -28.18 -23.99 -67.55
C PRO G 222 -26.97 -24.19 -66.64
N ALA G 223 -25.84 -23.56 -66.93
CA ALA G 223 -24.66 -23.69 -66.08
C ALA G 223 -24.88 -23.12 -64.67
N VAL G 224 -25.40 -21.89 -64.61
CA VAL G 224 -25.71 -21.24 -63.33
C VAL G 224 -26.83 -21.99 -62.63
N THR G 225 -27.82 -22.42 -63.41
CA THR G 225 -28.92 -23.21 -62.90
C THR G 225 -28.38 -24.50 -62.31
N GLU G 226 -27.52 -25.21 -63.04
CA GLU G 226 -26.98 -26.47 -62.52
C GLU G 226 -26.12 -26.27 -61.28
N TYR G 227 -25.34 -25.18 -61.26
CA TYR G 227 -24.44 -24.93 -60.16
C TYR G 227 -25.21 -24.61 -58.89
N ILE G 228 -26.25 -23.80 -59.00
CA ILE G 228 -27.04 -23.44 -57.83
C ILE G 228 -27.76 -24.69 -57.26
N GLN G 229 -28.24 -25.54 -58.17
CA GLN G 229 -28.86 -26.81 -57.81
C GLN G 229 -27.96 -27.65 -56.92
N ARG G 230 -26.68 -27.78 -57.30
CA ARG G 230 -25.72 -28.54 -56.50
C ARG G 230 -25.46 -27.90 -55.14
N LYS G 231 -25.64 -26.60 -55.03
CA LYS G 231 -25.37 -25.93 -53.76
C LYS G 231 -26.46 -26.27 -52.74
N LYS G 232 -27.68 -26.47 -53.25
CA LYS G 232 -28.83 -26.87 -52.43
C LYS G 232 -29.04 -28.37 -52.32
N PHE G 233 -28.76 -29.10 -53.39
CA PHE G 233 -29.01 -30.54 -53.41
C PHE G 233 -27.73 -31.28 -53.79
N PRO G 234 -26.72 -31.29 -52.89
CA PRO G 234 -25.41 -31.84 -53.26
C PRO G 234 -25.45 -33.36 -53.49
N PRO G 235 -24.74 -33.84 -54.53
CA PRO G 235 -24.73 -35.26 -54.87
C PRO G 235 -24.00 -36.09 -53.83
N ASP G 236 -22.77 -35.68 -53.51
CA ASP G 236 -21.88 -36.38 -52.56
C ASP G 236 -22.42 -36.52 -51.13
N ASN G 237 -23.60 -35.95 -50.87
CA ASN G 237 -24.23 -35.95 -49.54
C ASN G 237 -23.42 -35.18 -48.49
N SER G 238 -23.07 -33.94 -48.82
CA SER G 238 -22.47 -33.01 -47.88
C SER G 238 -23.52 -31.99 -47.43
N ALA G 239 -23.15 -31.10 -46.51
CA ALA G 239 -24.05 -30.03 -46.07
C ALA G 239 -24.31 -29.09 -47.25
N PRO G 240 -25.58 -28.75 -47.50
CA PRO G 240 -25.84 -27.77 -48.55
C PRO G 240 -25.30 -26.41 -48.10
N TYR G 241 -25.21 -25.46 -49.02
CA TYR G 241 -24.66 -24.14 -48.71
C TYR G 241 -25.74 -23.23 -48.18
N GLY G 242 -25.36 -22.33 -47.28
CA GLY G 242 -26.23 -21.24 -46.92
C GLY G 242 -26.17 -20.19 -48.01
N ALA G 243 -27.28 -19.49 -48.23
CA ALA G 243 -27.30 -18.38 -49.18
C ALA G 243 -27.28 -17.07 -48.41
N ARG G 244 -26.62 -16.07 -48.98
CA ARG G 244 -26.69 -14.69 -48.48
C ARG G 244 -26.61 -13.80 -49.70
N TYR G 245 -27.37 -12.69 -49.71
CA TYR G 245 -27.30 -11.73 -50.79
C TYR G 245 -27.85 -10.39 -50.32
N VAL G 246 -26.93 -9.47 -50.05
CA VAL G 246 -27.25 -8.15 -49.53
C VAL G 246 -27.77 -7.29 -50.65
N GLY G 247 -27.27 -7.53 -51.86
CA GLY G 247 -27.61 -6.72 -53.03
C GLY G 247 -26.71 -5.50 -53.10
N SER G 248 -25.68 -5.50 -52.26
CA SER G 248 -24.65 -4.48 -52.29
C SER G 248 -23.31 -5.18 -52.50
N MET G 249 -22.64 -4.88 -53.61
CA MET G 249 -21.52 -5.70 -54.08
C MET G 249 -20.40 -5.77 -53.07
N VAL G 250 -20.01 -4.62 -52.55
CA VAL G 250 -18.95 -4.54 -51.57
C VAL G 250 -19.27 -5.37 -50.34
N ALA G 251 -20.52 -5.32 -49.88
CA ALA G 251 -20.95 -6.03 -48.67
C ALA G 251 -20.88 -7.51 -48.90
N ASP G 252 -21.33 -7.95 -50.08
CA ASP G 252 -21.30 -9.37 -50.49
C ASP G 252 -19.89 -9.89 -50.76
N VAL G 253 -19.09 -9.08 -51.44
CA VAL G 253 -17.74 -9.50 -51.80
C VAL G 253 -16.89 -9.56 -50.55
N HIS G 254 -17.05 -8.56 -49.69
CA HIS G 254 -16.33 -8.59 -48.42
C HIS G 254 -16.62 -9.82 -47.57
N ARG G 255 -17.89 -10.21 -47.48
CA ARG G 255 -18.24 -11.39 -46.72
C ARG G 255 -17.61 -12.63 -47.35
N THR G 256 -17.68 -12.71 -48.68
CA THR G 256 -17.03 -13.80 -49.43
C THR G 256 -15.53 -13.85 -49.12
N LEU G 257 -14.88 -12.69 -49.09
CA LEU G 257 -13.47 -12.64 -48.70
C LEU G 257 -13.25 -13.17 -47.27
N VAL G 258 -14.06 -12.70 -46.34
CA VAL G 258 -13.88 -13.06 -44.91
C VAL G 258 -14.30 -14.49 -44.55
N TYR G 259 -15.41 -14.96 -45.11
CA TYR G 259 -15.95 -16.28 -44.77
C TYR G 259 -15.70 -17.33 -45.84
N GLY G 260 -15.32 -16.87 -47.03
CA GLY G 260 -15.16 -17.74 -48.18
C GLY G 260 -16.50 -18.11 -48.81
N GLY G 261 -16.43 -18.67 -49.99
CA GLY G 261 -17.62 -19.07 -50.69
C GLY G 261 -17.55 -18.46 -52.06
N ILE G 262 -18.70 -18.13 -52.61
CA ILE G 262 -18.78 -17.74 -53.99
C ILE G 262 -19.84 -16.69 -54.18
N PHE G 263 -19.54 -15.71 -55.01
CA PHE G 263 -20.47 -14.65 -55.34
C PHE G 263 -20.66 -14.72 -56.86
N LEU G 264 -21.89 -14.54 -57.33
CA LEU G 264 -22.17 -14.52 -58.76
C LEU G 264 -23.08 -13.39 -59.17
N TYR G 265 -22.78 -12.77 -60.30
CA TYR G 265 -23.76 -11.92 -60.95
C TYR G 265 -23.67 -12.21 -62.46
N PRO G 266 -24.41 -13.25 -62.92
CA PRO G 266 -24.32 -13.59 -64.35
C PRO G 266 -25.07 -12.63 -65.26
N ALA G 267 -24.96 -12.85 -66.56
CA ALA G 267 -25.79 -12.15 -67.51
C ALA G 267 -27.23 -12.59 -67.32
N ASN G 268 -28.17 -11.65 -67.51
CA ASN G 268 -29.60 -11.99 -67.65
C ASN G 268 -30.23 -11.29 -68.85
N LYS G 269 -31.49 -11.61 -69.14
CA LYS G 269 -32.14 -11.05 -70.31
C LYS G 269 -32.13 -9.52 -70.31
N LYS G 270 -32.21 -8.91 -69.13
CA LYS G 270 -32.09 -7.44 -68.99
C LYS G 270 -30.63 -6.97 -68.98
N SER G 271 -29.70 -7.89 -68.73
CA SER G 271 -28.27 -7.58 -68.64
C SER G 271 -27.46 -8.61 -69.44
N PRO G 272 -27.60 -8.60 -70.78
CA PRO G 272 -26.95 -9.63 -71.57
C PRO G 272 -25.41 -9.58 -71.55
N ASN G 273 -24.85 -8.40 -71.29
CA ASN G 273 -23.40 -8.31 -71.14
C ASN G 273 -22.96 -8.36 -69.67
N GLY G 274 -23.91 -8.69 -68.80
CA GLY G 274 -23.68 -8.63 -67.34
C GLY G 274 -24.27 -7.36 -66.75
N LYS G 275 -24.27 -7.24 -65.43
CA LYS G 275 -24.81 -6.05 -64.81
C LYS G 275 -23.70 -5.21 -64.22
N LEU G 276 -22.75 -5.89 -63.59
CA LEU G 276 -21.69 -5.20 -62.87
C LEU G 276 -20.66 -4.58 -63.83
N ARG G 277 -20.14 -3.42 -63.45
CA ARG G 277 -19.22 -2.70 -64.29
C ARG G 277 -17.81 -3.24 -64.21
N LEU G 278 -17.18 -3.44 -65.38
CA LEU G 278 -15.86 -4.05 -65.44
C LEU G 278 -14.80 -3.17 -64.75
N LEU G 279 -14.80 -1.88 -65.09
CA LEU G 279 -13.68 -0.99 -64.74
C LEU G 279 -13.58 -0.68 -63.26
N TYR G 280 -14.72 -0.40 -62.64
CA TYR G 280 -14.71 0.12 -61.26
C TYR G 280 -15.55 -0.73 -60.31
N GLU G 281 -16.00 -1.89 -60.77
CA GLU G 281 -16.59 -2.88 -59.91
C GLU G 281 -15.89 -4.23 -60.02
N CYS G 282 -15.89 -4.84 -61.22
CA CYS G 282 -15.33 -6.18 -61.38
C CYS G 282 -13.82 -6.23 -61.24
N ASN G 283 -13.11 -5.40 -62.02
CA ASN G 283 -11.64 -5.40 -61.92
C ASN G 283 -11.13 -5.22 -60.47
N PRO G 284 -11.53 -4.13 -59.78
CA PRO G 284 -10.95 -4.02 -58.46
C PRO G 284 -11.21 -5.23 -57.57
N MET G 285 -12.41 -5.78 -57.62
CA MET G 285 -12.77 -6.91 -56.77
C MET G 285 -12.07 -8.19 -57.21
N ALA G 286 -11.85 -8.30 -58.53
CA ALA G 286 -11.14 -9.43 -59.08
C ALA G 286 -9.70 -9.39 -58.58
N TYR G 287 -9.12 -8.20 -58.59
CA TYR G 287 -7.76 -8.02 -58.11
C TYR G 287 -7.61 -8.33 -56.62
N VAL G 288 -8.52 -7.81 -55.79
CA VAL G 288 -8.52 -8.15 -54.35
C VAL G 288 -8.60 -9.67 -54.22
N MET G 289 -9.54 -10.29 -54.94
CA MET G 289 -9.69 -11.76 -54.87
C MET G 289 -8.40 -12.52 -55.23
N GLU G 290 -7.72 -12.11 -56.29
CA GLU G 290 -6.55 -12.86 -56.71
C GLU G 290 -5.39 -12.72 -55.76
N LYS G 291 -5.17 -11.52 -55.26
CA LYS G 291 -4.14 -11.31 -54.25
C LYS G 291 -4.43 -12.05 -52.94
N ALA G 292 -5.67 -12.47 -52.75
CA ALA G 292 -6.05 -13.24 -51.55
C ALA G 292 -6.15 -14.74 -51.82
N GLY G 293 -5.72 -15.15 -53.01
CA GLY G 293 -5.75 -16.57 -53.37
C GLY G 293 -7.13 -17.01 -53.82
N GLY G 294 -7.96 -16.05 -54.23
CA GLY G 294 -9.27 -16.35 -54.83
C GLY G 294 -9.26 -16.26 -56.35
N MET G 295 -10.42 -16.46 -56.96
CA MET G 295 -10.58 -16.40 -58.41
C MET G 295 -11.73 -15.49 -58.78
N ALA G 296 -11.67 -14.91 -59.97
CA ALA G 296 -12.79 -14.14 -60.50
C ALA G 296 -12.88 -14.39 -61.99
N THR G 297 -14.01 -14.91 -62.43
CA THR G 297 -14.18 -15.24 -63.84
C THR G 297 -15.48 -14.70 -64.40
N THR G 298 -15.48 -14.46 -65.70
CA THR G 298 -16.70 -14.09 -66.42
C THR G 298 -17.42 -15.34 -66.94
N GLY G 299 -16.79 -16.49 -66.74
CA GLY G 299 -17.19 -17.73 -67.40
C GLY G 299 -16.24 -18.12 -68.52
N LYS G 300 -15.93 -17.17 -69.41
CA LYS G 300 -15.04 -17.43 -70.54
C LYS G 300 -13.58 -17.28 -70.16
N GLU G 301 -13.30 -16.27 -69.34
CA GLU G 301 -11.94 -15.84 -69.06
C GLU G 301 -11.86 -15.24 -67.64
N ALA G 302 -10.65 -15.13 -67.10
CA ALA G 302 -10.44 -14.41 -65.86
C ALA G 302 -10.85 -12.95 -66.08
N VAL G 303 -11.56 -12.37 -65.11
CA VAL G 303 -11.98 -10.95 -65.21
C VAL G 303 -10.79 -10.03 -65.49
N LEU G 304 -9.65 -10.30 -64.85
CA LEU G 304 -8.48 -9.42 -64.99
C LEU G 304 -7.86 -9.45 -66.40
N ASP G 305 -8.27 -10.42 -67.23
CA ASP G 305 -7.79 -10.52 -68.61
C ASP G 305 -8.71 -9.92 -69.69
N VAL G 306 -9.92 -9.52 -69.33
CA VAL G 306 -10.82 -8.86 -70.28
C VAL G 306 -10.24 -7.52 -70.75
N ILE G 307 -10.21 -7.30 -72.06
CA ILE G 307 -9.70 -6.06 -72.59
C ILE G 307 -10.88 -5.13 -72.87
N PRO G 308 -11.01 -4.07 -72.06
CA PRO G 308 -12.08 -3.10 -72.16
C PRO G 308 -12.06 -2.27 -73.46
N THR G 309 -13.23 -1.88 -73.94
CA THR G 309 -13.36 -1.05 -75.13
C THR G 309 -14.13 0.21 -74.75
N ASP G 310 -14.90 0.09 -73.65
CA ASP G 310 -15.71 1.20 -73.13
C ASP G 310 -15.59 1.27 -71.60
N ILE G 311 -15.55 2.49 -71.07
CA ILE G 311 -15.26 2.69 -69.65
C ILE G 311 -16.37 2.20 -68.73
N HIS G 312 -17.61 2.21 -69.22
CA HIS G 312 -18.75 1.80 -68.42
C HIS G 312 -19.29 0.42 -68.85
N GLN G 313 -18.51 -0.28 -69.64
CA GLN G 313 -18.95 -1.59 -70.12
C GLN G 313 -19.13 -2.57 -68.97
N ARG G 314 -20.07 -3.51 -69.14
CA ARG G 314 -20.40 -4.44 -68.08
C ARG G 314 -19.73 -5.77 -68.31
N ALA G 315 -19.69 -6.62 -67.29
CA ALA G 315 -19.19 -7.98 -67.41
C ALA G 315 -19.93 -8.95 -66.46
N PRO G 316 -20.26 -10.18 -66.93
CA PRO G 316 -20.75 -11.12 -65.93
C PRO G 316 -19.62 -11.37 -64.94
N VAL G 317 -19.94 -11.84 -63.73
CA VAL G 317 -18.89 -12.09 -62.76
C VAL G 317 -19.22 -13.20 -61.79
N ILE G 318 -18.25 -14.07 -61.56
CA ILE G 318 -18.35 -15.13 -60.57
C ILE G 318 -17.00 -15.10 -59.87
N LEU G 319 -16.99 -15.13 -58.54
CA LEU G 319 -15.74 -14.96 -57.80
C LEU G 319 -15.78 -15.53 -56.40
N GLY G 320 -14.63 -15.58 -55.75
CA GLY G 320 -14.57 -16.07 -54.37
C GLY G 320 -13.56 -17.17 -54.16
N SER G 321 -13.89 -18.12 -53.30
CA SER G 321 -12.98 -19.23 -52.98
C SER G 321 -12.55 -20.04 -54.22
N PRO G 322 -11.24 -20.39 -54.29
CA PRO G 322 -10.74 -21.09 -55.50
C PRO G 322 -11.48 -22.38 -55.83
N ASP G 323 -11.62 -23.31 -54.89
CA ASP G 323 -12.37 -24.55 -55.12
C ASP G 323 -13.77 -24.32 -55.72
N ASP G 324 -14.45 -23.28 -55.25
CA ASP G 324 -15.83 -23.00 -55.63
C ASP G 324 -15.97 -22.43 -57.02
N VAL G 325 -15.04 -21.55 -57.38
CA VAL G 325 -15.01 -21.04 -58.73
C VAL G 325 -14.61 -22.16 -59.70
N LEU G 326 -13.64 -22.99 -59.30
CA LEU G 326 -13.23 -24.15 -60.10
C LEU G 326 -14.39 -25.11 -60.32
N GLU G 327 -15.17 -25.35 -59.28
CA GLU G 327 -16.36 -26.19 -59.38
C GLU G 327 -17.36 -25.58 -60.38
N PHE G 328 -17.67 -24.29 -60.22
CA PHE G 328 -18.56 -23.64 -61.17
C PHE G 328 -18.06 -23.74 -62.63
N LEU G 329 -16.75 -23.65 -62.83
CA LEU G 329 -16.19 -23.67 -64.18
C LEU G 329 -16.26 -25.07 -64.80
N LYS G 330 -16.16 -26.10 -63.97
CA LYS G 330 -16.40 -27.46 -64.44
C LYS G 330 -17.85 -27.65 -64.89
N VAL G 331 -18.79 -27.01 -64.19
CA VAL G 331 -20.19 -27.00 -64.63
C VAL G 331 -20.32 -26.17 -65.91
N TYR G 332 -19.59 -25.06 -65.97
CA TYR G 332 -19.65 -24.16 -67.11
C TYR G 332 -19.20 -24.88 -68.38
N GLU G 333 -18.15 -25.69 -68.26
CA GLU G 333 -17.53 -26.33 -69.40
C GLU G 333 -18.38 -27.48 -69.91
N LYS G 334 -19.13 -28.11 -69.00
CA LYS G 334 -20.11 -29.14 -69.33
C LYS G 334 -21.21 -28.60 -70.26
N HIS G 335 -21.45 -27.30 -70.23
CA HIS G 335 -22.43 -26.68 -71.10
C HIS G 335 -21.75 -25.89 -72.24
N SER G 336 -20.78 -26.55 -72.86
CA SER G 336 -20.03 -26.05 -74.02
C SER G 336 -19.07 -24.92 -73.66
N ALA G 337 -19.47 -23.82 -73.24
N ASP H 10 -41.08 21.73 -37.61
CA ASP H 10 -40.29 21.49 -36.36
C ASP H 10 -39.40 20.26 -36.47
N VAL H 11 -38.12 20.43 -36.13
CA VAL H 11 -37.24 19.30 -35.90
C VAL H 11 -37.73 18.54 -34.65
N ASN H 12 -37.70 17.22 -34.71
CA ASN H 12 -38.15 16.44 -33.57
C ASN H 12 -37.09 15.39 -33.21
N THR H 13 -36.85 15.21 -31.92
CA THR H 13 -35.91 14.20 -31.45
C THR H 13 -36.69 13.08 -30.79
N LEU H 14 -36.08 11.91 -30.64
CA LEU H 14 -36.77 10.82 -29.96
C LEU H 14 -37.20 11.25 -28.55
N THR H 15 -36.25 11.77 -27.79
CA THR H 15 -36.51 12.24 -26.42
C THR H 15 -37.70 13.22 -26.37
N ARG H 16 -37.72 14.19 -27.28
CA ARG H 16 -38.76 15.22 -27.30
C ARG H 16 -40.12 14.63 -27.72
N PHE H 17 -40.07 13.71 -28.69
CA PHE H 17 -41.23 12.98 -29.18
C PHE H 17 -41.90 12.17 -28.08
N VAL H 18 -41.09 11.44 -27.32
CA VAL H 18 -41.61 10.60 -26.25
C VAL H 18 -42.28 11.46 -25.16
N MET H 19 -41.61 12.54 -24.77
CA MET H 19 -42.16 13.48 -23.82
C MET H 19 -43.46 14.14 -24.29
N GLU H 20 -43.50 14.54 -25.56
CA GLU H 20 -44.68 15.18 -26.15
C GLU H 20 -45.91 14.25 -26.15
N GLU H 21 -45.66 12.96 -26.41
CA GLU H 21 -46.69 11.94 -26.37
C GLU H 21 -47.10 11.64 -24.93
N GLY H 22 -46.11 11.57 -24.04
CA GLY H 22 -46.32 11.26 -22.63
C GLY H 22 -47.26 12.26 -21.97
N ARG H 23 -46.96 13.55 -22.17
CA ARG H 23 -47.84 14.62 -21.73
C ARG H 23 -49.26 14.51 -22.30
N LYS H 24 -49.38 14.24 -23.60
CA LYS H 24 -50.68 14.05 -24.24
C LYS H 24 -51.51 13.01 -23.49
N ALA H 25 -50.90 11.85 -23.27
CA ALA H 25 -51.53 10.73 -22.57
C ALA H 25 -51.72 10.99 -21.09
N ARG H 26 -50.87 11.84 -20.53
CA ARG H 26 -50.91 12.23 -19.13
C ARG H 26 -50.54 11.02 -18.26
N GLY H 27 -49.34 10.49 -18.49
CA GLY H 27 -48.86 9.32 -17.78
C GLY H 27 -47.84 9.69 -16.71
N THR H 28 -47.33 8.69 -16.00
CA THR H 28 -46.44 8.90 -14.85
C THR H 28 -45.05 9.34 -15.28
N GLY H 29 -44.70 9.05 -16.53
CA GLY H 29 -43.37 9.32 -17.05
C GLY H 29 -42.50 8.08 -17.06
N GLU H 30 -43.05 6.98 -16.56
CA GLU H 30 -42.29 5.75 -16.47
C GLU H 30 -41.84 5.21 -17.84
N LEU H 31 -42.76 5.18 -18.81
CA LEU H 31 -42.42 4.73 -20.17
C LEU H 31 -41.34 5.62 -20.83
N THR H 32 -41.51 6.92 -20.67
CA THR H 32 -40.56 7.92 -21.12
C THR H 32 -39.15 7.75 -20.54
N GLN H 33 -39.04 7.35 -19.28
CA GLN H 33 -37.73 7.11 -18.69
C GLN H 33 -37.09 5.84 -19.25
N LEU H 34 -37.90 4.79 -19.46
CA LEU H 34 -37.45 3.52 -20.05
C LEU H 34 -36.95 3.74 -21.49
N LEU H 35 -37.74 4.45 -22.28
CA LEU H 35 -37.38 4.69 -23.66
C LEU H 35 -36.14 5.56 -23.78
N ASN H 36 -36.07 6.63 -22.99
CA ASN H 36 -34.87 7.46 -22.98
C ASN H 36 -33.61 6.70 -22.58
N SER H 37 -33.75 5.84 -21.58
CA SER H 37 -32.62 5.04 -21.11
C SER H 37 -32.21 4.03 -22.18
N LEU H 38 -33.21 3.53 -22.90
CA LEU H 38 -32.99 2.63 -24.02
C LEU H 38 -32.23 3.34 -25.14
N CYS H 39 -32.70 4.54 -25.45
CA CYS H 39 -32.11 5.37 -26.48
C CYS H 39 -30.63 5.64 -26.18
N THR H 40 -30.33 5.89 -24.90
CA THR H 40 -28.97 6.11 -24.45
C THR H 40 -28.10 4.87 -24.63
N ALA H 41 -28.61 3.72 -24.23
CA ALA H 41 -27.93 2.42 -24.48
C ALA H 41 -27.60 2.20 -25.96
N VAL H 42 -28.56 2.49 -26.85
CA VAL H 42 -28.41 2.25 -28.28
C VAL H 42 -27.29 3.11 -28.86
N LYS H 43 -27.22 4.36 -28.43
CA LYS H 43 -26.16 5.23 -28.88
C LYS H 43 -24.80 4.69 -28.45
N ALA H 44 -24.76 4.19 -27.23
CA ALA H 44 -23.52 3.62 -26.72
C ALA H 44 -23.12 2.38 -27.53
N ILE H 45 -24.08 1.55 -27.88
CA ILE H 45 -23.82 0.31 -28.65
C ILE H 45 -23.33 0.68 -30.05
N SER H 46 -24.01 1.66 -30.65
CA SER H 46 -23.66 2.14 -31.97
C SER H 46 -22.21 2.65 -32.02
N SER H 47 -21.76 3.29 -30.96
CA SER H 47 -20.38 3.78 -30.88
C SER H 47 -19.41 2.63 -30.89
N ALA H 48 -19.75 1.56 -30.20
CA ALA H 48 -18.87 0.40 -30.08
C ALA H 48 -18.88 -0.47 -31.35
N VAL H 49 -20.06 -0.59 -31.98
CA VAL H 49 -20.19 -1.30 -33.26
C VAL H 49 -19.40 -0.57 -34.35
N ARG H 50 -19.43 0.77 -34.33
CA ARG H 50 -18.63 1.55 -35.28
C ARG H 50 -17.14 1.52 -34.94
N LYS H 51 -16.81 0.88 -33.84
CA LYS H 51 -15.41 0.64 -33.47
C LYS H 51 -14.66 1.88 -32.97
N ALA H 52 -15.37 2.88 -32.47
CA ALA H 52 -14.67 4.02 -31.88
C ALA H 52 -13.75 3.53 -30.77
N GLY H 53 -12.50 3.97 -30.81
CA GLY H 53 -11.53 3.60 -29.77
C GLY H 53 -10.93 2.22 -29.96
N ILE H 54 -11.18 1.58 -31.10
CA ILE H 54 -10.51 0.33 -31.46
C ILE H 54 -8.99 0.48 -31.51
N ALA H 55 -8.51 1.71 -31.72
CA ALA H 55 -7.07 1.94 -31.74
C ALA H 55 -6.39 1.56 -30.42
N HIS H 56 -7.14 1.64 -29.32
CA HIS H 56 -6.61 1.30 -28.00
C HIS H 56 -6.42 -0.20 -27.82
N LEU H 57 -7.32 -1.00 -28.37
CA LEU H 57 -7.17 -2.46 -28.33
C LEU H 57 -5.99 -2.92 -29.19
N TYR H 58 -5.59 -2.09 -30.15
CA TYR H 58 -4.51 -2.44 -31.07
C TYR H 58 -3.15 -1.84 -30.74
N GLY H 59 -2.98 -1.41 -29.48
CA GLY H 59 -1.70 -0.98 -28.95
C GLY H 59 -1.24 0.44 -29.23
N ILE H 60 -2.18 1.36 -29.49
CA ILE H 60 -1.83 2.75 -29.80
C ILE H 60 -1.14 3.46 -28.62
N ALA H 61 -1.50 3.10 -27.40
CA ALA H 61 -0.83 3.63 -26.21
C ALA H 61 0.19 2.64 -25.64
N GLY H 62 0.64 1.68 -26.45
CA GLY H 62 1.69 0.72 -26.04
C GLY H 62 1.22 -0.55 -25.36
N LYS H 73 -17.05 -10.21 -27.52
CA LYS H 73 -17.32 -9.32 -26.39
C LYS H 73 -18.33 -8.22 -26.71
N LEU H 74 -18.60 -7.97 -27.98
CA LEU H 74 -19.52 -6.89 -28.40
C LEU H 74 -20.98 -7.20 -28.08
N ASP H 75 -21.40 -8.45 -28.24
CA ASP H 75 -22.73 -8.88 -27.84
C ASP H 75 -22.91 -8.83 -26.31
N VAL H 76 -21.82 -9.04 -25.59
CA VAL H 76 -21.80 -9.03 -24.12
C VAL H 76 -21.81 -7.60 -23.61
N LEU H 77 -21.00 -6.74 -24.23
CA LEU H 77 -21.01 -5.32 -23.91
C LEU H 77 -22.39 -4.72 -24.18
N SER H 78 -23.00 -5.11 -25.30
CA SER H 78 -24.34 -4.66 -25.68
C SER H 78 -25.38 -5.09 -24.64
N ASN H 79 -25.30 -6.34 -24.20
CA ASN H 79 -26.15 -6.84 -23.13
C ASN H 79 -26.01 -6.01 -21.86
N ASP H 80 -24.77 -5.82 -21.40
CA ASP H 80 -24.51 -5.07 -20.18
C ASP H 80 -24.99 -3.63 -20.28
N LEU H 81 -24.90 -3.05 -21.47
CA LEU H 81 -25.35 -1.66 -21.67
C LEU H 81 -26.87 -1.54 -21.57
N VAL H 82 -27.60 -2.47 -22.18
CA VAL H 82 -29.07 -2.46 -22.11
C VAL H 82 -29.56 -2.85 -20.70
N MET H 83 -29.06 -3.95 -20.15
CA MET H 83 -29.37 -4.34 -18.77
C MET H 83 -29.23 -3.14 -17.84
N ASN H 84 -28.02 -2.58 -17.80
CA ASN H 84 -27.75 -1.55 -16.82
C ASN H 84 -28.48 -0.22 -17.02
N MET H 85 -28.77 0.15 -18.27
CA MET H 85 -29.55 1.36 -18.50
C MET H 85 -31.00 1.11 -18.06
N LEU H 86 -31.54 -0.06 -18.37
CA LEU H 86 -32.93 -0.36 -18.05
C LEU H 86 -33.22 -0.47 -16.53
N LYS H 87 -32.29 -1.07 -15.80
CA LYS H 87 -32.38 -1.21 -14.36
C LYS H 87 -32.36 0.14 -13.64
N SER H 88 -31.42 0.99 -14.01
CA SER H 88 -31.25 2.28 -13.37
C SER H 88 -32.24 3.29 -13.91
N SER H 89 -33.17 2.84 -14.75
CA SER H 89 -34.17 3.76 -15.31
C SER H 89 -35.32 3.90 -14.34
N PHE H 90 -35.46 2.92 -13.43
CA PHE H 90 -36.49 2.91 -12.39
C PHE H 90 -37.84 2.63 -13.02
N ALA H 91 -37.83 1.90 -14.14
CA ALA H 91 -39.04 1.75 -14.93
C ALA H 91 -39.38 0.30 -15.25
N THR H 92 -38.55 -0.62 -14.79
CA THR H 92 -38.68 -2.03 -15.18
C THR H 92 -38.55 -2.96 -13.96
N CYS H 93 -38.93 -4.23 -14.14
CA CYS H 93 -38.92 -5.16 -13.02
C CYS H 93 -38.48 -6.53 -13.47
N VAL H 94 -38.66 -6.81 -14.75
CA VAL H 94 -38.30 -8.09 -15.35
C VAL H 94 -37.67 -7.78 -16.72
N LEU H 95 -36.63 -8.54 -17.07
CA LEU H 95 -35.82 -8.24 -18.25
C LEU H 95 -35.40 -9.55 -18.88
N VAL H 96 -35.86 -9.80 -20.11
CA VAL H 96 -35.44 -10.99 -20.83
C VAL H 96 -34.47 -10.64 -21.96
N SER H 97 -33.29 -11.26 -21.92
CA SER H 97 -32.29 -11.11 -22.95
C SER H 97 -32.03 -12.39 -23.73
N GLU H 98 -31.67 -12.23 -25.01
CA GLU H 98 -31.11 -13.29 -25.83
C GLU H 98 -29.89 -13.91 -25.14
N GLU H 99 -29.07 -13.06 -24.53
CA GLU H 99 -27.85 -13.47 -23.85
C GLU H 99 -28.08 -14.31 -22.59
N ASP H 100 -29.05 -13.92 -21.78
CA ASP H 100 -29.27 -14.58 -20.49
C ASP H 100 -30.34 -15.66 -20.56
N LYS H 101 -30.03 -16.84 -20.04
CA LYS H 101 -31.00 -17.93 -20.00
C LYS H 101 -32.15 -17.69 -19.00
N HIS H 102 -31.89 -16.92 -17.96
CA HIS H 102 -32.94 -16.60 -16.99
C HIS H 102 -33.33 -15.14 -17.14
N ALA H 103 -34.60 -14.87 -16.91
CA ALA H 103 -35.11 -13.51 -16.86
C ALA H 103 -34.50 -12.83 -15.66
N ILE H 104 -34.02 -11.61 -15.86
CA ILE H 104 -33.39 -10.86 -14.80
C ILE H 104 -34.47 -10.22 -13.96
N ILE H 105 -34.48 -10.51 -12.67
CA ILE H 105 -35.43 -9.86 -11.77
C ILE H 105 -34.76 -8.62 -11.20
N VAL H 106 -35.28 -7.45 -11.53
CA VAL H 106 -34.74 -6.21 -11.02
C VAL H 106 -34.82 -6.16 -9.48
N GLU H 107 -33.73 -5.76 -8.85
CA GLU H 107 -33.68 -5.45 -7.42
C GLU H 107 -34.87 -4.61 -7.00
N PRO H 108 -35.47 -4.94 -5.83
CA PRO H 108 -36.61 -4.29 -5.22
C PRO H 108 -36.72 -2.76 -5.40
N GLU H 109 -35.69 -2.02 -5.02
CA GLU H 109 -35.78 -0.56 -4.97
C GLU H 109 -35.62 0.13 -6.33
N LYS H 110 -35.37 -0.67 -7.36
CA LYS H 110 -35.21 -0.14 -8.72
C LYS H 110 -36.37 -0.57 -9.64
N ARG H 111 -37.22 -1.45 -9.13
CA ARG H 111 -38.36 -2.00 -9.87
C ARG H 111 -39.36 -0.93 -10.27
N GLY H 112 -39.76 -0.99 -11.54
CA GLY H 112 -40.87 -0.22 -12.09
C GLY H 112 -41.87 -1.18 -12.73
N LYS H 113 -42.78 -0.66 -13.54
CA LYS H 113 -43.95 -1.44 -14.00
C LYS H 113 -43.78 -2.25 -15.31
N TYR H 114 -42.63 -2.14 -15.98
CA TYR H 114 -42.52 -2.77 -17.28
C TYR H 114 -41.61 -3.98 -17.37
N VAL H 115 -42.00 -4.90 -18.24
CA VAL H 115 -41.22 -6.04 -18.59
C VAL H 115 -40.62 -5.72 -19.95
N VAL H 116 -39.34 -6.00 -20.14
CA VAL H 116 -38.65 -5.69 -21.41
C VAL H 116 -37.93 -6.91 -21.90
N CYS H 117 -38.28 -7.33 -23.12
CA CYS H 117 -37.62 -8.46 -23.77
C CYS H 117 -36.77 -7.86 -24.88
N PHE H 118 -35.51 -8.28 -24.99
CA PHE H 118 -34.67 -7.66 -25.99
C PHE H 118 -33.59 -8.58 -26.50
N ASP H 119 -33.09 -8.25 -27.70
CA ASP H 119 -31.93 -8.87 -28.31
C ASP H 119 -30.91 -7.76 -28.47
N PRO H 120 -29.89 -7.71 -27.60
CA PRO H 120 -29.07 -6.49 -27.56
C PRO H 120 -28.24 -6.27 -28.83
N LEU H 121 -27.82 -7.36 -29.44
CA LEU H 121 -27.11 -7.25 -30.69
C LEU H 121 -27.43 -8.37 -31.69
N ASP H 122 -28.59 -8.28 -32.33
CA ASP H 122 -28.94 -9.29 -33.32
C ASP H 122 -28.03 -9.28 -34.55
N GLY H 123 -27.69 -10.48 -35.02
CA GLY H 123 -26.88 -10.68 -36.21
C GLY H 123 -25.39 -10.65 -35.96
N SER H 124 -24.99 -10.56 -34.68
CA SER H 124 -23.58 -10.47 -34.30
C SER H 124 -22.78 -11.76 -34.46
N SER H 125 -23.47 -12.85 -34.79
CA SER H 125 -22.83 -14.11 -35.19
C SER H 125 -21.88 -13.86 -36.38
N ASN H 126 -22.33 -13.02 -37.30
CA ASN H 126 -21.58 -12.66 -38.51
C ASN H 126 -21.04 -11.22 -38.53
N ILE H 127 -20.81 -10.61 -37.36
CA ILE H 127 -20.32 -9.22 -37.31
C ILE H 127 -18.90 -9.04 -37.87
N ASP H 128 -18.15 -10.14 -37.88
CA ASP H 128 -16.79 -10.23 -38.40
C ASP H 128 -16.69 -9.85 -39.87
N CYS H 129 -17.82 -9.86 -40.57
CA CYS H 129 -17.88 -9.42 -41.98
C CYS H 129 -18.52 -8.03 -42.12
N LEU H 130 -18.82 -7.39 -40.98
CA LEU H 130 -19.35 -6.01 -40.89
C LEU H 130 -20.74 -5.82 -41.51
N VAL H 131 -21.48 -6.93 -41.49
CA VAL H 131 -22.90 -6.99 -41.79
C VAL H 131 -23.71 -6.10 -40.85
N SER H 132 -24.80 -5.53 -41.35
CA SER H 132 -25.72 -4.81 -40.48
C SER H 132 -26.09 -5.67 -39.30
N VAL H 133 -26.05 -5.06 -38.12
CA VAL H 133 -26.50 -5.65 -36.87
C VAL H 133 -27.57 -4.75 -36.27
N GLY H 134 -28.22 -5.25 -35.21
CA GLY H 134 -29.32 -4.50 -34.59
C GLY H 134 -29.67 -4.89 -33.16
N THR H 135 -30.41 -4.00 -32.52
CA THR H 135 -30.93 -4.22 -31.18
C THR H 135 -32.44 -4.31 -31.35
N ILE H 136 -33.07 -5.30 -30.71
CA ILE H 136 -34.53 -5.49 -30.78
C ILE H 136 -35.13 -5.47 -29.40
N PHE H 137 -36.28 -4.80 -29.24
CA PHE H 137 -36.91 -4.70 -27.92
C PHE H 137 -38.42 -4.70 -27.96
N GLY H 138 -38.98 -5.36 -26.94
CA GLY H 138 -40.42 -5.46 -26.70
C GLY H 138 -40.74 -5.08 -25.27
N ILE H 139 -41.58 -4.06 -25.12
CA ILE H 139 -41.97 -3.60 -23.79
C ILE H 139 -43.43 -3.95 -23.45
N TYR H 140 -43.63 -4.60 -22.30
CA TYR H 140 -44.95 -4.96 -21.81
C TYR H 140 -45.15 -4.27 -20.45
N ARG H 141 -46.40 -4.13 -20.00
CA ARG H 141 -46.68 -3.72 -18.63
C ARG H 141 -46.83 -4.97 -17.79
N LYS H 142 -46.36 -4.94 -16.55
CA LYS H 142 -46.52 -6.11 -15.67
C LYS H 142 -48.01 -6.20 -15.34
N LYS H 143 -48.56 -7.41 -15.41
CA LYS H 143 -50.02 -7.60 -15.31
C LYS H 143 -50.61 -7.91 -13.92
N SER H 144 -49.80 -8.48 -13.02
CA SER H 144 -50.28 -8.80 -11.67
C SER H 144 -49.43 -8.10 -10.61
N THR H 145 -49.96 -8.03 -9.39
CA THR H 145 -49.23 -7.41 -8.28
C THR H 145 -48.34 -8.44 -7.57
N ASP H 146 -48.31 -9.65 -8.13
CA ASP H 146 -47.42 -10.73 -7.67
C ASP H 146 -45.96 -10.32 -7.58
N GLU H 147 -45.14 -11.15 -6.92
CA GLU H 147 -43.72 -10.94 -6.95
C GLU H 147 -43.25 -11.07 -8.42
N PRO H 148 -42.43 -10.11 -8.91
CA PRO H 148 -41.88 -10.13 -10.30
C PRO H 148 -41.13 -11.43 -10.56
N SER H 149 -41.49 -12.12 -11.62
CA SER H 149 -40.82 -13.36 -12.01
C SER H 149 -40.80 -13.54 -13.54
N GLU H 150 -40.09 -14.57 -14.01
CA GLU H 150 -40.04 -14.91 -15.44
C GLU H 150 -41.41 -14.87 -16.09
N LYS H 151 -42.40 -15.39 -15.36
CA LYS H 151 -43.73 -15.64 -15.92
C LYS H 151 -44.37 -14.38 -16.51
N ASP H 152 -43.94 -13.22 -16.02
CA ASP H 152 -44.47 -11.93 -16.45
C ASP H 152 -43.99 -11.54 -17.85
N ALA H 153 -43.00 -12.28 -18.35
CA ALA H 153 -42.50 -12.04 -19.70
C ALA H 153 -43.25 -12.91 -20.72
N LEU H 154 -44.07 -13.83 -20.22
CA LEU H 154 -44.75 -14.76 -21.11
C LEU H 154 -46.07 -14.24 -21.67
N GLN H 155 -46.16 -12.93 -21.88
CA GLN H 155 -47.35 -12.33 -22.49
C GLN H 155 -47.37 -12.52 -24.02
N PRO H 156 -48.57 -12.57 -24.63
CA PRO H 156 -48.62 -12.58 -26.08
C PRO H 156 -48.27 -11.20 -26.61
N GLY H 157 -47.66 -11.17 -27.81
CA GLY H 157 -47.29 -9.93 -28.47
C GLY H 157 -48.44 -8.93 -28.50
N ARG H 158 -49.67 -9.42 -28.60
CA ARG H 158 -50.87 -8.57 -28.47
C ARG H 158 -50.75 -7.61 -27.31
N ASN H 159 -50.04 -7.99 -26.25
CA ASN H 159 -49.94 -7.14 -25.07
C ASN H 159 -48.86 -6.05 -25.10
N LEU H 160 -48.06 -6.01 -26.16
CA LEU H 160 -46.96 -5.04 -26.19
C LEU H 160 -47.44 -3.62 -25.98
N VAL H 161 -46.65 -2.85 -25.26
CA VAL H 161 -46.92 -1.44 -24.99
C VAL H 161 -46.18 -0.58 -26.03
N ALA H 162 -45.02 -1.08 -26.42
CA ALA H 162 -44.16 -0.48 -27.44
C ALA H 162 -43.10 -1.51 -27.84
N ALA H 163 -42.70 -1.47 -29.11
CA ALA H 163 -41.64 -2.34 -29.59
C ALA H 163 -40.86 -1.62 -30.67
N GLY H 164 -39.69 -2.14 -30.97
CA GLY H 164 -38.89 -1.53 -32.00
C GLY H 164 -37.51 -2.11 -32.16
N TYR H 165 -36.68 -1.34 -32.84
CA TYR H 165 -35.34 -1.81 -33.11
C TYR H 165 -34.39 -0.71 -33.46
N ALA H 166 -33.12 -1.02 -33.26
CA ALA H 166 -32.05 -0.15 -33.65
C ALA H 166 -31.34 -0.90 -34.75
N LEU H 167 -31.23 -0.26 -35.90
CA LEU H 167 -30.36 -0.82 -36.94
C LEU H 167 -29.08 0.00 -37.04
N TYR H 168 -27.96 -0.70 -36.83
CA TYR H 168 -26.63 -0.15 -37.07
C TYR H 168 -26.25 -0.54 -38.49
N GLY H 169 -26.69 0.28 -39.44
CA GLY H 169 -26.44 0.01 -40.85
C GLY H 169 -25.42 0.99 -41.38
N SER H 170 -25.55 1.35 -42.64
CA SER H 170 -24.72 2.39 -43.18
C SER H 170 -24.95 3.61 -42.29
N ALA H 171 -26.14 3.69 -41.69
CA ALA H 171 -26.44 4.66 -40.62
C ALA H 171 -27.13 3.97 -39.47
N THR H 172 -27.27 4.69 -38.37
CA THR H 172 -28.01 4.16 -37.22
C THR H 172 -29.39 4.73 -37.21
N MET H 173 -30.35 3.83 -37.24
CA MET H 173 -31.73 4.22 -37.16
C MET H 173 -32.45 3.47 -36.04
N LEU H 174 -33.27 4.21 -35.30
CA LEU H 174 -34.17 3.62 -34.31
C LEU H 174 -35.63 3.70 -34.81
N VAL H 175 -36.26 2.53 -34.89
CA VAL H 175 -37.66 2.43 -35.26
C VAL H 175 -38.49 2.11 -34.01
N LEU H 176 -39.44 2.97 -33.70
CA LEU H 176 -40.25 2.82 -32.51
C LEU H 176 -41.70 2.70 -32.90
N ALA H 177 -42.31 1.61 -32.50
CA ALA H 177 -43.72 1.37 -32.72
C ALA H 177 -44.43 1.42 -31.38
N MET H 178 -45.53 2.18 -31.35
CA MET H 178 -46.46 2.23 -30.24
C MET H 178 -47.88 2.35 -30.84
N ASP H 179 -48.89 2.57 -30.01
CA ASP H 179 -50.27 2.74 -30.49
C ASP H 179 -50.44 3.92 -31.47
N CYS H 180 -49.63 4.96 -31.33
CA CYS H 180 -49.69 6.09 -32.26
C CYS H 180 -49.07 5.73 -33.62
N GLY H 181 -48.66 4.47 -33.80
CA GLY H 181 -48.02 4.02 -35.05
C GLY H 181 -46.49 3.97 -35.02
N VAL H 182 -45.88 3.97 -36.20
CA VAL H 182 -44.46 3.72 -36.36
C VAL H 182 -43.71 4.96 -36.78
N ASN H 183 -42.63 5.25 -36.06
CA ASN H 183 -41.80 6.41 -36.30
C ASN H 183 -40.31 6.04 -36.37
N CYS H 184 -39.59 6.63 -37.33
CA CYS H 184 -38.19 6.29 -37.59
C CYS H 184 -37.27 7.47 -37.28
N PHE H 185 -36.27 7.19 -36.45
CA PHE H 185 -35.33 8.19 -35.96
C PHE H 185 -33.92 7.84 -36.43
N MET H 186 -33.30 8.80 -37.10
CA MET H 186 -31.93 8.66 -37.57
C MET H 186 -30.98 9.25 -36.54
N LEU H 187 -30.02 8.46 -36.07
CA LEU H 187 -29.01 8.96 -35.14
C LEU H 187 -28.08 9.94 -35.83
N ASP H 188 -28.04 11.18 -35.34
CA ASP H 188 -27.00 12.10 -35.73
C ASP H 188 -25.82 11.98 -34.75
N PRO H 189 -24.75 11.30 -35.18
CA PRO H 189 -23.63 11.04 -34.29
C PRO H 189 -22.77 12.26 -33.97
N ALA H 190 -22.94 13.35 -34.70
CA ALA H 190 -22.22 14.59 -34.36
C ALA H 190 -22.73 15.20 -33.06
N ILE H 191 -23.94 14.80 -32.64
CA ILE H 191 -24.56 15.38 -31.45
C ILE H 191 -25.16 14.34 -30.52
N GLY H 192 -25.41 13.14 -31.04
CA GLY H 192 -25.96 12.10 -30.21
C GLY H 192 -27.45 12.36 -30.00
N GLU H 193 -28.14 12.57 -31.10
CA GLU H 193 -29.58 12.81 -31.06
C GLU H 193 -30.25 12.02 -32.16
N PHE H 194 -31.27 11.26 -31.79
CA PHE H 194 -32.15 10.63 -32.75
C PHE H 194 -33.14 11.63 -33.33
N ILE H 195 -33.05 11.82 -34.64
CA ILE H 195 -33.82 12.81 -35.37
C ILE H 195 -34.97 12.13 -36.06
N LEU H 196 -36.18 12.66 -35.88
CA LEU H 196 -37.36 12.08 -36.51
C LEU H 196 -37.31 12.43 -37.99
N VAL H 197 -37.26 11.39 -38.81
CA VAL H 197 -37.09 11.58 -40.26
C VAL H 197 -38.24 10.99 -41.09
N ASP H 198 -38.89 9.94 -40.57
CA ASP H 198 -40.09 9.36 -41.17
C ASP H 198 -41.21 9.19 -40.14
N LYS H 199 -42.30 9.91 -40.35
CA LYS H 199 -43.45 9.85 -39.43
C LYS H 199 -44.47 8.83 -39.89
N ASP H 200 -44.98 8.04 -38.95
CA ASP H 200 -46.20 7.26 -39.13
C ASP H 200 -46.11 6.36 -40.36
N VAL H 201 -45.06 5.56 -40.43
CA VAL H 201 -44.72 4.86 -41.66
C VAL H 201 -45.66 3.70 -41.87
N LYS H 202 -45.92 3.40 -43.14
CA LYS H 202 -46.78 2.30 -43.52
C LYS H 202 -46.10 1.49 -44.59
N ILE H 203 -46.12 0.19 -44.41
CA ILE H 203 -45.60 -0.71 -45.40
C ILE H 203 -46.49 -0.68 -46.67
N LYS H 204 -45.84 -0.78 -47.84
CA LYS H 204 -46.58 -0.92 -49.09
C LYS H 204 -47.47 -2.15 -49.01
N LYS H 205 -48.69 -2.01 -49.52
CA LYS H 205 -49.68 -3.11 -49.59
C LYS H 205 -49.15 -4.39 -50.26
N LYS H 206 -48.28 -4.25 -51.26
CA LYS H 206 -47.63 -5.38 -51.92
C LYS H 206 -46.24 -4.99 -52.40
N GLY H 207 -45.28 -5.89 -52.29
CA GLY H 207 -43.91 -5.60 -52.68
C GLY H 207 -43.40 -6.43 -53.84
N LYS H 208 -42.11 -6.30 -54.11
CA LYS H 208 -41.49 -6.96 -55.24
C LYS H 208 -40.19 -7.68 -54.82
N ILE H 209 -40.01 -7.89 -53.51
CA ILE H 209 -38.81 -8.55 -52.96
C ILE H 209 -39.20 -9.66 -52.00
N TYR H 210 -38.55 -10.79 -52.09
CA TYR H 210 -38.76 -11.85 -51.11
C TYR H 210 -37.43 -12.14 -50.44
N SER H 211 -37.49 -12.42 -49.14
CA SER H 211 -36.29 -12.56 -48.33
C SER H 211 -36.32 -13.79 -47.44
N LEU H 212 -35.49 -14.76 -47.76
CA LEU H 212 -35.34 -15.95 -46.93
C LEU H 212 -34.03 -16.61 -47.33
N ASN H 213 -33.57 -17.56 -46.53
CA ASN H 213 -32.40 -18.33 -46.88
C ASN H 213 -32.69 -19.48 -47.85
N GLU H 214 -32.53 -19.25 -49.15
CA GLU H 214 -32.83 -20.32 -50.13
C GLU H 214 -31.84 -21.48 -50.14
N GLY H 215 -30.76 -21.38 -49.38
CA GLY H 215 -29.75 -22.43 -49.34
C GLY H 215 -30.34 -23.72 -48.79
N TYR H 216 -31.10 -23.59 -47.71
CA TYR H 216 -31.72 -24.72 -47.06
C TYR H 216 -33.00 -25.18 -47.77
N ALA H 217 -33.03 -25.08 -49.10
CA ALA H 217 -34.25 -25.37 -49.86
C ALA H 217 -34.72 -26.80 -49.74
N LYS H 218 -33.80 -27.75 -49.57
CA LYS H 218 -34.16 -29.17 -49.59
C LYS H 218 -34.85 -29.58 -48.29
N ASP H 219 -34.69 -28.74 -47.28
CA ASP H 219 -35.39 -28.91 -46.01
C ASP H 219 -36.73 -28.16 -45.97
N PHE H 220 -37.02 -27.37 -47.02
CA PHE H 220 -38.27 -26.60 -47.09
C PHE H 220 -39.54 -27.42 -46.89
N ASP H 221 -40.48 -26.79 -46.22
CA ASP H 221 -41.88 -27.18 -46.17
C ASP H 221 -42.45 -26.96 -47.58
N PRO H 222 -43.22 -27.94 -48.11
CA PRO H 222 -43.65 -27.91 -49.51
C PRO H 222 -44.42 -26.64 -49.88
N ALA H 223 -45.04 -26.01 -48.90
CA ALA H 223 -45.71 -24.75 -49.15
C ALA H 223 -44.66 -23.66 -49.45
N VAL H 224 -43.58 -23.65 -48.68
CA VAL H 224 -42.51 -22.68 -48.88
C VAL H 224 -41.93 -22.83 -50.29
N THR H 225 -41.53 -24.05 -50.65
CA THR H 225 -41.11 -24.40 -52.00
C THR H 225 -42.04 -23.89 -53.07
N GLU H 226 -43.34 -24.09 -52.89
CA GLU H 226 -44.28 -23.68 -53.89
C GLU H 226 -44.38 -22.16 -53.92
N TYR H 227 -44.42 -21.52 -52.75
CA TYR H 227 -44.58 -20.07 -52.73
C TYR H 227 -43.39 -19.37 -53.40
N ILE H 228 -42.19 -19.80 -53.05
CA ILE H 228 -40.99 -19.17 -53.61
C ILE H 228 -40.94 -19.38 -55.13
N GLN H 229 -41.29 -20.58 -55.58
CA GLN H 229 -41.34 -20.88 -57.00
C GLN H 229 -42.26 -19.93 -57.77
N ARG H 230 -43.36 -19.50 -57.17
CA ARG H 230 -44.23 -18.55 -57.85
C ARG H 230 -43.64 -17.15 -57.90
N LYS H 231 -42.80 -16.85 -56.91
CA LYS H 231 -42.13 -15.55 -56.83
C LYS H 231 -41.11 -15.42 -57.96
N LYS H 232 -40.41 -16.52 -58.23
CA LYS H 232 -39.41 -16.66 -59.29
C LYS H 232 -39.98 -16.96 -60.67
N PHE H 233 -41.02 -17.80 -60.74
CA PHE H 233 -41.66 -18.18 -62.01
C PHE H 233 -43.17 -17.89 -61.97
N PRO H 234 -43.57 -16.61 -62.12
CA PRO H 234 -45.00 -16.26 -62.07
C PRO H 234 -45.85 -16.90 -63.18
N PRO H 235 -47.12 -17.21 -62.88
CA PRO H 235 -48.00 -17.88 -63.85
C PRO H 235 -48.47 -16.93 -64.95
N ASP H 236 -48.43 -15.63 -64.67
CA ASP H 236 -48.88 -14.60 -65.58
C ASP H 236 -47.71 -13.81 -66.20
N ASN H 237 -47.99 -12.59 -66.62
CA ASN H 237 -47.01 -11.69 -67.24
C ASN H 237 -46.09 -10.99 -66.24
N SER H 238 -46.51 -10.95 -64.98
CA SER H 238 -45.86 -10.10 -63.97
C SER H 238 -44.36 -10.40 -63.81
N ALA H 239 -43.57 -9.36 -63.55
CA ALA H 239 -42.13 -9.52 -63.32
C ALA H 239 -41.85 -10.46 -62.13
N PRO H 240 -40.86 -11.36 -62.26
CA PRO H 240 -40.46 -12.07 -61.04
C PRO H 240 -40.00 -11.08 -59.95
N TYR H 241 -40.03 -11.54 -58.69
CA TYR H 241 -39.52 -10.74 -57.58
C TYR H 241 -38.00 -10.80 -57.50
N GLY H 242 -37.41 -9.70 -57.05
CA GLY H 242 -36.01 -9.69 -56.63
C GLY H 242 -35.84 -10.44 -55.31
N ALA H 243 -34.63 -10.95 -55.10
CA ALA H 243 -34.27 -11.62 -53.85
C ALA H 243 -33.26 -10.76 -53.10
N ARG H 244 -33.41 -10.66 -51.80
CA ARG H 244 -32.40 -10.03 -50.92
C ARG H 244 -32.37 -10.79 -49.60
N TYR H 245 -31.19 -11.17 -49.13
CA TYR H 245 -31.11 -11.87 -47.85
C TYR H 245 -29.78 -11.63 -47.09
N VAL H 246 -29.79 -10.59 -46.27
CA VAL H 246 -28.66 -10.20 -45.44
C VAL H 246 -28.30 -11.31 -44.44
N GLY H 247 -29.30 -11.96 -43.87
CA GLY H 247 -29.06 -12.99 -42.87
C GLY H 247 -28.94 -12.36 -41.49
N SER H 248 -29.39 -11.11 -41.39
CA SER H 248 -29.45 -10.40 -40.14
C SER H 248 -30.86 -9.82 -40.03
N MET H 249 -31.64 -10.37 -39.10
CA MET H 249 -33.07 -10.09 -39.10
C MET H 249 -33.39 -8.61 -39.15
N VAL H 250 -32.69 -7.81 -38.35
CA VAL H 250 -33.04 -6.39 -38.25
C VAL H 250 -32.91 -5.68 -39.60
N ALA H 251 -31.92 -6.06 -40.39
CA ALA H 251 -31.68 -5.42 -41.71
C ALA H 251 -32.72 -5.87 -42.71
N ASP H 252 -33.02 -7.16 -42.70
CA ASP H 252 -33.93 -7.76 -43.67
C ASP H 252 -35.35 -7.31 -43.41
N VAL H 253 -35.71 -7.20 -42.13
CA VAL H 253 -37.01 -6.70 -41.75
C VAL H 253 -37.13 -5.19 -42.05
N HIS H 254 -36.10 -4.40 -41.75
CA HIS H 254 -36.18 -2.95 -42.03
C HIS H 254 -36.34 -2.64 -43.54
N ARG H 255 -35.62 -3.38 -44.38
CA ARG H 255 -35.76 -3.28 -45.85
C ARG H 255 -37.18 -3.67 -46.26
N THR H 256 -37.66 -4.77 -45.68
CA THR H 256 -39.04 -5.21 -45.89
C THR H 256 -40.01 -4.06 -45.58
N LEU H 257 -39.73 -3.31 -44.52
CA LEU H 257 -40.61 -2.20 -44.11
C LEU H 257 -40.54 -1.03 -45.07
N VAL H 258 -39.31 -0.61 -45.38
CA VAL H 258 -39.06 0.51 -46.27
C VAL H 258 -39.53 0.23 -47.70
N TYR H 259 -39.19 -0.94 -48.25
CA TYR H 259 -39.42 -1.23 -49.67
C TYR H 259 -40.57 -2.18 -49.96
N GLY H 260 -41.17 -2.73 -48.91
CA GLY H 260 -42.27 -3.68 -49.06
C GLY H 260 -41.75 -5.05 -49.39
N GLY H 261 -42.67 -5.99 -49.55
CA GLY H 261 -42.29 -7.35 -49.85
C GLY H 261 -42.50 -8.25 -48.65
N ILE H 262 -41.76 -9.35 -48.62
CA ILE H 262 -41.99 -10.38 -47.63
C ILE H 262 -40.66 -10.93 -47.09
N PHE H 263 -40.60 -11.18 -45.78
CA PHE H 263 -39.49 -11.87 -45.12
C PHE H 263 -39.98 -13.15 -44.48
N LEU H 264 -39.22 -14.23 -44.64
CA LEU H 264 -39.64 -15.51 -44.13
C LEU H 264 -38.50 -16.25 -43.45
N TYR H 265 -38.71 -16.62 -42.19
CA TYR H 265 -37.89 -17.63 -41.54
C TYR H 265 -38.87 -18.68 -41.06
N PRO H 266 -39.23 -19.59 -41.98
CA PRO H 266 -40.37 -20.47 -41.76
C PRO H 266 -40.03 -21.75 -41.02
N ALA H 267 -41.08 -22.44 -40.57
CA ALA H 267 -40.97 -23.75 -39.99
C ALA H 267 -40.83 -24.78 -41.09
N ASN H 268 -40.16 -25.87 -40.76
CA ASN H 268 -40.05 -27.03 -41.63
C ASN H 268 -40.08 -28.32 -40.80
N LYS H 269 -39.66 -29.44 -41.38
CA LYS H 269 -39.62 -30.69 -40.63
C LYS H 269 -38.52 -30.74 -39.56
N LYS H 270 -37.31 -30.26 -39.89
CA LYS H 270 -36.17 -30.25 -38.96
C LYS H 270 -36.38 -29.33 -37.75
N SER H 271 -36.97 -28.15 -37.97
CA SER H 271 -37.36 -27.25 -36.88
C SER H 271 -38.78 -26.74 -37.05
N PRO H 272 -39.75 -27.44 -36.42
CA PRO H 272 -41.19 -27.21 -36.59
C PRO H 272 -41.69 -25.91 -35.94
N ASN H 273 -40.85 -25.31 -35.13
CA ASN H 273 -41.16 -24.03 -34.50
C ASN H 273 -40.21 -22.92 -34.97
N GLY H 274 -39.52 -23.18 -36.08
CA GLY H 274 -38.62 -22.20 -36.67
C GLY H 274 -37.30 -22.11 -35.94
N LYS H 275 -36.62 -20.97 -36.05
CA LYS H 275 -35.34 -20.76 -35.36
C LYS H 275 -35.32 -19.45 -34.62
N LEU H 276 -36.03 -18.44 -35.15
CA LEU H 276 -36.10 -17.15 -34.47
C LEU H 276 -36.91 -17.24 -33.18
N ARG H 277 -36.57 -16.36 -32.25
CA ARG H 277 -37.12 -16.38 -30.89
C ARG H 277 -38.31 -15.47 -30.81
N LEU H 278 -39.39 -16.01 -30.25
CA LEU H 278 -40.66 -15.30 -30.15
C LEU H 278 -40.60 -13.96 -29.39
N LEU H 279 -40.01 -13.94 -28.20
CA LEU H 279 -40.20 -12.77 -27.32
C LEU H 279 -39.43 -11.54 -27.75
N TYR H 280 -38.24 -11.75 -28.30
CA TYR H 280 -37.37 -10.63 -28.52
C TYR H 280 -36.93 -10.48 -29.98
N GLU H 281 -37.45 -11.35 -30.84
CA GLU H 281 -37.26 -11.18 -32.27
C GLU H 281 -38.61 -11.07 -32.98
N CYS H 282 -39.39 -12.15 -32.93
CA CYS H 282 -40.64 -12.22 -33.68
C CYS H 282 -41.69 -11.20 -33.20
N ASN H 283 -42.05 -11.26 -31.91
CA ASN H 283 -43.03 -10.30 -31.39
C ASN H 283 -42.76 -8.82 -31.69
N PRO H 284 -41.53 -8.33 -31.40
CA PRO H 284 -41.31 -6.91 -31.64
C PRO H 284 -41.39 -6.55 -33.13
N MET H 285 -40.94 -7.46 -33.99
CA MET H 285 -41.03 -7.30 -35.44
C MET H 285 -42.48 -7.44 -35.93
N ALA H 286 -43.19 -8.44 -35.40
CA ALA H 286 -44.60 -8.62 -35.73
C ALA H 286 -45.36 -7.35 -35.37
N TYR H 287 -45.02 -6.76 -34.24
CA TYR H 287 -45.71 -5.60 -33.76
C TYR H 287 -45.41 -4.38 -34.64
N VAL H 288 -44.13 -4.17 -35.00
CA VAL H 288 -43.76 -3.10 -35.92
C VAL H 288 -44.51 -3.30 -37.23
N MET H 289 -44.49 -4.52 -37.75
CA MET H 289 -45.19 -4.81 -39.00
C MET H 289 -46.67 -4.41 -38.92
N GLU H 290 -47.35 -4.90 -37.89
CA GLU H 290 -48.79 -4.66 -37.74
C GLU H 290 -49.13 -3.20 -37.51
N LYS H 291 -48.26 -2.48 -36.82
CA LYS H 291 -48.48 -1.04 -36.63
C LYS H 291 -48.28 -0.26 -37.93
N ALA H 292 -47.54 -0.85 -38.85
CA ALA H 292 -47.26 -0.25 -40.16
C ALA H 292 -48.25 -0.72 -41.23
N GLY H 293 -49.29 -1.44 -40.80
CA GLY H 293 -50.31 -1.96 -41.73
C GLY H 293 -49.83 -3.23 -42.41
N GLY H 294 -48.83 -3.88 -41.84
CA GLY H 294 -48.35 -5.14 -42.42
C GLY H 294 -48.86 -6.32 -41.66
N MET H 295 -48.24 -7.48 -41.88
CA MET H 295 -48.72 -8.73 -41.35
C MET H 295 -47.54 -9.58 -40.93
N ALA H 296 -47.79 -10.46 -39.98
CA ALA H 296 -46.75 -11.31 -39.43
C ALA H 296 -47.41 -12.59 -38.92
N THR H 297 -47.19 -13.69 -39.64
CA THR H 297 -47.83 -14.96 -39.32
C THR H 297 -46.77 -16.01 -39.02
N THR H 298 -47.17 -17.06 -38.29
CA THR H 298 -46.32 -18.25 -38.14
C THR H 298 -46.70 -19.26 -39.21
N GLY H 299 -47.83 -19.02 -39.87
CA GLY H 299 -48.42 -19.99 -40.79
C GLY H 299 -49.77 -20.51 -40.30
N LYS H 300 -49.89 -20.72 -39.00
CA LYS H 300 -51.16 -21.16 -38.40
C LYS H 300 -51.92 -20.00 -37.78
N GLU H 301 -51.18 -18.96 -37.39
CA GLU H 301 -51.76 -17.86 -36.62
C GLU H 301 -50.83 -16.67 -36.65
N ALA H 302 -51.40 -15.49 -36.43
CA ALA H 302 -50.63 -14.30 -36.23
C ALA H 302 -49.61 -14.54 -35.14
N VAL H 303 -48.36 -14.17 -35.42
CA VAL H 303 -47.28 -14.22 -34.42
C VAL H 303 -47.70 -13.56 -33.09
N LEU H 304 -48.34 -12.39 -33.19
CA LEU H 304 -48.78 -11.64 -32.02
C LEU H 304 -49.82 -12.34 -31.11
N ASP H 305 -50.31 -13.52 -31.53
CA ASP H 305 -51.36 -14.24 -30.83
C ASP H 305 -50.85 -15.49 -30.13
N VAL H 306 -49.61 -15.89 -30.41
CA VAL H 306 -49.04 -17.02 -29.70
C VAL H 306 -48.94 -16.69 -28.20
N ILE H 307 -49.43 -17.60 -27.35
CA ILE H 307 -49.10 -17.53 -25.91
C ILE H 307 -47.83 -18.34 -25.71
N PRO H 308 -46.75 -17.69 -25.25
CA PRO H 308 -45.50 -18.40 -24.97
C PRO H 308 -45.49 -19.11 -23.63
N THR H 309 -44.85 -20.28 -23.58
CA THR H 309 -44.67 -21.04 -22.35
C THR H 309 -43.20 -21.08 -21.93
N ASP H 310 -42.31 -20.57 -22.79
CA ASP H 310 -40.87 -20.52 -22.50
C ASP H 310 -40.27 -19.27 -23.11
N ILE H 311 -39.38 -18.62 -22.35
CA ILE H 311 -38.93 -17.27 -22.69
C ILE H 311 -37.99 -17.19 -23.91
N HIS H 312 -37.30 -18.30 -24.20
CA HIS H 312 -36.47 -18.41 -25.38
C HIS H 312 -37.09 -19.36 -26.40
N GLN H 313 -38.38 -19.63 -26.28
CA GLN H 313 -39.09 -20.40 -27.29
C GLN H 313 -39.02 -19.75 -28.68
N ARG H 314 -39.05 -20.63 -29.68
CA ARG H 314 -38.90 -20.24 -31.06
C ARG H 314 -40.26 -20.14 -31.76
N ALA H 315 -40.35 -19.27 -32.75
CA ALA H 315 -41.52 -19.21 -33.63
C ALA H 315 -41.09 -19.10 -35.12
N PRO H 316 -41.84 -19.78 -36.02
CA PRO H 316 -41.73 -19.51 -37.45
C PRO H 316 -42.22 -18.09 -37.68
N VAL H 317 -41.65 -17.41 -38.69
CA VAL H 317 -42.13 -16.07 -38.97
C VAL H 317 -42.17 -15.79 -40.45
N ILE H 318 -43.33 -15.32 -40.91
CA ILE H 318 -43.50 -14.91 -42.28
C ILE H 318 -44.13 -13.54 -42.16
N LEU H 319 -43.44 -12.52 -42.64
CA LEU H 319 -43.89 -11.16 -42.39
C LEU H 319 -43.66 -10.21 -43.55
N GLY H 320 -44.35 -9.07 -43.53
CA GLY H 320 -44.18 -8.08 -44.56
C GLY H 320 -45.49 -7.52 -45.10
N SER H 321 -45.53 -7.28 -46.41
CA SER H 321 -46.72 -6.66 -47.02
C SER H 321 -47.93 -7.58 -46.94
N PRO H 322 -49.08 -7.01 -46.59
CA PRO H 322 -50.27 -7.83 -46.36
C PRO H 322 -50.66 -8.71 -47.57
N ASP H 323 -50.66 -8.16 -48.79
CA ASP H 323 -50.99 -8.97 -49.98
C ASP H 323 -50.02 -10.12 -50.11
N ASP H 324 -48.74 -9.84 -49.84
CA ASP H 324 -47.74 -10.89 -49.98
C ASP H 324 -47.93 -11.95 -48.91
N VAL H 325 -48.15 -11.54 -47.66
CA VAL H 325 -48.33 -12.46 -46.54
C VAL H 325 -49.63 -13.28 -46.72
N LEU H 326 -50.73 -12.59 -47.05
CA LEU H 326 -51.99 -13.31 -47.41
C LEU H 326 -51.79 -14.32 -48.55
N GLU H 327 -50.98 -13.95 -49.53
CA GLU H 327 -50.72 -14.85 -50.65
C GLU H 327 -49.96 -16.12 -50.21
N PHE H 328 -48.98 -15.93 -49.33
CA PHE H 328 -48.26 -17.08 -48.79
C PHE H 328 -49.19 -17.94 -47.94
N LEU H 329 -50.07 -17.30 -47.17
CA LEU H 329 -51.10 -18.01 -46.42
C LEU H 329 -52.02 -18.88 -47.30
N LYS H 330 -52.42 -18.34 -48.47
CA LYS H 330 -53.16 -19.11 -49.45
C LYS H 330 -52.43 -20.40 -49.81
N VAL H 331 -51.13 -20.28 -50.12
CA VAL H 331 -50.32 -21.45 -50.49
C VAL H 331 -50.08 -22.40 -49.31
N TYR H 332 -49.91 -21.85 -48.12
CA TYR H 332 -49.79 -22.66 -46.88
C TYR H 332 -51.04 -23.51 -46.71
N GLU H 333 -52.19 -22.85 -46.76
CA GLU H 333 -53.52 -23.47 -46.76
C GLU H 333 -53.60 -24.67 -47.71
N LYS H 334 -53.19 -24.48 -48.96
CA LYS H 334 -53.24 -25.55 -49.97
C LYS H 334 -52.43 -26.80 -49.60
N HIS H 335 -51.47 -26.66 -48.69
CA HIS H 335 -50.65 -27.81 -48.26
C HIS H 335 -51.06 -28.39 -46.89
N SER H 336 -52.02 -27.76 -46.23
CA SER H 336 -52.61 -28.21 -44.97
C SER H 336 -53.71 -29.25 -45.18
N ALA H 337 -53.86 -30.19 -44.40
CL RO8 I . -8.22 -17.10 43.74
S1 RO8 I . -5.34 -21.94 48.59
C2 RO8 I . -6.73 -22.71 49.27
N3 RO8 I . -6.54 -23.41 50.43
C4 RO8 I . -5.25 -23.27 50.82
C5 RO8 I . -4.51 -22.51 49.97
BR6 RO8 I . -2.65 -22.09 50.19
N7 RO8 I . -7.89 -22.72 48.59
S8 RO8 I . -9.69 -22.07 45.41
N9 RO8 I . -9.24 -22.45 46.82
C10 RO8 I . -8.02 -22.30 47.34
O11 RO8 I . -7.10 -21.79 46.74
O12 RO8 I . -8.72 -22.48 44.43
O13 RO8 I . -10.90 -22.80 45.15
C14 RO8 I . -9.99 -20.40 45.27
C15 RO8 I . -9.08 -19.56 44.63
C16 RO8 I . -11.17 -19.88 45.75
C17 RO8 I . -9.37 -18.20 44.53
C18 RO8 I . -11.46 -18.52 45.64
C19 RO8 I . -10.55 -17.67 45.03
CL RO8 J . 30.75 3.12 13.57
S1 RO8 J . 37.26 1.06 16.22
C2 RO8 J . 38.31 2.01 15.23
N3 RO8 J . 39.56 1.50 15.05
C4 RO8 J . 39.67 0.31 15.68
C5 RO8 J . 38.53 -0.05 16.33
BR6 RO8 J . 38.27 -1.66 17.34
N7 RO8 J . 37.90 3.20 14.78
S8 RO8 J . 35.31 5.84 14.29
N9 RO8 J . 36.56 4.96 14.32
C10 RO8 J . 36.67 3.73 14.83
O11 RO8 J . 35.70 3.14 15.28
O12 RO8 J . 34.78 5.90 15.61
O13 RO8 J . 35.66 7.20 13.96
C14 RO8 J . 34.11 5.29 13.22
C15 RO8 J . 33.07 4.53 13.74
C16 RO8 J . 34.16 5.58 11.87
C17 RO8 J . 32.09 4.07 12.89
C18 RO8 J . 33.16 5.12 11.02
C19 RO8 J . 32.11 4.36 11.53
CL RO8 K . 4.05 -28.36 51.58
S1 RO8 K . -2.51 -26.02 49.43
C2 RO8 K . -3.64 -26.73 50.54
N3 RO8 K . -4.94 -26.74 50.12
C4 RO8 K . -5.01 -26.23 48.86
C5 RO8 K . -3.83 -25.81 48.35
BR6 RO8 K . -3.58 -25.04 46.60
N7 RO8 K . -3.19 -27.09 51.77
S8 RO8 K . -0.41 -27.25 54.21
N9 RO8 K . -1.74 -27.32 53.47
C10 RO8 K . -1.93 -26.97 52.21
O11 RO8 K . -0.99 -26.61 51.49
O12 RO8 K . 0.16 -25.95 53.95
O13 RO8 K . -0.63 -27.37 55.63
C14 RO8 K . 0.70 -28.43 53.78
C15 RO8 K . 1.75 -28.00 52.98
C16 RO8 K . 0.57 -29.74 54.25
C17 RO8 K . 2.70 -28.93 52.60
C18 RO8 K . 1.54 -30.66 53.86
C19 RO8 K . 2.60 -30.25 53.05
CL RO8 L . 43.05 -3.93 25.10
S1 RO8 L . 40.39 0.50 19.97
C2 RO8 L . 41.76 0.96 19.04
N3 RO8 L . 41.56 2.01 18.21
C4 RO8 L . 40.28 2.48 18.35
C5 RO8 L . 39.54 1.79 19.24
BR6 RO8 L . 37.71 2.24 19.64
N7 RO8 L . 42.90 0.27 19.09
S8 RO8 L . 44.54 -2.90 20.08
N9 RO8 L . 44.20 -1.51 19.56
C10 RO8 L . 43.03 -0.94 19.64
O11 RO8 L . 42.10 -1.49 20.21
O12 RO8 L . 43.42 -3.80 19.87
O13 RO8 L . 45.66 -3.36 19.35
C14 RO8 L . 44.95 -2.89 21.72
C15 RO8 L . 43.98 -3.33 22.61
C16 RO8 L . 46.20 -2.47 22.13
C17 RO8 L . 44.28 -3.34 23.95
C18 RO8 L . 46.49 -2.47 23.48
C19 RO8 L . 45.54 -2.90 24.39
CL RO8 M . 8.15 17.70 -43.54
S1 RO8 M . 7.67 11.94 -48.27
C2 RO8 M . 9.25 11.96 -48.97
N3 RO8 M . 9.34 11.37 -50.20
C4 RO8 M . 8.12 10.94 -50.62
C5 RO8 M . 7.15 11.18 -49.70
BR6 RO8 M . 5.31 10.70 -49.95
N7 RO8 M . 10.30 12.44 -48.28
S8 RO8 M . 11.75 13.96 -45.21
N9 RO8 M . 11.48 13.35 -46.58
C10 RO8 M . 10.29 12.99 -47.06
O11 RO8 M . 9.26 13.21 -46.41
O12 RO8 M . 11.04 13.20 -44.24
O13 RO8 M . 13.15 13.84 -44.92
C14 RO8 M . 11.29 15.60 -45.08
C15 RO8 M . 10.08 15.93 -44.46
C16 RO8 M . 12.13 16.61 -45.54
C17 RO8 M . 9.70 17.27 -44.34
C18 RO8 M . 11.75 17.96 -45.42
C19 RO8 M . 10.55 18.29 -44.81
CL RO8 N . -35.89 19.69 -13.65
S1 RO8 N . -40.83 14.70 -16.01
C2 RO8 N . -42.22 15.03 -15.05
N3 RO8 N . -43.10 14.01 -14.95
C4 RO8 N . -42.64 12.93 -15.64
C5 RO8 N . -41.45 13.13 -16.26
BR6 RO8 N . -40.53 11.80 -17.31
N7 RO8 N . -42.39 16.24 -14.52
S8 RO8 N . -41.25 19.78 -14.33
N9 RO8 N . -41.98 18.45 -14.16
C10 RO8 N . -41.62 17.31 -14.76
O11 RO8 N . -40.63 17.26 -15.48
O12 RO8 N . -40.89 19.93 -15.70
O13 RO8 N . -42.14 20.85 -14.00
C14 RO8 N . -39.89 19.98 -13.30
C15 RO8 N . -38.63 19.79 -13.81
C16 RO8 N . -40.07 20.37 -11.97
C17 RO8 N . -37.52 19.96 -12.97
C18 RO8 N . -38.96 20.54 -11.13
C19 RO8 N . -37.68 20.33 -11.63
CL RO8 O . 2.18 2.05 -50.97
S1 RO8 O . 6.91 7.26 -49.03
C2 RO8 O . 8.22 7.09 -50.14
N3 RO8 O . 9.40 7.64 -49.72
C4 RO8 O . 9.26 8.17 -48.48
C5 RO8 O . 8.00 8.04 -47.97
BR6 RO8 O . 7.42 8.67 -46.25
N7 RO8 O . 8.02 6.50 -51.34
S8 RO8 O . 5.64 5.05 -53.86
N9 RO8 O . 6.86 5.55 -53.08
C10 RO8 O . 6.85 6.10 -51.86
O11 RO8 O . 5.82 6.21 -51.21
O12 RO8 O . 4.56 6.02 -53.75
O13 RO8 O . 5.97 4.88 -55.25
C14 RO8 O . 5.10 3.52 -53.33
C15 RO8 O . 4.00 3.43 -52.49
C16 RO8 O . 5.75 2.37 -53.77
C17 RO8 O . 3.58 2.17 -52.06
C18 RO8 O . 5.32 1.11 -53.36
C19 RO8 O . 4.23 1.01 -52.50
CL RO8 P . -43.96 7.60 -25.00
S1 RO8 P . -43.34 12.81 -19.95
C2 RO8 P . -44.84 12.73 -19.11
N3 RO8 P . -45.17 13.84 -18.43
C4 RO8 P . -44.22 14.80 -18.60
C5 RO8 P . -43.19 14.42 -19.38
BR6 RO8 P . -41.71 15.60 -19.79
N7 RO8 P . -45.55 11.60 -19.10
S8 RO8 P . -45.71 7.97 -19.92
N9 RO8 P . -45.99 9.39 -19.44
C10 RO8 P . -45.17 10.42 -19.60
O11 RO8 P . -44.12 10.31 -20.21
O12 RO8 P . -44.33 7.66 -19.71
O13 RO8 P . -46.50 7.04 -19.15
C14 RO8 P . -46.09 7.70 -21.57
C15 RO8 P . -45.06 7.75 -22.49
C16 RO8 P . -47.40 7.39 -21.97
C17 RO8 P . -45.33 7.51 -23.84
C18 RO8 P . -47.67 7.15 -23.31
C19 RO8 P . -46.63 7.22 -24.24
#